data_3QPB
#
_entry.id   3QPB
#
_cell.length_a   92.021
_cell.length_b   91.578
_cell.length_c   170.180
_cell.angle_alpha   78.46
_cell.angle_beta   82.33
_cell.angle_gamma   60.12
#
_symmetry.space_group_name_H-M   'P 1'
#
loop_
_entity.id
_entity.type
_entity.pdbx_description
1 polymer 'Uridine phosphorylase'
2 non-polymer 1-O-phosphono-alpha-D-ribofuranose
3 non-polymer URACIL
4 water water
#
_entity_poly.entity_id   1
_entity_poly.type   'polypeptide(L)'
_entity_poly.pdbx_seq_one_letter_code
;MGSDKIHHHHHHSSGENLYFQGHMQNYSGEVGLQYHLQIRPGDVGRYVIMPGDPKRCAKIAEHFDNAVLVADSREYVTYT
GTLNGEKVSVTSTGIGGPSASIAMEELKLCGADTFIRVGTCGGIELDVKGGDIVIATGAIRMEGTSKEYAPIEFPAVADL
EVTNALVNAAKKLGYTSHAGVVQCKDAFYGQHEPERMPVSYELLNKWEAWKRLGTKASEMESAALFVAASHLGVRCGSDF
LVVGNQERNALGMDNPMAHDTEAAIQVAVEALRTLIENDKSQ
;
_entity_poly.pdbx_strand_id   A,B,C,D,E,F,G,H,I,J,K,L,M,N,O,P,Q,R
#
loop_
_chem_comp.id
_chem_comp.type
_chem_comp.name
_chem_comp.formula
R1P D-saccharide, alpha linking 1-O-phosphono-alpha-D-ribofuranose 'C5 H11 O8 P'
URA non-polymer URACIL 'C4 H4 N2 O2'
#
# COMPACT_ATOMS: atom_id res chain seq x y z
N VAL A 31 27.92 -27.96 6.89
CA VAL A 31 28.17 -29.20 7.68
C VAL A 31 29.55 -29.15 8.33
N GLY A 32 29.60 -29.45 9.62
CA GLY A 32 30.87 -29.43 10.33
C GLY A 32 31.19 -30.76 10.96
N LEU A 33 31.93 -30.71 12.06
CA LEU A 33 32.32 -31.92 12.77
C LEU A 33 31.09 -32.67 13.30
N GLN A 34 31.02 -33.96 12.98
CA GLN A 34 29.89 -34.75 13.44
C GLN A 34 30.10 -35.19 14.88
N TYR A 35 29.11 -34.92 15.72
CA TYR A 35 29.18 -35.24 17.13
C TYR A 35 29.57 -36.66 17.52
N HIS A 36 28.89 -37.66 16.97
CA HIS A 36 29.21 -39.04 17.34
C HIS A 36 30.41 -39.66 16.63
N LEU A 37 30.49 -39.52 15.31
CA LEU A 37 31.60 -40.13 14.57
C LEU A 37 32.88 -39.28 14.55
N GLN A 38 32.76 -38.00 14.87
CA GLN A 38 33.91 -37.08 14.87
C GLN A 38 34.60 -37.02 13.51
N ILE A 39 33.80 -36.91 12.47
CA ILE A 39 34.31 -36.81 11.11
C ILE A 39 33.69 -35.54 10.50
N ARG A 40 34.31 -35.02 9.45
CA ARG A 40 33.77 -33.84 8.80
C ARG A 40 33.83 -34.05 7.29
N PRO A 41 33.09 -33.23 6.52
CA PRO A 41 33.10 -33.38 5.06
C PRO A 41 34.52 -33.50 4.53
N GLY A 42 34.76 -34.48 3.67
CA GLY A 42 36.08 -34.70 3.12
C GLY A 42 36.80 -35.87 3.76
N ASP A 43 36.43 -36.22 4.99
CA ASP A 43 37.07 -37.31 5.71
C ASP A 43 36.70 -38.70 5.21
N VAL A 44 35.53 -38.83 4.60
CA VAL A 44 35.10 -40.13 4.10
C VAL A 44 34.72 -40.11 2.63
N GLY A 45 34.77 -41.28 2.00
CA GLY A 45 34.43 -41.37 0.60
C GLY A 45 32.93 -41.50 0.39
N ARG A 46 32.51 -41.62 -0.86
CA ARG A 46 31.09 -41.79 -1.16
C ARG A 46 30.68 -43.22 -0.84
N TYR A 47 31.65 -44.13 -0.87
CA TYR A 47 31.42 -45.55 -0.63
C TYR A 47 31.93 -45.95 0.74
N VAL A 48 31.06 -46.58 1.55
CA VAL A 48 31.46 -46.98 2.88
C VAL A 48 31.02 -48.39 3.24
N ILE A 49 31.93 -49.17 3.83
CA ILE A 49 31.62 -50.51 4.28
C ILE A 49 31.39 -50.34 5.78
N MET A 50 30.35 -50.98 6.31
CA MET A 50 30.03 -50.81 7.72
C MET A 50 29.91 -52.07 8.57
N PRO A 51 31.00 -52.45 9.26
CA PRO A 51 30.96 -53.64 10.11
C PRO A 51 30.37 -53.22 11.46
N GLY A 52 29.94 -54.19 12.25
CA GLY A 52 29.39 -53.86 13.55
C GLY A 52 30.47 -53.63 14.58
N ASP A 53 31.50 -54.47 14.55
CA ASP A 53 32.61 -54.39 15.50
C ASP A 53 33.68 -53.38 15.11
N PRO A 54 33.97 -52.42 16.00
CA PRO A 54 35.00 -51.42 15.68
C PRO A 54 36.38 -52.04 15.47
N LYS A 55 36.59 -53.22 16.06
CA LYS A 55 37.87 -53.91 15.91
C LYS A 55 38.02 -54.56 14.54
N ARG A 56 36.92 -54.66 13.80
CA ARG A 56 36.95 -55.28 12.47
C ARG A 56 37.32 -54.26 11.38
N CYS A 57 37.31 -52.97 11.74
CA CYS A 57 37.63 -51.93 10.77
C CYS A 57 39.05 -52.00 10.23
N ALA A 58 40.02 -52.21 11.12
CA ALA A 58 41.41 -52.31 10.69
C ALA A 58 41.58 -53.44 9.68
N LYS A 59 40.89 -54.56 9.93
CA LYS A 59 40.96 -55.73 9.05
C LYS A 59 40.44 -55.41 7.66
N ILE A 60 39.29 -54.75 7.61
CA ILE A 60 38.67 -54.37 6.34
C ILE A 60 39.53 -53.33 5.62
N ALA A 61 40.06 -52.37 6.38
CA ALA A 61 40.88 -51.30 5.83
C ALA A 61 42.06 -51.83 5.01
N GLU A 62 42.57 -53.00 5.40
CA GLU A 62 43.70 -53.62 4.71
C GLU A 62 43.35 -53.96 3.27
N HIS A 63 42.05 -54.06 2.98
CA HIS A 63 41.60 -54.38 1.63
C HIS A 63 41.57 -53.16 0.72
N PHE A 64 41.71 -51.97 1.33
CA PHE A 64 41.75 -50.73 0.56
C PHE A 64 43.20 -50.39 0.31
N ASP A 65 43.44 -49.32 -0.45
CA ASP A 65 44.80 -48.88 -0.73
C ASP A 65 45.11 -47.69 0.17
N ASN A 66 46.30 -47.71 0.78
CA ASN A 66 46.76 -46.65 1.67
C ASN A 66 45.71 -46.09 2.62
N ALA A 67 45.00 -46.98 3.30
CA ALA A 67 43.97 -46.54 4.25
C ALA A 67 44.61 -45.96 5.50
N VAL A 68 43.99 -44.94 6.07
CA VAL A 68 44.50 -44.31 7.28
C VAL A 68 43.39 -44.15 8.30
N LEU A 69 43.76 -44.22 9.58
CA LEU A 69 42.81 -44.07 10.67
C LEU A 69 42.39 -42.60 10.70
N VAL A 70 41.10 -42.36 10.53
CA VAL A 70 40.55 -41.01 10.53
C VAL A 70 40.01 -40.58 11.90
N ALA A 71 39.23 -41.46 12.51
CA ALA A 71 38.64 -41.15 13.81
C ALA A 71 38.33 -42.40 14.62
N ASP A 72 38.34 -42.24 15.94
CA ASP A 72 38.02 -43.31 16.88
C ASP A 72 37.22 -42.62 17.97
N SER A 73 35.90 -42.58 17.78
CA SER A 73 34.99 -41.92 18.70
C SER A 73 33.91 -42.91 19.14
N ARG A 74 33.71 -43.05 20.45
CA ARG A 74 32.72 -43.98 20.97
C ARG A 74 32.92 -45.35 20.29
N GLU A 75 31.85 -45.96 19.79
CA GLU A 75 31.98 -47.26 19.12
C GLU A 75 32.26 -47.09 17.63
N TYR A 76 32.58 -45.86 17.22
CA TYR A 76 32.80 -45.56 15.82
C TYR A 76 34.24 -45.34 15.39
N VAL A 77 34.81 -46.34 14.71
CA VAL A 77 36.16 -46.25 14.20
C VAL A 77 36.03 -46.07 12.68
N THR A 78 36.75 -45.09 12.14
CA THR A 78 36.69 -44.82 10.70
C THR A 78 38.05 -44.78 10.03
N TYR A 79 38.18 -45.54 8.96
CA TYR A 79 39.40 -45.59 8.16
C TYR A 79 39.00 -45.14 6.76
N THR A 80 39.87 -44.40 6.11
CA THR A 80 39.61 -43.94 4.75
C THR A 80 40.84 -44.17 3.90
N GLY A 81 40.61 -44.67 2.68
CA GLY A 81 41.68 -44.95 1.75
C GLY A 81 41.11 -44.87 0.36
N THR A 82 41.64 -45.65 -0.58
CA THR A 82 41.10 -45.63 -1.93
C THR A 82 40.96 -47.03 -2.52
N LEU A 83 40.11 -47.14 -3.53
CA LEU A 83 39.87 -48.40 -4.23
C LEU A 83 39.68 -47.99 -5.67
N ASN A 84 40.54 -48.50 -6.55
CA ASN A 84 40.48 -48.14 -7.97
C ASN A 84 40.63 -46.63 -8.11
N GLY A 85 41.40 -46.03 -7.20
CA GLY A 85 41.61 -44.59 -7.24
C GLY A 85 40.50 -43.74 -6.64
N GLU A 86 39.41 -44.37 -6.23
CA GLU A 86 38.27 -43.65 -5.64
C GLU A 86 38.32 -43.71 -4.11
N LYS A 87 37.98 -42.60 -3.46
CA LYS A 87 38.01 -42.56 -2.00
C LYS A 87 36.92 -43.47 -1.41
N VAL A 88 37.31 -44.32 -0.47
CA VAL A 88 36.38 -45.24 0.17
C VAL A 88 36.65 -45.29 1.67
N SER A 89 35.65 -45.66 2.46
CA SER A 89 35.83 -45.70 3.90
C SER A 89 35.23 -46.94 4.55
N VAL A 90 35.59 -47.17 5.81
CA VAL A 90 35.03 -48.26 6.58
C VAL A 90 34.79 -47.65 7.95
N THR A 91 33.55 -47.72 8.41
CA THR A 91 33.15 -47.16 9.70
C THR A 91 32.32 -48.18 10.47
N SER A 92 32.70 -48.45 11.72
CA SER A 92 31.95 -49.42 12.52
C SER A 92 30.64 -48.78 12.99
N THR A 93 29.64 -49.59 13.26
CA THR A 93 28.34 -49.09 13.70
C THR A 93 27.99 -49.47 15.13
N GLY A 94 28.68 -50.46 15.67
CA GLY A 94 28.35 -50.91 17.00
C GLY A 94 27.16 -51.85 16.81
N ILE A 95 26.65 -52.41 17.90
CA ILE A 95 25.52 -53.33 17.83
C ILE A 95 24.17 -52.63 17.94
N GLY A 96 23.27 -52.91 17.00
CA GLY A 96 21.93 -52.34 17.06
C GLY A 96 21.60 -51.19 16.13
N GLY A 97 20.32 -51.09 15.77
CA GLY A 97 19.87 -50.02 14.90
C GLY A 97 20.12 -48.62 15.43
N PRO A 98 20.01 -48.39 16.76
CA PRO A 98 20.24 -47.03 17.26
C PRO A 98 21.63 -46.49 16.91
N SER A 99 22.66 -47.27 17.17
CA SER A 99 24.02 -46.84 16.87
C SER A 99 24.31 -46.86 15.37
N ALA A 100 23.71 -47.81 14.65
CA ALA A 100 23.94 -47.90 13.22
C ALA A 100 23.31 -46.75 12.45
N SER A 101 22.10 -46.36 12.83
CA SER A 101 21.42 -45.25 12.15
C SER A 101 22.19 -43.94 12.36
N ILE A 102 22.77 -43.77 13.54
CA ILE A 102 23.54 -42.57 13.80
C ILE A 102 24.73 -42.52 12.84
N ALA A 103 25.35 -43.67 12.61
CA ALA A 103 26.48 -43.74 11.70
C ALA A 103 26.07 -43.37 10.27
N MET A 104 24.96 -43.93 9.79
CA MET A 104 24.51 -43.62 8.43
C MET A 104 24.17 -42.14 8.29
N GLU A 105 23.45 -41.59 9.27
CA GLU A 105 23.08 -40.18 9.22
C GLU A 105 24.30 -39.27 9.12
N GLU A 106 25.27 -39.51 9.99
CA GLU A 106 26.48 -38.68 10.01
C GLU A 106 27.41 -38.90 8.82
N LEU A 107 27.49 -40.13 8.32
CA LEU A 107 28.31 -40.40 7.15
C LEU A 107 27.65 -39.72 5.95
N LYS A 108 26.33 -39.83 5.88
CA LYS A 108 25.55 -39.22 4.80
C LYS A 108 25.79 -37.72 4.76
N LEU A 109 25.76 -37.07 5.92
CA LEU A 109 25.98 -35.63 5.98
C LEU A 109 27.36 -35.25 5.48
N CYS A 110 28.32 -36.17 5.61
CA CYS A 110 29.67 -35.90 5.17
C CYS A 110 29.94 -36.31 3.72
N GLY A 111 28.89 -36.69 3.01
CA GLY A 111 29.06 -37.06 1.61
C GLY A 111 28.94 -38.52 1.19
N ALA A 112 28.75 -39.44 2.14
CA ALA A 112 28.62 -40.85 1.78
C ALA A 112 27.25 -41.10 1.17
N ASP A 113 27.17 -41.94 0.15
CA ASP A 113 25.87 -42.22 -0.47
C ASP A 113 25.68 -43.67 -0.91
N THR A 114 26.68 -44.51 -0.68
CA THR A 114 26.62 -45.93 -1.02
C THR A 114 27.21 -46.71 0.15
N PHE A 115 26.36 -47.51 0.81
CA PHE A 115 26.75 -48.26 2.00
C PHE A 115 26.58 -49.77 1.89
N ILE A 116 27.54 -50.51 2.42
CA ILE A 116 27.45 -51.96 2.44
C ILE A 116 27.79 -52.45 3.84
N ARG A 117 26.79 -53.00 4.54
CA ARG A 117 27.04 -53.53 5.88
C ARG A 117 27.68 -54.91 5.73
N VAL A 118 28.70 -55.18 6.54
CA VAL A 118 29.37 -56.48 6.52
C VAL A 118 29.36 -56.98 7.96
N GLY A 119 28.61 -58.02 8.22
CA GLY A 119 28.55 -58.54 9.57
C GLY A 119 28.52 -60.03 9.69
N THR A 120 27.97 -60.48 10.82
CA THR A 120 27.84 -61.89 11.11
C THR A 120 26.34 -62.15 11.30
N CYS A 121 25.93 -63.40 11.14
CA CYS A 121 24.53 -63.74 11.31
C CYS A 121 24.36 -65.20 11.70
N GLY A 122 23.19 -65.53 12.22
CA GLY A 122 22.89 -66.90 12.62
C GLY A 122 21.90 -67.46 11.62
N GLY A 123 22.22 -68.60 11.04
CA GLY A 123 21.31 -69.19 10.06
C GLY A 123 19.96 -69.63 10.61
N ILE A 124 18.96 -69.60 9.75
CA ILE A 124 17.60 -70.03 10.09
C ILE A 124 17.28 -71.13 9.08
N GLU A 125 17.28 -70.75 7.81
CA GLU A 125 17.05 -71.69 6.71
C GLU A 125 18.05 -72.83 6.89
N LEU A 126 17.58 -74.08 6.83
CA LEU A 126 18.45 -75.23 7.03
C LEU A 126 19.63 -75.33 6.06
N ASP A 127 19.52 -74.68 4.90
CA ASP A 127 20.61 -74.72 3.93
C ASP A 127 21.70 -73.70 4.25
N VAL A 128 21.38 -72.72 5.07
CA VAL A 128 22.32 -71.68 5.46
C VAL A 128 23.23 -72.20 6.57
N LYS A 129 24.44 -72.59 6.21
CA LYS A 129 25.38 -73.14 7.19
C LYS A 129 26.60 -72.28 7.46
N GLY A 130 27.21 -72.50 8.63
CA GLY A 130 28.39 -71.75 9.03
C GLY A 130 29.45 -71.75 7.96
N GLY A 131 29.97 -70.56 7.67
CA GLY A 131 30.99 -70.44 6.64
C GLY A 131 30.40 -69.82 5.39
N ASP A 132 29.11 -70.08 5.16
CA ASP A 132 28.43 -69.53 3.99
C ASP A 132 28.25 -68.04 4.14
N ILE A 133 27.90 -67.38 3.05
CA ILE A 133 27.67 -65.94 3.05
C ILE A 133 26.19 -65.70 2.76
N VAL A 134 25.61 -64.72 3.44
CA VAL A 134 24.22 -64.36 3.21
C VAL A 134 24.21 -62.93 2.68
N ILE A 135 23.37 -62.68 1.70
CA ILE A 135 23.22 -61.35 1.10
C ILE A 135 21.76 -60.98 1.36
N ALA A 136 21.55 -59.91 2.12
CA ALA A 136 20.19 -59.48 2.46
C ALA A 136 19.47 -58.73 1.36
N THR A 137 18.35 -59.28 0.90
CA THR A 137 17.55 -58.62 -0.13
C THR A 137 16.55 -57.70 0.56
N GLY A 138 16.28 -58.01 1.84
CA GLY A 138 15.36 -57.24 2.63
C GLY A 138 15.51 -57.69 4.07
N ALA A 139 14.82 -57.03 4.99
CA ALA A 139 14.94 -57.40 6.40
C ALA A 139 13.63 -57.29 7.16
N ILE A 140 13.47 -58.17 8.15
CA ILE A 140 12.29 -58.19 8.99
C ILE A 140 12.48 -57.10 10.05
N ARG A 141 11.56 -56.13 10.07
CA ARG A 141 11.64 -55.00 10.98
C ARG A 141 11.13 -55.26 12.40
N MET A 142 11.67 -56.26 13.07
CA MET A 142 11.24 -56.56 14.44
C MET A 142 12.20 -55.81 15.37
N GLU A 143 12.24 -54.50 15.19
CA GLU A 143 13.10 -53.63 15.99
C GLU A 143 12.50 -52.23 15.99
N GLY A 144 12.94 -51.39 16.93
CA GLY A 144 12.36 -50.06 17.04
C GLY A 144 12.93 -48.89 16.27
N THR A 145 14.21 -48.93 15.91
CA THR A 145 14.81 -47.80 15.19
C THR A 145 14.09 -47.48 13.90
N SER A 146 13.83 -48.48 13.07
CA SER A 146 13.15 -48.24 11.80
C SER A 146 11.76 -47.61 11.98
N LYS A 147 11.09 -47.94 13.08
CA LYS A 147 9.75 -47.41 13.35
C LYS A 147 9.75 -45.91 13.66
N GLU A 148 10.93 -45.36 13.92
CA GLU A 148 11.04 -43.94 14.21
C GLU A 148 11.43 -43.20 12.95
N TYR A 149 11.55 -43.96 11.85
CA TYR A 149 11.87 -43.41 10.54
C TYR A 149 10.65 -43.59 9.63
N ALA A 150 10.08 -44.79 9.62
CA ALA A 150 8.94 -45.07 8.75
C ALA A 150 7.84 -45.92 9.39
N PRO A 151 6.60 -45.79 8.89
CA PRO A 151 5.48 -46.57 9.43
C PRO A 151 5.89 -48.03 9.21
N ILE A 152 5.54 -48.90 10.13
CA ILE A 152 5.95 -50.30 10.05
C ILE A 152 5.57 -51.02 8.75
N GLU A 153 4.55 -50.53 8.04
CA GLU A 153 4.14 -51.17 6.79
C GLU A 153 5.18 -51.06 5.67
N PHE A 154 6.07 -50.07 5.78
CA PHE A 154 7.10 -49.89 4.75
C PHE A 154 8.13 -51.01 4.79
N PRO A 155 8.46 -51.59 3.63
CA PRO A 155 9.42 -52.68 3.63
C PRO A 155 10.88 -52.24 3.76
N ALA A 156 11.65 -53.01 4.53
CA ALA A 156 13.07 -52.75 4.67
C ALA A 156 13.63 -53.55 3.49
N VAL A 157 13.97 -52.85 2.41
CA VAL A 157 14.47 -53.50 1.21
C VAL A 157 15.82 -52.92 0.76
N ALA A 158 16.75 -53.81 0.44
CA ALA A 158 18.08 -53.41 0.01
C ALA A 158 18.08 -52.83 -1.40
N ASP A 159 19.03 -51.95 -1.69
CA ASP A 159 19.15 -51.34 -3.00
C ASP A 159 19.44 -52.43 -4.04
N LEU A 160 18.72 -52.37 -5.17
CA LEU A 160 18.88 -53.36 -6.23
C LEU A 160 20.32 -53.44 -6.76
N GLU A 161 20.91 -52.29 -7.04
CA GLU A 161 22.28 -52.25 -7.58
C GLU A 161 23.31 -52.86 -6.63
N VAL A 162 23.22 -52.52 -5.34
CA VAL A 162 24.17 -53.04 -4.38
C VAL A 162 23.99 -54.55 -4.22
N THR A 163 22.74 -54.98 -4.13
CA THR A 163 22.46 -56.40 -3.98
C THR A 163 23.01 -57.19 -5.16
N ASN A 164 22.75 -56.73 -6.37
CA ASN A 164 23.26 -57.44 -7.55
C ASN A 164 24.79 -57.46 -7.54
N ALA A 165 25.40 -56.37 -7.10
CA ALA A 165 26.85 -56.28 -7.04
C ALA A 165 27.40 -57.34 -6.07
N LEU A 166 26.69 -57.54 -4.98
CA LEU A 166 27.10 -58.53 -3.99
C LEU A 166 26.92 -59.94 -4.51
N VAL A 167 25.78 -60.21 -5.14
CA VAL A 167 25.51 -61.53 -5.70
C VAL A 167 26.56 -61.86 -6.76
N ASN A 168 26.83 -60.90 -7.66
CA ASN A 168 27.80 -61.12 -8.72
C ASN A 168 29.21 -61.35 -8.16
N ALA A 169 29.54 -60.63 -7.08
CA ALA A 169 30.85 -60.76 -6.46
C ALA A 169 31.03 -62.14 -5.82
N ALA A 170 30.01 -62.60 -5.10
CA ALA A 170 30.10 -63.91 -4.45
C ALA A 170 30.29 -64.99 -5.50
N LYS A 171 29.59 -64.86 -6.62
CA LYS A 171 29.68 -65.84 -7.70
C LYS A 171 31.08 -65.82 -8.31
N LYS A 172 31.58 -64.62 -8.58
CA LYS A 172 32.91 -64.46 -9.16
C LYS A 172 34.00 -65.02 -8.25
N LEU A 173 33.88 -64.77 -6.95
CA LEU A 173 34.88 -65.26 -5.99
C LEU A 173 34.72 -66.72 -5.62
N GLY A 174 33.59 -67.32 -5.98
CA GLY A 174 33.35 -68.73 -5.71
C GLY A 174 32.87 -69.10 -4.32
N TYR A 175 32.28 -68.16 -3.60
CA TYR A 175 31.78 -68.45 -2.26
C TYR A 175 30.30 -68.82 -2.29
N THR A 176 29.93 -69.82 -1.49
CA THR A 176 28.54 -70.25 -1.41
C THR A 176 27.75 -69.13 -0.75
N SER A 177 26.74 -68.62 -1.45
CA SER A 177 25.95 -67.55 -0.90
C SER A 177 24.44 -67.79 -0.95
N HIS A 178 23.72 -67.05 -0.12
CA HIS A 178 22.27 -67.16 -0.04
C HIS A 178 21.68 -65.76 -0.07
N ALA A 179 20.90 -65.45 -1.10
CA ALA A 179 20.29 -64.13 -1.23
C ALA A 179 18.85 -64.20 -0.78
N GLY A 180 18.53 -63.53 0.32
CA GLY A 180 17.17 -63.55 0.82
C GLY A 180 16.93 -62.61 1.98
N VAL A 181 15.76 -62.75 2.59
CA VAL A 181 15.38 -61.91 3.72
C VAL A 181 16.09 -62.35 5.00
N VAL A 182 16.47 -61.39 5.83
CA VAL A 182 17.11 -61.69 7.10
C VAL A 182 16.25 -61.12 8.21
N GLN A 183 16.27 -61.75 9.38
CA GLN A 183 15.49 -61.22 10.49
C GLN A 183 16.35 -60.28 11.30
N CYS A 184 15.79 -59.13 11.64
CA CYS A 184 16.49 -58.19 12.48
C CYS A 184 15.74 -58.19 13.80
N LYS A 185 16.42 -57.80 14.87
CA LYS A 185 15.84 -57.80 16.19
C LYS A 185 16.61 -56.81 17.06
N ASP A 186 16.05 -56.47 18.21
CA ASP A 186 16.72 -55.56 19.11
C ASP A 186 17.34 -56.31 20.29
N ALA A 187 16.78 -57.47 20.61
CA ALA A 187 17.27 -58.28 21.73
C ALA A 187 18.00 -59.53 21.28
N PHE A 188 19.34 -59.49 21.33
CA PHE A 188 20.14 -60.64 20.96
C PHE A 188 19.72 -61.86 21.78
N TYR A 189 19.57 -61.67 23.09
CA TYR A 189 19.19 -62.79 23.93
C TYR A 189 17.75 -63.26 23.76
N GLY A 190 17.01 -62.57 22.91
CA GLY A 190 15.64 -62.98 22.63
C GLY A 190 15.72 -64.03 21.53
N GLN A 191 16.80 -63.98 20.75
CA GLN A 191 17.01 -64.94 19.67
C GLN A 191 17.45 -66.29 20.20
N HIS A 192 18.34 -66.25 21.19
CA HIS A 192 18.90 -67.47 21.76
C HIS A 192 18.25 -68.02 23.02
N GLU A 193 17.63 -67.14 23.82
CA GLU A 193 16.97 -67.57 25.04
C GLU A 193 15.51 -67.14 25.05
N PRO A 194 14.79 -67.34 23.93
CA PRO A 194 13.38 -66.91 23.93
C PRO A 194 12.50 -67.56 24.99
N GLU A 195 12.70 -68.84 25.25
CA GLU A 195 11.90 -69.56 26.24
C GLU A 195 11.90 -68.92 27.63
N ARG A 196 12.99 -68.24 27.96
CA ARG A 196 13.14 -67.63 29.28
C ARG A 196 12.45 -66.26 29.41
N MET A 197 12.28 -65.58 28.28
CA MET A 197 11.68 -64.24 28.27
C MET A 197 10.23 -64.13 28.71
N PRO A 198 9.88 -62.98 29.33
CA PRO A 198 8.50 -62.78 29.78
C PRO A 198 7.59 -62.88 28.54
N VAL A 199 8.07 -62.37 27.40
CA VAL A 199 7.29 -62.42 26.16
C VAL A 199 7.71 -63.59 25.27
N SER A 200 8.16 -64.68 25.89
CA SER A 200 8.59 -65.87 25.18
C SER A 200 7.55 -66.32 24.14
N TYR A 201 6.27 -66.28 24.50
CA TYR A 201 5.21 -66.69 23.59
C TYR A 201 5.24 -65.93 22.28
N GLU A 202 5.50 -64.63 22.36
CA GLU A 202 5.55 -63.77 21.19
C GLU A 202 6.79 -64.05 20.35
N LEU A 203 7.93 -64.15 21.01
CA LEU A 203 9.19 -64.41 20.31
C LEU A 203 9.19 -65.77 19.62
N LEU A 204 8.71 -66.80 20.33
CA LEU A 204 8.65 -68.15 19.77
C LEU A 204 7.68 -68.25 18.59
N ASN A 205 6.53 -67.60 18.72
CA ASN A 205 5.53 -67.62 17.65
C ASN A 205 6.08 -66.93 16.41
N LYS A 206 6.65 -65.75 16.59
CA LYS A 206 7.20 -65.01 15.46
C LYS A 206 8.36 -65.76 14.83
N TRP A 207 9.15 -66.45 15.66
CA TRP A 207 10.29 -67.21 15.14
C TRP A 207 9.79 -68.29 14.19
N GLU A 208 8.69 -68.94 14.54
CA GLU A 208 8.15 -69.97 13.67
C GLU A 208 7.67 -69.33 12.37
N ALA A 209 7.13 -68.11 12.47
CA ALA A 209 6.64 -67.39 11.30
C ALA A 209 7.81 -67.08 10.35
N TRP A 210 8.93 -66.62 10.90
CA TRP A 210 10.09 -66.30 10.06
C TRP A 210 10.56 -67.56 9.32
N LYS A 211 10.52 -68.70 10.01
CA LYS A 211 10.93 -69.96 9.40
C LYS A 211 10.00 -70.33 8.25
N ARG A 212 8.70 -70.11 8.43
CA ARG A 212 7.73 -70.45 7.39
C ARG A 212 7.69 -69.44 6.25
N LEU A 213 8.47 -68.38 6.36
CA LEU A 213 8.52 -67.35 5.32
C LEU A 213 9.82 -67.39 4.52
N GLY A 214 10.61 -68.45 4.73
CA GLY A 214 11.85 -68.62 4.00
C GLY A 214 13.02 -67.76 4.43
N THR A 215 12.93 -67.18 5.62
CA THR A 215 13.99 -66.33 6.14
C THR A 215 15.33 -67.05 6.16
N LYS A 216 16.36 -66.40 5.63
CA LYS A 216 17.69 -66.99 5.56
C LYS A 216 18.49 -67.00 6.86
N ALA A 217 18.52 -65.88 7.57
CA ALA A 217 19.31 -65.80 8.79
C ALA A 217 18.85 -64.67 9.70
N SER A 218 19.50 -64.56 10.85
CA SER A 218 19.16 -63.53 11.83
C SER A 218 20.35 -62.64 12.20
N GLU A 219 20.11 -61.33 12.21
CA GLU A 219 21.14 -60.37 12.58
C GLU A 219 20.47 -59.17 13.26
N MET A 220 21.09 -57.99 13.27
CA MET A 220 20.46 -56.88 13.98
C MET A 220 20.44 -55.47 13.39
N GLU A 221 21.23 -55.20 12.35
CA GLU A 221 21.28 -53.83 11.82
C GLU A 221 20.66 -53.48 10.46
N SER A 222 20.47 -54.46 9.59
CA SER A 222 19.94 -54.16 8.27
C SER A 222 18.58 -53.47 8.18
N ALA A 223 17.64 -53.85 9.03
CA ALA A 223 16.32 -53.22 8.99
C ALA A 223 16.45 -51.71 9.16
N ALA A 224 17.20 -51.31 10.19
CA ALA A 224 17.40 -49.90 10.48
C ALA A 224 18.10 -49.20 9.32
N LEU A 225 19.18 -49.81 8.82
CA LEU A 225 19.93 -49.21 7.72
C LEU A 225 19.16 -49.12 6.40
N PHE A 226 18.41 -50.16 6.07
CA PHE A 226 17.64 -50.14 4.82
C PHE A 226 16.56 -49.06 4.82
N VAL A 227 15.82 -48.97 5.92
CA VAL A 227 14.74 -47.98 6.01
C VAL A 227 15.29 -46.56 6.05
N ALA A 228 16.38 -46.36 6.80
CA ALA A 228 16.99 -45.05 6.89
C ALA A 228 17.49 -44.64 5.51
N ALA A 229 18.07 -45.59 4.78
CA ALA A 229 18.58 -45.32 3.45
C ALA A 229 17.45 -44.91 2.50
N SER A 230 16.29 -45.53 2.64
CA SER A 230 15.15 -45.18 1.80
C SER A 230 14.75 -43.73 2.04
N HIS A 231 14.79 -43.33 3.30
CA HIS A 231 14.44 -41.95 3.64
C HIS A 231 15.49 -40.94 3.23
N LEU A 232 16.76 -41.28 3.43
CA LEU A 232 17.88 -40.41 3.11
C LEU A 232 18.25 -40.38 1.63
N GLY A 233 17.69 -41.30 0.86
CA GLY A 233 17.98 -41.35 -0.56
C GLY A 233 19.36 -41.87 -0.92
N VAL A 234 19.84 -42.84 -0.15
CA VAL A 234 21.15 -43.43 -0.42
C VAL A 234 21.00 -44.93 -0.70
N ARG A 235 22.03 -45.52 -1.27
CA ARG A 235 22.00 -46.95 -1.60
C ARG A 235 22.64 -47.75 -0.49
N CYS A 236 21.96 -48.82 -0.06
CA CYS A 236 22.48 -49.66 1.02
C CYS A 236 22.17 -51.13 0.78
N GLY A 237 23.15 -51.98 1.07
CA GLY A 237 22.99 -53.41 0.93
C GLY A 237 23.75 -54.07 2.07
N SER A 238 23.68 -55.39 2.20
CA SER A 238 24.38 -56.08 3.29
C SER A 238 24.73 -57.52 2.97
N ASP A 239 25.87 -57.98 3.49
CA ASP A 239 26.29 -59.36 3.32
C ASP A 239 26.81 -59.77 4.70
N PHE A 240 26.76 -61.07 5.00
CA PHE A 240 27.20 -61.53 6.31
C PHE A 240 27.87 -62.88 6.26
N LEU A 241 28.66 -63.14 7.30
CA LEU A 241 29.31 -64.43 7.46
C LEU A 241 28.36 -65.21 8.37
N VAL A 242 27.96 -66.41 7.97
CA VAL A 242 27.08 -67.22 8.79
C VAL A 242 27.98 -67.87 9.83
N VAL A 243 27.74 -67.60 11.11
CA VAL A 243 28.58 -68.16 12.17
C VAL A 243 28.10 -69.52 12.64
N GLY A 244 26.82 -69.81 12.41
CA GLY A 244 26.25 -71.08 12.82
C GLY A 244 24.77 -71.09 12.48
N ASN A 245 24.09 -72.19 12.80
CA ASN A 245 22.66 -72.31 12.51
C ASN A 245 21.99 -73.09 13.63
N GLN A 246 21.25 -72.37 14.48
CA GLN A 246 20.57 -72.97 15.62
C GLN A 246 19.54 -74.02 15.21
N GLU A 247 18.91 -73.83 14.06
CA GLU A 247 17.87 -74.75 13.61
C GLU A 247 18.48 -76.09 13.20
N ARG A 248 19.67 -76.05 12.62
CA ARG A 248 20.35 -77.29 12.23
C ARG A 248 20.78 -77.99 13.51
N ASN A 249 21.23 -77.20 14.49
CA ASN A 249 21.66 -77.74 15.77
C ASN A 249 20.50 -78.37 16.54
N ALA A 250 19.31 -77.81 16.37
CA ALA A 250 18.13 -78.32 17.05
C ALA A 250 17.72 -79.68 16.49
N LEU A 251 18.01 -79.89 15.21
CA LEU A 251 17.67 -81.14 14.53
C LEU A 251 18.81 -82.14 14.56
N GLY A 252 19.90 -81.77 15.22
CA GLY A 252 21.05 -82.66 15.32
C GLY A 252 21.84 -82.81 14.04
N MET A 253 21.76 -81.80 13.16
CA MET A 253 22.48 -81.84 11.89
C MET A 253 23.87 -81.23 12.08
N ASP A 254 24.80 -81.55 11.20
CA ASP A 254 26.15 -81.00 11.31
C ASP A 254 26.03 -79.48 11.29
N ASN A 255 26.57 -78.83 12.31
CA ASN A 255 26.48 -77.38 12.42
C ASN A 255 27.85 -76.71 12.56
N PRO A 256 28.59 -76.62 11.45
CA PRO A 256 29.92 -75.99 11.43
C PRO A 256 29.90 -74.56 11.96
N MET A 257 30.87 -74.21 12.79
CA MET A 257 30.95 -72.86 13.34
C MET A 257 32.03 -72.07 12.61
N ALA A 258 31.78 -70.79 12.38
CA ALA A 258 32.74 -69.93 11.67
C ALA A 258 32.89 -68.58 12.36
N HIS A 259 34.05 -67.94 12.19
CA HIS A 259 34.29 -66.64 12.81
C HIS A 259 35.07 -65.68 11.93
N ASP A 260 35.78 -66.20 10.92
CA ASP A 260 36.58 -65.36 10.03
C ASP A 260 35.71 -64.67 8.97
N THR A 261 35.56 -63.36 9.10
CA THR A 261 34.74 -62.59 8.17
C THR A 261 35.44 -62.26 6.86
N GLU A 262 36.64 -62.81 6.67
CA GLU A 262 37.41 -62.54 5.45
C GLU A 262 36.56 -62.68 4.18
N ALA A 263 35.89 -63.82 4.03
CA ALA A 263 35.07 -64.08 2.84
C ALA A 263 33.99 -63.01 2.62
N ALA A 264 33.23 -62.70 3.67
CA ALA A 264 32.18 -61.70 3.58
C ALA A 264 32.77 -60.35 3.20
N ILE A 265 33.96 -60.07 3.72
CA ILE A 265 34.65 -58.81 3.43
C ILE A 265 35.08 -58.77 1.97
N GLN A 266 35.65 -59.87 1.48
CA GLN A 266 36.09 -59.91 0.09
C GLN A 266 34.93 -59.67 -0.88
N VAL A 267 33.77 -60.23 -0.56
CA VAL A 267 32.59 -60.04 -1.39
C VAL A 267 32.15 -58.58 -1.37
N ALA A 268 32.16 -57.97 -0.19
CA ALA A 268 31.76 -56.57 -0.09
C ALA A 268 32.72 -55.65 -0.84
N VAL A 269 34.02 -55.94 -0.76
CA VAL A 269 35.02 -55.11 -1.44
C VAL A 269 34.92 -55.26 -2.95
N GLU A 270 34.68 -56.48 -3.42
CA GLU A 270 34.53 -56.70 -4.86
C GLU A 270 33.27 -56.00 -5.34
N ALA A 271 32.22 -56.02 -4.52
CA ALA A 271 30.98 -55.34 -4.88
C ALA A 271 31.25 -53.83 -4.95
N LEU A 272 32.00 -53.31 -3.98
CA LEU A 272 32.30 -51.88 -4.01
C LEU A 272 33.04 -51.55 -5.29
N ARG A 273 33.98 -52.41 -5.66
CA ARG A 273 34.78 -52.20 -6.85
C ARG A 273 33.92 -52.05 -8.12
N THR A 274 32.99 -52.97 -8.32
CA THR A 274 32.15 -52.89 -9.51
C THR A 274 31.15 -51.75 -9.45
N LEU A 275 30.74 -51.36 -8.23
CA LEU A 275 29.81 -50.24 -8.08
C LEU A 275 30.55 -48.95 -8.46
N ILE A 276 31.80 -48.86 -8.04
CA ILE A 276 32.65 -47.72 -8.33
C ILE A 276 32.86 -47.61 -9.85
N GLU A 277 33.18 -48.74 -10.47
CA GLU A 277 33.39 -48.75 -11.92
C GLU A 277 32.12 -48.35 -12.67
N ASN A 278 30.97 -48.82 -12.20
CA ASN A 278 29.72 -48.50 -12.86
C ASN A 278 29.38 -47.01 -12.76
N ASP A 279 29.73 -46.40 -11.63
CA ASP A 279 29.44 -44.99 -11.45
C ASP A 279 30.35 -44.14 -12.34
N LYS A 280 31.53 -44.67 -12.67
CA LYS A 280 32.46 -43.93 -13.53
C LYS A 280 31.85 -43.73 -14.91
N VAL B 31 28.64 -71.38 33.54
CA VAL B 31 28.87 -70.00 33.01
C VAL B 31 30.35 -69.78 32.74
N GLY B 32 30.68 -69.48 31.48
CA GLY B 32 32.07 -69.25 31.12
C GLY B 32 32.30 -67.88 30.51
N LEU B 33 33.17 -67.84 29.52
CA LEU B 33 33.51 -66.59 28.83
C LEU B 33 32.31 -66.02 28.07
N GLN B 34 31.98 -64.77 28.33
CA GLN B 34 30.87 -64.13 27.65
C GLN B 34 31.28 -63.62 26.27
N TYR B 35 30.53 -64.03 25.26
CA TYR B 35 30.82 -63.70 23.87
C TYR B 35 31.06 -62.23 23.54
N HIS B 36 30.14 -61.35 23.94
CA HIS B 36 30.29 -59.94 23.62
C HIS B 36 31.23 -59.14 24.51
N LEU B 37 31.07 -59.26 25.83
CA LEU B 37 31.91 -58.49 26.75
C LEU B 37 33.27 -59.12 27.01
N GLN B 38 33.41 -60.39 26.68
CA GLN B 38 34.66 -61.13 26.89
C GLN B 38 35.08 -61.12 28.35
N ILE B 39 34.12 -61.35 29.24
CA ILE B 39 34.36 -61.41 30.67
C ILE B 39 33.90 -62.78 31.15
N ARG B 40 34.36 -63.19 32.33
CA ARG B 40 33.97 -64.47 32.91
C ARG B 40 33.68 -64.28 34.38
N PRO B 41 32.97 -65.23 35.01
CA PRO B 41 32.68 -65.08 36.43
C PRO B 41 33.95 -64.76 37.22
N GLY B 42 33.86 -63.76 38.09
CA GLY B 42 35.01 -63.36 38.88
C GLY B 42 35.65 -62.08 38.38
N ASP B 43 35.38 -61.73 37.12
CA ASP B 43 35.97 -60.54 36.53
C ASP B 43 35.32 -59.22 36.93
N VAL B 44 34.06 -59.28 37.33
CA VAL B 44 33.35 -58.07 37.73
C VAL B 44 32.69 -58.18 39.10
N GLY B 45 32.44 -57.05 39.72
CA GLY B 45 31.82 -57.06 41.03
C GLY B 45 30.30 -57.15 40.91
N ARG B 46 29.63 -57.10 42.05
CA ARG B 46 28.16 -57.17 42.08
C ARG B 46 27.56 -55.82 41.68
N TYR B 47 28.37 -54.77 41.80
CA TYR B 47 27.93 -53.41 41.49
C TYR B 47 28.61 -52.92 40.21
N VAL B 48 27.82 -52.43 39.26
CA VAL B 48 28.38 -51.96 38.00
C VAL B 48 27.81 -50.63 37.54
N ILE B 49 28.69 -49.73 37.12
CA ILE B 49 28.28 -48.43 36.60
C ILE B 49 28.35 -48.63 35.08
N MET B 50 27.35 -48.11 34.36
CA MET B 50 27.30 -48.31 32.92
C MET B 50 27.15 -47.07 32.05
N PRO B 51 28.27 -46.53 31.53
CA PRO B 51 28.21 -45.34 30.68
C PRO B 51 27.96 -45.81 29.24
N GLY B 52 27.51 -44.92 28.37
CA GLY B 52 27.26 -45.31 27.00
C GLY B 52 28.55 -45.31 26.17
N ASP B 53 29.42 -44.35 26.46
CA ASP B 53 30.69 -44.21 25.75
C ASP B 53 31.82 -45.04 26.33
N PRO B 54 32.42 -45.93 25.52
CA PRO B 54 33.52 -46.76 26.03
C PRO B 54 34.71 -45.91 26.49
N LYS B 55 34.84 -44.72 25.93
CA LYS B 55 35.92 -43.83 26.30
C LYS B 55 35.74 -43.23 27.69
N ARG B 56 34.51 -43.27 28.20
CA ARG B 56 34.22 -42.72 29.53
C ARG B 56 34.53 -43.70 30.66
N CYS B 57 34.76 -44.97 30.33
CA CYS B 57 35.07 -45.97 31.35
C CYS B 57 36.36 -45.68 32.12
N ALA B 58 37.41 -45.26 31.43
CA ALA B 58 38.67 -44.96 32.09
C ALA B 58 38.49 -43.82 33.08
N LYS B 59 37.71 -42.82 32.69
CA LYS B 59 37.45 -41.66 33.54
C LYS B 59 36.71 -42.10 34.81
N ILE B 60 35.72 -42.96 34.64
CA ILE B 60 34.95 -43.44 35.77
C ILE B 60 35.81 -44.36 36.64
N ALA B 61 36.62 -45.21 36.01
CA ALA B 61 37.47 -46.13 36.74
C ALA B 61 38.39 -45.41 37.72
N GLU B 62 38.74 -44.17 37.41
CA GLU B 62 39.61 -43.37 38.27
C GLU B 62 38.97 -43.15 39.64
N HIS B 63 37.64 -43.20 39.68
CA HIS B 63 36.92 -43.00 40.94
C HIS B 63 36.96 -44.22 41.84
N PHE B 64 37.36 -45.37 41.30
CA PHE B 64 37.45 -46.58 42.10
C PHE B 64 38.86 -46.71 42.65
N ASP B 65 39.04 -47.64 43.57
CA ASP B 65 40.37 -47.87 44.12
C ASP B 65 40.99 -49.02 43.32
N ASN B 66 42.23 -48.82 42.86
CA ASN B 66 42.96 -49.85 42.14
C ASN B 66 42.22 -50.52 40.98
N ALA B 67 41.64 -49.72 40.09
CA ALA B 67 40.90 -50.27 38.95
C ALA B 67 41.82 -50.89 37.91
N VAL B 68 41.40 -52.02 37.35
CA VAL B 68 42.18 -52.71 36.34
C VAL B 68 41.35 -52.96 35.09
N LEU B 69 41.98 -52.90 33.92
CA LEU B 69 41.27 -53.13 32.65
C LEU B 69 41.06 -54.63 32.48
N VAL B 70 39.80 -55.06 32.54
CA VAL B 70 39.44 -56.47 32.42
C VAL B 70 39.24 -56.91 30.98
N ALA B 71 38.58 -56.07 30.18
CA ALA B 71 38.31 -56.42 28.80
C ALA B 71 38.02 -55.22 27.92
N ASP B 72 38.27 -55.38 26.63
CA ASP B 72 38.03 -54.34 25.63
C ASP B 72 37.59 -55.11 24.38
N SER B 73 36.29 -55.37 24.29
CA SER B 73 35.70 -56.13 23.20
C SER B 73 34.58 -55.34 22.54
N ARG B 74 34.64 -55.16 21.22
CA ARG B 74 33.61 -54.40 20.53
C ARG B 74 33.46 -53.02 21.20
N GLU B 75 32.23 -52.62 21.53
CA GLU B 75 32.03 -51.33 22.18
C GLU B 75 32.01 -51.47 23.70
N TYR B 76 32.41 -52.65 24.18
CA TYR B 76 32.40 -52.95 25.60
C TYR B 76 33.75 -52.95 26.30
N VAL B 77 34.01 -51.88 27.04
CA VAL B 77 35.25 -51.74 27.81
C VAL B 77 34.86 -51.93 29.28
N THR B 78 35.57 -52.82 29.96
CA THR B 78 35.28 -53.12 31.36
C THR B 78 36.48 -52.93 32.28
N TYR B 79 36.27 -52.20 33.37
CA TYR B 79 37.29 -51.98 34.40
C TYR B 79 36.71 -52.51 35.71
N THR B 80 37.56 -53.07 36.55
CA THR B 80 37.12 -53.59 37.83
C THR B 80 38.09 -53.15 38.93
N GLY B 81 37.54 -52.57 39.99
CA GLY B 81 38.34 -52.12 41.11
C GLY B 81 37.54 -52.34 42.37
N THR B 82 37.75 -51.49 43.38
CA THR B 82 37.00 -51.59 44.61
C THR B 82 36.52 -50.25 45.13
N LEU B 83 35.46 -50.30 45.93
CA LEU B 83 34.87 -49.13 46.56
C LEU B 83 34.61 -49.61 47.98
N ASN B 84 35.22 -48.97 48.96
CA ASN B 84 35.05 -49.40 50.35
C ASN B 84 35.43 -50.87 50.49
N GLY B 85 36.42 -51.31 49.73
CA GLY B 85 36.86 -52.69 49.81
C GLY B 85 36.01 -53.72 49.07
N GLU B 86 34.90 -53.27 48.50
CA GLU B 86 33.98 -54.16 47.77
C GLU B 86 34.27 -54.05 46.27
N LYS B 87 34.26 -55.19 45.57
CA LYS B 87 34.53 -55.20 44.14
C LYS B 87 33.43 -54.51 43.35
N VAL B 88 33.81 -53.60 42.47
CA VAL B 88 32.86 -52.86 41.64
C VAL B 88 33.44 -52.76 40.24
N SER B 89 32.58 -52.54 39.25
CA SER B 89 33.05 -52.45 37.88
C SER B 89 32.38 -51.34 37.11
N VAL B 90 32.93 -51.03 35.94
CA VAL B 90 32.35 -50.04 35.04
C VAL B 90 32.47 -50.66 33.65
N THR B 91 31.34 -50.76 32.96
CA THR B 91 31.29 -51.36 31.62
C THR B 91 30.47 -50.48 30.70
N SER B 92 31.03 -50.14 29.54
CA SER B 92 30.31 -49.31 28.60
C SER B 92 29.24 -50.15 27.88
N THR B 93 28.21 -49.50 27.37
CA THR B 93 27.13 -50.20 26.69
C THR B 93 26.99 -49.85 25.22
N GLY B 94 27.65 -48.77 24.79
CA GLY B 94 27.50 -48.35 23.43
C GLY B 94 26.18 -47.60 23.38
N ILE B 95 25.78 -47.12 22.21
CA ILE B 95 24.53 -46.39 22.10
C ILE B 95 23.34 -47.30 21.77
N GLY B 96 22.26 -47.17 22.54
CA GLY B 96 21.08 -47.96 22.27
C GLY B 96 20.75 -49.15 23.15
N GLY B 97 19.45 -49.42 23.27
CA GLY B 97 19.00 -50.54 24.06
C GLY B 97 19.56 -51.89 23.64
N PRO B 98 19.74 -52.14 22.33
CA PRO B 98 20.29 -53.43 21.89
C PRO B 98 21.64 -53.78 22.50
N SER B 99 22.60 -52.86 22.40
CA SER B 99 23.92 -53.12 22.97
C SER B 99 23.92 -53.07 24.49
N ALA B 100 23.07 -52.23 25.07
CA ALA B 100 22.99 -52.12 26.52
C ALA B 100 22.39 -53.40 27.13
N SER B 101 21.37 -53.96 26.50
CA SER B 101 20.76 -55.19 27.04
C SER B 101 21.77 -56.33 27.03
N ILE B 102 22.58 -56.40 25.98
CA ILE B 102 23.60 -57.44 25.89
C ILE B 102 24.56 -57.30 27.08
N ALA B 103 24.97 -56.06 27.37
CA ALA B 103 25.88 -55.84 28.49
C ALA B 103 25.27 -56.28 29.82
N MET B 104 24.01 -55.93 30.06
CA MET B 104 23.36 -56.31 31.32
C MET B 104 23.24 -57.83 31.43
N GLU B 105 22.86 -58.48 30.34
CA GLU B 105 22.68 -59.93 30.34
C GLU B 105 23.98 -60.66 30.69
N GLU B 106 25.08 -60.25 30.06
CA GLU B 106 26.35 -60.91 30.29
C GLU B 106 26.98 -60.55 31.64
N LEU B 107 26.79 -59.31 32.10
CA LEU B 107 27.32 -58.91 33.40
C LEU B 107 26.55 -59.72 34.45
N LYS B 108 25.24 -59.80 34.28
CA LYS B 108 24.39 -60.55 35.19
C LYS B 108 24.84 -62.01 35.29
N LEU B 109 25.15 -62.62 34.14
CA LEU B 109 25.60 -64.01 34.14
C LEU B 109 26.92 -64.19 34.87
N CYS B 110 27.70 -63.11 34.96
CA CYS B 110 28.98 -63.16 35.64
C CYS B 110 28.89 -62.74 37.12
N GLY B 111 27.67 -62.52 37.59
CA GLY B 111 27.50 -62.17 38.99
C GLY B 111 27.07 -60.76 39.39
N ALA B 112 26.89 -59.87 38.43
CA ALA B 112 26.48 -58.50 38.77
C ALA B 112 25.00 -58.47 39.12
N ASP B 113 24.60 -57.64 40.07
CA ASP B 113 23.19 -57.58 40.45
C ASP B 113 22.69 -56.18 40.78
N THR B 114 23.57 -55.19 40.67
CA THR B 114 23.19 -53.81 40.94
C THR B 114 23.85 -52.95 39.87
N PHE B 115 23.03 -52.25 39.07
CA PHE B 115 23.54 -51.44 37.98
C PHE B 115 23.12 -49.98 38.03
N ILE B 116 24.03 -49.09 37.65
CA ILE B 116 23.70 -47.68 37.59
C ILE B 116 24.20 -47.12 36.27
N ARG B 117 23.29 -46.73 35.39
CA ARG B 117 23.69 -46.16 34.12
C ARG B 117 24.04 -44.70 34.37
N VAL B 118 25.11 -44.23 33.75
CA VAL B 118 25.54 -42.85 33.89
C VAL B 118 25.75 -42.31 32.49
N GLY B 119 24.88 -41.41 32.07
CA GLY B 119 25.02 -40.87 30.72
C GLY B 119 24.80 -39.39 30.58
N THR B 120 24.41 -39.01 29.37
CA THR B 120 24.12 -37.63 29.02
C THR B 120 22.67 -37.62 28.56
N CYS B 121 22.02 -36.47 28.65
CA CYS B 121 20.64 -36.36 28.21
C CYS B 121 20.31 -34.94 27.77
N GLY B 122 19.19 -34.80 27.07
CA GLY B 122 18.74 -33.50 26.62
C GLY B 122 17.50 -33.18 27.43
N GLY B 123 17.46 -32.01 28.04
CA GLY B 123 16.31 -31.65 28.86
C GLY B 123 15.03 -31.35 28.10
N ILE B 124 13.90 -31.62 28.75
CA ILE B 124 12.57 -31.36 28.20
C ILE B 124 11.89 -30.38 29.15
N GLU B 125 11.68 -30.81 30.39
CA GLU B 125 11.07 -29.98 31.43
C GLU B 125 11.86 -28.66 31.44
N LEU B 126 11.16 -27.54 31.38
CA LEU B 126 11.82 -26.23 31.35
C LEU B 126 12.75 -25.92 32.52
N ASP B 127 12.61 -26.61 33.63
CA ASP B 127 13.46 -26.37 34.80
C ASP B 127 14.77 -27.15 34.70
N VAL B 128 14.82 -28.11 33.77
CA VAL B 128 16.00 -28.94 33.59
C VAL B 128 17.01 -28.24 32.68
N LYS B 129 18.08 -27.71 33.29
CA LYS B 129 19.11 -26.97 32.55
C LYS B 129 20.45 -27.68 32.39
N GLY B 130 21.19 -27.29 31.36
CA GLY B 130 22.49 -27.87 31.09
C GLY B 130 23.35 -27.74 32.35
N GLY B 131 24.00 -28.83 32.72
CA GLY B 131 24.82 -28.81 33.92
C GLY B 131 24.14 -29.53 35.08
N ASP B 132 22.80 -29.49 35.08
CA ASP B 132 22.03 -30.17 36.12
C ASP B 132 22.16 -31.68 35.98
N ILE B 133 21.72 -32.39 37.02
CA ILE B 133 21.74 -33.84 37.03
C ILE B 133 20.31 -34.34 37.00
N VAL B 134 20.03 -35.35 36.20
CA VAL B 134 18.69 -35.93 36.13
C VAL B 134 18.79 -37.36 36.64
N ILE B 135 17.84 -37.75 37.48
CA ILE B 135 17.80 -39.10 38.01
C ILE B 135 16.49 -39.71 37.54
N ALA B 136 16.60 -40.79 36.77
CA ALA B 136 15.43 -41.46 36.22
C ALA B 136 14.66 -42.32 37.21
N THR B 137 13.39 -41.98 37.43
CA THR B 137 12.54 -42.77 38.31
C THR B 137 11.88 -43.83 37.43
N GLY B 138 11.88 -43.55 36.14
CA GLY B 138 11.27 -44.47 35.18
C GLY B 138 11.58 -43.98 33.78
N ALA B 139 11.15 -44.71 32.77
CA ALA B 139 11.44 -44.31 31.40
C ALA B 139 10.33 -44.63 30.42
N ILE B 140 10.21 -43.79 29.40
CA ILE B 140 9.22 -43.95 28.35
C ILE B 140 9.78 -44.99 27.39
N ARG B 141 9.01 -46.06 27.18
CA ARG B 141 9.43 -47.16 26.34
C ARG B 141 9.19 -46.96 24.84
N MET B 142 9.66 -45.84 24.30
CA MET B 142 9.49 -45.59 22.88
C MET B 142 10.71 -46.13 22.16
N GLU B 143 10.95 -47.43 22.36
CA GLU B 143 12.07 -48.14 21.75
C GLU B 143 11.72 -49.61 21.63
N GLY B 144 12.48 -50.35 20.83
CA GLY B 144 12.16 -51.74 20.60
C GLY B 144 12.73 -52.83 21.50
N THR B 145 13.90 -52.60 22.06
CA THR B 145 14.51 -53.62 22.91
C THR B 145 13.62 -54.10 24.05
N SER B 146 13.03 -53.16 24.80
CA SER B 146 12.18 -53.55 25.92
C SER B 146 10.98 -54.40 25.49
N LYS B 147 10.46 -54.14 24.29
CA LYS B 147 9.30 -54.89 23.79
C LYS B 147 9.63 -56.36 23.50
N GLU B 148 10.91 -56.71 23.51
CA GLU B 148 11.32 -58.08 23.27
C GLU B 148 11.62 -58.76 24.61
N TYR B 149 11.36 -58.01 25.68
CA TYR B 149 11.54 -58.50 27.05
C TYR B 149 10.17 -58.54 27.73
N ALA B 150 9.39 -57.47 27.55
CA ALA B 150 8.09 -57.39 28.21
C ALA B 150 6.98 -56.73 27.40
N PRO B 151 5.71 -57.07 27.70
CA PRO B 151 4.58 -56.47 26.99
C PRO B 151 4.71 -54.97 27.24
N ILE B 152 4.41 -54.14 26.24
CA ILE B 152 4.56 -52.70 26.38
C ILE B 152 3.86 -52.07 27.59
N GLU B 153 2.81 -52.71 28.09
CA GLU B 153 2.08 -52.18 29.25
C GLU B 153 2.91 -52.15 30.53
N PHE B 154 3.93 -53.00 30.62
CA PHE B 154 4.77 -53.04 31.82
C PHE B 154 5.59 -51.76 31.94
N PRO B 155 5.60 -51.15 33.14
CA PRO B 155 6.38 -49.92 33.30
C PRO B 155 7.90 -50.10 33.38
N ALA B 156 8.62 -49.19 32.75
CA ALA B 156 10.07 -49.17 32.82
C ALA B 156 10.28 -48.33 34.08
N VAL B 157 10.52 -48.99 35.21
CA VAL B 157 10.69 -48.28 36.47
C VAL B 157 12.00 -48.61 37.15
N ALA B 158 12.66 -47.58 37.66
CA ALA B 158 13.94 -47.77 38.34
C ALA B 158 13.75 -48.38 39.72
N ASP B 159 14.76 -49.10 40.19
CA ASP B 159 14.72 -49.70 41.51
C ASP B 159 14.66 -48.60 42.56
N LEU B 160 13.77 -48.75 43.54
CA LEU B 160 13.60 -47.76 44.61
C LEU B 160 14.87 -47.46 45.39
N GLU B 161 15.55 -48.49 45.86
CA GLU B 161 16.78 -48.29 46.63
C GLU B 161 17.86 -47.54 45.84
N VAL B 162 18.04 -47.89 44.57
CA VAL B 162 19.05 -47.22 43.76
C VAL B 162 18.67 -45.76 43.51
N THR B 163 17.40 -45.52 43.24
CA THR B 163 16.94 -44.17 42.99
C THR B 163 17.12 -43.30 44.22
N ASN B 164 16.77 -43.83 45.39
CA ASN B 164 16.94 -43.06 46.62
C ASN B 164 18.41 -42.78 46.89
N ALA B 165 19.27 -43.76 46.62
CA ALA B 165 20.70 -43.58 46.85
C ALA B 165 21.22 -42.46 45.94
N LEU B 166 20.73 -42.41 44.71
CA LEU B 166 21.16 -41.38 43.77
C LEU B 166 20.66 -39.99 44.20
N VAL B 167 19.38 -39.91 44.55
CA VAL B 167 18.81 -38.64 44.99
C VAL B 167 19.54 -38.11 46.21
N ASN B 168 19.79 -38.98 47.19
CA ASN B 168 20.49 -38.56 48.40
C ASN B 168 21.93 -38.17 48.13
N ALA B 169 22.57 -38.85 47.20
CA ALA B 169 23.94 -38.56 46.84
C ALA B 169 24.06 -37.19 46.18
N ALA B 170 23.12 -36.89 45.28
CA ALA B 170 23.14 -35.60 44.60
C ALA B 170 22.99 -34.47 45.62
N LYS B 171 22.14 -34.69 46.61
CA LYS B 171 21.91 -33.68 47.64
C LYS B 171 23.16 -33.50 48.49
N LYS B 172 23.76 -34.60 48.89
CA LYS B 172 24.96 -34.58 49.70
C LYS B 172 26.11 -33.86 49.01
N LEU B 173 26.23 -34.07 47.70
CA LEU B 173 27.30 -33.44 46.92
C LEU B 173 26.99 -32.01 46.50
N GLY B 174 25.76 -31.56 46.73
CA GLY B 174 25.37 -30.21 46.41
C GLY B 174 25.05 -29.93 44.94
N TYR B 175 24.70 -30.96 44.19
CA TYR B 175 24.37 -30.78 42.78
C TYR B 175 22.88 -30.62 42.56
N THR B 176 22.51 -29.71 41.66
CA THR B 176 21.10 -29.50 41.34
C THR B 176 20.63 -30.71 40.56
N SER B 177 19.58 -31.37 41.06
CA SER B 177 19.08 -32.56 40.37
C SER B 177 17.57 -32.57 40.20
N HIS B 178 17.12 -33.42 39.30
CA HIS B 178 15.70 -33.56 39.00
C HIS B 178 15.40 -35.05 38.92
N ALA B 179 14.49 -35.52 39.77
CA ALA B 179 14.12 -36.94 39.78
C ALA B 179 12.78 -37.11 39.08
N GLY B 180 12.79 -37.80 37.95
CA GLY B 180 11.57 -38.01 37.22
C GLY B 180 11.71 -38.96 36.04
N VAL B 181 10.71 -38.96 35.18
CA VAL B 181 10.70 -39.83 34.01
C VAL B 181 11.53 -39.25 32.88
N VAL B 182 12.25 -40.13 32.17
CA VAL B 182 13.04 -39.69 31.04
C VAL B 182 12.50 -40.39 29.80
N GLN B 183 12.60 -39.75 28.65
CA GLN B 183 12.13 -40.38 27.43
C GLN B 183 13.27 -41.15 26.80
N CYS B 184 13.00 -42.37 26.38
CA CYS B 184 14.00 -43.15 25.69
C CYS B 184 13.50 -43.25 24.26
N LYS B 185 14.43 -43.51 23.34
CA LYS B 185 14.12 -43.58 21.92
C LYS B 185 15.21 -44.41 21.26
N ASP B 186 14.95 -44.85 20.03
CA ASP B 186 15.94 -45.63 19.28
C ASP B 186 16.60 -44.75 18.22
N ALA B 187 15.90 -43.70 17.79
CA ALA B 187 16.43 -42.81 16.77
C ALA B 187 16.87 -41.46 17.33
N PHE B 188 18.18 -41.30 17.53
CA PHE B 188 18.71 -40.05 18.04
C PHE B 188 18.29 -38.90 17.14
N TYR B 189 18.35 -39.11 15.83
CA TYR B 189 17.98 -38.05 14.91
C TYR B 189 16.49 -37.78 14.81
N GLY B 190 15.70 -38.58 15.52
CA GLY B 190 14.26 -38.37 15.53
C GLY B 190 13.95 -37.35 16.62
N GLN B 191 14.88 -37.21 17.57
CA GLN B 191 14.72 -36.27 18.68
C GLN B 191 15.00 -34.83 18.25
N HIS B 192 16.03 -34.66 17.43
CA HIS B 192 16.42 -33.33 16.99
C HIS B 192 15.90 -32.92 15.61
N GLU B 193 15.64 -33.89 14.74
CA GLU B 193 15.14 -33.60 13.40
C GLU B 193 13.80 -34.27 13.12
N PRO B 194 12.87 -34.22 14.09
CA PRO B 194 11.58 -34.88 13.84
C PRO B 194 10.82 -34.38 12.61
N GLU B 195 10.86 -33.08 12.37
CA GLU B 195 10.15 -32.49 11.24
C GLU B 195 10.51 -33.11 9.89
N ARG B 196 11.74 -33.59 9.78
CA ARG B 196 12.23 -34.17 8.53
C ARG B 196 11.83 -35.63 8.30
N MET B 197 11.59 -36.35 9.38
CA MET B 197 11.25 -37.77 9.30
C MET B 197 9.95 -38.11 8.59
N PRO B 198 9.90 -39.28 7.93
CA PRO B 198 8.68 -39.68 7.24
C PRO B 198 7.56 -39.77 8.29
N VAL B 199 7.91 -40.20 9.51
CA VAL B 199 6.92 -40.31 10.59
C VAL B 199 6.94 -39.07 11.50
N SER B 200 7.29 -37.93 10.93
CA SER B 200 7.33 -36.68 11.69
C SER B 200 6.07 -36.48 12.54
N TYR B 201 4.90 -36.74 11.95
CA TYR B 201 3.65 -36.54 12.67
C TYR B 201 3.58 -37.32 13.99
N GLU B 202 4.07 -38.54 13.98
CA GLU B 202 4.07 -39.41 15.15
C GLU B 202 5.07 -38.93 16.21
N LEU B 203 6.28 -38.61 15.77
CA LEU B 203 7.32 -38.13 16.67
C LEU B 203 6.92 -36.82 17.33
N LEU B 204 6.37 -35.90 16.53
CA LEU B 204 5.95 -34.59 17.04
C LEU B 204 4.78 -34.69 18.01
N ASN B 205 3.79 -35.51 17.68
CA ASN B 205 2.64 -35.68 18.57
C ASN B 205 3.08 -36.29 19.90
N LYS B 206 3.86 -37.35 19.84
CA LYS B 206 4.33 -37.99 21.06
C LYS B 206 5.21 -37.06 21.88
N TRP B 207 6.01 -36.23 21.22
CA TRP B 207 6.88 -35.30 21.94
C TRP B 207 6.03 -34.34 22.75
N GLU B 208 4.95 -33.82 22.16
CA GLU B 208 4.08 -32.92 22.90
C GLU B 208 3.47 -33.66 24.09
N ALA B 209 3.19 -34.94 23.92
CA ALA B 209 2.61 -35.73 25.02
C ALA B 209 3.63 -35.87 26.16
N TRP B 210 4.89 -36.13 25.83
CA TRP B 210 5.91 -36.28 26.88
C TRP B 210 6.02 -34.97 27.67
N LYS B 211 5.92 -33.85 26.97
CA LYS B 211 6.01 -32.54 27.61
C LYS B 211 4.85 -32.29 28.57
N ARG B 212 3.67 -32.79 28.21
CA ARG B 212 2.48 -32.62 29.04
C ARG B 212 2.38 -33.66 30.15
N LEU B 213 3.39 -34.51 30.27
CA LEU B 213 3.40 -35.53 31.30
C LEU B 213 4.54 -35.31 32.30
N GLY B 214 5.15 -34.12 32.24
CA GLY B 214 6.23 -33.78 33.15
C GLY B 214 7.57 -34.45 32.92
N THR B 215 7.77 -35.01 31.74
CA THR B 215 9.02 -35.68 31.41
C THR B 215 10.22 -34.74 31.59
N LYS B 216 11.24 -35.22 32.28
CA LYS B 216 12.43 -34.42 32.58
C LYS B 216 13.43 -34.27 31.44
N ALA B 217 13.74 -35.36 30.77
CA ALA B 217 14.74 -35.31 29.71
C ALA B 217 14.62 -36.48 28.74
N SER B 218 15.46 -36.45 27.72
CA SER B 218 15.49 -37.49 26.69
C SER B 218 16.87 -38.13 26.59
N GLU B 219 16.89 -39.46 26.54
CA GLU B 219 18.13 -40.22 26.39
C GLU B 219 17.82 -41.49 25.62
N MET B 220 18.57 -42.58 25.82
CA MET B 220 18.31 -43.77 25.02
C MET B 220 18.38 -45.18 25.60
N GLU B 221 19.02 -45.38 26.76
CA GLU B 221 19.14 -46.74 27.26
C GLU B 221 18.39 -47.21 28.50
N SER B 222 17.87 -46.28 29.29
CA SER B 222 17.20 -46.69 30.53
C SER B 222 15.97 -47.57 30.38
N ALA B 223 15.15 -47.34 29.36
CA ALA B 223 13.96 -48.17 29.20
C ALA B 223 14.36 -49.63 29.04
N ALA B 224 15.37 -49.89 28.20
CA ALA B 224 15.83 -51.26 27.97
C ALA B 224 16.42 -51.86 29.25
N LEU B 225 17.26 -51.08 29.94
CA LEU B 225 17.88 -51.55 31.17
C LEU B 225 16.91 -51.78 32.32
N PHE B 226 15.96 -50.86 32.51
CA PHE B 226 14.99 -51.01 33.59
C PHE B 226 14.11 -52.25 33.41
N VAL B 227 13.65 -52.48 32.18
CA VAL B 227 12.78 -53.63 31.91
C VAL B 227 13.58 -54.93 31.97
N ALA B 228 14.78 -54.92 31.40
CA ALA B 228 15.61 -56.12 31.44
C ALA B 228 15.90 -56.44 32.90
N ALA B 229 16.13 -55.40 33.70
CA ALA B 229 16.42 -55.58 35.12
C ALA B 229 15.25 -56.22 35.85
N SER B 230 14.04 -55.82 35.48
CA SER B 230 12.83 -56.37 36.10
C SER B 230 12.74 -57.87 35.83
N HIS B 231 13.07 -58.27 34.60
CA HIS B 231 13.02 -59.68 34.25
C HIS B 231 14.15 -60.48 34.89
N LEU B 232 15.36 -59.92 34.87
CA LEU B 232 16.53 -60.60 35.42
C LEU B 232 16.58 -60.61 36.94
N GLY B 233 15.74 -59.79 37.57
CA GLY B 233 15.69 -59.73 39.01
C GLY B 233 16.83 -58.97 39.66
N VAL B 234 17.37 -57.99 38.95
CA VAL B 234 18.47 -57.18 39.47
C VAL B 234 18.00 -55.74 39.68
N ARG B 235 18.78 -54.96 40.42
CA ARG B 235 18.43 -53.57 40.68
C ARG B 235 19.11 -52.67 39.68
N CYS B 236 18.38 -51.69 39.15
CA CYS B 236 18.94 -50.76 38.19
C CYS B 236 18.38 -49.34 38.34
N GLY B 237 19.26 -48.37 38.19
CA GLY B 237 18.88 -46.98 38.28
C GLY B 237 19.74 -46.21 37.28
N SER B 238 19.51 -44.92 37.14
CA SER B 238 20.29 -44.13 36.19
C SER B 238 20.32 -42.65 36.55
N ASP B 239 21.44 -41.99 36.24
CA ASP B 239 21.54 -40.56 36.45
C ASP B 239 22.24 -40.02 35.21
N PHE B 240 21.98 -38.76 34.87
CA PHE B 240 22.57 -38.18 33.66
C PHE B 240 22.96 -36.74 33.80
N LEU B 241 23.93 -36.34 32.99
CA LEU B 241 24.36 -34.95 32.95
C LEU B 241 23.47 -34.34 31.87
N VAL B 242 22.85 -33.21 32.15
CA VAL B 242 22.01 -32.54 31.16
C VAL B 242 22.96 -31.72 30.28
N VAL B 243 22.98 -32.02 28.99
CA VAL B 243 23.88 -31.32 28.06
C VAL B 243 23.29 -30.04 27.49
N GLY B 244 21.97 -29.91 27.59
CA GLY B 244 21.27 -28.75 27.09
C GLY B 244 19.77 -29.00 27.15
N ASN B 245 18.98 -28.02 26.75
CA ASN B 245 17.52 -28.17 26.77
C ASN B 245 16.95 -27.50 25.52
N GLN B 246 16.50 -28.32 24.57
CA GLN B 246 15.96 -27.83 23.32
C GLN B 246 14.68 -27.03 23.50
N GLU B 247 13.89 -27.38 24.51
CA GLU B 247 12.62 -26.70 24.73
C GLU B 247 12.88 -25.29 25.26
N ARG B 248 13.88 -25.14 26.12
CA ARG B 248 14.24 -23.83 26.65
C ARG B 248 14.75 -23.00 25.49
N ASN B 249 15.58 -23.60 24.65
CA ASN B 249 16.14 -22.92 23.50
C ASN B 249 15.04 -22.46 22.54
N ALA B 250 14.06 -23.33 22.32
CA ALA B 250 12.95 -23.00 21.43
C ALA B 250 12.15 -21.80 21.94
N LEU B 251 12.10 -21.64 23.25
CA LEU B 251 11.38 -20.54 23.86
C LEU B 251 12.27 -19.32 24.07
N GLY B 252 13.52 -19.42 23.61
CA GLY B 252 14.45 -18.32 23.76
C GLY B 252 14.96 -18.11 25.17
N MET B 253 14.80 -19.13 26.02
CA MET B 253 15.27 -19.03 27.40
C MET B 253 16.76 -19.35 27.44
N ASP B 254 17.44 -18.89 28.49
CA ASP B 254 18.87 -19.15 28.63
C ASP B 254 19.09 -20.65 28.53
N ASN B 255 20.00 -21.06 27.66
CA ASN B 255 20.25 -22.48 27.46
C ASN B 255 21.72 -22.87 27.60
N PRO B 256 22.25 -22.83 28.84
CA PRO B 256 23.64 -23.17 29.12
C PRO B 256 23.89 -24.63 28.74
N MET B 257 25.01 -24.90 28.07
CA MET B 257 25.33 -26.26 27.68
C MET B 257 26.48 -26.84 28.51
N ALA B 258 26.55 -28.16 28.58
CA ALA B 258 27.60 -28.83 29.36
C ALA B 258 28.05 -30.11 28.66
N HIS B 259 29.21 -30.62 29.05
CA HIS B 259 29.74 -31.83 28.45
C HIS B 259 30.51 -32.71 29.45
N ASP B 260 30.98 -32.11 30.54
CA ASP B 260 31.73 -32.86 31.55
C ASP B 260 30.82 -33.65 32.48
N THR B 261 30.91 -34.98 32.39
CA THR B 261 30.08 -35.88 33.19
C THR B 261 30.59 -36.15 34.60
N GLU B 262 31.65 -35.45 35.00
CA GLU B 262 32.25 -35.63 36.31
C GLU B 262 31.20 -35.65 37.44
N ALA B 263 30.30 -34.67 37.46
CA ALA B 263 29.28 -34.59 38.50
C ALA B 263 28.36 -35.82 38.53
N ALA B 264 27.87 -36.21 37.36
CA ALA B 264 26.99 -37.37 37.27
C ALA B 264 27.72 -38.63 37.74
N ILE B 265 29.02 -38.69 37.47
CA ILE B 265 29.83 -39.83 37.89
C ILE B 265 29.97 -39.83 39.42
N GLN B 266 30.27 -38.66 39.99
CA GLN B 266 30.42 -38.56 41.44
C GLN B 266 29.16 -39.00 42.16
N VAL B 267 28.01 -38.61 41.64
CA VAL B 267 26.73 -38.98 42.23
C VAL B 267 26.51 -40.50 42.20
N ALA B 268 26.84 -41.12 41.06
CA ALA B 268 26.67 -42.57 40.93
C ALA B 268 27.62 -43.32 41.86
N VAL B 269 28.85 -42.84 41.97
CA VAL B 269 29.83 -43.50 42.83
C VAL B 269 29.45 -43.38 44.30
N GLU B 270 28.93 -42.21 44.68
CA GLU B 270 28.51 -42.02 46.07
C GLU B 270 27.31 -42.90 46.34
N ALA B 271 26.44 -43.06 45.33
CA ALA B 271 25.26 -43.92 45.50
C ALA B 271 25.71 -45.36 45.67
N LEU B 272 26.75 -45.77 44.94
CA LEU B 272 27.23 -47.14 45.08
C LEU B 272 27.71 -47.38 46.50
N ARG B 273 28.43 -46.41 47.07
CA ARG B 273 28.92 -46.54 48.44
C ARG B 273 27.77 -46.78 49.40
N THR B 274 26.67 -46.05 49.19
CA THR B 274 25.48 -46.18 50.02
C THR B 274 24.90 -47.58 49.91
N LEU B 275 24.73 -48.04 48.68
CA LEU B 275 24.17 -49.37 48.42
C LEU B 275 25.06 -50.48 49.00
N ILE B 276 26.37 -50.34 48.80
CA ILE B 276 27.31 -51.33 49.30
C ILE B 276 27.18 -51.47 50.82
N GLU B 277 27.15 -50.35 51.52
CA GLU B 277 27.03 -50.38 52.97
C GLU B 277 25.69 -50.92 53.43
N ASN B 278 24.61 -50.49 52.78
CA ASN B 278 23.29 -50.97 53.17
C ASN B 278 23.09 -52.46 52.90
N ASP B 279 23.75 -52.98 51.86
CA ASP B 279 23.63 -54.40 51.53
C ASP B 279 24.26 -55.27 52.61
N LYS B 280 25.16 -54.69 53.39
CA LYS B 280 25.83 -55.43 54.47
C LYS B 280 24.83 -55.72 55.59
N TYR C 27 -15.40 -78.48 -1.05
CA TYR C 27 -16.11 -77.35 -1.71
C TYR C 27 -16.21 -77.51 -3.22
N SER C 28 -15.15 -78.04 -3.83
CA SER C 28 -15.15 -78.23 -5.27
C SER C 28 -15.73 -79.59 -5.65
N GLY C 29 -15.71 -80.52 -4.70
CA GLY C 29 -16.25 -81.85 -4.93
C GLY C 29 -15.45 -82.75 -5.87
N GLU C 30 -14.20 -82.40 -6.10
CA GLU C 30 -13.33 -83.17 -6.98
C GLU C 30 -11.87 -82.91 -6.61
N VAL C 31 -11.08 -83.98 -6.54
CA VAL C 31 -9.67 -83.82 -6.19
C VAL C 31 -8.96 -82.99 -7.25
N GLY C 32 -8.21 -81.98 -6.81
CA GLY C 32 -7.48 -81.14 -7.74
C GLY C 32 -8.22 -79.95 -8.33
N LEU C 33 -9.55 -80.02 -8.38
CA LEU C 33 -10.32 -78.90 -8.93
C LEU C 33 -10.30 -77.75 -7.94
N GLN C 34 -9.86 -76.58 -8.40
CA GLN C 34 -9.78 -75.41 -7.53
C GLN C 34 -11.11 -74.69 -7.46
N TYR C 35 -11.64 -74.58 -6.25
CA TYR C 35 -12.94 -73.98 -6.00
C TYR C 35 -13.21 -72.63 -6.66
N HIS C 36 -12.32 -71.67 -6.45
CA HIS C 36 -12.54 -70.34 -7.01
C HIS C 36 -12.16 -70.15 -8.50
N LEU C 37 -10.98 -70.63 -8.89
CA LEU C 37 -10.54 -70.46 -10.27
C LEU C 37 -11.07 -71.52 -11.23
N GLN C 38 -11.53 -72.64 -10.68
CA GLN C 38 -12.06 -73.73 -11.49
C GLN C 38 -11.04 -74.30 -12.47
N ILE C 39 -9.78 -74.34 -12.02
CA ILE C 39 -8.71 -74.92 -12.83
C ILE C 39 -8.29 -76.21 -12.14
N ARG C 40 -7.53 -77.04 -12.85
CA ARG C 40 -7.06 -78.32 -12.33
C ARG C 40 -5.59 -78.50 -12.72
N PRO C 41 -4.87 -79.39 -12.03
CA PRO C 41 -3.46 -79.58 -12.40
C PRO C 41 -3.39 -79.91 -13.89
N GLY C 42 -2.49 -79.24 -14.61
CA GLY C 42 -2.36 -79.46 -16.03
C GLY C 42 -2.93 -78.31 -16.86
N ASP C 43 -3.81 -77.51 -16.24
CA ASP C 43 -4.43 -76.39 -16.94
C ASP C 43 -3.51 -75.19 -17.15
N VAL C 44 -2.59 -74.98 -16.22
CA VAL C 44 -1.70 -73.83 -16.32
C VAL C 44 -0.22 -74.18 -16.35
N GLY C 45 0.59 -73.26 -16.87
CA GLY C 45 2.02 -73.49 -16.93
C GLY C 45 2.67 -73.12 -15.62
N ARG C 46 3.99 -73.24 -15.56
CA ARG C 46 4.72 -72.88 -14.35
C ARG C 46 4.82 -71.37 -14.22
N TYR C 47 4.69 -70.68 -15.34
CA TYR C 47 4.80 -69.22 -15.40
C TYR C 47 3.45 -68.58 -15.66
N VAL C 48 3.06 -67.64 -14.79
CA VAL C 48 1.76 -67.00 -14.93
C VAL C 48 1.82 -65.48 -14.80
N ILE C 49 1.20 -64.78 -15.74
CA ILE C 49 1.12 -63.32 -15.67
C ILE C 49 -0.23 -63.06 -15.02
N MET C 50 -0.28 -62.10 -14.10
CA MET C 50 -1.51 -61.82 -13.36
C MET C 50 -2.03 -60.39 -13.37
N PRO C 51 -2.96 -60.07 -14.28
CA PRO C 51 -3.52 -58.71 -14.34
C PRO C 51 -4.69 -58.63 -13.34
N GLY C 52 -5.10 -57.43 -12.97
CA GLY C 52 -6.22 -57.32 -12.04
C GLY C 52 -7.55 -57.46 -12.76
N ASP C 53 -7.62 -56.86 -13.95
CA ASP C 53 -8.82 -56.87 -14.75
C ASP C 53 -9.00 -58.13 -15.60
N PRO C 54 -10.10 -58.86 -15.41
CA PRO C 54 -10.33 -60.09 -16.19
C PRO C 54 -10.38 -59.81 -17.69
N LYS C 55 -10.80 -58.60 -18.06
CA LYS C 55 -10.88 -58.23 -19.47
C LYS C 55 -9.51 -58.06 -20.11
N ARG C 56 -8.48 -57.90 -19.29
CA ARG C 56 -7.12 -57.73 -19.82
C ARG C 56 -6.45 -59.08 -20.16
N CYS C 57 -7.01 -60.18 -19.68
CA CYS C 57 -6.41 -61.49 -19.96
C CYS C 57 -6.35 -61.82 -21.44
N ALA C 58 -7.42 -61.53 -22.18
CA ALA C 58 -7.45 -61.81 -23.60
C ALA C 58 -6.35 -61.03 -24.31
N LYS C 59 -6.15 -59.78 -23.91
CA LYS C 59 -5.14 -58.93 -24.52
C LYS C 59 -3.74 -59.48 -24.27
N ILE C 60 -3.50 -59.96 -23.06
CA ILE C 60 -2.20 -60.53 -22.72
C ILE C 60 -2.00 -61.87 -23.43
N ALA C 61 -3.05 -62.67 -23.48
CA ALA C 61 -2.99 -63.98 -24.13
C ALA C 61 -2.53 -63.91 -25.58
N GLU C 62 -2.84 -62.79 -26.24
CA GLU C 62 -2.44 -62.59 -27.63
C GLU C 62 -0.92 -62.60 -27.77
N HIS C 63 -0.22 -62.32 -26.68
CA HIS C 63 1.24 -62.30 -26.72
C HIS C 63 1.85 -63.70 -26.64
N PHE C 64 1.04 -64.68 -26.25
CA PHE C 64 1.52 -66.07 -26.16
C PHE C 64 1.24 -66.75 -27.49
N ASP C 65 1.79 -67.95 -27.66
CA ASP C 65 1.54 -68.71 -28.88
C ASP C 65 0.35 -69.62 -28.66
N ASN C 66 -0.63 -69.52 -29.56
CA ASN C 66 -1.83 -70.36 -29.54
C ASN C 66 -2.57 -70.44 -28.21
N ALA C 67 -2.78 -69.31 -27.56
CA ALA C 67 -3.47 -69.32 -26.26
C ALA C 67 -4.96 -69.59 -26.40
N VAL C 68 -5.51 -70.34 -25.43
CA VAL C 68 -6.92 -70.67 -25.40
C VAL C 68 -7.42 -70.45 -23.97
N LEU C 69 -8.69 -70.10 -23.83
CA LEU C 69 -9.26 -69.88 -22.51
C LEU C 69 -9.48 -71.24 -21.86
N VAL C 70 -9.01 -71.41 -20.62
CA VAL C 70 -9.17 -72.68 -19.93
C VAL C 70 -10.23 -72.61 -18.83
N ALA C 71 -10.44 -71.42 -18.26
CA ALA C 71 -11.44 -71.26 -17.22
C ALA C 71 -11.89 -69.81 -17.08
N ASP C 72 -13.13 -69.63 -16.65
CA ASP C 72 -13.72 -68.31 -16.45
C ASP C 72 -14.67 -68.53 -15.29
N SER C 73 -14.22 -68.20 -14.09
CA SER C 73 -14.99 -68.38 -12.87
C SER C 73 -14.89 -67.13 -12.01
N ARG C 74 -16.02 -66.60 -11.57
CA ARG C 74 -16.02 -65.39 -10.76
C ARG C 74 -15.20 -64.33 -11.50
N GLU C 75 -14.25 -63.68 -10.83
CA GLU C 75 -13.43 -62.67 -11.49
C GLU C 75 -12.14 -63.27 -12.04
N TYR C 76 -12.08 -64.58 -12.11
CA TYR C 76 -10.88 -65.26 -12.58
C TYR C 76 -10.98 -65.84 -13.98
N VAL C 77 -10.31 -65.19 -14.93
CA VAL C 77 -10.26 -65.65 -16.30
C VAL C 77 -8.84 -66.18 -16.51
N THR C 78 -8.72 -67.39 -17.04
CA THR C 78 -7.40 -67.98 -17.26
C THR C 78 -7.23 -68.49 -18.69
N TYR C 79 -6.13 -68.08 -19.32
CA TYR C 79 -5.78 -68.50 -20.69
C TYR C 79 -4.43 -69.20 -20.57
N THR C 80 -4.20 -70.19 -21.43
CA THR C 80 -2.93 -70.90 -21.43
C THR C 80 -2.45 -71.12 -22.87
N GLY C 81 -1.17 -70.89 -23.09
CA GLY C 81 -0.58 -71.07 -24.40
C GLY C 81 0.89 -71.39 -24.17
N THR C 82 1.76 -71.05 -25.11
CA THR C 82 3.19 -71.30 -24.90
C THR C 82 4.02 -70.07 -25.25
N LEU C 83 5.23 -70.05 -24.72
CA LEU C 83 6.19 -69.00 -24.97
C LEU C 83 7.50 -69.78 -25.11
N ASN C 84 8.13 -69.69 -26.28
CA ASN C 84 9.36 -70.42 -26.53
C ASN C 84 9.15 -71.91 -26.25
N GLY C 85 7.97 -72.40 -26.60
CA GLY C 85 7.65 -73.81 -26.42
C GLY C 85 7.30 -74.24 -25.00
N GLU C 86 7.37 -73.33 -24.05
CA GLU C 86 7.07 -73.63 -22.65
C GLU C 86 5.64 -73.18 -22.32
N LYS C 87 4.91 -74.01 -21.59
CA LYS C 87 3.54 -73.69 -21.21
C LYS C 87 3.49 -72.48 -20.28
N VAL C 88 2.67 -71.49 -20.63
CA VAL C 88 2.53 -70.29 -19.81
C VAL C 88 1.04 -69.93 -19.72
N SER C 89 0.69 -69.15 -18.69
CA SER C 89 -0.71 -68.77 -18.52
C SER C 89 -0.85 -67.32 -18.08
N VAL C 90 -2.09 -66.84 -18.11
CA VAL C 90 -2.44 -65.51 -17.65
C VAL C 90 -3.78 -65.67 -16.92
N THR C 91 -3.80 -65.25 -15.67
CA THR C 91 -4.99 -65.35 -14.83
C THR C 91 -5.24 -64.03 -14.12
N SER C 92 -6.48 -63.54 -14.20
CA SER C 92 -6.83 -62.28 -13.55
C SER C 92 -7.01 -62.52 -12.05
N THR C 93 -6.85 -61.46 -11.27
CA THR C 93 -6.97 -61.56 -9.82
C THR C 93 -8.12 -60.75 -9.26
N GLY C 94 -8.66 -59.83 -10.05
CA GLY C 94 -9.71 -58.98 -9.55
C GLY C 94 -8.98 -57.91 -8.75
N ILE C 95 -9.70 -56.99 -8.15
CA ILE C 95 -9.10 -55.91 -7.37
C ILE C 95 -8.94 -56.31 -5.91
N GLY C 96 -7.74 -56.10 -5.37
CA GLY C 96 -7.50 -56.39 -3.96
C GLY C 96 -6.74 -57.65 -3.59
N GLY C 97 -6.04 -57.57 -2.47
CA GLY C 97 -5.27 -58.70 -1.97
C GLY C 97 -6.11 -59.95 -1.70
N PRO C 98 -7.37 -59.80 -1.22
CA PRO C 98 -8.18 -60.99 -0.96
C PRO C 98 -8.36 -61.90 -2.17
N SER C 99 -8.78 -61.32 -3.29
CA SER C 99 -8.99 -62.11 -4.50
C SER C 99 -7.66 -62.52 -5.13
N ALA C 100 -6.66 -61.65 -5.03
CA ALA C 100 -5.35 -61.94 -5.59
C ALA C 100 -4.67 -63.12 -4.86
N SER C 101 -4.77 -63.14 -3.54
CA SER C 101 -4.14 -64.24 -2.78
C SER C 101 -4.79 -65.58 -3.13
N ILE C 102 -6.11 -65.58 -3.33
CA ILE C 102 -6.80 -66.81 -3.70
C ILE C 102 -6.25 -67.32 -5.03
N ALA C 103 -6.03 -66.40 -5.96
CA ALA C 103 -5.49 -66.77 -7.27
C ALA C 103 -4.12 -67.44 -7.15
N MET C 104 -3.21 -66.81 -6.42
CA MET C 104 -1.87 -67.39 -6.25
C MET C 104 -1.92 -68.75 -5.56
N GLU C 105 -2.76 -68.87 -4.53
CA GLU C 105 -2.88 -70.13 -3.79
C GLU C 105 -3.35 -71.27 -4.70
N GLU C 106 -4.39 -71.01 -5.48
CA GLU C 106 -4.94 -72.05 -6.34
C GLU C 106 -4.08 -72.35 -7.56
N LEU C 107 -3.36 -71.34 -8.05
CA LEU C 107 -2.47 -71.55 -9.19
C LEU C 107 -1.30 -72.40 -8.71
N LYS C 108 -0.82 -72.11 -7.50
CA LYS C 108 0.30 -72.85 -6.91
C LYS C 108 -0.05 -74.33 -6.76
N LEU C 109 -1.28 -74.60 -6.33
CA LEU C 109 -1.72 -75.98 -6.14
C LEU C 109 -1.83 -76.71 -7.48
N CYS C 110 -1.87 -75.95 -8.58
CA CYS C 110 -1.95 -76.56 -9.89
C CYS C 110 -0.60 -76.62 -10.60
N GLY C 111 0.46 -76.24 -9.88
CA GLY C 111 1.79 -76.32 -10.47
C GLY C 111 2.53 -75.04 -10.84
N ALA C 112 1.89 -73.89 -10.69
CA ALA C 112 2.55 -72.63 -11.04
C ALA C 112 3.58 -72.27 -9.96
N ASP C 113 4.71 -71.69 -10.37
CA ASP C 113 5.73 -71.33 -9.39
C ASP C 113 6.45 -70.02 -9.67
N THR C 114 6.08 -69.35 -10.76
CA THR C 114 6.68 -68.06 -11.12
C THR C 114 5.56 -67.15 -11.56
N PHE C 115 5.42 -66.02 -10.87
CA PHE C 115 4.33 -65.10 -11.14
C PHE C 115 4.77 -63.67 -11.38
N ILE C 116 4.07 -62.99 -12.30
CA ILE C 116 4.36 -61.60 -12.58
C ILE C 116 3.04 -60.84 -12.70
N ARG C 117 2.80 -59.92 -11.77
CA ARG C 117 1.58 -59.13 -11.83
C ARG C 117 1.83 -58.00 -12.81
N VAL C 118 0.82 -57.69 -13.63
CA VAL C 118 0.90 -56.61 -14.59
C VAL C 118 -0.34 -55.76 -14.36
N GLY C 119 -0.15 -54.55 -13.86
CA GLY C 119 -1.31 -53.72 -13.59
C GLY C 119 -1.15 -52.26 -13.95
N THR C 120 -1.94 -51.44 -13.27
CA THR C 120 -1.91 -50.00 -13.46
C THR C 120 -1.56 -49.42 -12.09
N CYS C 121 -1.03 -48.21 -12.07
CA CYS C 121 -0.64 -47.61 -10.82
C CYS C 121 -0.68 -46.09 -10.93
N GLY C 122 -0.76 -45.43 -9.78
CA GLY C 122 -0.77 -43.98 -9.76
C GLY C 122 0.59 -43.53 -9.25
N GLY C 123 1.24 -42.63 -9.97
CA GLY C 123 2.55 -42.18 -9.54
C GLY C 123 2.57 -41.33 -8.28
N ILE C 124 3.68 -41.42 -7.54
CA ILE C 124 3.88 -40.64 -6.31
C ILE C 124 5.14 -39.82 -6.53
N GLU C 125 6.28 -40.50 -6.67
CA GLU C 125 7.56 -39.84 -6.95
C GLU C 125 7.32 -38.88 -8.12
N LEU C 126 7.83 -37.66 -8.02
CA LEU C 126 7.61 -36.68 -9.09
C LEU C 126 8.18 -37.05 -10.46
N ASP C 127 9.16 -37.94 -10.50
CA ASP C 127 9.74 -38.36 -11.78
C ASP C 127 8.90 -39.44 -12.46
N VAL C 128 7.97 -40.03 -11.72
CA VAL C 128 7.12 -41.09 -12.27
C VAL C 128 5.92 -40.50 -13.01
N LYS C 129 6.01 -40.45 -14.33
CA LYS C 129 4.95 -39.87 -15.16
C LYS C 129 4.05 -40.87 -15.89
N GLY C 130 2.86 -40.41 -16.26
CA GLY C 130 1.93 -41.25 -16.99
C GLY C 130 2.62 -41.76 -18.24
N GLY C 131 2.45 -43.05 -18.51
CA GLY C 131 3.10 -43.63 -19.67
C GLY C 131 4.32 -44.44 -19.29
N ASP C 132 4.99 -44.05 -18.21
CA ASP C 132 6.17 -44.78 -17.76
C ASP C 132 5.76 -46.12 -17.19
N ILE C 133 6.75 -46.97 -16.94
CA ILE C 133 6.52 -48.28 -16.35
C ILE C 133 7.19 -48.31 -14.99
N VAL C 134 6.52 -48.90 -14.02
CA VAL C 134 7.08 -49.02 -12.67
C VAL C 134 7.29 -50.51 -12.40
N ILE C 135 8.44 -50.85 -11.83
CA ILE C 135 8.73 -52.24 -11.49
C ILE C 135 8.87 -52.24 -9.99
N ALA C 136 8.06 -53.04 -9.31
CA ALA C 136 8.08 -53.07 -7.86
C ALA C 136 9.18 -53.96 -7.27
N THR C 137 10.03 -53.36 -6.45
CA THR C 137 11.11 -54.10 -5.79
C THR C 137 10.58 -54.56 -4.44
N GLY C 138 9.54 -53.89 -3.97
CA GLY C 138 8.92 -54.19 -2.69
C GLY C 138 7.60 -53.45 -2.61
N ALA C 139 6.83 -53.68 -1.56
CA ALA C 139 5.54 -53.02 -1.42
C ALA C 139 5.24 -52.66 0.02
N ILE C 140 4.50 -51.57 0.19
CA ILE C 140 4.08 -51.10 1.50
C ILE C 140 2.85 -51.88 1.88
N ARG C 141 2.93 -52.60 2.99
CA ARG C 141 1.84 -53.46 3.45
C ARG C 141 0.73 -52.73 4.20
N MET C 142 0.11 -51.74 3.58
CA MET C 142 -0.99 -51.01 4.21
C MET C 142 -2.29 -51.65 3.74
N GLU C 143 -2.40 -52.95 4.01
CA GLU C 143 -3.56 -53.73 3.62
C GLU C 143 -3.66 -54.91 4.59
N GLY C 144 -4.81 -55.56 4.64
CA GLY C 144 -4.98 -56.65 5.58
C GLY C 144 -4.65 -58.07 5.16
N THR C 145 -4.68 -58.37 3.86
CA THR C 145 -4.41 -59.73 3.42
C THR C 145 -3.04 -60.25 3.87
N SER C 146 -1.99 -59.47 3.64
CA SER C 146 -0.65 -59.90 4.02
C SER C 146 -0.54 -60.17 5.52
N LYS C 147 -1.32 -59.44 6.31
CA LYS C 147 -1.29 -59.61 7.77
C LYS C 147 -1.88 -60.94 8.22
N GLU C 148 -2.56 -61.63 7.32
CA GLU C 148 -3.14 -62.94 7.65
C GLU C 148 -2.20 -64.04 7.15
N TYR C 149 -1.08 -63.62 6.59
CA TYR C 149 -0.05 -64.54 6.10
C TYR C 149 1.20 -64.37 6.96
N ALA C 150 1.62 -63.13 7.19
CA ALA C 150 2.83 -62.89 7.97
C ALA C 150 2.76 -61.70 8.92
N PRO C 151 3.58 -61.74 9.98
CA PRO C 151 3.60 -60.64 10.94
C PRO C 151 3.95 -59.39 10.13
N ILE C 152 3.37 -58.24 10.47
CA ILE C 152 3.60 -57.02 9.71
C ILE C 152 5.07 -56.60 9.52
N GLU C 153 5.96 -57.04 10.41
CA GLU C 153 7.38 -56.68 10.31
C GLU C 153 8.08 -57.29 9.09
N PHE C 154 7.53 -58.38 8.58
CA PHE C 154 8.13 -59.04 7.43
C PHE C 154 8.00 -58.17 6.18
N PRO C 155 9.09 -58.00 5.42
CA PRO C 155 9.00 -57.16 4.22
C PRO C 155 8.30 -57.81 3.03
N ALA C 156 7.49 -57.02 2.33
CA ALA C 156 6.83 -57.50 1.11
C ALA C 156 7.89 -57.17 0.06
N VAL C 157 8.69 -58.15 -0.32
CA VAL C 157 9.77 -57.92 -1.28
C VAL C 157 9.68 -58.86 -2.49
N ALA C 158 9.89 -58.29 -3.67
CA ALA C 158 9.82 -59.05 -4.92
C ALA C 158 11.02 -59.98 -5.09
N ASP C 159 10.82 -61.07 -5.83
CA ASP C 159 11.91 -62.00 -6.09
C ASP C 159 12.98 -61.27 -6.90
N LEU C 160 14.24 -61.50 -6.55
CA LEU C 160 15.37 -60.85 -7.22
C LEU C 160 15.46 -61.18 -8.72
N GLU C 161 15.32 -62.46 -9.04
CA GLU C 161 15.41 -62.88 -10.45
C GLU C 161 14.32 -62.27 -11.32
N VAL C 162 13.09 -62.25 -10.81
CA VAL C 162 11.99 -61.67 -11.57
C VAL C 162 12.19 -60.17 -11.75
N THR C 163 12.59 -59.51 -10.67
CA THR C 163 12.81 -58.06 -10.73
C THR C 163 13.88 -57.72 -11.76
N ASN C 164 15.01 -58.43 -11.72
CA ASN C 164 16.08 -58.16 -12.68
C ASN C 164 15.60 -58.44 -14.11
N ALA C 165 14.83 -59.50 -14.28
CA ALA C 165 14.31 -59.84 -15.61
C ALA C 165 13.42 -58.72 -16.13
N LEU C 166 12.62 -58.13 -15.25
CA LEU C 166 11.72 -57.04 -15.63
C LEU C 166 12.51 -55.78 -15.99
N VAL C 167 13.48 -55.44 -15.14
CA VAL C 167 14.31 -54.26 -15.38
C VAL C 167 15.07 -54.38 -16.72
N ASN C 168 15.67 -55.54 -16.95
CA ASN C 168 16.41 -55.73 -18.20
C ASN C 168 15.50 -55.72 -19.43
N ALA C 169 14.27 -56.20 -19.27
CA ALA C 169 13.32 -56.23 -20.38
C ALA C 169 12.88 -54.83 -20.76
N ALA C 170 12.63 -54.00 -19.75
CA ALA C 170 12.20 -52.63 -20.03
C ALA C 170 13.33 -51.88 -20.74
N LYS C 171 14.57 -52.15 -20.36
CA LYS C 171 15.71 -51.50 -20.99
C LYS C 171 15.85 -51.95 -22.44
N LYS C 172 15.72 -53.25 -22.66
CA LYS C 172 15.83 -53.81 -24.01
C LYS C 172 14.75 -53.23 -24.92
N LEU C 173 13.54 -53.10 -24.39
CA LEU C 173 12.42 -52.58 -25.16
C LEU C 173 12.39 -51.06 -25.26
N GLY C 174 13.30 -50.40 -24.57
CA GLY C 174 13.39 -48.95 -24.62
C GLY C 174 12.32 -48.15 -23.91
N TYR C 175 11.66 -48.75 -22.92
CA TYR C 175 10.62 -48.05 -22.18
C TYR C 175 11.17 -47.44 -20.91
N THR C 176 10.77 -46.20 -20.62
CA THR C 176 11.24 -45.52 -19.42
C THR C 176 10.61 -46.24 -18.23
N SER C 177 11.43 -46.68 -17.30
CA SER C 177 10.93 -47.39 -16.13
C SER C 177 11.53 -46.90 -14.82
N HIS C 178 10.86 -47.24 -13.74
CA HIS C 178 11.27 -46.85 -12.40
C HIS C 178 11.16 -48.07 -11.50
N ALA C 179 12.30 -48.53 -10.97
CA ALA C 179 12.32 -49.69 -10.10
C ALA C 179 12.38 -49.24 -8.64
N GLY C 180 11.32 -49.51 -7.90
CA GLY C 180 11.29 -49.11 -6.50
C GLY C 180 10.10 -49.64 -5.75
N VAL C 181 9.88 -49.10 -4.56
CA VAL C 181 8.76 -49.53 -3.71
C VAL C 181 7.43 -48.92 -4.16
N VAL C 182 6.37 -49.71 -4.08
CA VAL C 182 5.03 -49.23 -4.42
C VAL C 182 4.15 -49.32 -3.18
N GLN C 183 3.23 -48.38 -3.04
CA GLN C 183 2.34 -48.42 -1.91
C GLN C 183 1.15 -49.30 -2.27
N CYS C 184 0.75 -50.16 -1.34
CA CYS C 184 -0.42 -50.98 -1.56
C CYS C 184 -1.43 -50.48 -0.54
N LYS C 185 -2.72 -50.73 -0.81
CA LYS C 185 -3.78 -50.25 0.06
C LYS C 185 -5.00 -51.11 -0.19
N ASP C 186 -5.97 -51.05 0.71
CA ASP C 186 -7.21 -51.81 0.54
C ASP C 186 -8.35 -50.92 0.07
N ALA C 187 -8.22 -49.61 0.31
CA ALA C 187 -9.27 -48.68 -0.08
C ALA C 187 -8.85 -47.73 -1.20
N PHE C 188 -9.30 -48.03 -2.42
CA PHE C 188 -8.97 -47.19 -3.56
C PHE C 188 -9.38 -45.74 -3.32
N TYR C 189 -10.57 -45.55 -2.76
CA TYR C 189 -11.05 -44.20 -2.49
C TYR C 189 -10.36 -43.50 -1.34
N GLY C 190 -9.46 -44.21 -0.66
CA GLY C 190 -8.72 -43.60 0.41
C GLY C 190 -7.49 -42.92 -0.18
N GLN C 191 -7.12 -43.34 -1.39
CA GLN C 191 -5.96 -42.79 -2.09
C GLN C 191 -6.30 -41.46 -2.74
N HIS C 192 -7.48 -41.40 -3.34
CA HIS C 192 -7.92 -40.20 -4.05
C HIS C 192 -8.84 -39.26 -3.27
N GLU C 193 -9.47 -39.75 -2.22
CA GLU C 193 -10.38 -38.93 -1.41
C GLU C 193 -10.07 -39.09 0.08
N PRO C 194 -8.77 -39.03 0.46
CA PRO C 194 -8.45 -39.20 1.87
C PRO C 194 -9.04 -38.16 2.81
N GLU C 195 -9.11 -36.92 2.36
CA GLU C 195 -9.62 -35.84 3.22
C GLU C 195 -11.06 -36.05 3.68
N ARG C 196 -11.81 -36.83 2.92
CA ARG C 196 -13.23 -37.10 3.23
C ARG C 196 -13.41 -38.24 4.24
N MET C 197 -12.43 -39.13 4.34
CA MET C 197 -12.52 -40.28 5.23
C MET C 197 -12.53 -39.99 6.72
N PRO C 198 -13.24 -40.83 7.48
CA PRO C 198 -13.29 -40.61 8.94
C PRO C 198 -11.85 -40.69 9.46
N VAL C 199 -11.02 -41.52 8.83
CA VAL C 199 -9.62 -41.66 9.25
C VAL C 199 -8.67 -40.86 8.36
N SER C 200 -9.16 -39.76 7.81
CA SER C 200 -8.37 -38.89 6.95
C SER C 200 -7.00 -38.55 7.55
N TYR C 201 -6.96 -38.27 8.85
CA TYR C 201 -5.71 -37.92 9.50
C TYR C 201 -4.64 -39.00 9.33
N GLU C 202 -5.05 -40.26 9.46
CA GLU C 202 -4.12 -41.38 9.32
C GLU C 202 -3.68 -41.55 7.87
N LEU C 203 -4.64 -41.53 6.94
CA LEU C 203 -4.30 -41.70 5.53
C LEU C 203 -3.39 -40.59 5.04
N LEU C 204 -3.70 -39.35 5.43
CA LEU C 204 -2.90 -38.20 5.01
C LEU C 204 -1.49 -38.24 5.58
N ASN C 205 -1.37 -38.59 6.86
CA ASN C 205 -0.06 -38.65 7.50
C ASN C 205 0.79 -39.75 6.85
N LYS C 206 0.22 -40.93 6.69
CA LYS C 206 0.99 -42.01 6.07
C LYS C 206 1.36 -41.67 4.63
N TRP C 207 0.49 -40.97 3.93
CA TRP C 207 0.79 -40.61 2.55
C TRP C 207 2.03 -39.74 2.51
N GLU C 208 2.14 -38.79 3.44
CA GLU C 208 3.33 -37.94 3.47
C GLU C 208 4.55 -38.81 3.77
N ALA C 209 4.39 -39.83 4.60
CA ALA C 209 5.51 -40.71 4.93
C ALA C 209 5.96 -41.44 3.66
N TRP C 210 5.00 -41.97 2.89
CA TRP C 210 5.36 -42.69 1.67
C TRP C 210 6.16 -41.79 0.74
N LYS C 211 5.76 -40.52 0.64
CA LYS C 211 6.47 -39.57 -0.21
C LYS C 211 7.89 -39.31 0.25
N ARG C 212 8.10 -39.31 1.56
CA ARG C 212 9.43 -39.06 2.12
C ARG C 212 10.32 -40.30 2.14
N LEU C 213 9.78 -41.43 1.69
CA LEU C 213 10.54 -42.68 1.65
C LEU C 213 10.90 -43.12 0.23
N GLY C 214 10.68 -42.22 -0.73
CA GLY C 214 11.00 -42.50 -2.13
C GLY C 214 10.05 -43.43 -2.87
N THR C 215 8.87 -43.65 -2.31
CA THR C 215 7.86 -44.51 -2.92
C THR C 215 7.56 -44.07 -4.35
N LYS C 216 7.59 -45.02 -5.29
CA LYS C 216 7.36 -44.71 -6.71
C LYS C 216 5.91 -44.48 -7.11
N ALA C 217 5.02 -45.36 -6.68
CA ALA C 217 3.63 -45.27 -7.07
C ALA C 217 2.71 -46.03 -6.13
N SER C 218 1.41 -45.94 -6.40
CA SER C 218 0.39 -46.59 -5.59
C SER C 218 -0.48 -47.57 -6.39
N GLU C 219 -0.68 -48.75 -5.83
CA GLU C 219 -1.51 -49.76 -6.46
C GLU C 219 -2.19 -50.59 -5.37
N MET C 220 -2.54 -51.83 -5.63
CA MET C 220 -3.27 -52.58 -4.59
C MET C 220 -2.97 -54.05 -4.31
N GLU C 221 -2.34 -54.77 -5.23
CA GLU C 221 -2.13 -56.20 -5.03
C GLU C 221 -0.74 -56.77 -4.75
N SER C 222 0.32 -56.03 -5.00
CA SER C 222 1.66 -56.58 -4.79
C SER C 222 2.04 -56.99 -3.38
N ALA C 223 1.58 -56.24 -2.37
CA ALA C 223 1.93 -56.60 -0.99
C ALA C 223 1.44 -58.00 -0.65
N ALA C 224 0.18 -58.28 -0.97
CA ALA C 224 -0.41 -59.59 -0.71
C ALA C 224 0.32 -60.68 -1.52
N LEU C 225 0.56 -60.40 -2.79
CA LEU C 225 1.26 -61.37 -3.65
C LEU C 225 2.70 -61.66 -3.23
N PHE C 226 3.45 -60.63 -2.87
CA PHE C 226 4.84 -60.84 -2.46
C PHE C 226 4.95 -61.63 -1.16
N VAL C 227 4.11 -61.30 -0.18
CA VAL C 227 4.15 -61.99 1.10
C VAL C 227 3.65 -63.44 0.98
N ALA C 228 2.60 -63.65 0.19
CA ALA C 228 2.10 -65.01 0.02
C ALA C 228 3.16 -65.84 -0.70
N ALA C 229 3.84 -65.23 -1.67
CA ALA C 229 4.88 -65.92 -2.42
C ALA C 229 6.02 -66.35 -1.50
N SER C 230 6.38 -65.50 -0.55
CA SER C 230 7.45 -65.83 0.39
C SER C 230 7.07 -67.07 1.19
N HIS C 231 5.80 -67.13 1.59
CA HIS C 231 5.31 -68.26 2.36
C HIS C 231 5.17 -69.53 1.50
N LEU C 232 4.65 -69.36 0.28
CA LEU C 232 4.45 -70.50 -0.61
C LEU C 232 5.74 -70.98 -1.29
N GLY C 233 6.80 -70.18 -1.16
CA GLY C 233 8.07 -70.57 -1.76
C GLY C 233 8.12 -70.44 -3.27
N VAL C 234 7.38 -69.48 -3.81
CA VAL C 234 7.35 -69.26 -5.25
C VAL C 234 7.94 -67.89 -5.56
N ARG C 235 8.26 -67.64 -6.83
CA ARG C 235 8.85 -66.37 -7.24
C ARG C 235 7.78 -65.43 -7.78
N CYS C 236 7.79 -64.19 -7.30
CA CYS C 236 6.80 -63.21 -7.75
C CYS C 236 7.39 -61.81 -7.93
N GLY C 237 6.98 -61.14 -9.00
CA GLY C 237 7.43 -59.80 -9.28
C GLY C 237 6.26 -59.01 -9.85
N SER C 238 6.43 -57.72 -10.10
CA SER C 238 5.34 -56.91 -10.64
C SER C 238 5.80 -55.70 -11.44
N ASP C 239 5.06 -55.35 -12.48
CA ASP C 239 5.37 -54.15 -13.25
C ASP C 239 4.02 -53.49 -13.52
N PHE C 240 4.03 -52.17 -13.71
CA PHE C 240 2.77 -51.45 -13.91
C PHE C 240 2.87 -50.30 -14.88
N LEU C 241 1.74 -49.95 -15.46
CA LEU C 241 1.62 -48.83 -16.37
C LEU C 241 1.25 -47.66 -15.46
N VAL C 242 1.98 -46.55 -15.54
CA VAL C 242 1.64 -45.39 -14.73
C VAL C 242 0.52 -44.67 -15.47
N VAL C 243 -0.65 -44.53 -14.86
CA VAL C 243 -1.78 -43.87 -15.52
C VAL C 243 -1.79 -42.36 -15.32
N GLY C 244 -1.07 -41.90 -14.31
CA GLY C 244 -1.01 -40.47 -14.00
C GLY C 244 -0.27 -40.25 -12.71
N ASN C 245 -0.10 -39.00 -12.29
CA ASN C 245 0.59 -38.69 -11.05
C ASN C 245 -0.12 -37.56 -10.33
N GLN C 246 -0.83 -37.92 -9.27
CA GLN C 246 -1.60 -36.95 -8.49
C GLN C 246 -0.72 -35.86 -7.87
N GLU C 247 0.50 -36.22 -7.50
CA GLU C 247 1.38 -35.25 -6.86
C GLU C 247 1.87 -34.22 -7.88
N ARG C 248 2.11 -34.66 -9.10
CA ARG C 248 2.53 -33.73 -10.15
C ARG C 248 1.36 -32.82 -10.45
N ASN C 249 0.15 -33.38 -10.46
CA ASN C 249 -1.05 -32.60 -10.73
C ASN C 249 -1.26 -31.54 -9.65
N ALA C 250 -1.03 -31.90 -8.39
CA ALA C 250 -1.22 -30.97 -7.28
C ALA C 250 -0.27 -29.77 -7.38
N LEU C 251 0.92 -30.00 -7.93
CA LEU C 251 1.90 -28.93 -8.07
C LEU C 251 1.75 -28.15 -9.36
N GLY C 252 0.83 -28.57 -10.22
CA GLY C 252 0.62 -27.89 -11.47
C GLY C 252 1.60 -28.28 -12.56
N MET C 253 2.31 -29.40 -12.35
CA MET C 253 3.28 -29.88 -13.32
C MET C 253 2.56 -30.68 -14.40
N ASP C 254 3.19 -30.82 -15.56
CA ASP C 254 2.59 -31.58 -16.65
C ASP C 254 2.24 -32.96 -16.14
N ASN C 255 1.01 -33.39 -16.36
CA ASN C 255 0.55 -34.69 -15.89
C ASN C 255 -0.18 -35.50 -16.97
N PRO C 256 0.56 -35.98 -17.97
CA PRO C 256 -0.03 -36.78 -19.06
C PRO C 256 -0.65 -38.07 -18.53
N MET C 257 -1.86 -38.38 -19.01
CA MET C 257 -2.56 -39.59 -18.60
C MET C 257 -2.33 -40.73 -19.58
N ALA C 258 -2.46 -41.97 -19.12
CA ALA C 258 -2.26 -43.14 -19.96
C ALA C 258 -3.24 -44.25 -19.58
N HIS C 259 -3.52 -45.16 -20.52
CA HIS C 259 -4.44 -46.25 -20.26
C HIS C 259 -4.04 -47.57 -20.92
N ASP C 260 -3.24 -47.50 -21.98
CA ASP C 260 -2.83 -48.71 -22.68
C ASP C 260 -1.70 -49.46 -21.97
N THR C 261 -2.01 -50.66 -21.51
CA THR C 261 -1.03 -51.49 -20.80
C THR C 261 -0.14 -52.32 -21.69
N GLU C 262 -0.22 -52.11 -23.00
CA GLU C 262 0.59 -52.87 -23.95
C GLU C 262 2.08 -52.88 -23.58
N ALA C 263 2.63 -51.71 -23.24
CA ALA C 263 4.03 -51.61 -22.88
C ALA C 263 4.36 -52.46 -21.65
N ALA C 264 3.56 -52.34 -20.60
CA ALA C 264 3.78 -53.10 -19.37
C ALA C 264 3.69 -54.60 -19.67
N ILE C 265 2.75 -54.98 -20.54
CA ILE C 265 2.56 -56.37 -20.92
C ILE C 265 3.79 -56.88 -21.67
N GLN C 266 4.30 -56.08 -22.59
CA GLN C 266 5.48 -56.47 -23.36
C GLN C 266 6.68 -56.72 -22.46
N VAL C 267 6.84 -55.87 -21.45
CA VAL C 267 7.95 -56.02 -20.51
C VAL C 267 7.81 -57.32 -19.74
N ALA C 268 6.59 -57.63 -19.32
CA ALA C 268 6.32 -58.85 -18.57
C ALA C 268 6.56 -60.10 -19.39
N VAL C 269 6.11 -60.09 -20.64
CA VAL C 269 6.29 -61.24 -21.51
C VAL C 269 7.78 -61.49 -21.82
N GLU C 270 8.52 -60.40 -22.05
CA GLU C 270 9.95 -60.53 -22.32
C GLU C 270 10.67 -61.07 -21.09
N ALA C 271 10.26 -60.62 -19.90
CA ALA C 271 10.87 -61.09 -18.66
C ALA C 271 10.61 -62.60 -18.53
N LEU C 272 9.41 -63.03 -18.89
CA LEU C 272 9.09 -64.45 -18.81
C LEU C 272 10.02 -65.25 -19.72
N ARG C 273 10.29 -64.73 -20.92
CA ARG C 273 11.18 -65.43 -21.84
C ARG C 273 12.55 -65.60 -21.20
N THR C 274 13.02 -64.57 -20.51
CA THR C 274 14.31 -64.62 -19.84
C THR C 274 14.32 -65.66 -18.72
N LEU C 275 13.26 -65.64 -17.91
CA LEU C 275 13.16 -66.59 -16.80
C LEU C 275 13.05 -68.02 -17.31
N ILE C 276 12.27 -68.22 -18.36
CA ILE C 276 12.11 -69.55 -18.94
C ILE C 276 13.45 -70.11 -19.42
N GLU C 277 14.22 -69.30 -20.12
CA GLU C 277 15.51 -69.75 -20.61
C GLU C 277 16.52 -69.98 -19.50
N ASN C 278 16.55 -69.08 -18.51
CA ASN C 278 17.48 -69.24 -17.39
C ASN C 278 17.18 -70.47 -16.54
N ASP C 279 15.91 -70.83 -16.43
CA ASP C 279 15.53 -71.99 -15.63
C ASP C 279 16.00 -73.32 -16.22
N LYS C 280 16.31 -73.32 -17.50
CA LYS C 280 16.77 -74.53 -18.18
C LYS C 280 18.18 -74.93 -17.75
N VAL D 31 -21.88 -35.56 -11.36
CA VAL D 31 -21.31 -36.94 -11.39
C VAL D 31 -21.42 -37.54 -12.79
N GLY D 32 -20.35 -38.20 -13.23
CA GLY D 32 -20.36 -38.80 -14.55
C GLY D 32 -20.17 -40.30 -14.53
N LEU D 33 -19.52 -40.82 -15.56
CA LEU D 33 -19.26 -42.25 -15.71
C LEU D 33 -18.25 -42.76 -14.68
N GLN D 34 -18.64 -43.78 -13.92
CA GLN D 34 -17.78 -44.35 -12.90
C GLN D 34 -16.69 -45.24 -13.47
N TYR D 35 -15.44 -44.94 -13.12
CA TYR D 35 -14.28 -45.68 -13.63
C TYR D 35 -14.34 -47.20 -13.53
N HIS D 36 -14.61 -47.74 -12.34
CA HIS D 36 -14.65 -49.19 -12.17
C HIS D 36 -15.91 -49.91 -12.61
N LEU D 37 -17.08 -49.38 -12.24
CA LEU D 37 -18.35 -50.03 -12.58
C LEU D 37 -18.88 -49.63 -13.97
N GLN D 38 -18.41 -48.51 -14.49
CA GLN D 38 -18.85 -48.04 -15.80
C GLN D 38 -20.36 -47.77 -15.83
N ILE D 39 -20.84 -47.12 -14.77
CA ILE D 39 -22.24 -46.75 -14.66
C ILE D 39 -22.28 -45.24 -14.43
N ARG D 40 -23.43 -44.64 -14.69
CA ARG D 40 -23.58 -43.20 -14.48
C ARG D 40 -24.95 -42.95 -13.84
N PRO D 41 -25.14 -41.76 -13.25
CA PRO D 41 -26.42 -41.46 -12.60
C PRO D 41 -27.59 -41.81 -13.52
N GLY D 42 -28.56 -42.54 -12.97
CA GLY D 42 -29.72 -42.93 -13.74
C GLY D 42 -29.68 -44.39 -14.16
N ASP D 43 -28.49 -44.99 -14.15
CA ASP D 43 -28.33 -46.38 -14.54
C ASP D 43 -28.82 -47.38 -13.49
N VAL D 44 -28.71 -47.01 -12.22
CA VAL D 44 -29.11 -47.91 -11.15
C VAL D 44 -30.21 -47.37 -10.24
N GLY D 45 -30.89 -48.26 -9.55
CA GLY D 45 -31.95 -47.86 -8.64
C GLY D 45 -31.39 -47.43 -7.29
N ARG D 46 -32.28 -47.03 -6.38
CA ARG D 46 -31.85 -46.62 -5.06
C ARG D 46 -31.56 -47.86 -4.23
N TYR D 47 -32.12 -48.98 -4.66
CA TYR D 47 -31.98 -50.26 -3.97
C TYR D 47 -31.12 -51.20 -4.80
N VAL D 48 -30.09 -51.76 -4.18
CA VAL D 48 -29.17 -52.65 -4.89
C VAL D 48 -28.81 -53.91 -4.11
N ILE D 49 -28.90 -55.06 -4.76
CA ILE D 49 -28.52 -56.32 -4.15
C ILE D 49 -27.07 -56.54 -4.64
N MET D 50 -26.20 -57.01 -3.76
CA MET D 50 -24.80 -57.19 -4.14
C MET D 50 -24.17 -58.56 -3.87
N PRO D 51 -24.12 -59.42 -4.88
CA PRO D 51 -23.52 -60.74 -4.70
C PRO D 51 -22.01 -60.59 -4.91
N GLY D 52 -21.23 -61.56 -4.47
CA GLY D 52 -19.79 -61.46 -4.66
C GLY D 52 -19.39 -61.92 -6.05
N ASP D 53 -20.07 -62.96 -6.54
CA ASP D 53 -19.79 -63.55 -7.85
C ASP D 53 -20.55 -62.88 -9.00
N PRO D 54 -19.84 -62.32 -9.98
CA PRO D 54 -20.49 -61.66 -11.11
C PRO D 54 -21.46 -62.59 -11.87
N LYS D 55 -21.20 -63.89 -11.81
CA LYS D 55 -22.06 -64.85 -12.49
C LYS D 55 -23.42 -65.00 -11.80
N ARG D 56 -23.50 -64.54 -10.55
CA ARG D 56 -24.75 -64.65 -9.80
C ARG D 56 -25.72 -63.49 -10.10
N CYS D 57 -25.23 -62.44 -10.73
CA CYS D 57 -26.08 -61.29 -11.03
C CYS D 57 -27.24 -61.60 -11.95
N ALA D 58 -26.98 -62.40 -12.98
CA ALA D 58 -28.04 -62.78 -13.91
C ALA D 58 -29.12 -63.55 -13.17
N LYS D 59 -28.70 -64.47 -12.30
CA LYS D 59 -29.63 -65.30 -11.54
C LYS D 59 -30.52 -64.45 -10.63
N ILE D 60 -29.95 -63.42 -10.03
CA ILE D 60 -30.70 -62.54 -9.16
C ILE D 60 -31.61 -61.65 -10.01
N ALA D 61 -31.10 -61.17 -11.13
CA ALA D 61 -31.87 -60.29 -12.00
C ALA D 61 -33.18 -60.91 -12.47
N GLU D 62 -33.24 -62.24 -12.50
CA GLU D 62 -34.46 -62.91 -12.94
C GLU D 62 -35.60 -62.71 -11.95
N HIS D 63 -35.26 -62.29 -10.74
CA HIS D 63 -36.27 -62.05 -9.71
C HIS D 63 -36.88 -60.67 -9.86
N PHE D 64 -36.25 -59.82 -10.68
CA PHE D 64 -36.75 -58.48 -10.92
C PHE D 64 -37.64 -58.52 -12.15
N ASP D 65 -38.39 -57.44 -12.38
CA ASP D 65 -39.23 -57.37 -13.57
C ASP D 65 -38.44 -56.65 -14.65
N ASN D 66 -38.40 -57.24 -15.85
CA ASN D 66 -37.72 -56.63 -16.98
C ASN D 66 -36.29 -56.15 -16.75
N ALA D 67 -35.48 -56.94 -16.08
CA ALA D 67 -34.11 -56.56 -15.83
C ALA D 67 -33.30 -56.60 -17.11
N VAL D 68 -32.40 -55.63 -17.28
CA VAL D 68 -31.53 -55.58 -18.44
C VAL D 68 -30.11 -55.34 -17.97
N LEU D 69 -29.14 -55.80 -18.76
CA LEU D 69 -27.74 -55.62 -18.42
C LEU D 69 -27.38 -54.15 -18.62
N VAL D 70 -26.75 -53.56 -17.61
CA VAL D 70 -26.35 -52.16 -17.65
C VAL D 70 -24.86 -52.03 -17.96
N ALA D 71 -24.04 -52.81 -17.26
CA ALA D 71 -22.61 -52.74 -17.48
C ALA D 71 -21.91 -54.04 -17.08
N ASP D 72 -20.75 -54.28 -17.67
CA ASP D 72 -19.95 -55.46 -17.38
C ASP D 72 -18.51 -54.96 -17.48
N SER D 73 -18.01 -54.47 -16.35
CA SER D 73 -16.66 -53.91 -16.27
C SER D 73 -15.88 -54.62 -15.18
N ARG D 74 -14.68 -55.09 -15.52
CA ARG D 74 -13.86 -55.79 -14.53
C ARG D 74 -14.71 -56.90 -13.87
N GLU D 75 -14.73 -56.96 -12.55
CA GLU D 75 -15.53 -57.98 -11.86
C GLU D 75 -16.92 -57.46 -11.50
N TYR D 76 -17.26 -56.32 -12.09
CA TYR D 76 -18.53 -55.67 -11.80
C TYR D 76 -19.58 -55.79 -12.88
N VAL D 77 -20.55 -56.67 -12.65
CA VAL D 77 -21.65 -56.87 -13.59
C VAL D 77 -22.88 -56.24 -12.94
N THR D 78 -23.57 -55.38 -13.70
CA THR D 78 -24.75 -54.69 -13.19
C THR D 78 -25.99 -54.85 -14.06
N TYR D 79 -27.09 -55.21 -13.42
CA TYR D 79 -28.40 -55.36 -14.08
C TYR D 79 -29.37 -54.45 -13.35
N THR D 80 -30.29 -53.85 -14.09
CA THR D 80 -31.29 -52.97 -13.48
C THR D 80 -32.66 -53.32 -14.03
N GLY D 81 -33.63 -53.46 -13.14
CA GLY D 81 -35.00 -53.76 -13.52
C GLY D 81 -35.91 -53.06 -12.53
N THR D 82 -37.08 -53.61 -12.26
CA THR D 82 -37.98 -53.01 -11.29
C THR D 82 -38.60 -54.03 -10.36
N LEU D 83 -39.01 -53.56 -9.19
CA LEU D 83 -39.64 -54.41 -8.19
C LEU D 83 -40.75 -53.54 -7.63
N ASN D 84 -42.00 -53.99 -7.77
CA ASN D 84 -43.14 -53.21 -7.28
C ASN D 84 -43.15 -51.84 -7.96
N GLY D 85 -42.60 -51.78 -9.16
CA GLY D 85 -42.56 -50.52 -9.91
C GLY D 85 -41.42 -49.59 -9.58
N GLU D 86 -40.58 -49.96 -8.62
CA GLU D 86 -39.44 -49.13 -8.24
C GLU D 86 -38.18 -49.67 -8.92
N LYS D 87 -37.33 -48.78 -9.40
CA LYS D 87 -36.11 -49.22 -10.07
C LYS D 87 -35.20 -49.89 -9.03
N VAL D 88 -34.68 -51.05 -9.38
CA VAL D 88 -33.78 -51.81 -8.51
C VAL D 88 -32.64 -52.37 -9.35
N SER D 89 -31.52 -52.66 -8.70
CA SER D 89 -30.36 -53.18 -9.42
C SER D 89 -29.64 -54.27 -8.65
N VAL D 90 -28.75 -54.96 -9.34
CA VAL D 90 -27.92 -55.99 -8.74
C VAL D 90 -26.54 -55.77 -9.37
N THR D 91 -25.53 -55.68 -8.51
CA THR D 91 -24.16 -55.44 -8.95
C THR D 91 -23.20 -56.32 -8.15
N SER D 92 -22.33 -57.05 -8.84
CA SER D 92 -21.39 -57.92 -8.16
C SER D 92 -20.25 -57.10 -7.56
N THR D 93 -19.66 -57.61 -6.49
CA THR D 93 -18.57 -56.90 -5.82
C THR D 93 -17.23 -57.59 -5.99
N GLY D 94 -17.25 -58.84 -6.43
CA GLY D 94 -16.02 -59.57 -6.55
C GLY D 94 -15.69 -60.01 -5.12
N ILE D 95 -14.59 -60.73 -4.94
CA ILE D 95 -14.20 -61.19 -3.61
C ILE D 95 -13.36 -60.17 -2.84
N GLY D 96 -13.76 -59.85 -1.62
CA GLY D 96 -12.97 -58.93 -0.81
C GLY D 96 -13.45 -57.51 -0.59
N GLY D 97 -13.12 -56.99 0.59
CA GLY D 97 -13.49 -55.62 0.92
C GLY D 97 -13.00 -54.58 -0.08
N PRO D 98 -11.79 -54.72 -0.64
CA PRO D 98 -11.27 -53.75 -1.60
C PRO D 98 -12.19 -53.54 -2.80
N SER D 99 -12.60 -54.62 -3.44
CA SER D 99 -13.49 -54.49 -4.59
C SER D 99 -14.91 -54.14 -4.19
N ALA D 100 -15.34 -54.63 -3.03
CA ALA D 100 -16.69 -54.35 -2.55
C ALA D 100 -16.87 -52.87 -2.17
N SER D 101 -15.88 -52.27 -1.54
CA SER D 101 -16.00 -50.85 -1.16
C SER D 101 -16.07 -49.99 -2.41
N ILE D 102 -15.31 -50.34 -3.44
CA ILE D 102 -15.35 -49.59 -4.69
C ILE D 102 -16.77 -49.63 -5.26
N ALA D 103 -17.39 -50.81 -5.26
CA ALA D 103 -18.75 -50.92 -5.78
C ALA D 103 -19.72 -50.03 -4.99
N MET D 104 -19.65 -50.07 -3.66
CA MET D 104 -20.56 -49.25 -2.88
C MET D 104 -20.33 -47.76 -3.10
N GLU D 105 -19.07 -47.35 -3.20
CA GLU D 105 -18.73 -45.95 -3.42
C GLU D 105 -19.29 -45.45 -4.74
N GLU D 106 -19.05 -46.20 -5.81
CA GLU D 106 -19.52 -45.78 -7.12
C GLU D 106 -21.04 -45.91 -7.29
N LEU D 107 -21.65 -46.89 -6.63
CA LEU D 107 -23.11 -47.04 -6.70
C LEU D 107 -23.74 -45.86 -5.96
N LYS D 108 -23.14 -45.52 -4.82
CA LYS D 108 -23.63 -44.40 -4.01
C LYS D 108 -23.57 -43.09 -4.79
N LEU D 109 -22.48 -42.87 -5.52
CA LEU D 109 -22.34 -41.65 -6.31
C LEU D 109 -23.39 -41.58 -7.41
N CYS D 110 -23.91 -42.73 -7.82
CA CYS D 110 -24.94 -42.76 -8.85
C CYS D 110 -26.37 -42.76 -8.29
N GLY D 111 -26.48 -42.58 -6.98
CA GLY D 111 -27.81 -42.53 -6.38
C GLY D 111 -28.29 -43.68 -5.52
N ALA D 112 -27.51 -44.75 -5.38
CA ALA D 112 -27.95 -45.89 -4.57
C ALA D 112 -27.82 -45.53 -3.08
N ASP D 113 -28.78 -45.98 -2.27
CA ASP D 113 -28.74 -45.68 -0.84
C ASP D 113 -29.21 -46.80 0.08
N THR D 114 -29.58 -47.94 -0.51
CA THR D 114 -30.03 -49.09 0.27
C THR D 114 -29.41 -50.31 -0.39
N PHE D 115 -28.55 -51.00 0.35
CA PHE D 115 -27.82 -52.15 -0.17
C PHE D 115 -27.99 -53.43 0.63
N ILE D 116 -28.09 -54.56 -0.07
CA ILE D 116 -28.19 -55.84 0.59
C ILE D 116 -27.23 -56.82 -0.06
N ARG D 117 -26.19 -57.21 0.68
CA ARG D 117 -25.25 -58.18 0.14
C ARG D 117 -25.88 -59.57 0.30
N VAL D 118 -25.74 -60.39 -0.73
CA VAL D 118 -26.24 -61.77 -0.73
C VAL D 118 -25.04 -62.62 -1.11
N GLY D 119 -24.54 -63.40 -0.17
CA GLY D 119 -23.38 -64.22 -0.47
C GLY D 119 -23.43 -65.63 0.05
N THR D 120 -22.24 -66.21 0.24
CA THR D 120 -22.10 -67.56 0.75
C THR D 120 -21.21 -67.44 1.98
N CYS D 121 -21.30 -68.41 2.88
CA CYS D 121 -20.48 -68.36 4.08
C CYS D 121 -20.23 -69.75 4.62
N GLY D 122 -19.30 -69.84 5.56
CA GLY D 122 -18.98 -71.10 6.19
C GLY D 122 -19.41 -70.96 7.63
N GLY D 123 -20.14 -71.96 8.13
CA GLY D 123 -20.62 -71.87 9.50
C GLY D 123 -19.58 -72.08 10.57
N ILE D 124 -19.80 -71.45 11.72
CA ILE D 124 -18.91 -71.57 12.88
C ILE D 124 -19.76 -72.18 13.99
N GLU D 125 -20.79 -71.45 14.42
CA GLU D 125 -21.72 -71.94 15.43
C GLU D 125 -22.21 -73.31 14.96
N LEU D 126 -22.15 -74.32 15.81
CA LEU D 126 -22.56 -75.67 15.44
C LEU D 126 -23.99 -75.82 14.90
N ASP D 127 -24.87 -74.89 15.27
CA ASP D 127 -26.26 -74.94 14.81
C ASP D 127 -26.42 -74.41 13.39
N VAL D 128 -25.39 -73.77 12.87
CA VAL D 128 -25.43 -73.20 11.52
C VAL D 128 -24.99 -74.26 10.52
N LYS D 129 -25.96 -74.87 9.85
CA LYS D 129 -25.69 -75.95 8.89
C LYS D 129 -25.81 -75.57 7.42
N GLY D 130 -25.11 -76.32 6.58
CA GLY D 130 -25.16 -76.09 5.15
C GLY D 130 -26.60 -76.10 4.70
N GLY D 131 -27.00 -75.06 3.96
CA GLY D 131 -28.37 -74.97 3.49
C GLY D 131 -29.13 -73.87 4.22
N ASP D 132 -28.75 -73.61 5.46
CA ASP D 132 -29.41 -72.56 6.25
C ASP D 132 -29.03 -71.17 5.72
N ILE D 133 -29.74 -70.17 6.21
CA ILE D 133 -29.48 -68.79 5.84
C ILE D 133 -28.94 -68.04 7.06
N VAL D 134 -27.93 -67.20 6.85
CA VAL D 134 -27.39 -66.41 7.94
C VAL D 134 -27.68 -64.95 7.60
N ILE D 135 -28.07 -64.18 8.60
CA ILE D 135 -28.33 -62.75 8.42
C ILE D 135 -27.37 -62.05 9.36
N ALA D 136 -26.48 -61.21 8.83
CA ALA D 136 -25.49 -60.52 9.64
C ALA D 136 -26.01 -59.30 10.37
N THR D 137 -25.91 -59.32 11.70
CA THR D 137 -26.33 -58.18 12.51
C THR D 137 -25.11 -57.27 12.64
N GLY D 138 -23.94 -57.86 12.44
CA GLY D 138 -22.69 -57.12 12.55
C GLY D 138 -21.58 -58.00 12.02
N ALA D 139 -20.37 -57.44 11.94
CA ALA D 139 -19.25 -58.22 11.42
C ALA D 139 -17.93 -57.94 12.13
N ILE D 140 -17.12 -58.99 12.22
CA ILE D 140 -15.81 -58.92 12.84
C ILE D 140 -14.87 -58.31 11.80
N ARG D 141 -14.30 -57.17 12.13
CA ARG D 141 -13.41 -56.44 11.24
C ARG D 141 -11.98 -56.96 11.16
N MET D 142 -11.82 -58.24 10.89
CA MET D 142 -10.48 -58.81 10.78
C MET D 142 -10.05 -58.70 9.32
N GLU D 143 -10.09 -57.48 8.81
CA GLU D 143 -9.71 -57.17 7.44
C GLU D 143 -9.18 -55.75 7.37
N GLY D 144 -8.53 -55.41 6.26
CA GLY D 144 -7.93 -54.09 6.15
C GLY D 144 -8.73 -52.95 5.53
N THR D 145 -9.70 -53.25 4.69
CA THR D 145 -10.47 -52.20 4.04
C THR D 145 -11.18 -51.28 5.03
N SER D 146 -11.90 -51.86 5.98
CA SER D 146 -12.62 -51.05 6.95
C SER D 146 -11.70 -50.12 7.75
N LYS D 147 -10.45 -50.56 7.94
CA LYS D 147 -9.48 -49.77 8.71
C LYS D 147 -9.02 -48.53 7.97
N GLU D 148 -9.32 -48.45 6.67
CA GLU D 148 -8.94 -47.29 5.89
C GLU D 148 -10.15 -46.34 5.78
N TYR D 149 -11.22 -46.72 6.46
CA TYR D 149 -12.45 -45.93 6.53
C TYR D 149 -12.66 -45.44 7.96
N ALA D 150 -12.54 -46.36 8.92
CA ALA D 150 -12.78 -46.00 10.32
C ALA D 150 -11.81 -46.63 11.31
N PRO D 151 -11.60 -45.99 12.47
CA PRO D 151 -10.72 -46.52 13.50
C PRO D 151 -11.30 -47.89 13.85
N ILE D 152 -10.44 -48.87 14.15
CA ILE D 152 -10.91 -50.22 14.43
C ILE D 152 -11.95 -50.38 15.55
N GLU D 153 -11.99 -49.42 16.48
CA GLU D 153 -12.95 -49.50 17.58
C GLU D 153 -14.40 -49.34 17.14
N PHE D 154 -14.62 -48.74 15.97
CA PHE D 154 -15.98 -48.55 15.47
C PHE D 154 -16.58 -49.90 15.05
N PRO D 155 -17.82 -50.18 15.48
CA PRO D 155 -18.45 -51.45 15.12
C PRO D 155 -18.96 -51.56 13.69
N ALA D 156 -18.73 -52.72 13.07
CA ALA D 156 -19.26 -52.97 11.75
C ALA D 156 -20.65 -53.50 12.09
N VAL D 157 -21.67 -52.65 11.96
CA VAL D 157 -23.03 -53.03 12.31
C VAL D 157 -23.99 -52.81 11.15
N ALA D 158 -24.87 -53.77 10.93
CA ALA D 158 -25.85 -53.69 9.85
C ALA D 158 -26.98 -52.73 10.20
N ASP D 159 -27.57 -52.12 9.18
CA ASP D 159 -28.68 -51.20 9.40
C ASP D 159 -29.86 -51.95 10.01
N LEU D 160 -30.44 -51.38 11.07
CA LEU D 160 -31.57 -52.02 11.77
C LEU D 160 -32.76 -52.34 10.86
N GLU D 161 -33.14 -51.40 10.01
CA GLU D 161 -34.28 -51.62 9.12
C GLU D 161 -34.05 -52.76 8.13
N VAL D 162 -32.87 -52.80 7.52
CA VAL D 162 -32.56 -53.84 6.55
C VAL D 162 -32.51 -55.20 7.25
N THR D 163 -31.90 -55.23 8.42
CA THR D 163 -31.78 -56.48 9.18
C THR D 163 -33.17 -57.03 9.54
N ASN D 164 -34.04 -56.17 10.03
CA ASN D 164 -35.39 -56.62 10.38
C ASN D 164 -36.14 -57.10 9.14
N ALA D 165 -35.93 -56.41 8.03
CA ALA D 165 -36.60 -56.79 6.78
C ALA D 165 -36.15 -58.18 6.35
N LEU D 166 -34.86 -58.48 6.53
CA LEU D 166 -34.32 -59.79 6.18
C LEU D 166 -34.85 -60.87 7.11
N VAL D 167 -34.81 -60.60 8.41
CA VAL D 167 -35.31 -61.56 9.40
C VAL D 167 -36.77 -61.90 9.13
N ASN D 168 -37.59 -60.89 8.89
CA ASN D 168 -39.01 -61.10 8.63
C ASN D 168 -39.26 -61.84 7.32
N ALA D 169 -38.44 -61.56 6.31
CA ALA D 169 -38.59 -62.22 5.01
C ALA D 169 -38.30 -63.71 5.14
N ALA D 170 -37.25 -64.02 5.91
CA ALA D 170 -36.85 -65.41 6.11
C ALA D 170 -37.95 -66.19 6.83
N LYS D 171 -38.58 -65.57 7.82
CA LYS D 171 -39.65 -66.23 8.56
C LYS D 171 -40.87 -66.41 7.68
N LYS D 172 -41.17 -65.39 6.89
CA LYS D 172 -42.32 -65.43 5.99
C LYS D 172 -42.16 -66.55 4.95
N LEU D 173 -40.94 -66.72 4.45
CA LEU D 173 -40.67 -67.75 3.45
C LEU D 173 -40.43 -69.12 4.07
N GLY D 174 -40.33 -69.17 5.39
CA GLY D 174 -40.14 -70.42 6.10
C GLY D 174 -38.75 -71.03 6.05
N TYR D 175 -37.73 -70.22 5.81
CA TYR D 175 -36.36 -70.72 5.75
C TYR D 175 -35.68 -70.65 7.10
N THR D 176 -34.90 -71.67 7.42
CA THR D 176 -34.18 -71.70 8.69
C THR D 176 -33.09 -70.62 8.60
N SER D 177 -33.10 -69.69 9.53
CA SER D 177 -32.11 -68.62 9.51
C SER D 177 -31.46 -68.37 10.86
N HIS D 178 -30.30 -67.75 10.82
CA HIS D 178 -29.54 -67.44 12.02
C HIS D 178 -29.11 -65.98 11.95
N ALA D 179 -29.57 -65.15 12.88
CA ALA D 179 -29.21 -63.74 12.88
C ALA D 179 -28.16 -63.47 13.94
N GLY D 180 -26.97 -63.08 13.49
CA GLY D 180 -25.90 -62.80 14.43
C GLY D 180 -24.68 -62.22 13.76
N VAL D 181 -23.57 -62.23 14.50
CA VAL D 181 -22.33 -61.69 13.99
C VAL D 181 -21.62 -62.67 13.07
N VAL D 182 -21.03 -62.15 11.99
CA VAL D 182 -20.28 -62.98 11.06
C VAL D 182 -18.84 -62.51 11.08
N GLN D 183 -17.90 -63.44 10.88
CA GLN D 183 -16.50 -63.04 10.85
C GLN D 183 -16.13 -62.69 9.43
N CYS D 184 -15.42 -61.57 9.26
CA CYS D 184 -14.95 -61.20 7.94
C CYS D 184 -13.44 -61.37 7.99
N LYS D 185 -12.83 -61.58 6.84
CA LYS D 185 -11.39 -61.80 6.78
C LYS D 185 -10.91 -61.42 5.40
N ASP D 186 -9.60 -61.30 5.24
CA ASP D 186 -9.02 -60.96 3.94
C ASP D 186 -8.42 -62.19 3.28
N ALA D 187 -8.07 -63.19 4.08
CA ALA D 187 -7.47 -64.41 3.54
C ALA D 187 -8.34 -65.64 3.66
N PHE D 188 -8.94 -66.04 2.54
CA PHE D 188 -9.80 -67.22 2.50
C PHE D 188 -9.04 -68.45 2.97
N TYR D 189 -7.79 -68.59 2.52
CA TYR D 189 -7.00 -69.75 2.93
C TYR D 189 -6.52 -69.67 4.37
N GLY D 190 -6.72 -68.50 4.99
CA GLY D 190 -6.34 -68.36 6.39
C GLY D 190 -7.45 -69.01 7.21
N GLN D 191 -8.65 -69.06 6.65
CA GLN D 191 -9.80 -69.66 7.32
C GLN D 191 -9.75 -71.18 7.26
N HIS D 192 -9.43 -71.69 6.08
CA HIS D 192 -9.40 -73.14 5.87
C HIS D 192 -8.07 -73.85 6.07
N GLU D 193 -6.97 -73.11 6.00
CA GLU D 193 -5.64 -73.71 6.20
C GLU D 193 -4.84 -72.88 7.21
N PRO D 194 -5.46 -72.53 8.35
CA PRO D 194 -4.72 -71.72 9.33
C PRO D 194 -3.43 -72.34 9.87
N GLU D 195 -3.45 -73.66 10.09
CA GLU D 195 -2.30 -74.37 10.64
C GLU D 195 -1.02 -74.20 9.84
N ARG D 196 -1.14 -74.08 8.51
CA ARG D 196 0.04 -73.94 7.67
C ARG D 196 0.60 -72.53 7.53
N MET D 197 -0.20 -71.52 7.89
CA MET D 197 0.24 -70.13 7.77
C MET D 197 1.37 -69.74 8.73
N PRO D 198 2.22 -68.78 8.33
CA PRO D 198 3.29 -68.34 9.21
C PRO D 198 2.69 -67.77 10.50
N VAL D 199 1.53 -67.14 10.37
CA VAL D 199 0.84 -66.57 11.53
C VAL D 199 -0.28 -67.47 12.05
N SER D 200 -0.10 -68.79 11.88
CA SER D 200 -1.08 -69.77 12.33
C SER D 200 -1.53 -69.51 13.77
N TYR D 201 -0.58 -69.20 14.64
CA TYR D 201 -0.89 -68.96 16.05
C TYR D 201 -1.93 -67.86 16.24
N GLU D 202 -1.80 -66.77 15.50
CA GLU D 202 -2.73 -65.66 15.58
C GLU D 202 -4.10 -66.03 15.03
N LEU D 203 -4.13 -66.66 13.86
CA LEU D 203 -5.39 -67.05 13.23
C LEU D 203 -6.14 -68.07 14.09
N LEU D 204 -5.41 -69.07 14.60
CA LEU D 204 -6.04 -70.09 15.44
C LEU D 204 -6.54 -69.51 16.76
N ASN D 205 -5.78 -68.61 17.36
CA ASN D 205 -6.20 -68.00 18.62
C ASN D 205 -7.48 -67.18 18.41
N LYS D 206 -7.48 -66.33 17.37
CA LYS D 206 -8.64 -65.51 17.09
C LYS D 206 -9.86 -66.35 16.71
N TRP D 207 -9.63 -67.48 16.05
CA TRP D 207 -10.73 -68.35 15.65
C TRP D 207 -11.44 -68.89 16.88
N GLU D 208 -10.66 -69.29 17.89
CA GLU D 208 -11.28 -69.80 19.12
C GLU D 208 -12.05 -68.66 19.78
N ALA D 209 -11.52 -67.45 19.66
CA ALA D 209 -12.18 -66.29 20.24
C ALA D 209 -13.53 -66.08 19.58
N TRP D 210 -13.58 -66.14 18.24
CA TRP D 210 -14.84 -65.94 17.53
C TRP D 210 -15.86 -67.00 17.98
N LYS D 211 -15.40 -68.24 18.15
CA LYS D 211 -16.28 -69.33 18.58
C LYS D 211 -16.87 -69.05 19.96
N ARG D 212 -16.08 -68.46 20.84
CA ARG D 212 -16.53 -68.16 22.20
C ARG D 212 -17.34 -66.87 22.29
N LEU D 213 -17.58 -66.24 21.15
CA LEU D 213 -18.36 -65.01 21.11
C LEU D 213 -19.67 -65.20 20.37
N GLY D 214 -20.02 -66.45 20.09
CA GLY D 214 -21.28 -66.77 19.43
C GLY D 214 -21.33 -66.46 17.95
N THR D 215 -20.19 -66.23 17.33
CA THR D 215 -20.14 -65.91 15.91
C THR D 215 -20.86 -67.00 15.10
N LYS D 216 -21.71 -66.58 14.18
CA LYS D 216 -22.48 -67.51 13.35
C LYS D 216 -21.76 -68.15 12.17
N ALA D 217 -21.02 -67.34 11.41
CA ALA D 217 -20.34 -67.86 10.22
C ALA D 217 -19.22 -66.96 9.79
N SER D 218 -18.51 -67.39 8.74
CA SER D 218 -17.37 -66.66 8.19
C SER D 218 -17.54 -66.33 6.72
N GLU D 219 -17.29 -65.06 6.36
CA GLU D 219 -17.39 -64.63 4.97
C GLU D 219 -16.34 -63.55 4.73
N MET D 220 -16.54 -62.67 3.76
CA MET D 220 -15.48 -61.70 3.50
C MET D 220 -15.80 -60.23 3.19
N GLU D 221 -17.04 -59.88 2.87
CA GLU D 221 -17.30 -58.49 2.50
C GLU D 221 -18.14 -57.59 3.42
N SER D 222 -18.91 -58.16 4.34
CA SER D 222 -19.77 -57.32 5.20
C SER D 222 -19.09 -56.27 6.07
N ALA D 223 -17.91 -56.57 6.62
CA ALA D 223 -17.24 -55.59 7.46
C ALA D 223 -16.96 -54.31 6.67
N ALA D 224 -16.40 -54.47 5.48
CA ALA D 224 -16.09 -53.33 4.63
C ALA D 224 -17.36 -52.59 4.23
N LEU D 225 -18.38 -53.33 3.83
CA LEU D 225 -19.64 -52.70 3.41
C LEU D 225 -20.36 -52.00 4.55
N PHE D 226 -20.40 -52.62 5.73
CA PHE D 226 -21.10 -52.00 6.87
C PHE D 226 -20.43 -50.70 7.32
N VAL D 227 -19.10 -50.69 7.42
CA VAL D 227 -18.37 -49.51 7.85
C VAL D 227 -18.43 -48.42 6.78
N ALA D 228 -18.27 -48.81 5.52
CA ALA D 228 -18.34 -47.84 4.43
C ALA D 228 -19.73 -47.21 4.44
N ALA D 229 -20.75 -48.03 4.70
CA ALA D 229 -22.13 -47.53 4.74
C ALA D 229 -22.32 -46.52 5.86
N SER D 230 -21.73 -46.79 7.02
CA SER D 230 -21.85 -45.88 8.16
C SER D 230 -21.28 -44.51 7.78
N HIS D 231 -20.18 -44.53 7.04
CA HIS D 231 -19.53 -43.30 6.61
C HIS D 231 -20.31 -42.56 5.52
N LEU D 232 -20.78 -43.31 4.53
CA LEU D 232 -21.52 -42.75 3.40
C LEU D 232 -22.95 -42.34 3.73
N GLY D 233 -23.44 -42.78 4.88
CA GLY D 233 -24.79 -42.44 5.27
C GLY D 233 -25.88 -43.23 4.57
N VAL D 234 -25.57 -44.47 4.18
CA VAL D 234 -26.53 -45.32 3.49
C VAL D 234 -26.85 -46.55 4.33
N ARG D 235 -27.91 -47.27 3.97
CA ARG D 235 -28.33 -48.47 4.69
C ARG D 235 -27.79 -49.73 4.03
N CYS D 236 -27.22 -50.62 4.85
CA CYS D 236 -26.67 -51.86 4.33
C CYS D 236 -26.91 -53.05 5.26
N GLY D 237 -27.26 -54.19 4.66
CA GLY D 237 -27.49 -55.41 5.43
C GLY D 237 -26.94 -56.57 4.62
N SER D 238 -26.96 -57.77 5.19
CA SER D 238 -26.42 -58.95 4.48
C SER D 238 -27.05 -60.28 4.89
N ASP D 239 -27.23 -61.17 3.92
CA ASP D 239 -27.73 -62.50 4.21
C ASP D 239 -26.86 -63.43 3.37
N PHE D 240 -26.74 -64.69 3.78
CA PHE D 240 -25.88 -65.62 3.08
C PHE D 240 -26.41 -67.04 3.12
N LEU D 241 -25.97 -67.84 2.16
CA LEU D 241 -26.31 -69.25 2.11
C LEU D 241 -25.14 -69.91 2.82
N VAL D 242 -25.41 -70.81 3.75
CA VAL D 242 -24.34 -71.52 4.43
C VAL D 242 -23.95 -72.68 3.53
N VAL D 243 -22.70 -72.73 3.10
CA VAL D 243 -22.24 -73.79 2.22
C VAL D 243 -21.82 -75.05 2.99
N GLY D 244 -21.35 -74.84 4.21
CA GLY D 244 -20.92 -75.95 5.04
C GLY D 244 -20.45 -75.43 6.40
N ASN D 245 -20.09 -76.33 7.30
CA ASN D 245 -19.63 -75.95 8.62
C ASN D 245 -18.40 -76.78 9.00
N GLN D 246 -17.24 -76.14 8.96
CA GLN D 246 -15.97 -76.81 9.26
C GLN D 246 -15.91 -77.31 10.70
N GLU D 247 -16.59 -76.61 11.61
CA GLU D 247 -16.56 -76.99 13.01
C GLU D 247 -17.33 -78.29 13.23
N ARG D 248 -18.44 -78.45 12.52
CA ARG D 248 -19.23 -79.67 12.63
C ARG D 248 -18.41 -80.80 12.04
N ASN D 249 -17.73 -80.51 10.94
CA ASN D 249 -16.89 -81.50 10.28
C ASN D 249 -15.77 -81.96 11.19
N ALA D 250 -15.16 -81.01 11.90
CA ALA D 250 -14.06 -81.32 12.82
C ALA D 250 -14.52 -82.21 13.97
N LEU D 251 -15.81 -82.12 14.31
CA LEU D 251 -16.36 -82.92 15.41
C LEU D 251 -17.03 -84.19 14.91
N GLY D 252 -16.85 -84.50 13.63
CA GLY D 252 -17.45 -85.70 13.06
C GLY D 252 -18.96 -85.67 12.98
N MET D 253 -19.54 -84.48 13.08
CA MET D 253 -20.99 -84.32 12.99
C MET D 253 -21.45 -84.22 11.54
N ASP D 254 -22.76 -84.31 11.33
CA ASP D 254 -23.33 -84.19 9.99
C ASP D 254 -22.88 -82.86 9.40
N ASN D 255 -22.48 -82.86 8.14
CA ASN D 255 -22.03 -81.64 7.50
C ASN D 255 -22.54 -81.52 6.06
N PRO D 256 -23.87 -81.39 5.90
CA PRO D 256 -24.44 -81.27 4.54
C PRO D 256 -23.89 -80.04 3.82
N MET D 257 -23.56 -80.21 2.54
CA MET D 257 -23.04 -79.11 1.74
C MET D 257 -24.15 -78.52 0.88
N ALA D 258 -24.04 -77.25 0.54
CA ALA D 258 -25.04 -76.57 -0.28
C ALA D 258 -24.38 -75.50 -1.14
N HIS D 259 -24.88 -75.33 -2.36
CA HIS D 259 -24.31 -74.33 -3.26
C HIS D 259 -25.35 -73.48 -3.99
N ASP D 260 -26.63 -73.85 -3.87
CA ASP D 260 -27.69 -73.10 -4.53
C ASP D 260 -28.10 -71.92 -3.65
N THR D 261 -27.80 -70.71 -4.10
CA THR D 261 -28.12 -69.51 -3.33
C THR D 261 -29.54 -68.99 -3.52
N GLU D 262 -30.37 -69.75 -4.23
CA GLU D 262 -31.74 -69.33 -4.49
C GLU D 262 -32.48 -68.87 -3.23
N ALA D 263 -32.35 -69.63 -2.15
CA ALA D 263 -33.03 -69.28 -0.91
C ALA D 263 -32.56 -67.93 -0.35
N ALA D 264 -31.25 -67.74 -0.27
CA ALA D 264 -30.69 -66.48 0.24
C ALA D 264 -31.15 -65.32 -0.64
N ILE D 265 -31.23 -65.57 -1.94
CA ILE D 265 -31.66 -64.55 -2.90
C ILE D 265 -33.13 -64.19 -2.70
N GLN D 266 -33.97 -65.20 -2.50
CA GLN D 266 -35.40 -64.96 -2.29
C GLN D 266 -35.60 -64.10 -1.05
N VAL D 267 -34.84 -64.40 -0.01
CA VAL D 267 -34.95 -63.64 1.23
C VAL D 267 -34.56 -62.18 0.98
N ALA D 268 -33.48 -61.97 0.23
CA ALA D 268 -33.02 -60.63 -0.06
C ALA D 268 -34.04 -59.85 -0.88
N VAL D 269 -34.61 -60.50 -1.89
CA VAL D 269 -35.60 -59.84 -2.74
C VAL D 269 -36.85 -59.46 -1.96
N GLU D 270 -37.31 -60.34 -1.08
CA GLU D 270 -38.49 -60.03 -0.28
C GLU D 270 -38.18 -58.87 0.67
N ALA D 271 -36.98 -58.87 1.25
CA ALA D 271 -36.57 -57.80 2.15
C ALA D 271 -36.58 -56.48 1.38
N LEU D 272 -36.05 -56.50 0.15
CA LEU D 272 -36.03 -55.28 -0.67
C LEU D 272 -37.45 -54.77 -0.89
N ARG D 273 -38.35 -55.69 -1.19
CA ARG D 273 -39.74 -55.32 -1.45
C ARG D 273 -40.31 -54.60 -0.23
N THR D 274 -40.01 -55.13 0.96
CA THR D 274 -40.47 -54.54 2.20
C THR D 274 -39.91 -53.13 2.37
N LEU D 275 -38.61 -52.98 2.15
CA LEU D 275 -37.97 -51.67 2.29
C LEU D 275 -38.56 -50.67 1.30
N ILE D 276 -38.84 -51.14 0.08
CA ILE D 276 -39.42 -50.28 -0.95
C ILE D 276 -40.80 -49.80 -0.52
N GLU D 277 -41.59 -50.71 0.06
CA GLU D 277 -42.94 -50.39 0.51
C GLU D 277 -42.93 -49.39 1.67
N ASN D 278 -42.00 -49.56 2.60
CA ASN D 278 -41.89 -48.68 3.76
C ASN D 278 -41.12 -47.38 3.55
N ASP D 279 -40.69 -47.13 2.32
CA ASP D 279 -39.95 -45.92 2.02
C ASP D 279 -40.82 -44.68 2.19
N VAL E 31 -23.39 -72.06 42.69
CA VAL E 31 -23.19 -70.58 42.80
C VAL E 31 -23.59 -70.09 44.18
N GLY E 32 -22.73 -69.30 44.80
CA GLY E 32 -23.02 -68.78 46.13
C GLY E 32 -23.11 -67.28 46.16
N LEU E 33 -22.75 -66.71 47.30
CA LEU E 33 -22.79 -65.26 47.50
C LEU E 33 -21.75 -64.56 46.63
N GLN E 34 -22.20 -63.62 45.81
CA GLN E 34 -21.30 -62.90 44.93
C GLN E 34 -20.51 -61.83 45.68
N TYR E 35 -19.19 -61.88 45.53
CA TYR E 35 -18.28 -60.98 46.22
C TYR E 35 -18.55 -59.48 46.09
N HIS E 36 -18.70 -58.98 44.87
CA HIS E 36 -18.92 -57.56 44.68
C HIS E 36 -20.36 -57.07 44.87
N LEU E 37 -21.32 -57.80 44.31
CA LEU E 37 -22.72 -57.39 44.43
C LEU E 37 -23.43 -57.89 45.67
N GLN E 38 -22.85 -58.89 46.32
CA GLN E 38 -23.44 -59.46 47.52
C GLN E 38 -24.86 -59.99 47.29
N ILE E 39 -25.06 -60.67 46.17
CA ILE E 39 -26.35 -61.29 45.85
C ILE E 39 -26.10 -62.79 45.70
N ARG E 40 -27.18 -63.58 45.85
CA ARG E 40 -27.11 -65.03 45.72
C ARG E 40 -28.16 -65.47 44.71
N PRO E 41 -28.04 -66.71 44.19
CA PRO E 41 -29.03 -67.17 43.22
C PRO E 41 -30.42 -67.06 43.84
N GLY E 42 -31.37 -66.54 43.09
CA GLY E 42 -32.72 -66.37 43.60
C GLY E 42 -32.99 -64.94 44.05
N ASP E 43 -31.95 -64.14 44.21
CA ASP E 43 -32.09 -62.75 44.63
C ASP E 43 -32.52 -61.83 43.51
N VAL E 44 -32.21 -62.20 42.27
CA VAL E 44 -32.56 -61.36 41.13
C VAL E 44 -33.34 -62.08 40.04
N GLY E 45 -34.06 -61.31 39.23
CA GLY E 45 -34.85 -61.90 38.17
C GLY E 45 -34.02 -62.17 36.92
N ARG E 46 -34.65 -62.75 35.91
CA ARG E 46 -33.98 -63.03 34.65
C ARG E 46 -33.75 -61.72 33.90
N TYR E 47 -34.58 -60.71 34.21
CA TYR E 47 -34.51 -59.42 33.55
C TYR E 47 -33.95 -58.36 34.49
N VAL E 48 -32.96 -57.60 34.02
CA VAL E 48 -32.36 -56.58 34.87
C VAL E 48 -32.10 -55.26 34.16
N ILE E 49 -32.45 -54.16 34.81
CA ILE E 49 -32.19 -52.83 34.26
C ILE E 49 -30.93 -52.36 34.98
N MET E 50 -30.01 -51.75 34.25
CA MET E 50 -28.76 -51.31 34.85
C MET E 50 -28.37 -49.85 34.68
N PRO E 51 -28.66 -49.02 35.67
CA PRO E 51 -28.27 -47.60 35.56
C PRO E 51 -26.83 -47.51 36.05
N GLY E 52 -26.16 -46.40 35.76
CA GLY E 52 -24.80 -46.26 36.23
C GLY E 52 -24.76 -45.77 37.66
N ASP E 53 -25.65 -44.86 37.99
CA ASP E 53 -25.74 -44.26 39.31
C ASP E 53 -26.53 -45.10 40.33
N PRO E 54 -25.89 -45.50 41.43
CA PRO E 54 -26.63 -46.30 42.42
C PRO E 54 -27.87 -45.57 42.93
N LYS E 55 -27.80 -44.25 43.04
CA LYS E 55 -28.94 -43.49 43.53
C LYS E 55 -30.15 -43.55 42.59
N ARG E 56 -29.93 -43.99 41.35
CA ARG E 56 -31.03 -44.07 40.38
C ARG E 56 -31.81 -45.38 40.50
N CYS E 57 -31.25 -46.37 41.21
CA CYS E 57 -31.94 -47.64 41.36
C CYS E 57 -33.29 -47.54 42.05
N ALA E 58 -33.36 -46.74 43.10
CA ALA E 58 -34.62 -46.57 43.82
C ALA E 58 -35.67 -45.96 42.90
N LYS E 59 -35.25 -44.99 42.10
CA LYS E 59 -36.14 -44.32 41.15
C LYS E 59 -36.71 -45.34 40.17
N ILE E 60 -35.85 -46.22 39.67
CA ILE E 60 -36.29 -47.25 38.72
C ILE E 60 -37.17 -48.30 39.39
N ALA E 61 -36.80 -48.70 40.60
CA ALA E 61 -37.55 -49.71 41.35
C ALA E 61 -38.99 -49.29 41.55
N GLU E 62 -39.22 -47.97 41.59
CA GLU E 62 -40.57 -47.45 41.77
C GLU E 62 -41.46 -47.89 40.61
N HIS E 63 -40.86 -48.16 39.45
CA HIS E 63 -41.62 -48.59 38.28
C HIS E 63 -41.95 -50.09 38.32
N PHE E 64 -41.31 -50.83 39.22
CA PHE E 64 -41.55 -52.26 39.38
C PHE E 64 -42.63 -52.47 40.44
N ASP E 65 -43.09 -53.71 40.59
CA ASP E 65 -44.10 -54.00 41.59
C ASP E 65 -43.46 -54.66 42.81
N ASN E 66 -43.77 -54.12 43.98
CA ASN E 66 -43.24 -54.65 45.24
C ASN E 66 -41.73 -54.83 45.24
N ALA E 67 -41.01 -53.86 44.71
CA ALA E 67 -39.56 -53.94 44.66
C ALA E 67 -38.93 -53.57 46.01
N VAL E 68 -38.07 -54.45 46.53
CA VAL E 68 -37.40 -54.21 47.79
C VAL E 68 -35.89 -54.24 47.59
N LEU E 69 -35.15 -53.56 48.45
CA LEU E 69 -33.70 -53.54 48.31
C LEU E 69 -33.15 -54.90 48.75
N VAL E 70 -32.37 -55.52 47.87
CA VAL E 70 -31.79 -56.82 48.14
C VAL E 70 -30.35 -56.70 48.62
N ALA E 71 -29.62 -55.72 48.10
CA ALA E 71 -28.24 -55.52 48.49
C ALA E 71 -27.73 -54.12 48.16
N ASP E 72 -26.76 -53.68 48.95
CA ASP E 72 -26.12 -52.38 48.77
C ASP E 72 -24.67 -52.65 49.15
N SER E 73 -23.86 -52.94 48.13
CA SER E 73 -22.44 -53.26 48.32
C SER E 73 -21.61 -52.42 47.35
N ARG E 74 -20.61 -51.73 47.87
CA ARG E 74 -19.77 -50.88 47.03
C ARG E 74 -20.68 -49.97 46.21
N GLU E 75 -20.48 -49.88 44.90
CA GLU E 75 -21.33 -49.02 44.08
C GLU E 75 -22.53 -49.78 43.54
N TYR E 76 -22.75 -50.98 44.05
CA TYR E 76 -23.82 -51.83 43.58
C TYR E 76 -25.06 -51.93 44.46
N VAL E 77 -26.11 -51.22 44.06
CA VAL E 77 -27.39 -51.27 44.77
C VAL E 77 -28.30 -52.13 43.91
N THR E 78 -28.97 -53.10 44.54
CA THR E 78 -29.87 -53.98 43.81
C THR E 78 -31.25 -54.06 44.43
N TYR E 79 -32.27 -53.83 43.62
CA TYR E 79 -33.67 -53.93 44.06
C TYR E 79 -34.27 -55.04 43.21
N THR E 80 -35.20 -55.79 43.78
CA THR E 80 -35.87 -56.86 43.05
C THR E 80 -37.37 -56.81 43.35
N GLY E 81 -38.16 -56.86 42.28
CA GLY E 81 -39.61 -56.85 42.42
C GLY E 81 -40.17 -57.67 41.28
N THR E 82 -41.31 -57.26 40.74
CA THR E 82 -41.92 -57.97 39.61
C THR E 82 -42.49 -57.01 38.58
N LEU E 83 -42.75 -57.54 37.40
CA LEU E 83 -43.32 -56.79 36.29
C LEU E 83 -44.16 -57.83 35.55
N ASN E 84 -45.46 -57.58 35.41
CA ASN E 84 -46.35 -58.53 34.75
C ASN E 84 -46.26 -59.87 35.49
N GLY E 85 -45.95 -59.80 36.78
CA GLY E 85 -45.86 -61.01 37.59
C GLY E 85 -44.53 -61.74 37.55
N GLU E 86 -43.63 -61.32 36.67
CA GLU E 86 -42.32 -61.94 36.51
C GLU E 86 -41.27 -61.22 37.36
N LYS E 87 -40.37 -61.97 37.98
CA LYS E 87 -39.34 -61.36 38.81
C LYS E 87 -38.38 -60.53 37.95
N VAL E 88 -38.13 -59.30 38.38
CA VAL E 88 -37.24 -58.38 37.68
C VAL E 88 -36.38 -57.63 38.70
N SER E 89 -35.25 -57.11 38.25
CA SER E 89 -34.35 -56.39 39.15
C SER E 89 -33.73 -55.16 38.50
N VAL E 90 -33.12 -54.33 39.34
CA VAL E 90 -32.42 -53.15 38.88
C VAL E 90 -31.14 -53.10 39.71
N THR E 91 -30.00 -53.05 39.02
CA THR E 91 -28.71 -53.04 39.69
C THR E 91 -27.82 -51.98 39.06
N SER E 92 -27.24 -51.12 39.88
CA SER E 92 -26.35 -50.07 39.39
C SER E 92 -25.00 -50.68 39.04
N THR E 93 -24.27 -50.03 38.13
CA THR E 93 -22.97 -50.53 37.70
C THR E 93 -21.82 -49.61 38.06
N GLY E 94 -22.13 -48.39 38.47
CA GLY E 94 -21.09 -47.45 38.77
C GLY E 94 -20.63 -46.93 37.41
N ILE E 95 -19.60 -46.08 37.39
CA ILE E 95 -19.11 -45.53 36.14
C ILE E 95 -17.97 -46.36 35.53
N GLY E 96 -18.12 -46.71 34.26
CA GLY E 96 -17.07 -47.46 33.57
C GLY E 96 -17.27 -48.94 33.32
N GLY E 97 -16.67 -49.41 32.24
CA GLY E 97 -16.76 -50.82 31.90
C GLY E 97 -16.25 -51.77 32.98
N PRO E 98 -15.19 -51.39 33.73
CA PRO E 98 -14.70 -52.32 34.77
C PRO E 98 -15.76 -52.71 35.79
N SER E 99 -16.43 -51.73 36.37
CA SER E 99 -17.46 -52.03 37.37
C SER E 99 -18.72 -52.59 36.70
N ALA E 100 -18.99 -52.15 35.47
CA ALA E 100 -20.17 -52.64 34.75
C ALA E 100 -20.05 -54.12 34.38
N SER E 101 -18.87 -54.55 33.95
CA SER E 101 -18.71 -55.95 33.57
C SER E 101 -18.80 -56.84 34.80
N ILE E 102 -18.32 -56.35 35.94
CA ILE E 102 -18.41 -57.12 37.18
C ILE E 102 -19.88 -57.37 37.51
N ALA E 103 -20.70 -56.35 37.34
CA ALA E 103 -22.13 -56.47 37.61
C ALA E 103 -22.79 -57.50 36.70
N MET E 104 -22.53 -57.43 35.39
CA MET E 104 -23.13 -58.40 34.48
C MET E 104 -22.69 -59.82 34.80
N GLU E 105 -21.39 -60.00 35.05
CA GLU E 105 -20.84 -61.31 35.38
C GLU E 105 -21.52 -61.91 36.61
N GLU E 106 -21.63 -61.13 37.67
CA GLU E 106 -22.24 -61.64 38.90
C GLU E 106 -23.75 -61.80 38.81
N LEU E 107 -24.41 -60.96 38.02
CA LEU E 107 -25.86 -61.07 37.86
C LEU E 107 -26.12 -62.34 37.03
N LYS E 108 -25.30 -62.55 36.02
CA LYS E 108 -25.42 -63.72 35.16
C LYS E 108 -25.27 -65.01 35.97
N LEU E 109 -24.28 -65.04 36.86
CA LEU E 109 -24.05 -66.21 37.69
C LEU E 109 -25.26 -66.51 38.56
N CYS E 110 -26.03 -65.46 38.88
CA CYS E 110 -27.22 -65.63 39.71
C CYS E 110 -28.52 -65.87 38.94
N GLY E 111 -28.43 -66.02 37.61
CA GLY E 111 -29.63 -66.28 36.84
C GLY E 111 -30.14 -65.23 35.86
N ALA E 112 -29.53 -64.05 35.84
CA ALA E 112 -29.96 -63.00 34.92
C ALA E 112 -29.52 -63.34 33.49
N ASP E 113 -30.38 -63.03 32.52
CA ASP E 113 -30.03 -63.32 31.12
C ASP E 113 -30.49 -62.27 30.12
N THR E 114 -31.15 -61.22 30.61
CA THR E 114 -31.64 -60.15 29.75
C THR E 114 -31.39 -58.85 30.50
N PHE E 115 -30.57 -57.99 29.90
CA PHE E 115 -30.16 -56.73 30.51
C PHE E 115 -30.43 -55.50 29.66
N ILE E 116 -30.83 -54.42 30.32
CA ILE E 116 -31.04 -53.15 29.62
C ILE E 116 -30.39 -52.05 30.42
N ARG E 117 -29.34 -51.46 29.86
CA ARG E 117 -28.68 -50.34 30.53
C ARG E 117 -29.51 -49.10 30.27
N VAL E 118 -29.65 -48.27 31.30
CA VAL E 118 -30.40 -47.03 31.20
C VAL E 118 -29.48 -45.94 31.75
N GLY E 119 -28.98 -45.08 30.89
CA GLY E 119 -28.07 -44.06 31.38
C GLY E 119 -28.30 -42.68 30.79
N THR E 120 -27.25 -41.89 30.82
CA THR E 120 -27.27 -40.54 30.27
C THR E 120 -26.16 -40.50 29.22
N CYS E 121 -26.25 -39.58 28.28
CA CYS E 121 -25.25 -39.48 27.24
C CYS E 121 -25.16 -38.05 26.71
N GLY E 122 -24.08 -37.78 25.99
CA GLY E 122 -23.88 -36.47 25.40
C GLY E 122 -24.06 -36.64 23.91
N GLY E 123 -24.91 -35.84 23.30
CA GLY E 123 -25.14 -35.97 21.87
C GLY E 123 -23.96 -35.56 21.01
N ILE E 124 -23.90 -36.16 19.82
CA ILE E 124 -22.85 -35.86 18.84
C ILE E 124 -23.57 -35.44 17.55
N GLU E 125 -24.34 -36.37 16.99
CA GLU E 125 -25.14 -36.10 15.78
C GLU E 125 -25.93 -34.82 16.07
N LEU E 126 -25.96 -33.88 15.12
CA LEU E 126 -26.64 -32.61 15.36
C LEU E 126 -28.15 -32.70 15.64
N ASP E 127 -28.80 -33.78 15.22
CA ASP E 127 -30.23 -33.92 15.47
C ASP E 127 -30.51 -34.49 16.86
N VAL E 128 -29.47 -34.95 17.54
CA VAL E 128 -29.62 -35.53 18.87
C VAL E 128 -29.59 -34.42 19.92
N LYS E 129 -30.78 -34.04 20.42
CA LYS E 129 -30.89 -32.95 21.38
C LYS E 129 -31.23 -33.34 22.82
N GLY E 130 -30.91 -32.44 23.74
CA GLY E 130 -31.20 -32.68 25.15
C GLY E 130 -32.67 -33.02 25.32
N GLY E 131 -32.96 -34.07 26.08
CA GLY E 131 -34.33 -34.47 26.29
C GLY E 131 -34.69 -35.67 25.44
N ASP E 132 -34.03 -35.83 24.30
CA ASP E 132 -34.29 -36.96 23.42
C ASP E 132 -33.76 -38.23 24.07
N ILE E 133 -34.14 -39.37 23.49
CA ILE E 133 -33.68 -40.66 23.97
C ILE E 133 -32.82 -41.28 22.88
N VAL E 134 -31.73 -41.91 23.29
CA VAL E 134 -30.88 -42.59 22.33
C VAL E 134 -30.94 -44.08 22.65
N ILE E 135 -31.06 -44.89 21.62
CA ILE E 135 -31.10 -46.34 21.77
C ILE E 135 -29.88 -46.84 21.01
N ALA E 136 -28.95 -47.49 21.71
CA ALA E 136 -27.74 -47.96 21.08
C ALA E 136 -27.88 -49.26 20.31
N THR E 137 -27.53 -49.21 19.03
CA THR E 137 -27.59 -50.41 18.18
C THR E 137 -26.22 -51.08 18.28
N GLY E 138 -25.23 -50.30 18.69
CA GLY E 138 -23.87 -50.81 18.82
C GLY E 138 -23.02 -49.75 19.50
N ALA E 139 -21.76 -50.06 19.77
CA ALA E 139 -20.91 -49.10 20.44
C ALA E 139 -19.46 -49.11 19.98
N ILE E 140 -18.83 -47.94 20.04
CA ILE E 140 -17.44 -47.78 19.65
C ILE E 140 -16.62 -48.25 20.85
N ARG E 141 -15.77 -49.25 20.62
CA ARG E 141 -14.98 -49.83 21.69
C ARG E 141 -13.68 -49.09 22.02
N MET E 142 -13.78 -47.79 22.29
CA MET E 142 -12.60 -47.01 22.64
C MET E 142 -12.44 -47.07 24.16
N GLU E 143 -12.36 -48.28 24.68
CA GLU E 143 -12.21 -48.51 26.11
C GLU E 143 -11.48 -49.83 26.31
N GLY E 144 -10.98 -50.06 27.52
CA GLY E 144 -10.21 -51.27 27.77
C GLY E 144 -10.90 -52.53 28.23
N THR E 145 -12.02 -52.42 28.94
CA THR E 145 -12.69 -53.62 29.43
C THR E 145 -13.03 -54.63 28.34
N SER E 146 -13.64 -54.18 27.25
CA SER E 146 -14.02 -55.08 26.17
C SER E 146 -12.83 -55.82 25.57
N LYS E 147 -11.67 -55.18 25.55
CA LYS E 147 -10.47 -55.79 24.99
C LYS E 147 -9.93 -56.96 25.82
N GLU E 148 -10.44 -57.10 27.03
CA GLU E 148 -10.03 -58.20 27.89
C GLU E 148 -11.06 -59.32 27.79
N TYR E 149 -12.05 -59.12 26.90
CA TYR E 149 -13.08 -60.11 26.63
C TYR E 149 -12.95 -60.59 25.19
N ALA E 150 -12.81 -59.65 24.25
CA ALA E 150 -12.71 -60.03 22.85
C ALA E 150 -11.69 -59.23 22.06
N PRO E 151 -11.17 -59.81 20.96
CA PRO E 151 -10.20 -59.12 20.11
C PRO E 151 -10.95 -57.86 19.67
N ILE E 152 -10.26 -56.74 19.54
CA ILE E 152 -10.89 -55.47 19.18
C ILE E 152 -11.69 -55.50 17.88
N GLU E 153 -11.37 -56.43 16.98
CA GLU E 153 -12.10 -56.50 15.71
C GLU E 153 -13.58 -56.89 15.88
N PHE E 154 -13.90 -57.55 16.98
CA PHE E 154 -15.28 -57.96 17.23
C PHE E 154 -16.18 -56.76 17.50
N PRO E 155 -17.36 -56.72 16.88
CA PRO E 155 -18.28 -55.58 17.10
C PRO E 155 -19.06 -55.61 18.39
N ALA E 156 -19.17 -54.44 19.02
CA ALA E 156 -19.97 -54.31 20.23
C ALA E 156 -21.34 -54.02 19.64
N VAL E 157 -22.19 -55.04 19.58
CA VAL E 157 -23.52 -54.88 19.00
C VAL E 157 -24.60 -55.31 19.98
N ALA E 158 -25.66 -54.53 20.04
CA ALA E 158 -26.77 -54.81 20.95
C ALA E 158 -27.64 -55.93 20.42
N ASP E 159 -28.27 -56.66 21.33
CA ASP E 159 -29.15 -57.75 20.93
C ASP E 159 -30.31 -57.18 20.11
N LEU E 160 -30.64 -57.85 19.01
CA LEU E 160 -31.71 -57.40 18.12
C LEU E 160 -33.09 -57.30 18.80
N GLU E 161 -33.46 -58.32 19.55
CA GLU E 161 -34.76 -58.33 20.23
C GLU E 161 -34.90 -57.20 21.24
N VAL E 162 -33.87 -56.97 22.04
CA VAL E 162 -33.91 -55.91 23.04
C VAL E 162 -33.96 -54.55 22.33
N THR E 163 -33.16 -54.39 21.30
CA THR E 163 -33.13 -53.13 20.57
C THR E 163 -34.51 -52.82 19.97
N ASN E 164 -35.11 -53.81 19.32
CA ASN E 164 -36.44 -53.58 18.74
C ASN E 164 -37.48 -53.26 19.80
N ALA E 165 -37.37 -53.91 20.96
CA ALA E 165 -38.32 -53.68 22.04
C ALA E 165 -38.23 -52.23 22.52
N LEU E 166 -37.01 -51.71 22.57
CA LEU E 166 -36.79 -50.33 23.01
C LEU E 166 -37.34 -49.34 21.97
N VAL E 167 -37.00 -49.56 20.70
CA VAL E 167 -37.47 -48.69 19.63
C VAL E 167 -38.99 -48.65 19.60
N ASN E 168 -39.62 -49.81 19.69
CA ASN E 168 -41.08 -49.91 19.66
C ASN E 168 -41.70 -49.25 20.90
N ALA E 169 -41.04 -49.37 22.04
CA ALA E 169 -41.54 -48.78 23.28
C ALA E 169 -41.53 -47.26 23.20
N ALA E 170 -40.47 -46.69 22.64
CA ALA E 170 -40.37 -45.26 22.51
C ALA E 170 -41.48 -44.74 21.59
N LYS E 171 -41.73 -45.44 20.49
CA LYS E 171 -42.78 -45.02 19.56
C LYS E 171 -44.14 -45.04 20.24
N LYS E 172 -44.44 -46.15 20.92
CA LYS E 172 -45.71 -46.31 21.62
C LYS E 172 -45.91 -45.23 22.67
N LEU E 173 -44.85 -44.84 23.35
CA LEU E 173 -44.93 -43.82 24.40
C LEU E 173 -44.83 -42.40 23.85
N GLY E 174 -44.52 -42.28 22.57
CA GLY E 174 -44.42 -40.97 21.95
C GLY E 174 -43.22 -40.13 22.33
N TYR E 175 -42.08 -40.78 22.53
CA TYR E 175 -40.85 -40.07 22.89
C TYR E 175 -39.93 -39.99 21.67
N THR E 176 -39.30 -38.84 21.47
CA THR E 176 -38.38 -38.68 20.34
C THR E 176 -37.17 -39.54 20.62
N SER E 177 -36.85 -40.44 19.71
CA SER E 177 -35.73 -41.36 19.89
C SER E 177 -34.79 -41.42 18.69
N HIS E 178 -33.57 -41.84 18.95
CA HIS E 178 -32.55 -41.98 17.91
C HIS E 178 -31.86 -43.33 18.09
N ALA E 179 -31.99 -44.22 17.12
CA ALA E 179 -31.35 -45.54 17.21
C ALA E 179 -30.07 -45.55 16.39
N GLY E 180 -28.94 -45.71 17.06
CA GLY E 180 -27.68 -45.72 16.33
C GLY E 180 -26.50 -46.10 17.20
N VAL E 181 -25.31 -45.90 16.67
CA VAL E 181 -24.09 -46.22 17.40
C VAL E 181 -23.75 -45.14 18.41
N VAL E 182 -23.23 -45.55 19.56
CA VAL E 182 -22.82 -44.60 20.60
C VAL E 182 -21.34 -44.79 20.86
N GLN E 183 -20.64 -43.72 21.16
CA GLN E 183 -19.21 -43.83 21.45
C GLN E 183 -19.03 -44.12 22.93
N CYS E 184 -18.15 -45.07 23.23
CA CYS E 184 -17.84 -45.37 24.62
C CYS E 184 -16.40 -44.91 24.81
N LYS E 185 -16.02 -44.67 26.06
CA LYS E 185 -14.68 -44.20 26.36
C LYS E 185 -14.40 -44.56 27.81
N ASP E 186 -13.14 -44.48 28.22
CA ASP E 186 -12.78 -44.76 29.61
C ASP E 186 -12.52 -43.46 30.37
N ALA E 187 -12.15 -42.40 29.65
CA ALA E 187 -11.88 -41.12 30.28
C ALA E 187 -12.94 -40.07 29.99
N PHE E 188 -13.78 -39.79 30.98
CA PHE E 188 -14.84 -38.80 30.83
C PHE E 188 -14.25 -37.45 30.48
N TYR E 189 -13.14 -37.08 31.13
CA TYR E 189 -12.54 -35.79 30.86
C TYR E 189 -11.81 -35.72 29.53
N GLY E 190 -11.76 -36.84 28.82
CA GLY E 190 -11.15 -36.85 27.51
C GLY E 190 -12.18 -36.42 26.48
N GLN E 191 -13.46 -36.54 26.86
CA GLN E 191 -14.56 -36.17 25.98
C GLN E 191 -14.80 -34.66 25.92
N HIS E 192 -14.75 -34.01 27.08
CA HIS E 192 -15.01 -32.58 27.17
C HIS E 192 -13.78 -31.68 27.16
N GLU E 193 -12.61 -32.23 27.47
CA GLU E 193 -11.38 -31.44 27.48
C GLU E 193 -10.26 -32.20 26.77
N PRO E 194 -10.51 -32.69 25.55
CA PRO E 194 -9.46 -33.42 24.86
C PRO E 194 -8.21 -32.58 24.57
N GLU E 195 -8.42 -31.29 24.32
CA GLU E 195 -7.33 -30.37 24.00
C GLU E 195 -6.24 -30.31 25.07
N ARG E 196 -6.62 -30.55 26.32
CA ARG E 196 -5.69 -30.50 27.44
C ARG E 196 -4.85 -31.76 27.60
N MET E 197 -5.36 -32.89 27.16
CA MET E 197 -4.68 -34.17 27.32
C MET E 197 -3.35 -34.34 26.58
N PRO E 198 -2.43 -35.13 27.16
CA PRO E 198 -1.15 -35.35 26.50
C PRO E 198 -1.41 -36.00 25.14
N VAL E 199 -2.46 -36.83 25.08
CA VAL E 199 -2.83 -37.50 23.83
C VAL E 199 -3.97 -36.78 23.11
N SER E 200 -4.02 -35.46 23.26
CA SER E 200 -5.07 -34.66 22.63
C SER E 200 -5.21 -34.93 21.13
N TYR E 201 -4.08 -35.13 20.45
CA TYR E 201 -4.11 -35.38 19.01
C TYR E 201 -4.93 -36.63 18.67
N GLU E 202 -4.75 -37.68 19.46
CA GLU E 202 -5.46 -38.95 19.25
C GLU E 202 -6.95 -38.79 19.53
N LEU E 203 -7.28 -38.19 20.67
CA LEU E 203 -8.68 -38.00 21.03
C LEU E 203 -9.43 -37.11 20.03
N LEU E 204 -8.77 -36.02 19.61
CA LEU E 204 -9.39 -35.10 18.66
C LEU E 204 -9.60 -35.71 17.29
N ASN E 205 -8.59 -36.45 16.80
CA ASN E 205 -8.72 -37.08 15.48
C ASN E 205 -9.83 -38.12 15.51
N LYS E 206 -9.83 -38.95 16.55
CA LYS E 206 -10.86 -39.97 16.64
C LYS E 206 -12.24 -39.38 16.80
N TRP E 207 -12.35 -38.24 17.48
CA TRP E 207 -13.66 -37.61 17.67
C TRP E 207 -14.24 -37.17 16.32
N GLU E 208 -13.37 -36.63 15.46
CA GLU E 208 -13.84 -36.21 14.14
C GLU E 208 -14.28 -37.46 13.38
N ALA E 209 -13.56 -38.56 13.59
CA ALA E 209 -13.91 -39.82 12.93
C ALA E 209 -15.31 -40.26 13.35
N TRP E 210 -15.58 -40.24 14.66
CA TRP E 210 -16.89 -40.66 15.15
C TRP E 210 -17.99 -39.81 14.51
N LYS E 211 -17.74 -38.52 14.36
CA LYS E 211 -18.71 -37.61 13.76
C LYS E 211 -18.99 -37.94 12.30
N ARG E 212 -17.96 -38.33 11.58
CA ARG E 212 -18.07 -38.68 10.17
C ARG E 212 -18.64 -40.07 9.95
N LEU E 213 -18.90 -40.79 11.04
CA LEU E 213 -19.44 -42.14 10.94
C LEU E 213 -20.89 -42.22 11.42
N GLY E 214 -21.51 -41.06 11.63
CA GLY E 214 -22.90 -40.99 12.05
C GLY E 214 -23.20 -41.33 13.51
N THR E 215 -22.16 -41.34 14.34
CA THR E 215 -22.31 -41.65 15.75
C THR E 215 -23.35 -40.72 16.39
N LYS E 216 -24.27 -41.32 17.16
CA LYS E 216 -25.34 -40.56 17.80
C LYS E 216 -24.98 -39.81 19.07
N ALA E 217 -24.25 -40.46 19.97
CA ALA E 217 -23.91 -39.84 21.24
C ALA E 217 -22.72 -40.51 21.90
N SER E 218 -22.31 -39.96 23.04
CA SER E 218 -21.18 -40.47 23.80
C SER E 218 -21.57 -40.87 25.22
N GLU E 219 -21.14 -42.06 25.65
CA GLU E 219 -21.38 -42.54 26.99
C GLU E 219 -20.20 -43.40 27.44
N MET E 220 -20.39 -44.36 28.34
CA MET E 220 -19.22 -45.12 28.80
C MET E 220 -19.33 -46.62 29.08
N GLU E 221 -20.53 -47.17 29.21
CA GLU E 221 -20.64 -48.59 29.56
C GLU E 221 -21.12 -49.63 28.54
N SER E 222 -21.81 -49.20 27.49
CA SER E 222 -22.34 -50.16 26.51
C SER E 222 -21.35 -51.07 25.79
N ALA E 223 -20.18 -50.55 25.44
CA ALA E 223 -19.20 -51.38 24.72
C ALA E 223 -18.82 -52.60 25.55
N ALA E 224 -18.56 -52.38 26.84
CA ALA E 224 -18.20 -53.46 27.74
C ALA E 224 -19.37 -54.43 27.93
N LEU E 225 -20.56 -53.89 28.14
CA LEU E 225 -21.73 -54.73 28.35
C LEU E 225 -22.11 -55.54 27.11
N PHE E 226 -22.07 -54.91 25.93
CA PHE E 226 -22.42 -55.63 24.70
C PHE E 226 -21.45 -56.77 24.39
N VAL E 227 -20.15 -56.51 24.51
CA VAL E 227 -19.15 -57.54 24.22
C VAL E 227 -19.20 -58.64 25.26
N ALA E 228 -19.31 -58.28 26.54
CA ALA E 228 -19.40 -59.29 27.58
C ALA E 228 -20.64 -60.14 27.36
N ALA E 229 -21.73 -59.51 26.93
CA ALA E 229 -22.97 -60.24 26.69
C ALA E 229 -22.80 -61.26 25.57
N SER E 230 -22.05 -60.90 24.54
CA SER E 230 -21.80 -61.80 23.41
C SER E 230 -21.06 -63.05 23.90
N HIS E 231 -20.13 -62.85 24.82
CA HIS E 231 -19.37 -63.98 25.37
C HIS E 231 -20.19 -64.82 26.32
N LEU E 232 -20.96 -64.17 27.19
CA LEU E 232 -21.76 -64.87 28.19
C LEU E 232 -23.04 -65.48 27.62
N GLY E 233 -23.38 -65.10 26.40
CA GLY E 233 -24.57 -65.65 25.78
C GLY E 233 -25.88 -65.08 26.31
N VAL E 234 -25.87 -63.82 26.71
CA VAL E 234 -27.07 -63.17 27.21
C VAL E 234 -27.47 -62.02 26.29
N ARG E 235 -28.69 -61.52 26.44
CA ARG E 235 -29.18 -60.43 25.61
C ARG E 235 -28.99 -59.09 26.34
N CYS E 236 -28.45 -58.11 25.62
CA CYS E 236 -28.22 -56.80 26.23
C CYS E 236 -28.52 -55.66 25.25
N GLY E 237 -29.13 -54.61 25.76
CA GLY E 237 -29.46 -53.44 24.96
C GLY E 237 -29.27 -52.22 25.84
N SER E 238 -29.44 -51.01 25.29
CA SER E 238 -29.26 -49.79 26.08
C SER E 238 -30.03 -48.60 25.52
N ASP E 239 -30.54 -47.75 26.42
CA ASP E 239 -31.22 -46.54 25.99
C ASP E 239 -30.70 -45.45 26.93
N PHE E 240 -30.70 -44.21 26.49
CA PHE E 240 -30.17 -43.12 27.32
C PHE E 240 -30.92 -41.82 27.17
N LEU E 241 -30.82 -41.00 28.21
CA LEU E 241 -31.40 -39.67 28.20
C LEU E 241 -30.25 -38.80 27.65
N VAL E 242 -30.54 -37.98 26.65
CA VAL E 242 -29.52 -37.09 26.11
C VAL E 242 -29.54 -35.87 27.02
N VAL E 243 -28.43 -35.58 27.69
CA VAL E 243 -28.40 -34.44 28.61
C VAL E 243 -28.02 -33.13 27.93
N GLY E 244 -27.43 -33.24 26.74
CA GLY E 244 -27.01 -32.06 26.00
C GLY E 244 -26.24 -32.50 24.76
N ASN E 245 -25.79 -31.54 23.97
CA ASN E 245 -25.04 -31.84 22.75
C ASN E 245 -23.96 -30.79 22.58
N GLN E 246 -22.71 -31.19 22.84
CA GLN E 246 -21.57 -30.28 22.76
C GLN E 246 -21.35 -29.74 21.34
N GLU E 247 -21.68 -30.55 20.34
CA GLU E 247 -21.45 -30.14 18.96
C GLU E 247 -22.41 -29.01 18.60
N ARG E 248 -23.66 -29.12 19.07
CA ARG E 248 -24.65 -28.07 18.80
C ARG E 248 -24.20 -26.81 19.53
N ASN E 249 -23.68 -26.99 20.74
CA ASN E 249 -23.21 -25.86 21.54
C ASN E 249 -22.09 -25.11 20.84
N ALA E 250 -21.13 -25.85 20.31
CA ALA E 250 -19.99 -25.25 19.62
C ALA E 250 -20.44 -24.45 18.39
N LEU E 251 -21.53 -24.89 17.76
CA LEU E 251 -22.04 -24.21 16.57
C LEU E 251 -22.98 -23.07 16.91
N GLY E 252 -23.29 -22.90 18.19
CA GLY E 252 -24.18 -21.82 18.61
C GLY E 252 -25.65 -22.16 18.41
N MET E 253 -25.93 -23.43 18.15
CA MET E 253 -27.30 -23.88 17.96
C MET E 253 -27.95 -24.04 19.33
N ASP E 254 -29.27 -23.90 19.41
CA ASP E 254 -29.94 -24.05 20.70
C ASP E 254 -29.61 -25.43 21.26
N ASN E 255 -29.16 -25.44 22.51
CA ASN E 255 -28.76 -26.68 23.17
C ASN E 255 -29.41 -26.87 24.53
N PRO E 256 -30.70 -27.26 24.55
CA PRO E 256 -31.42 -27.48 25.81
C PRO E 256 -30.78 -28.60 26.63
N MET E 257 -30.70 -28.40 27.94
CA MET E 257 -30.11 -29.38 28.85
C MET E 257 -31.21 -30.17 29.57
N ALA E 258 -30.92 -31.44 29.87
CA ALA E 258 -31.89 -32.30 30.55
C ALA E 258 -31.18 -33.12 31.63
N HIS E 259 -31.92 -33.54 32.65
CA HIS E 259 -31.33 -34.33 33.72
C HIS E 259 -32.26 -35.44 34.21
N ASP E 260 -33.57 -35.29 33.96
CA ASP E 260 -34.54 -36.29 34.41
C ASP E 260 -34.59 -37.50 33.49
N THR E 261 -34.21 -38.66 34.03
CA THR E 261 -34.17 -39.89 33.25
C THR E 261 -35.49 -40.65 33.18
N GLU E 262 -36.55 -40.09 33.74
CA GLU E 262 -37.84 -40.73 33.72
C GLU E 262 -38.24 -41.30 32.35
N ALA E 263 -38.12 -40.49 31.30
CA ALA E 263 -38.48 -40.95 29.96
C ALA E 263 -37.69 -42.20 29.54
N ALA E 264 -36.38 -42.16 29.72
CA ALA E 264 -35.53 -43.31 29.35
C ALA E 264 -35.91 -44.52 30.18
N ILE E 265 -36.24 -44.30 31.45
CA ILE E 265 -36.64 -45.38 32.33
C ILE E 265 -37.96 -45.97 31.86
N GLN E 266 -38.91 -45.11 31.53
CA GLN E 266 -40.22 -45.57 31.06
C GLN E 266 -40.06 -46.45 29.81
N VAL E 267 -39.20 -46.03 28.91
CA VAL E 267 -38.94 -46.78 27.69
C VAL E 267 -38.36 -48.16 28.00
N ALA E 268 -37.39 -48.20 28.93
CA ALA E 268 -36.78 -49.47 29.30
C ALA E 268 -37.78 -50.41 29.97
N VAL E 269 -38.62 -49.88 30.85
CA VAL E 269 -39.61 -50.70 31.53
C VAL E 269 -40.64 -51.28 30.54
N GLU E 270 -41.11 -50.45 29.61
CA GLU E 270 -42.08 -50.91 28.63
C GLU E 270 -41.43 -51.99 27.76
N ALA E 271 -40.15 -51.80 27.43
CA ALA E 271 -39.42 -52.78 26.63
C ALA E 271 -39.34 -54.09 27.39
N LEU E 272 -39.11 -54.02 28.70
CA LEU E 272 -39.05 -55.24 29.50
C LEU E 272 -40.38 -55.98 29.45
N ARG E 273 -41.48 -55.25 29.56
CA ARG E 273 -42.80 -55.89 29.52
C ARG E 273 -42.95 -56.67 28.21
N THR E 274 -42.49 -56.05 27.12
CA THR E 274 -42.55 -56.68 25.80
C THR E 274 -41.71 -57.96 25.76
N LEU E 275 -40.47 -57.87 26.23
CA LEU E 275 -39.58 -59.02 26.24
C LEU E 275 -40.13 -60.14 27.10
N ILE E 276 -40.66 -59.78 28.26
CA ILE E 276 -41.23 -60.75 29.18
C ILE E 276 -42.41 -61.51 28.54
N GLU E 277 -43.31 -60.79 27.89
CA GLU E 277 -44.44 -61.45 27.26
C GLU E 277 -44.02 -62.30 26.07
N ASN E 278 -43.08 -61.79 25.28
CA ASN E 278 -42.59 -62.53 24.12
C ASN E 278 -41.89 -63.81 24.56
N ASP E 279 -41.23 -63.77 25.71
CA ASP E 279 -40.56 -64.96 26.22
C ASP E 279 -41.62 -65.90 26.79
N GLU F 30 -14.89 -19.50 37.31
CA GLU F 30 -14.15 -20.13 38.43
C GLU F 30 -14.66 -21.54 38.73
N VAL F 31 -13.91 -22.28 39.56
CA VAL F 31 -14.29 -23.64 39.90
C VAL F 31 -15.49 -23.68 40.83
N GLY F 32 -16.50 -24.43 40.44
CA GLY F 32 -17.70 -24.54 41.24
C GLY F 32 -17.96 -25.97 41.71
N LEU F 33 -19.25 -26.29 41.85
CA LEU F 33 -19.67 -27.61 42.30
C LEU F 33 -19.34 -28.66 41.24
N GLN F 34 -18.60 -29.70 41.64
CA GLN F 34 -18.20 -30.76 40.74
C GLN F 34 -19.35 -31.72 40.48
N TYR F 35 -19.64 -31.95 39.19
CA TYR F 35 -20.75 -32.80 38.78
C TYR F 35 -20.82 -34.21 39.38
N HIS F 36 -19.72 -34.96 39.33
CA HIS F 36 -19.74 -36.32 39.85
C HIS F 36 -19.57 -36.46 41.36
N LEU F 37 -18.60 -35.75 41.93
CA LEU F 37 -18.34 -35.86 43.36
C LEU F 37 -19.20 -34.93 44.20
N GLN F 38 -19.78 -33.91 43.57
CA GLN F 38 -20.62 -32.94 44.27
C GLN F 38 -19.88 -32.24 45.41
N ILE F 39 -18.65 -31.83 45.12
CA ILE F 39 -17.82 -31.10 46.07
C ILE F 39 -17.43 -29.79 45.42
N ARG F 40 -17.04 -28.81 46.22
CA ARG F 40 -16.62 -27.52 45.69
C ARG F 40 -15.34 -27.09 46.41
N PRO F 41 -14.65 -26.08 45.86
CA PRO F 41 -13.41 -25.63 46.51
C PRO F 41 -13.66 -25.33 47.98
N GLY F 42 -12.79 -25.85 48.85
CA GLY F 42 -12.94 -25.63 50.27
C GLY F 42 -13.48 -26.85 51.00
N ASP F 43 -14.11 -27.76 50.27
CA ASP F 43 -14.68 -28.97 50.85
C ASP F 43 -13.65 -30.04 51.23
N VAL F 44 -12.56 -30.11 50.47
CA VAL F 44 -11.53 -31.11 50.73
C VAL F 44 -10.15 -30.51 51.01
N GLY F 45 -9.31 -31.30 51.67
CA GLY F 45 -7.98 -30.83 51.98
C GLY F 45 -7.02 -31.10 50.83
N ARG F 46 -5.77 -30.68 50.98
CA ARG F 46 -4.76 -30.89 49.95
C ARG F 46 -4.37 -32.37 49.88
N TYR F 47 -4.60 -33.07 50.98
CA TYR F 47 -4.25 -34.49 51.10
C TYR F 47 -5.51 -35.33 51.11
N VAL F 48 -5.56 -36.35 50.26
CA VAL F 48 -6.72 -37.21 50.18
C VAL F 48 -6.37 -38.69 50.10
N ILE F 49 -7.06 -39.50 50.90
CA ILE F 49 -6.86 -40.95 50.87
C ILE F 49 -8.03 -41.46 50.01
N MET F 50 -7.74 -42.39 49.11
CA MET F 50 -8.77 -42.87 48.21
C MET F 50 -8.99 -44.38 48.14
N PRO F 51 -10.01 -44.87 48.85
CA PRO F 51 -10.27 -46.31 48.80
C PRO F 51 -11.18 -46.55 47.59
N GLY F 52 -11.29 -47.80 47.16
CA GLY F 52 -12.16 -48.09 46.03
C GLY F 52 -13.61 -48.21 46.46
N ASP F 53 -13.82 -48.77 47.65
CA ASP F 53 -15.16 -48.99 48.20
C ASP F 53 -15.70 -47.80 48.99
N PRO F 54 -16.84 -47.21 48.54
CA PRO F 54 -17.41 -46.07 49.26
C PRO F 54 -17.71 -46.38 50.72
N LYS F 55 -17.96 -47.66 51.02
CA LYS F 55 -18.26 -48.06 52.39
C LYS F 55 -17.03 -48.05 53.30
N ARG F 56 -15.84 -47.98 52.72
CA ARG F 56 -14.60 -47.98 53.51
C ARG F 56 -14.22 -46.56 53.96
N CYS F 57 -14.89 -45.54 53.42
CA CYS F 57 -14.56 -44.15 53.78
C CYS F 57 -14.82 -43.81 55.24
N ALA F 58 -15.95 -44.25 55.77
CA ALA F 58 -16.28 -43.96 57.16
C ALA F 58 -15.22 -44.55 58.10
N LYS F 59 -14.75 -45.76 57.79
CA LYS F 59 -13.74 -46.42 58.60
C LYS F 59 -12.42 -45.67 58.57
N ILE F 60 -12.05 -45.16 57.40
CA ILE F 60 -10.80 -44.41 57.29
C ILE F 60 -10.95 -43.07 58.01
N ALA F 61 -12.11 -42.44 57.84
CA ALA F 61 -12.37 -41.14 58.47
C ALA F 61 -12.18 -41.15 59.98
N GLU F 62 -12.38 -42.31 60.60
CA GLU F 62 -12.22 -42.42 62.05
C GLU F 62 -10.78 -42.15 62.46
N HIS F 63 -9.87 -42.25 61.50
CA HIS F 63 -8.45 -42.01 61.78
C HIS F 63 -8.09 -40.52 61.76
N PHE F 64 -9.03 -39.69 61.33
CA PHE F 64 -8.81 -38.25 61.29
C PHE F 64 -9.48 -37.63 62.53
N ASP F 65 -9.23 -36.35 62.76
CA ASP F 65 -9.87 -35.67 63.88
C ASP F 65 -11.15 -35.00 63.39
N ASN F 66 -12.25 -35.23 64.11
CA ASN F 66 -13.53 -34.62 63.78
C ASN F 66 -13.97 -34.69 62.32
N ALA F 67 -13.89 -35.86 61.71
CA ALA F 67 -14.28 -36.00 60.31
C ALA F 67 -15.80 -35.89 60.17
N VAL F 68 -16.24 -35.25 59.10
CA VAL F 68 -17.66 -35.09 58.83
C VAL F 68 -17.93 -35.43 57.37
N LEU F 69 -19.13 -35.94 57.09
CA LEU F 69 -19.50 -36.29 55.73
C LEU F 69 -19.67 -35.02 54.92
N VAL F 70 -19.03 -34.96 53.77
CA VAL F 70 -19.13 -33.79 52.89
C VAL F 70 -20.10 -34.07 51.75
N ALA F 71 -19.95 -35.22 51.12
CA ALA F 71 -20.82 -35.57 50.01
C ALA F 71 -20.95 -37.08 49.81
N ASP F 72 -22.05 -37.47 49.19
CA ASP F 72 -22.33 -38.86 48.89
C ASP F 72 -23.09 -38.79 47.56
N SER F 73 -22.34 -38.88 46.47
CA SER F 73 -22.88 -38.79 45.12
C SER F 73 -22.38 -39.97 44.30
N ARG F 74 -23.30 -40.70 43.68
CA ARG F 74 -22.91 -41.86 42.87
C ARG F 74 -22.03 -42.77 43.75
N GLU F 75 -20.90 -43.23 43.24
CA GLU F 75 -20.04 -44.11 44.04
C GLU F 75 -19.00 -43.32 44.83
N TYR F 76 -19.20 -42.02 44.90
CA TYR F 76 -18.26 -41.13 45.57
C TYR F 76 -18.69 -40.57 46.92
N VAL F 77 -18.13 -41.14 47.98
CA VAL F 77 -18.41 -40.70 49.34
C VAL F 77 -17.18 -39.91 49.79
N THR F 78 -17.39 -38.71 50.32
CA THR F 78 -16.29 -37.88 50.76
C THR F 78 -16.44 -37.40 52.21
N TYR F 79 -15.39 -37.60 53.01
CA TYR F 79 -15.34 -37.16 54.40
C TYR F 79 -14.14 -36.23 54.52
N THR F 80 -14.26 -35.20 55.35
CA THR F 80 -13.17 -34.27 55.57
C THR F 80 -13.01 -33.98 57.07
N GLY F 81 -11.78 -34.03 57.54
CA GLY F 81 -11.48 -33.77 58.95
C GLY F 81 -10.12 -33.12 58.99
N THR F 82 -9.37 -33.36 60.06
CA THR F 82 -8.02 -32.80 60.16
C THR F 82 -7.05 -33.81 60.72
N LEU F 83 -5.79 -33.66 60.37
CA LEU F 83 -4.74 -34.53 60.86
C LEU F 83 -3.62 -33.58 61.24
N ASN F 84 -3.32 -33.49 62.53
CA ASN F 84 -2.29 -32.59 63.03
C ASN F 84 -2.60 -31.15 62.64
N GLY F 85 -3.89 -30.81 62.64
CA GLY F 85 -4.30 -29.46 62.29
C GLY F 85 -4.48 -29.17 60.81
N GLU F 86 -4.02 -30.08 59.96
CA GLU F 86 -4.16 -29.90 58.52
C GLU F 86 -5.43 -30.55 57.98
N LYS F 87 -6.12 -29.87 57.08
CA LYS F 87 -7.35 -30.43 56.51
C LYS F 87 -7.00 -31.62 55.64
N VAL F 88 -7.69 -32.74 55.87
CA VAL F 88 -7.46 -33.95 55.09
C VAL F 88 -8.81 -34.56 54.71
N SER F 89 -8.84 -35.34 53.64
CA SER F 89 -10.09 -35.94 53.21
C SER F 89 -9.93 -37.38 52.76
N VAL F 90 -11.04 -38.09 52.66
CA VAL F 90 -11.06 -39.45 52.17
C VAL F 90 -12.23 -39.50 51.19
N THR F 91 -11.94 -39.92 49.96
CA THR F 91 -12.95 -40.00 48.91
C THR F 91 -12.81 -41.32 48.17
N SER F 92 -13.93 -42.03 48.00
CA SER F 92 -13.92 -43.30 47.31
C SER F 92 -13.84 -43.08 45.80
N THR F 93 -13.31 -44.06 45.08
CA THR F 93 -13.18 -43.96 43.63
C THR F 93 -14.08 -44.92 42.89
N GLY F 94 -14.59 -45.93 43.60
CA GLY F 94 -15.39 -46.94 42.92
C GLY F 94 -14.38 -47.84 42.23
N ILE F 95 -14.86 -48.89 41.56
CA ILE F 95 -13.98 -49.84 40.87
C ILE F 95 -13.63 -49.40 39.45
N GLY F 96 -12.34 -49.42 39.13
CA GLY F 96 -11.92 -49.07 37.78
C GLY F 96 -11.33 -47.70 37.54
N GLY F 97 -10.44 -47.63 36.56
CA GLY F 97 -9.81 -46.37 36.21
C GLY F 97 -10.79 -45.31 35.75
N PRO F 98 -11.88 -45.68 35.06
CA PRO F 98 -12.84 -44.65 34.63
C PRO F 98 -13.40 -43.83 35.79
N SER F 99 -13.87 -44.51 36.85
CA SER F 99 -14.42 -43.78 37.98
C SER F 99 -13.31 -43.15 38.82
N ALA F 100 -12.16 -43.82 38.91
CA ALA F 100 -11.04 -43.29 39.69
C ALA F 100 -10.48 -42.00 39.08
N SER F 101 -10.31 -41.98 37.75
CA SER F 101 -9.77 -40.77 37.11
C SER F 101 -10.71 -39.59 37.30
N ILE F 102 -12.02 -39.84 37.29
CA ILE F 102 -12.98 -38.78 37.50
C ILE F 102 -12.78 -38.20 38.91
N ALA F 103 -12.60 -39.07 39.89
CA ALA F 103 -12.39 -38.61 41.26
C ALA F 103 -11.13 -37.75 41.37
N MET F 104 -10.03 -38.19 40.78
CA MET F 104 -8.80 -37.40 40.85
C MET F 104 -8.97 -36.04 40.16
N GLU F 105 -9.58 -36.04 38.98
CA GLU F 105 -9.81 -34.79 38.24
C GLU F 105 -10.59 -33.77 39.06
N GLU F 106 -11.72 -34.19 39.61
CA GLU F 106 -12.55 -33.28 40.39
C GLU F 106 -11.96 -32.88 41.73
N LEU F 107 -11.23 -33.78 42.37
CA LEU F 107 -10.59 -33.44 43.64
C LEU F 107 -9.48 -32.43 43.35
N LYS F 108 -8.74 -32.66 42.27
CA LYS F 108 -7.67 -31.77 41.87
C LYS F 108 -8.21 -30.36 41.62
N LEU F 109 -9.34 -30.27 40.94
CA LEU F 109 -9.94 -28.96 40.66
C LEU F 109 -10.31 -28.24 41.94
N CYS F 110 -10.64 -29.00 42.98
CA CYS F 110 -11.03 -28.42 44.25
C CYS F 110 -9.86 -28.12 45.19
N GLY F 111 -8.63 -28.35 44.72
CA GLY F 111 -7.47 -28.05 45.54
C GLY F 111 -6.62 -29.18 46.07
N ALA F 112 -6.99 -30.43 45.80
CA ALA F 112 -6.19 -31.55 46.29
C ALA F 112 -4.95 -31.73 45.41
N ASP F 113 -3.82 -32.07 46.02
CA ASP F 113 -2.58 -32.26 45.24
C ASP F 113 -1.72 -33.43 45.71
N THR F 114 -2.19 -34.15 46.72
CA THR F 114 -1.44 -35.30 47.25
C THR F 114 -2.47 -36.40 47.53
N PHE F 115 -2.35 -37.50 46.78
CA PHE F 115 -3.28 -38.61 46.89
C PHE F 115 -2.66 -39.94 47.28
N ILE F 116 -3.38 -40.72 48.07
CA ILE F 116 -2.92 -42.05 48.45
C ILE F 116 -4.06 -43.03 48.34
N ARG F 117 -3.99 -43.92 47.36
CA ARG F 117 -5.02 -44.93 47.20
C ARG F 117 -4.75 -46.03 48.20
N VAL F 118 -5.81 -46.54 48.83
CA VAL F 118 -5.71 -47.62 49.80
C VAL F 118 -6.72 -48.64 49.36
N GLY F 119 -6.25 -49.77 48.84
CA GLY F 119 -7.20 -50.77 48.37
C GLY F 119 -6.89 -52.19 48.80
N THR F 120 -7.36 -53.13 47.98
CA THR F 120 -7.15 -54.54 48.21
C THR F 120 -6.52 -55.08 46.92
N CYS F 121 -5.81 -56.19 47.02
CA CYS F 121 -5.18 -56.75 45.84
C CYS F 121 -5.01 -58.26 45.95
N GLY F 122 -4.75 -58.90 44.81
CA GLY F 122 -4.53 -60.33 44.77
C GLY F 122 -3.04 -60.51 44.51
N GLY F 123 -2.38 -61.29 45.35
CA GLY F 123 -0.95 -61.48 45.17
C GLY F 123 -0.56 -62.31 43.96
N ILE F 124 0.64 -62.06 43.45
CA ILE F 124 1.18 -62.81 42.31
C ILE F 124 2.48 -63.45 42.79
N GLU F 125 3.45 -62.60 43.16
CA GLU F 125 4.73 -63.08 43.69
C GLU F 125 4.37 -64.04 44.82
N LEU F 126 5.06 -65.17 44.93
CA LEU F 126 4.73 -66.15 45.96
C LEU F 126 4.93 -65.71 47.40
N ASP F 127 5.70 -64.66 47.62
CA ASP F 127 5.95 -64.17 48.98
C ASP F 127 4.86 -63.19 49.42
N VAL F 128 4.01 -62.81 48.48
CA VAL F 128 2.92 -61.87 48.77
C VAL F 128 1.67 -62.63 49.18
N LYS F 129 1.43 -62.73 50.48
CA LYS F 129 0.26 -63.46 50.96
C LYS F 129 -0.74 -62.68 51.81
N GLY F 130 -1.93 -63.25 51.95
CA GLY F 130 -3.00 -62.64 52.69
C GLY F 130 -2.57 -61.99 53.99
N GLY F 131 -2.94 -60.73 54.17
CA GLY F 131 -2.59 -60.01 55.37
C GLY F 131 -1.45 -59.03 55.14
N ASP F 132 -0.56 -59.35 54.20
CA ASP F 132 0.57 -58.48 53.90
C ASP F 132 0.09 -57.18 53.27
N ILE F 133 0.99 -56.22 53.20
CA ILE F 133 0.71 -54.92 52.59
C ILE F 133 1.57 -54.82 51.34
N VAL F 134 0.99 -54.33 50.24
CA VAL F 134 1.75 -54.13 49.02
C VAL F 134 1.76 -52.62 48.78
N ILE F 135 2.92 -52.09 48.40
CA ILE F 135 3.09 -50.67 48.10
C ILE F 135 3.51 -50.61 46.63
N ALA F 136 2.71 -49.96 45.79
CA ALA F 136 3.00 -49.89 44.36
C ALA F 136 4.02 -48.83 43.96
N THR F 137 5.11 -49.27 43.34
CA THR F 137 6.14 -48.35 42.89
C THR F 137 5.77 -47.93 41.47
N GLY F 138 4.94 -48.75 40.82
CA GLY F 138 4.51 -48.47 39.47
C GLY F 138 3.41 -49.44 39.10
N ALA F 139 2.80 -49.27 37.93
CA ALA F 139 1.72 -50.16 37.54
C ALA F 139 1.74 -50.56 36.07
N ILE F 140 1.30 -51.79 35.82
CA ILE F 140 1.19 -52.33 34.47
C ILE F 140 -0.09 -51.75 33.88
N ARG F 141 0.06 -51.00 32.79
CA ARG F 141 -1.08 -50.36 32.15
C ARG F 141 -1.92 -51.24 31.23
N MET F 142 -2.41 -52.36 31.76
CA MET F 142 -3.24 -53.24 30.95
C MET F 142 -4.70 -52.83 31.15
N GLU F 143 -4.97 -51.55 30.89
CA GLU F 143 -6.30 -50.97 31.03
C GLU F 143 -6.42 -49.79 30.08
N GLY F 144 -7.64 -49.38 29.80
CA GLY F 144 -7.85 -48.30 28.84
C GLY F 144 -7.86 -46.85 29.28
N THR F 145 -8.16 -46.56 30.53
CA THR F 145 -8.21 -45.17 30.98
C THR F 145 -6.89 -44.43 30.78
N SER F 146 -5.79 -45.04 31.20
CA SER F 146 -4.49 -44.38 31.07
C SER F 146 -4.13 -44.06 29.62
N LYS F 147 -4.65 -44.88 28.69
CA LYS F 147 -4.37 -44.68 27.27
C LYS F 147 -5.09 -43.47 26.68
N GLU F 148 -6.05 -42.93 27.43
CA GLU F 148 -6.77 -41.75 26.98
C GLU F 148 -6.14 -40.52 27.64
N TYR F 149 -5.07 -40.77 28.38
CA TYR F 149 -4.31 -39.71 29.04
C TYR F 149 -2.89 -39.65 28.45
N ALA F 150 -2.27 -40.80 28.25
CA ALA F 150 -0.90 -40.83 27.73
C ALA F 150 -0.61 -41.99 26.79
N PRO F 151 0.37 -41.81 25.89
CA PRO F 151 0.73 -42.89 24.96
C PRO F 151 1.13 -44.06 25.86
N ILE F 152 0.85 -45.28 25.43
CA ILE F 152 1.14 -46.45 26.24
C ILE F 152 2.61 -46.62 26.66
N GLU F 153 3.54 -46.03 25.92
CA GLU F 153 4.95 -46.16 26.27
C GLU F 153 5.31 -45.45 27.59
N PHE F 154 4.49 -44.49 27.99
CA PHE F 154 4.75 -43.76 29.22
C PHE F 154 4.55 -44.66 30.44
N PRO F 155 5.49 -44.64 31.40
CA PRO F 155 5.33 -45.50 32.57
C PRO F 155 4.35 -44.98 33.63
N ALA F 156 3.57 -45.90 34.19
CA ALA F 156 2.66 -45.55 35.27
C ALA F 156 3.57 -45.71 36.50
N VAL F 157 4.08 -44.61 37.01
CA VAL F 157 4.99 -44.64 38.15
C VAL F 157 4.50 -43.80 39.32
N ALA F 158 4.62 -44.34 40.52
CA ALA F 158 4.18 -43.63 41.72
C ALA F 158 5.14 -42.52 42.11
N ASP F 159 4.62 -41.50 42.80
CA ASP F 159 5.44 -40.39 43.25
C ASP F 159 6.47 -40.93 44.24
N LEU F 160 7.72 -40.49 44.11
CA LEU F 160 8.80 -40.94 44.98
C LEU F 160 8.57 -40.63 46.47
N GLU F 161 8.12 -39.41 46.77
CA GLU F 161 7.89 -39.00 48.14
C GLU F 161 6.77 -39.79 48.82
N VAL F 162 5.68 -40.02 48.09
CA VAL F 162 4.55 -40.75 48.64
C VAL F 162 4.95 -42.21 48.89
N THR F 163 5.63 -42.80 47.92
CA THR F 163 6.07 -44.19 48.03
C THR F 163 7.02 -44.36 49.22
N ASN F 164 7.98 -43.46 49.37
CA ASN F 164 8.92 -43.56 50.48
C ASN F 164 8.20 -43.39 51.81
N ALA F 165 7.21 -42.51 51.83
CA ALA F 165 6.43 -42.26 53.04
C ALA F 165 5.68 -43.54 53.43
N LEU F 166 5.17 -44.24 52.43
CA LEU F 166 4.45 -45.49 52.67
C LEU F 166 5.39 -46.57 53.18
N VAL F 167 6.53 -46.71 52.53
CA VAL F 167 7.52 -47.71 52.94
C VAL F 167 7.99 -47.46 54.37
N ASN F 168 8.29 -46.20 54.68
CA ASN F 168 8.74 -45.83 56.02
C ASN F 168 7.67 -46.11 57.07
N ALA F 169 6.41 -45.83 56.72
CA ALA F 169 5.29 -46.04 57.63
C ALA F 169 5.09 -47.54 57.92
N ALA F 170 5.17 -48.37 56.88
CA ALA F 170 4.99 -49.81 57.06
C ALA F 170 6.08 -50.36 57.97
N LYS F 171 7.31 -49.88 57.81
CA LYS F 171 8.41 -50.35 58.65
C LYS F 171 8.22 -49.90 60.10
N LYS F 172 7.82 -48.64 60.27
CA LYS F 172 7.60 -48.09 61.60
C LYS F 172 6.49 -48.81 62.34
N LEU F 173 5.40 -49.14 61.62
CA LEU F 173 4.26 -49.82 62.22
C LEU F 173 4.46 -51.32 62.37
N GLY F 174 5.55 -51.83 61.80
CA GLY F 174 5.87 -53.24 61.89
C GLY F 174 5.09 -54.23 61.03
N TYR F 175 4.53 -53.76 59.91
CA TYR F 175 3.77 -54.64 59.03
C TYR F 175 4.62 -55.18 57.88
N THR F 176 4.42 -56.45 57.54
CA THR F 176 5.15 -57.05 56.43
C THR F 176 4.65 -56.37 55.17
N SER F 177 5.58 -55.80 54.39
CA SER F 177 5.18 -55.11 53.17
C SER F 177 6.05 -55.49 51.98
N HIS F 178 5.52 -55.24 50.79
CA HIS F 178 6.20 -55.55 49.54
C HIS F 178 6.07 -54.35 48.62
N ALA F 179 7.19 -53.69 48.32
CA ALA F 179 7.18 -52.53 47.44
C ALA F 179 7.56 -52.99 46.04
N GLY F 180 6.69 -52.76 45.07
CA GLY F 180 6.98 -53.18 43.71
C GLY F 180 5.88 -52.86 42.73
N VAL F 181 6.00 -53.41 41.54
CA VAL F 181 5.03 -53.17 40.48
C VAL F 181 3.77 -53.99 40.69
N VAL F 182 2.61 -53.39 40.42
CA VAL F 182 1.35 -54.11 40.54
C VAL F 182 0.70 -54.13 39.17
N GLN F 183 -0.04 -55.19 38.89
CA GLN F 183 -0.72 -55.28 37.62
C GLN F 183 -2.09 -54.64 37.73
N CYS F 184 -2.43 -53.81 36.76
CA CYS F 184 -3.75 -53.20 36.73
C CYS F 184 -4.45 -53.82 35.55
N LYS F 185 -5.77 -53.87 35.61
CA LYS F 185 -6.58 -54.48 34.56
C LYS F 185 -7.94 -53.83 34.58
N ASP F 186 -8.72 -54.05 33.53
CA ASP F 186 -10.08 -53.52 33.46
C ASP F 186 -11.10 -54.61 33.74
N ALA F 187 -10.72 -55.88 33.50
CA ALA F 187 -11.65 -56.98 33.72
C ALA F 187 -11.26 -57.86 34.90
N PHE F 188 -12.00 -57.72 36.00
CA PHE F 188 -11.74 -58.52 37.20
C PHE F 188 -11.85 -60.01 36.87
N TYR F 189 -12.88 -60.38 36.12
CA TYR F 189 -13.05 -61.78 35.80
C TYR F 189 -12.06 -62.31 34.76
N GLY F 190 -11.25 -61.40 34.22
CA GLY F 190 -10.23 -61.82 33.28
C GLY F 190 -9.03 -62.27 34.10
N GLN F 191 -8.94 -61.77 35.34
CA GLN F 191 -7.85 -62.15 36.23
C GLN F 191 -8.11 -63.49 36.86
N HIS F 192 -9.36 -63.75 37.25
CA HIS F 192 -9.72 -64.98 37.92
C HIS F 192 -10.23 -66.14 37.08
N GLU F 193 -10.66 -65.88 35.86
CA GLU F 193 -11.10 -66.96 34.98
C GLU F 193 -10.69 -66.65 33.54
N PRO F 194 -9.39 -66.42 33.33
CA PRO F 194 -8.89 -66.12 31.99
C PRO F 194 -9.08 -67.26 31.02
N GLU F 195 -9.02 -68.49 31.51
CA GLU F 195 -9.18 -69.66 30.66
C GLU F 195 -10.52 -69.68 29.92
N ARG F 196 -11.52 -69.05 30.52
CA ARG F 196 -12.87 -69.01 29.96
C ARG F 196 -13.06 -67.96 28.87
N MET F 197 -12.31 -66.87 28.98
CA MET F 197 -12.41 -65.75 28.04
C MET F 197 -12.09 -66.01 26.58
N PRO F 198 -12.78 -65.31 25.68
CA PRO F 198 -12.51 -65.51 24.26
C PRO F 198 -11.03 -65.17 24.00
N VAL F 199 -10.52 -64.19 24.72
CA VAL F 199 -9.11 -63.80 24.58
C VAL F 199 -8.23 -64.47 25.62
N SER F 200 -8.62 -65.66 26.05
CA SER F 200 -7.85 -66.41 27.05
C SER F 200 -6.37 -66.47 26.72
N TYR F 201 -6.05 -66.72 25.46
CA TYR F 201 -4.65 -66.82 25.04
C TYR F 201 -3.83 -65.58 25.39
N GLU F 202 -4.42 -64.42 25.19
CA GLU F 202 -3.76 -63.15 25.47
C GLU F 202 -3.60 -62.93 26.98
N LEU F 203 -4.67 -63.15 27.73
CA LEU F 203 -4.64 -62.96 29.18
C LEU F 203 -3.66 -63.93 29.84
N LEU F 204 -3.70 -65.19 29.42
CA LEU F 204 -2.81 -66.20 29.99
C LEU F 204 -1.34 -65.94 29.67
N ASN F 205 -1.06 -65.54 28.44
CA ASN F 205 0.32 -65.26 28.04
C ASN F 205 0.85 -64.05 28.81
N LYS F 206 0.06 -62.98 28.88
CA LYS F 206 0.49 -61.79 29.60
C LYS F 206 0.65 -62.05 31.09
N TRP F 207 -0.20 -62.91 31.65
CA TRP F 207 -0.10 -63.24 33.07
C TRP F 207 1.25 -63.88 33.36
N GLU F 208 1.71 -64.78 32.50
CA GLU F 208 3.00 -65.42 32.70
C GLU F 208 4.11 -64.37 32.58
N ALA F 209 3.90 -63.38 31.71
CA ALA F 209 4.89 -62.32 31.55
C ALA F 209 5.01 -61.54 32.86
N TRP F 210 3.87 -61.18 33.45
CA TRP F 210 3.86 -60.43 34.70
C TRP F 210 4.63 -61.21 35.77
N LYS F 211 4.40 -62.52 35.82
CA LYS F 211 5.08 -63.37 36.80
C LYS F 211 6.58 -63.39 36.59
N ARG F 212 7.01 -63.29 35.34
CA ARG F 212 8.44 -63.31 35.02
C ARG F 212 9.09 -61.94 35.11
N LEU F 213 8.30 -60.92 35.48
CA LEU F 213 8.82 -59.56 35.61
C LEU F 213 8.81 -59.08 37.06
N GLY F 214 8.65 -60.00 38.01
CA GLY F 214 8.64 -59.66 39.42
C GLY F 214 7.43 -58.93 39.97
N THR F 215 6.34 -58.94 39.22
CA THR F 215 5.11 -58.28 39.63
C THR F 215 4.62 -58.78 40.99
N LYS F 216 4.29 -57.87 41.89
CA LYS F 216 3.86 -58.24 43.24
C LYS F 216 2.40 -58.68 43.40
N ALA F 217 1.48 -57.93 42.80
CA ALA F 217 0.07 -58.23 42.97
C ALA F 217 -0.78 -57.65 41.85
N SER F 218 -2.08 -57.92 41.89
CA SER F 218 -3.02 -57.44 40.87
C SER F 218 -4.15 -56.62 41.50
N GLU F 219 -4.44 -55.46 40.91
CA GLU F 219 -5.51 -54.60 41.37
C GLU F 219 -6.09 -53.86 40.17
N MET F 220 -6.74 -52.72 40.37
CA MET F 220 -7.34 -52.08 39.21
C MET F 220 -7.28 -50.57 38.97
N GLU F 221 -6.93 -49.78 39.99
CA GLU F 221 -6.93 -48.33 39.77
C GLU F 221 -5.62 -47.53 39.70
N SER F 222 -4.51 -48.09 40.18
CA SER F 222 -3.26 -47.33 40.18
C SER F 222 -2.72 -46.88 38.83
N ALA F 223 -2.85 -47.72 37.80
CA ALA F 223 -2.33 -47.32 36.50
C ALA F 223 -2.97 -46.01 36.04
N ALA F 224 -4.29 -45.92 36.16
CA ALA F 224 -4.99 -44.71 35.76
C ALA F 224 -4.63 -43.53 36.66
N LEU F 225 -4.56 -43.76 37.96
CA LEU F 225 -4.24 -42.67 38.89
C LEU F 225 -2.81 -42.15 38.74
N PHE F 226 -1.84 -43.04 38.58
CA PHE F 226 -0.45 -42.63 38.43
C PHE F 226 -0.23 -41.80 37.16
N VAL F 227 -0.80 -42.26 36.05
CA VAL F 227 -0.64 -41.55 34.79
C VAL F 227 -1.39 -40.21 34.82
N ALA F 228 -2.62 -40.23 35.31
CA ALA F 228 -3.38 -38.98 35.41
C ALA F 228 -2.62 -37.99 36.31
N ALA F 229 -2.01 -38.49 37.38
CA ALA F 229 -1.26 -37.63 38.29
C ALA F 229 -0.05 -37.01 37.59
N SER F 230 0.60 -37.79 36.71
CA SER F 230 1.76 -37.28 35.98
C SER F 230 1.33 -36.12 35.10
N HIS F 231 0.13 -36.24 34.53
CA HIS F 231 -0.40 -35.19 33.67
C HIS F 231 -0.88 -33.98 34.45
N LEU F 232 -1.59 -34.22 35.55
CA LEU F 232 -2.14 -33.14 36.37
C LEU F 232 -1.12 -32.45 37.27
N GLY F 233 0.07 -33.05 37.39
CA GLY F 233 1.12 -32.46 38.20
C GLY F 233 0.91 -32.62 39.71
N VAL F 234 0.31 -33.73 40.12
CA VAL F 234 0.07 -33.98 41.54
C VAL F 234 0.79 -35.26 41.98
N ARG F 235 0.93 -35.43 43.28
CA ARG F 235 1.61 -36.59 43.84
C ARG F 235 0.61 -37.69 44.18
N CYS F 236 0.91 -38.91 43.74
CA CYS F 236 0.04 -40.06 44.00
C CYS F 236 0.82 -41.33 44.31
N GLY F 237 0.34 -42.06 45.30
CA GLY F 237 0.96 -43.32 45.71
C GLY F 237 -0.16 -44.28 46.05
N SER F 238 0.17 -45.55 46.32
CA SER F 238 -0.86 -46.54 46.65
C SER F 238 -0.35 -47.69 47.53
N ASP F 239 -1.18 -48.16 48.44
CA ASP F 239 -0.81 -49.30 49.26
C ASP F 239 -2.09 -50.16 49.27
N PHE F 240 -1.93 -51.45 49.49
CA PHE F 240 -3.08 -52.35 49.46
C PHE F 240 -2.95 -53.49 50.45
N LEU F 241 -4.11 -54.02 50.86
CA LEU F 241 -4.15 -55.18 51.74
C LEU F 241 -4.22 -56.37 50.78
N VAL F 242 -3.36 -57.37 50.98
CA VAL F 242 -3.38 -58.56 50.13
C VAL F 242 -4.52 -59.43 50.66
N VAL F 243 -5.50 -59.76 49.83
CA VAL F 243 -6.61 -60.56 50.30
C VAL F 243 -6.51 -62.04 49.94
N GLY F 244 -5.55 -62.36 49.10
CA GLY F 244 -5.34 -63.74 48.68
C GLY F 244 -4.24 -63.78 47.63
N ASN F 245 -3.85 -64.98 47.22
CA ASN F 245 -2.81 -65.14 46.20
C ASN F 245 -3.13 -66.41 45.44
N GLN F 246 -3.58 -66.23 44.20
CA GLN F 246 -3.99 -67.34 43.35
C GLN F 246 -2.82 -68.25 42.97
N GLU F 247 -1.62 -67.68 42.87
CA GLU F 247 -0.46 -68.47 42.47
C GLU F 247 -0.04 -69.40 43.61
N ARG F 248 -0.17 -68.92 44.84
CA ARG F 248 0.15 -69.73 45.99
C ARG F 248 -0.86 -70.86 46.07
N ASN F 249 -2.12 -70.54 45.80
CA ASN F 249 -3.20 -71.53 45.84
C ASN F 249 -3.01 -72.59 44.76
N ALA F 250 -2.51 -72.19 43.60
CA ALA F 250 -2.28 -73.14 42.51
C ALA F 250 -1.22 -74.18 42.91
N LEU F 251 -0.29 -73.77 43.77
CA LEU F 251 0.77 -74.67 44.22
C LEU F 251 0.41 -75.40 45.51
N GLY F 252 -0.79 -75.15 46.02
CA GLY F 252 -1.23 -75.79 47.25
C GLY F 252 -0.59 -75.18 48.48
N MET F 253 0.01 -74.01 48.33
CA MET F 253 0.63 -73.33 49.45
C MET F 253 -0.43 -72.72 50.35
N ASP F 254 -0.07 -72.49 51.61
CA ASP F 254 -1.00 -71.89 52.56
C ASP F 254 -1.49 -70.58 51.94
N ASN F 255 -2.79 -70.44 51.77
CA ASN F 255 -3.35 -69.23 51.17
C ASN F 255 -4.46 -68.64 52.03
N PRO F 256 -4.08 -68.02 53.16
CA PRO F 256 -5.06 -67.41 54.07
C PRO F 256 -5.73 -66.20 53.43
N MET F 257 -7.02 -66.07 53.67
CA MET F 257 -7.78 -64.94 53.12
C MET F 257 -7.83 -63.81 54.14
N ALA F 258 -7.77 -62.58 53.65
CA ALA F 258 -7.81 -61.41 54.51
C ALA F 258 -8.85 -60.43 53.96
N HIS F 259 -9.42 -59.62 54.83
CA HIS F 259 -10.43 -58.65 54.40
C HIS F 259 -10.35 -57.36 55.19
N ASP F 260 -9.76 -57.40 56.38
CA ASP F 260 -9.65 -56.22 57.24
C ASP F 260 -8.53 -55.31 56.74
N THR F 261 -8.91 -54.15 56.21
CA THR F 261 -7.97 -53.19 55.67
C THR F 261 -7.33 -52.24 56.68
N GLU F 262 -7.62 -52.43 57.95
CA GLU F 262 -7.08 -51.57 58.99
C GLU F 262 -5.58 -51.33 58.85
N ALA F 263 -4.80 -52.39 58.65
CA ALA F 263 -3.35 -52.23 58.52
C ALA F 263 -2.96 -51.33 57.34
N ALA F 264 -3.52 -51.60 56.17
CA ALA F 264 -3.22 -50.79 54.99
C ALA F 264 -3.60 -49.34 55.24
N ILE F 265 -4.70 -49.15 55.96
CA ILE F 265 -5.20 -47.81 56.29
C ILE F 265 -4.23 -47.11 57.25
N GLN F 266 -3.79 -47.83 58.28
CA GLN F 266 -2.86 -47.24 59.24
C GLN F 266 -1.59 -46.77 58.55
N VAL F 267 -1.09 -47.58 57.62
CA VAL F 267 0.11 -47.23 56.87
C VAL F 267 -0.11 -45.97 56.02
N ALA F 268 -1.28 -45.88 55.38
CA ALA F 268 -1.59 -44.73 54.55
C ALA F 268 -1.74 -43.47 55.39
N VAL F 269 -2.38 -43.59 56.54
CA VAL F 269 -2.57 -42.45 57.43
C VAL F 269 -1.23 -41.96 57.98
N GLU F 270 -0.35 -42.89 58.33
CA GLU F 270 0.96 -42.53 58.86
C GLU F 270 1.76 -41.85 57.76
N ALA F 271 1.63 -42.34 56.53
CA ALA F 271 2.33 -41.74 55.41
C ALA F 271 1.84 -40.32 55.21
N LEU F 272 0.52 -40.13 55.29
CA LEU F 272 -0.07 -38.79 55.13
C LEU F 272 0.50 -37.87 56.21
N ARG F 273 0.59 -38.38 57.43
CA ARG F 273 1.10 -37.59 58.54
C ARG F 273 2.51 -37.06 58.27
N THR F 274 3.41 -37.93 57.82
CA THR F 274 4.78 -37.49 57.56
C THR F 274 4.86 -36.60 56.32
N LEU F 275 4.00 -36.82 55.34
CA LEU F 275 3.99 -35.98 54.14
C LEU F 275 3.53 -34.57 54.52
N ILE F 276 2.56 -34.49 55.42
CA ILE F 276 2.04 -33.21 55.89
C ILE F 276 3.15 -32.48 56.65
N GLU F 277 3.84 -33.22 57.52
CA GLU F 277 4.93 -32.64 58.31
C GLU F 277 6.05 -32.14 57.40
N ASN F 278 6.40 -32.94 56.40
CA ASN F 278 7.47 -32.56 55.48
C ASN F 278 7.12 -31.32 54.67
N ASP F 279 5.83 -31.12 54.38
CA ASP F 279 5.42 -29.95 53.62
C ASP F 279 5.40 -28.70 54.49
N LYS F 280 5.37 -28.89 55.80
CA LYS F 280 5.36 -27.75 56.73
C LYS F 280 6.77 -27.48 57.24
N GLY G 32 -9.19 27.96 32.05
CA GLY G 32 -10.39 27.90 32.94
C GLY G 32 -10.65 26.51 33.50
N LEU G 33 -11.88 26.30 33.95
CA LEU G 33 -12.28 25.01 34.51
C LEU G 33 -12.32 23.94 33.43
N GLN G 34 -11.64 22.82 33.67
CA GLN G 34 -11.60 21.73 32.70
C GLN G 34 -12.87 20.89 32.80
N TYR G 35 -13.56 20.75 31.68
CA TYR G 35 -14.82 20.01 31.61
C TYR G 35 -14.87 18.62 32.24
N HIS G 36 -13.94 17.74 31.85
CA HIS G 36 -13.95 16.39 32.38
C HIS G 36 -13.35 16.20 33.77
N LEU G 37 -12.18 16.80 34.00
CA LEU G 37 -11.51 16.64 35.30
C LEU G 37 -11.98 17.61 36.37
N GLN G 38 -12.63 18.70 35.95
CA GLN G 38 -13.13 19.72 36.87
C GLN G 38 -12.02 20.32 37.72
N ILE G 39 -10.88 20.56 37.09
CA ILE G 39 -9.75 21.17 37.75
C ILE G 39 -9.45 22.46 37.01
N ARG G 40 -8.67 23.34 37.63
CA ARG G 40 -8.30 24.59 37.00
C ARG G 40 -6.84 24.92 37.28
N PRO G 41 -6.26 25.84 36.51
CA PRO G 41 -4.86 26.21 36.73
C PRO G 41 -4.59 26.47 38.22
N GLY G 42 -3.56 25.83 38.75
CA GLY G 42 -3.24 26.00 40.17
C GLY G 42 -3.68 24.85 41.05
N ASP G 43 -4.60 24.01 40.55
CA ASP G 43 -5.10 22.88 41.33
C ASP G 43 -4.14 21.71 41.37
N VAL G 44 -3.33 21.55 40.33
CA VAL G 44 -2.40 20.43 40.27
C VAL G 44 -0.94 20.88 40.12
N GLY G 45 -0.02 19.99 40.48
CA GLY G 45 1.38 20.32 40.38
C GLY G 45 1.91 19.99 39.00
N ARG G 46 3.20 20.21 38.79
CA ARG G 46 3.82 19.92 37.50
C ARG G 46 4.02 18.43 37.33
N TYR G 47 4.09 17.71 38.45
CA TYR G 47 4.30 16.27 38.46
C TYR G 47 3.03 15.53 38.82
N VAL G 48 2.63 14.56 37.99
CA VAL G 48 1.40 13.82 38.23
C VAL G 48 1.53 12.32 38.03
N ILE G 49 0.99 11.57 38.99
CA ILE G 49 0.99 10.11 38.93
C ILE G 49 -0.42 9.76 38.40
N MET G 50 -0.48 8.82 37.47
CA MET G 50 -1.76 8.47 36.87
C MET G 50 -2.18 7.01 36.90
N PRO G 51 -2.97 6.61 37.90
CA PRO G 51 -3.43 5.22 37.99
C PRO G 51 -4.71 5.11 37.16
N GLY G 52 -5.08 3.90 36.76
CA GLY G 52 -6.29 3.74 35.98
C GLY G 52 -7.54 3.71 36.85
N ASP G 53 -7.42 3.14 38.04
CA ASP G 53 -8.54 3.01 38.97
C ASP G 53 -8.69 4.24 39.89
N PRO G 54 -9.82 4.94 39.81
CA PRO G 54 -9.99 6.11 40.69
C PRO G 54 -9.86 5.78 42.16
N LYS G 55 -10.18 4.55 42.52
CA LYS G 55 -10.09 4.10 43.91
C LYS G 55 -8.65 4.02 44.39
N ARG G 56 -7.71 3.95 43.46
CA ARG G 56 -6.29 3.85 43.80
C ARG G 56 -5.67 5.22 44.12
N CYS G 57 -6.38 6.29 43.79
CA CYS G 57 -5.85 7.63 44.05
C CYS G 57 -5.65 7.93 45.53
N ALA G 58 -6.60 7.51 46.37
CA ALA G 58 -6.48 7.75 47.80
C ALA G 58 -5.26 7.02 48.34
N LYS G 59 -5.04 5.81 47.86
CA LYS G 59 -3.89 5.00 48.29
C LYS G 59 -2.59 5.67 47.92
N ILE G 60 -2.52 6.21 46.70
CA ILE G 60 -1.32 6.89 46.26
C ILE G 60 -1.15 8.22 46.99
N ALA G 61 -2.24 8.93 47.22
CA ALA G 61 -2.20 10.22 47.90
C ALA G 61 -1.53 10.11 49.28
N GLU G 62 -1.67 8.95 49.91
CA GLU G 62 -1.07 8.72 51.22
C GLU G 62 0.45 8.85 51.17
N HIS G 63 1.01 8.63 49.98
CA HIS G 63 2.46 8.71 49.81
C HIS G 63 2.96 10.14 49.68
N PHE G 64 2.04 11.08 49.47
CA PHE G 64 2.41 12.49 49.35
C PHE G 64 2.29 13.13 50.73
N ASP G 65 2.84 14.33 50.86
CA ASP G 65 2.71 15.05 52.12
C ASP G 65 1.50 15.96 52.02
N ASN G 66 0.61 15.86 52.99
CA ASN G 66 -0.56 16.73 53.06
C ASN G 66 -1.41 16.75 51.78
N ALA G 67 -1.82 15.58 51.31
CA ALA G 67 -2.65 15.49 50.11
C ALA G 67 -4.08 15.90 50.39
N VAL G 68 -4.68 16.61 49.42
CA VAL G 68 -6.06 17.07 49.56
C VAL G 68 -6.85 16.70 48.31
N LEU G 69 -8.10 16.29 48.49
CA LEU G 69 -8.97 15.94 47.37
C LEU G 69 -9.37 17.21 46.62
N VAL G 70 -8.93 17.33 45.37
CA VAL G 70 -9.22 18.50 44.57
C VAL G 70 -10.49 18.35 43.74
N ALA G 71 -10.70 17.17 43.17
CA ALA G 71 -11.88 16.94 42.34
C ALA G 71 -12.23 15.47 42.22
N ASP G 72 -13.52 15.20 42.00
CA ASP G 72 -14.06 13.86 41.83
C ASP G 72 -15.14 14.02 40.77
N SER G 73 -14.74 13.86 39.51
CA SER G 73 -15.65 14.01 38.38
C SER G 73 -15.55 12.82 37.44
N ARG G 74 -16.69 12.18 37.15
CA ARG G 74 -16.70 11.01 36.27
C ARG G 74 -15.72 9.99 36.84
N GLU G 75 -14.82 9.47 36.01
CA GLU G 75 -13.86 8.48 36.50
C GLU G 75 -12.57 9.16 36.94
N TYR G 76 -12.59 10.49 37.01
CA TYR G 76 -11.41 11.27 37.37
C TYR G 76 -11.35 11.80 38.79
N VAL G 77 -10.55 11.15 39.62
CA VAL G 77 -10.36 11.60 41.01
C VAL G 77 -8.97 12.22 41.06
N THR G 78 -8.88 13.43 41.60
CA THR G 78 -7.60 14.13 41.68
C THR G 78 -7.26 14.58 43.10
N TYR G 79 -6.05 14.26 43.54
CA TYR G 79 -5.55 14.66 44.85
C TYR G 79 -4.29 15.47 44.59
N THR G 80 -4.02 16.47 45.42
CA THR G 80 -2.83 17.28 45.25
C THR G 80 -2.18 17.52 46.60
N GLY G 81 -0.88 17.26 46.66
CA GLY G 81 -0.12 17.45 47.88
C GLY G 81 1.28 17.88 47.52
N THR G 82 2.26 17.46 48.31
CA THR G 82 3.64 17.81 48.01
C THR G 82 4.59 16.66 48.24
N LEU G 83 5.74 16.75 47.58
CA LEU G 83 6.79 15.76 47.68
C LEU G 83 8.04 16.62 47.73
N ASN G 84 8.77 16.55 48.84
CA ASN G 84 9.97 17.37 49.01
C ASN G 84 9.62 18.85 48.86
N GLY G 85 8.42 19.20 49.30
CA GLY G 85 7.97 20.59 49.24
C GLY G 85 7.41 21.06 47.91
N GLU G 86 7.55 20.23 46.88
CA GLU G 86 7.06 20.56 45.53
C GLU G 86 5.65 20.02 45.32
N LYS G 87 4.77 20.83 44.73
CA LYS G 87 3.40 20.39 44.51
C LYS G 87 3.34 19.23 43.50
N VAL G 88 2.63 18.17 43.89
CA VAL G 88 2.47 16.99 43.04
C VAL G 88 1.02 16.55 43.11
N SER G 89 0.58 15.80 42.11
CA SER G 89 -0.80 15.33 42.09
C SER G 89 -0.91 13.88 41.66
N VAL G 90 -2.10 13.34 41.84
CA VAL G 90 -2.43 11.99 41.42
C VAL G 90 -3.84 12.09 40.85
N THR G 91 -4.01 11.66 39.61
CA THR G 91 -5.29 11.71 38.93
C THR G 91 -5.56 10.40 38.21
N SER G 92 -6.73 9.82 38.44
CA SER G 92 -7.07 8.56 37.79
C SER G 92 -7.45 8.84 36.34
N THR G 93 -7.31 7.83 35.48
CA THR G 93 -7.62 7.98 34.06
C THR G 93 -8.75 7.09 33.59
N GLY G 94 -9.13 6.12 34.41
CA GLY G 94 -10.18 5.20 33.98
C GLY G 94 -9.50 4.24 33.03
N ILE G 95 -10.22 3.25 32.53
CA ILE G 95 -9.62 2.28 31.62
C ILE G 95 -9.67 2.71 30.16
N GLY G 96 -8.53 2.63 29.49
CA GLY G 96 -8.47 2.97 28.08
C GLY G 96 -7.82 4.28 27.67
N GLY G 97 -7.20 4.26 26.49
CA GLY G 97 -6.56 5.46 25.99
C GLY G 97 -7.51 6.64 25.83
N PRO G 98 -8.81 6.42 25.52
CA PRO G 98 -9.71 7.56 25.37
C PRO G 98 -9.82 8.40 26.63
N SER G 99 -10.10 7.77 27.76
CA SER G 99 -10.22 8.51 29.00
C SER G 99 -8.87 8.99 29.53
N ALA G 100 -7.81 8.23 29.26
CA ALA G 100 -6.48 8.63 29.71
C ALA G 100 -5.97 9.86 28.95
N SER G 101 -6.23 9.91 27.65
CA SER G 101 -5.78 11.06 26.86
C SER G 101 -6.48 12.34 27.32
N ILE G 102 -7.76 12.23 27.66
CA ILE G 102 -8.50 13.40 28.13
C ILE G 102 -7.82 13.92 29.40
N ALA G 103 -7.46 13.01 30.30
CA ALA G 103 -6.80 13.40 31.54
C ALA G 103 -5.49 14.15 31.28
N MET G 104 -4.65 13.60 30.39
CA MET G 104 -3.37 14.26 30.09
C MET G 104 -3.58 15.64 29.47
N GLU G 105 -4.52 15.74 28.55
CA GLU G 105 -4.81 17.01 27.88
C GLU G 105 -5.24 18.09 28.87
N GLU G 106 -6.14 17.73 29.76
CA GLU G 106 -6.64 18.71 30.73
C GLU G 106 -5.66 19.01 31.85
N LEU G 107 -4.85 18.03 32.26
CA LEU G 107 -3.86 18.27 33.30
C LEU G 107 -2.81 19.20 32.71
N LYS G 108 -2.44 18.93 31.46
CA LYS G 108 -1.44 19.72 30.73
C LYS G 108 -1.88 21.18 30.66
N LEU G 109 -3.16 21.40 30.36
CA LEU G 109 -3.69 22.75 30.26
C LEU G 109 -3.61 23.46 31.60
N CYS G 110 -3.63 22.68 32.68
CA CYS G 110 -3.57 23.24 34.02
C CYS G 110 -2.15 23.34 34.58
N GLY G 111 -1.15 23.09 33.73
CA GLY G 111 0.22 23.22 34.20
C GLY G 111 1.07 21.98 34.43
N ALA G 112 0.52 20.79 34.24
CA ALA G 112 1.31 19.57 34.45
C ALA G 112 2.24 19.33 33.27
N ASP G 113 3.44 18.82 33.53
CA ASP G 113 4.39 18.57 32.45
C ASP G 113 5.22 17.30 32.60
N THR G 114 5.01 16.58 33.70
CA THR G 114 5.73 15.34 33.94
C THR G 114 4.73 14.34 34.47
N PHE G 115 4.56 13.23 33.75
CA PHE G 115 3.58 12.21 34.12
C PHE G 115 4.12 10.80 34.28
N ILE G 116 3.63 10.10 35.30
CA ILE G 116 4.02 8.71 35.50
C ILE G 116 2.76 7.88 35.71
N ARG G 117 2.48 6.97 34.78
CA ARG G 117 1.32 6.10 34.94
C ARG G 117 1.73 4.95 35.85
N VAL G 118 0.85 4.58 36.77
CA VAL G 118 1.11 3.47 37.68
C VAL G 118 -0.09 2.54 37.59
N GLY G 119 0.10 1.37 36.98
CA GLY G 119 -1.01 0.47 36.86
C GLY G 119 -0.69 -0.98 37.11
N THR G 120 -1.49 -1.85 36.50
CA THR G 120 -1.32 -3.29 36.61
C THR G 120 -1.13 -3.82 35.20
N CYS G 121 -0.52 -4.98 35.06
CA CYS G 121 -0.29 -5.56 33.74
C CYS G 121 -0.20 -7.07 33.81
N GLY G 122 -0.32 -7.70 32.65
CA GLY G 122 -0.21 -9.15 32.56
C GLY G 122 1.10 -9.46 31.87
N GLY G 123 1.90 -10.34 32.47
CA GLY G 123 3.18 -10.68 31.88
C GLY G 123 3.11 -11.47 30.59
N ILE G 124 4.11 -11.27 29.74
CA ILE G 124 4.22 -11.97 28.46
C ILE G 124 5.58 -12.68 28.49
N GLU G 125 6.65 -11.88 28.57
CA GLU G 125 8.01 -12.40 28.65
C GLU G 125 8.00 -13.40 29.81
N LEU G 126 8.52 -14.61 29.58
CA LEU G 126 8.52 -15.65 30.60
C LEU G 126 9.19 -15.35 31.94
N ASP G 127 10.09 -14.39 31.98
CA ASP G 127 10.75 -14.06 33.24
C ASP G 127 9.98 -12.99 34.04
N VAL G 128 8.91 -12.48 33.44
CA VAL G 128 8.09 -11.46 34.10
C VAL G 128 7.01 -12.16 34.93
N LYS G 129 7.23 -12.25 36.24
CA LYS G 129 6.30 -12.94 37.13
C LYS G 129 5.45 -12.05 38.04
N GLY G 130 4.34 -12.60 38.50
CA GLY G 130 3.44 -11.86 39.38
C GLY G 130 4.20 -11.31 40.56
N GLY G 131 3.97 -10.03 40.87
CA GLY G 131 4.67 -9.42 41.98
C GLY G 131 5.79 -8.53 41.49
N ASP G 132 6.37 -8.85 40.33
CA ASP G 132 7.46 -8.05 39.78
C ASP G 132 6.91 -6.71 39.31
N ILE G 133 7.80 -5.81 38.95
CA ILE G 133 7.42 -4.50 38.44
C ILE G 133 7.93 -4.37 37.01
N VAL G 134 7.10 -3.78 36.14
CA VAL G 134 7.50 -3.58 34.76
C VAL G 134 7.56 -2.08 34.51
N ILE G 135 8.63 -1.64 33.85
CA ILE G 135 8.81 -0.23 33.51
C ILE G 135 8.79 -0.19 31.99
N ALA G 136 7.84 0.55 31.42
CA ALA G 136 7.71 0.64 29.98
C ALA G 136 8.71 1.59 29.33
N THR G 137 9.50 1.05 28.40
CA THR G 137 10.47 1.86 27.67
C THR G 137 9.74 2.37 26.42
N GLY G 138 8.68 1.64 26.06
CA GLY G 138 7.88 1.98 24.90
C GLY G 138 6.61 1.14 24.93
N ALA G 139 5.72 1.37 23.97
CA ALA G 139 4.47 0.62 23.95
C ALA G 139 4.02 0.28 22.54
N ILE G 140 3.37 -0.88 22.41
CA ILE G 140 2.84 -1.34 21.13
C ILE G 140 1.50 -0.62 20.94
N ARG G 141 1.40 0.14 19.84
CA ARG G 141 0.21 0.93 19.56
C ARG G 141 -0.95 0.18 18.91
N MET G 142 -1.37 -0.92 19.53
CA MET G 142 -2.48 -1.70 18.99
C MET G 142 -3.75 -1.17 19.64
N GLU G 143 -3.97 0.12 19.45
CA GLU G 143 -5.15 0.79 20.00
C GLU G 143 -5.47 1.98 19.11
N GLY G 144 -6.66 2.54 19.27
CA GLY G 144 -7.05 3.65 18.39
C GLY G 144 -6.76 5.07 18.80
N THR G 145 -6.64 5.35 20.09
CA THR G 145 -6.41 6.72 20.53
C THR G 145 -5.12 7.34 19.97
N SER G 146 -4.02 6.60 20.04
CA SER G 146 -2.76 7.13 19.54
C SER G 146 -2.85 7.46 18.05
N LYS G 147 -3.64 6.70 17.31
CA LYS G 147 -3.78 6.93 15.88
C LYS G 147 -4.51 8.24 15.54
N GLU G 148 -5.13 8.85 16.53
CA GLU G 148 -5.83 10.12 16.30
C GLU G 148 -4.95 11.28 16.76
N TYR G 149 -3.71 10.95 17.13
CA TYR G 149 -2.72 11.93 17.54
C TYR G 149 -1.55 11.89 16.56
N ALA G 150 -1.12 10.69 16.19
CA ALA G 150 0.01 10.55 15.28
C ALA G 150 -0.08 9.39 14.30
N PRO G 151 0.65 9.50 13.17
CA PRO G 151 0.64 8.41 12.17
C PRO G 151 1.17 7.19 12.91
N ILE G 152 0.63 6.01 12.58
CA ILE G 152 1.03 4.78 13.27
C ILE G 152 2.53 4.48 13.26
N GLU G 153 3.27 5.03 12.30
CA GLU G 153 4.71 4.79 12.23
C GLU G 153 5.50 5.40 13.39
N PHE G 154 4.93 6.43 14.02
CA PHE G 154 5.61 7.09 15.14
C PHE G 154 5.66 6.16 16.35
N PRO G 155 6.83 6.02 16.98
CA PRO G 155 6.94 5.14 18.13
C PRO G 155 6.36 5.70 19.42
N ALA G 156 5.71 4.84 20.19
CA ALA G 156 5.18 5.22 21.49
C ALA G 156 6.37 4.93 22.38
N VAL G 157 7.13 5.97 22.71
CA VAL G 157 8.34 5.79 23.51
C VAL G 157 8.32 6.67 24.75
N ALA G 158 8.68 6.08 25.87
CA ALA G 158 8.70 6.80 27.15
C ALA G 158 9.86 7.78 27.20
N ASP G 159 9.69 8.84 27.99
CA ASP G 159 10.74 9.83 28.15
C ASP G 159 11.94 9.18 28.82
N LEU G 160 13.14 9.47 28.33
CA LEU G 160 14.36 8.89 28.87
C LEU G 160 14.60 9.18 30.35
N GLU G 161 14.43 10.44 30.76
CA GLU G 161 14.64 10.81 32.16
C GLU G 161 13.68 10.11 33.11
N VAL G 162 12.41 10.04 32.74
CA VAL G 162 11.43 9.38 33.59
C VAL G 162 11.74 7.89 33.69
N THR G 163 12.07 7.29 32.55
CA THR G 163 12.38 5.86 32.54
C THR G 163 13.58 5.56 33.43
N ASN G 164 14.66 6.34 33.29
CA ASN G 164 15.85 6.13 34.13
C ASN G 164 15.54 6.32 35.61
N ALA G 165 14.70 7.30 35.92
CA ALA G 165 14.35 7.55 37.32
C ALA G 165 13.59 6.35 37.87
N LEU G 166 12.72 5.76 37.05
CA LEU G 166 11.94 4.60 37.46
C LEU G 166 12.83 3.39 37.68
N VAL G 167 13.72 3.12 36.73
CA VAL G 167 14.63 1.99 36.83
C VAL G 167 15.52 2.13 38.08
N ASN G 168 16.08 3.31 38.29
CA ASN G 168 16.95 3.53 39.45
C ASN G 168 16.18 3.42 40.76
N ALA G 169 14.92 3.84 40.75
CA ALA G 169 14.09 3.78 41.95
C ALA G 169 13.78 2.34 42.33
N ALA G 170 13.50 1.49 41.33
CA ALA G 170 13.20 0.09 41.60
C ALA G 170 14.44 -0.61 42.15
N LYS G 171 15.62 -0.24 41.66
CA LYS G 171 16.85 -0.86 42.11
C LYS G 171 17.10 -0.46 43.56
N LYS G 172 16.95 0.83 43.84
CA LYS G 172 17.15 1.38 45.17
C LYS G 172 16.23 0.74 46.20
N LEU G 173 14.97 0.53 45.82
CA LEU G 173 14.00 -0.06 46.72
C LEU G 173 14.10 -1.59 46.80
N GLY G 174 14.91 -2.17 45.93
CA GLY G 174 15.10 -3.61 45.94
C GLY G 174 14.01 -4.46 45.33
N TYR G 175 13.24 -3.89 44.41
CA TYR G 175 12.16 -4.66 43.78
C TYR G 175 12.62 -5.22 42.45
N THR G 176 12.20 -6.45 42.15
CA THR G 176 12.56 -7.07 40.87
C THR G 176 11.81 -6.33 39.79
N SER G 177 12.54 -5.76 38.82
CA SER G 177 11.90 -5.01 37.75
C SER G 177 12.36 -5.45 36.36
N HIS G 178 11.55 -5.11 35.36
CA HIS G 178 11.83 -5.45 33.97
C HIS G 178 11.55 -4.20 33.14
N ALA G 179 12.59 -3.68 32.48
CA ALA G 179 12.44 -2.49 31.65
C ALA G 179 12.33 -2.90 30.18
N GLY G 180 11.15 -2.72 29.60
CA GLY G 180 10.98 -3.08 28.20
C GLY G 180 9.70 -2.56 27.58
N VAL G 181 9.37 -3.08 26.39
CA VAL G 181 8.16 -2.67 25.70
C VAL G 181 6.95 -3.40 26.25
N VAL G 182 5.83 -2.69 26.34
CA VAL G 182 4.59 -3.29 26.81
C VAL G 182 3.55 -3.23 25.70
N GLN G 183 2.69 -4.23 25.63
CA GLN G 183 1.65 -4.22 24.62
C GLN G 183 0.45 -3.49 25.15
N CYS G 184 -0.11 -2.62 24.32
CA CYS G 184 -1.31 -1.91 24.69
C CYS G 184 -2.40 -2.44 23.78
N LYS G 185 -3.64 -2.30 24.21
CA LYS G 185 -4.77 -2.81 23.47
C LYS G 185 -6.00 -2.04 23.90
N ASP G 186 -7.06 -2.11 23.09
CA ASP G 186 -8.31 -1.44 23.44
C ASP G 186 -9.31 -2.44 24.00
N ALA G 187 -9.14 -3.72 23.67
CA ALA G 187 -10.07 -4.75 24.14
C ALA G 187 -9.45 -5.69 25.16
N PHE G 188 -9.77 -5.47 26.43
CA PHE G 188 -9.26 -6.32 27.51
C PHE G 188 -9.60 -7.78 27.23
N TYR G 189 -10.82 -8.03 26.78
CA TYR G 189 -11.22 -9.42 26.52
C TYR G 189 -10.59 -10.02 25.27
N GLY G 190 -9.85 -9.20 24.52
CA GLY G 190 -9.18 -9.70 23.34
C GLY G 190 -7.86 -10.32 23.79
N GLN G 191 -7.39 -9.90 24.96
CA GLN G 191 -6.14 -10.40 25.51
C GLN G 191 -6.26 -11.80 26.13
N HIS G 192 -7.33 -12.00 26.90
CA HIS G 192 -7.54 -13.26 27.59
C HIS G 192 -8.46 -14.25 26.91
N GLU G 193 -9.22 -13.80 25.92
CA GLU G 193 -10.15 -14.68 25.22
C GLU G 193 -10.10 -14.43 23.71
N PRO G 194 -8.88 -14.35 23.15
CA PRO G 194 -8.77 -14.10 21.71
C PRO G 194 -9.40 -15.17 20.81
N GLU G 195 -9.31 -16.42 21.24
CA GLU G 195 -9.86 -17.53 20.45
C GLU G 195 -11.34 -17.36 20.13
N ARG G 196 -12.06 -16.68 21.01
CA ARG G 196 -13.50 -16.47 20.84
C ARG G 196 -13.87 -15.36 19.87
N MET G 197 -13.00 -14.36 19.77
CA MET G 197 -13.25 -13.20 18.91
C MET G 197 -13.41 -13.45 17.42
N PRO G 198 -14.23 -12.63 16.75
CA PRO G 198 -14.43 -12.78 15.31
C PRO G 198 -13.08 -12.62 14.63
N VAL G 199 -12.25 -11.72 15.16
CA VAL G 199 -10.92 -11.47 14.60
C VAL G 199 -9.84 -12.26 15.35
N SER G 200 -10.21 -13.42 15.88
CA SER G 200 -9.27 -14.26 16.61
C SER G 200 -7.95 -14.47 15.86
N TYR G 201 -8.03 -14.71 14.56
CA TYR G 201 -6.83 -14.94 13.76
C TYR G 201 -5.84 -13.79 13.85
N GLU G 202 -6.35 -12.56 13.84
CA GLU G 202 -5.54 -11.37 13.91
C GLU G 202 -4.89 -11.19 15.30
N LEU G 203 -5.71 -11.32 16.34
CA LEU G 203 -5.22 -11.17 17.71
C LEU G 203 -4.17 -12.22 18.05
N LEU G 204 -4.43 -13.45 17.66
CA LEU G 204 -3.52 -14.57 17.94
C LEU G 204 -2.20 -14.43 17.18
N ASN G 205 -2.27 -14.01 15.92
CA ASN G 205 -1.06 -13.84 15.13
C ASN G 205 -0.22 -12.71 15.72
N LYS G 206 -0.85 -11.58 16.01
CA LYS G 206 -0.12 -10.45 16.58
C LYS G 206 0.45 -10.79 17.94
N TRP G 207 -0.27 -11.62 18.71
CA TRP G 207 0.21 -11.99 20.02
C TRP G 207 1.51 -12.77 19.89
N GLU G 208 1.57 -13.70 18.93
CA GLU G 208 2.81 -14.45 18.74
C GLU G 208 3.94 -13.51 18.35
N ALA G 209 3.60 -12.46 17.60
CA ALA G 209 4.61 -11.49 17.18
C ALA G 209 5.15 -10.73 18.39
N TRP G 210 4.27 -10.31 19.28
CA TRP G 210 4.71 -9.56 20.47
C TRP G 210 5.67 -10.43 21.28
N LYS G 211 5.35 -11.72 21.40
CA LYS G 211 6.20 -12.65 22.14
C LYS G 211 7.58 -12.79 21.54
N ARG G 212 7.65 -12.80 20.20
CA ARG G 212 8.92 -12.93 19.50
C ARG G 212 9.71 -11.62 19.41
N LEU G 213 9.14 -10.56 19.97
CA LEU G 213 9.79 -9.26 19.96
C LEU G 213 10.26 -8.83 21.36
N GLY G 214 10.23 -9.78 22.29
CA GLY G 214 10.69 -9.51 23.65
C GLY G 214 9.77 -8.66 24.52
N THR G 215 8.51 -8.53 24.12
CA THR G 215 7.54 -7.73 24.87
C THR G 215 7.43 -8.24 26.32
N LYS G 216 7.49 -7.31 27.27
CA LYS G 216 7.44 -7.66 28.69
C LYS G 216 6.06 -7.97 29.25
N ALA G 217 5.09 -7.14 28.93
CA ALA G 217 3.75 -7.33 29.47
C ALA G 217 2.68 -6.64 28.66
N SER G 218 1.44 -6.85 29.07
CA SER G 218 0.27 -6.29 28.39
C SER G 218 -0.56 -5.40 29.33
N GLU G 219 -0.89 -4.20 28.85
CA GLU G 219 -1.71 -3.26 29.60
C GLU G 219 -2.55 -2.45 28.61
N MET G 220 -2.97 -1.24 28.97
CA MET G 220 -3.85 -0.51 28.05
C MET G 220 -3.70 0.99 27.83
N GLU G 221 -2.99 1.70 28.69
CA GLU G 221 -2.91 3.15 28.53
C GLU G 221 -1.62 3.83 28.09
N SER G 222 -0.47 3.15 28.21
CA SER G 222 0.79 3.80 27.86
C SER G 222 0.97 4.28 26.42
N ALA G 223 0.48 3.51 25.45
CA ALA G 223 0.62 3.92 24.04
C ALA G 223 -0.02 5.29 23.81
N ALA G 224 -1.22 5.47 24.32
CA ALA G 224 -1.93 6.73 24.16
C ALA G 224 -1.21 7.86 24.89
N LEU G 225 -0.81 7.59 26.13
CA LEU G 225 -0.12 8.59 26.93
C LEU G 225 1.25 8.99 26.38
N PHE G 226 2.01 8.02 25.89
CA PHE G 226 3.34 8.32 25.36
C PHE G 226 3.24 9.16 24.09
N VAL G 227 2.35 8.79 23.19
CA VAL G 227 2.19 9.53 21.94
C VAL G 227 1.63 10.92 22.19
N ALA G 228 0.62 11.02 23.05
CA ALA G 228 0.04 12.32 23.37
C ALA G 228 1.12 13.21 23.98
N ALA G 229 1.96 12.63 24.83
CA ALA G 229 3.03 13.40 25.48
C ALA G 229 4.02 13.93 24.45
N SER G 230 4.31 13.14 23.42
CA SER G 230 5.24 13.56 22.37
C SER G 230 4.69 14.79 21.68
N HIS G 231 3.38 14.80 21.46
CA HIS G 231 2.74 15.93 20.80
C HIS G 231 2.63 17.15 21.72
N LEU G 232 2.23 16.90 22.96
CA LEU G 232 2.06 17.96 23.95
C LEU G 232 3.38 18.53 24.45
N GLY G 233 4.48 17.82 24.20
CA GLY G 233 5.78 18.28 24.64
C GLY G 233 6.02 18.10 26.12
N VAL G 234 5.48 17.03 26.68
CA VAL G 234 5.66 16.73 28.10
C VAL G 234 6.37 15.40 28.27
N ARG G 235 6.86 15.14 29.48
CA ARG G 235 7.56 13.90 29.77
C ARG G 235 6.62 12.89 30.40
N CYS G 236 6.63 11.66 29.90
CA CYS G 236 5.78 10.62 30.43
C CYS G 236 6.48 9.28 30.50
N GLY G 237 6.20 8.55 31.58
CA GLY G 237 6.78 7.23 31.76
C GLY G 237 5.72 6.36 32.43
N SER G 238 6.01 5.09 32.65
CA SER G 238 5.03 4.21 33.28
C SER G 238 5.67 3.01 33.97
N ASP G 239 5.08 2.57 35.08
CA ASP G 239 5.55 1.38 35.77
C ASP G 239 4.29 0.62 36.16
N PHE G 240 4.41 -0.70 36.28
CA PHE G 240 3.23 -1.51 36.58
C PHE G 240 3.52 -2.66 37.51
N LEU G 241 2.47 -3.10 38.18
CA LEU G 241 2.53 -4.26 39.07
C LEU G 241 2.12 -5.43 38.16
N VAL G 242 2.92 -6.49 38.13
CA VAL G 242 2.58 -7.65 37.32
C VAL G 242 1.62 -8.48 38.15
N VAL G 243 0.40 -8.68 37.65
CA VAL G 243 -0.61 -9.44 38.39
C VAL G 243 -0.54 -10.94 38.14
N GLY G 244 0.08 -11.32 37.02
CA GLY G 244 0.20 -12.73 36.67
C GLY G 244 0.83 -12.81 35.29
N ASN G 245 1.01 -14.03 34.78
CA ASN G 245 1.61 -14.21 33.46
C ASN G 245 0.93 -15.38 32.78
N GLN G 246 0.08 -15.09 31.81
CA GLN G 246 -0.68 -16.10 31.10
C GLN G 246 0.22 -17.07 30.32
N GLU G 247 1.36 -16.57 29.84
CA GLU G 247 2.25 -17.40 29.05
C GLU G 247 2.93 -18.45 29.94
N ARG G 248 3.31 -18.04 31.14
CA ARG G 248 3.92 -18.98 32.08
C ARG G 248 2.86 -20.02 32.43
N ASN G 249 1.65 -19.53 32.70
CA ASN G 249 0.53 -20.41 33.04
C ASN G 249 0.31 -21.45 31.94
N ALA G 250 0.32 -21.00 30.69
CA ALA G 250 0.13 -21.89 29.55
C ALA G 250 1.18 -22.99 29.50
N LEU G 251 2.41 -22.65 29.87
CA LEU G 251 3.51 -23.60 29.85
C LEU G 251 3.59 -24.41 31.14
N GLY G 252 2.65 -24.19 32.04
CA GLY G 252 2.62 -24.91 33.30
C GLY G 252 3.67 -24.47 34.29
N MET G 253 4.26 -23.30 34.08
CA MET G 253 5.29 -22.77 34.96
C MET G 253 4.63 -22.12 36.17
N ASP G 254 5.37 -22.06 37.28
CA ASP G 254 4.85 -21.43 38.50
C ASP G 254 4.33 -20.05 38.11
N ASN G 255 3.07 -19.77 38.45
CA ASN G 255 2.46 -18.49 38.10
C ASN G 255 1.85 -17.76 39.31
N PRO G 256 2.70 -17.19 40.18
CA PRO G 256 2.21 -16.47 41.36
C PRO G 256 1.39 -15.25 40.94
N MET G 257 0.29 -15.00 41.65
CA MET G 257 -0.58 -13.88 41.35
C MET G 257 -0.44 -12.76 42.38
N ALA G 258 -0.65 -11.52 41.95
CA ALA G 258 -0.53 -10.37 42.86
C ALA G 258 -1.62 -9.34 42.61
N HIS G 259 -1.83 -8.44 43.58
CA HIS G 259 -2.84 -7.40 43.45
C HIS G 259 -2.49 -6.09 44.15
N ASP G 260 -1.58 -6.15 45.12
CA ASP G 260 -1.17 -4.95 45.86
C ASP G 260 -0.20 -4.10 45.06
N THR G 261 -0.65 -2.91 44.65
CA THR G 261 0.18 -2.02 43.84
C THR G 261 1.16 -1.17 44.64
N GLU G 262 1.23 -1.40 45.95
CA GLU G 262 2.13 -0.64 46.82
C GLU G 262 3.54 -0.49 46.27
N ALA G 263 4.16 -1.60 45.86
CA ALA G 263 5.51 -1.55 45.32
C ALA G 263 5.63 -0.63 44.11
N ALA G 264 4.72 -0.80 43.14
CA ALA G 264 4.74 0.02 41.94
C ALA G 264 4.58 1.50 42.28
N ILE G 265 3.76 1.78 43.29
CA ILE G 265 3.53 3.14 43.73
C ILE G 265 4.80 3.73 44.35
N GLN G 266 5.45 2.95 45.22
CA GLN G 266 6.67 3.42 45.86
C GLN G 266 7.74 3.76 44.82
N VAL G 267 7.87 2.92 43.80
CA VAL G 267 8.84 3.16 42.74
C VAL G 267 8.53 4.47 42.03
N ALA G 268 7.26 4.69 41.72
CA ALA G 268 6.84 5.90 41.02
C ALA G 268 7.08 7.16 41.86
N VAL G 269 6.78 7.07 43.16
CA VAL G 269 6.97 8.20 44.05
C VAL G 269 8.45 8.54 44.22
N GLU G 270 9.29 7.52 44.33
CA GLU G 270 10.73 7.73 44.45
C GLU G 270 11.25 8.34 43.16
N ALA G 271 10.71 7.90 42.03
CA ALA G 271 11.13 8.43 40.74
C ALA G 271 10.78 9.92 40.68
N LEU G 272 9.62 10.28 41.21
CA LEU G 272 9.22 11.69 41.20
C LEU G 272 10.19 12.53 42.01
N ARG G 273 10.62 12.02 43.16
CA ARG G 273 11.57 12.76 43.99
C ARG G 273 12.85 13.02 43.21
N THR G 274 13.28 12.03 42.44
CA THR G 274 14.50 12.16 41.63
C THR G 274 14.29 13.25 40.57
N LEU G 275 13.18 13.18 39.85
CA LEU G 275 12.90 14.16 38.81
C LEU G 275 12.77 15.56 39.39
N ILE G 276 12.06 15.68 40.50
CA ILE G 276 11.89 16.99 41.13
C ILE G 276 13.23 17.63 41.46
N GLU G 277 14.11 16.85 42.08
CA GLU G 277 15.42 17.37 42.45
C GLU G 277 16.30 17.69 41.25
N ASN G 278 16.26 16.86 40.23
CA ASN G 278 17.07 17.13 39.04
C ASN G 278 16.56 18.35 38.28
N ASP G 279 15.26 18.60 38.35
CA ASP G 279 14.67 19.74 37.66
C ASP G 279 15.14 21.05 38.29
N LYS G 280 15.49 20.99 39.58
CA LYS G 280 15.96 22.17 40.30
C LYS G 280 17.43 22.07 40.64
N VAL H 31 -19.63 -19.09 36.23
CA VAL H 31 -19.59 -17.60 36.26
C VAL H 31 -19.66 -17.09 37.70
N GLY H 32 -18.63 -16.34 38.10
CA GLY H 32 -18.60 -15.80 39.45
C GLY H 32 -18.52 -14.29 39.45
N LEU H 33 -17.89 -13.75 40.48
CA LEU H 33 -17.72 -12.30 40.62
C LEU H 33 -16.90 -11.75 39.45
N GLN H 34 -17.42 -10.71 38.80
CA GLN H 34 -16.72 -10.11 37.66
C GLN H 34 -15.66 -9.13 38.14
N TYR H 35 -14.44 -9.30 37.64
CA TYR H 35 -13.30 -8.49 38.03
C TYR H 35 -13.46 -6.97 38.01
N HIS H 36 -13.87 -6.41 36.87
CA HIS H 36 -14.03 -4.96 36.77
C HIS H 36 -15.29 -4.36 37.38
N LEU H 37 -16.43 -4.98 37.13
CA LEU H 37 -17.69 -4.45 37.64
C LEU H 37 -18.04 -4.91 39.05
N GLN H 38 -17.42 -5.99 39.50
CA GLN H 38 -17.68 -6.52 40.82
C GLN H 38 -19.15 -6.90 41.01
N ILE H 39 -19.71 -7.54 39.99
CA ILE H 39 -21.09 -8.00 40.01
C ILE H 39 -21.05 -9.50 39.75
N ARG H 40 -22.11 -10.20 40.11
CA ARG H 40 -22.19 -11.64 39.88
C ARG H 40 -23.58 -11.98 39.35
N PRO H 41 -23.77 -13.19 38.81
CA PRO H 41 -25.08 -13.59 38.27
C PRO H 41 -26.16 -13.35 39.32
N GLY H 42 -27.23 -12.68 38.90
CA GLY H 42 -28.32 -12.39 39.81
C GLY H 42 -28.34 -10.96 40.30
N ASP H 43 -27.22 -10.24 40.13
CA ASP H 43 -27.13 -8.85 40.56
C ASP H 43 -27.76 -7.86 39.57
N VAL H 44 -27.82 -8.24 38.31
CA VAL H 44 -28.39 -7.35 37.28
C VAL H 44 -29.52 -7.99 36.49
N GLY H 45 -30.36 -7.15 35.91
CA GLY H 45 -31.47 -7.66 35.11
C GLY H 45 -31.01 -7.92 33.70
N ARG H 46 -31.90 -8.42 32.85
CA ARG H 46 -31.52 -8.67 31.47
C ARG H 46 -31.55 -7.37 30.68
N TYR H 47 -32.15 -6.34 31.26
CA TYR H 47 -32.26 -5.02 30.62
C TYR H 47 -31.37 -4.03 31.36
N VAL H 48 -30.46 -3.38 30.64
CA VAL H 48 -29.53 -2.45 31.28
C VAL H 48 -29.34 -1.13 30.54
N ILE H 49 -29.41 -0.02 31.27
CA ILE H 49 -29.18 1.30 30.69
C ILE H 49 -27.73 1.61 31.01
N MET H 50 -26.99 2.16 30.04
CA MET H 50 -25.57 2.42 30.22
C MET H 50 -25.08 3.84 29.95
N PRO H 51 -25.02 4.67 30.99
CA PRO H 51 -24.53 6.05 30.81
C PRO H 51 -23.00 6.00 30.91
N GLY H 52 -22.34 7.05 30.43
CA GLY H 52 -20.89 7.07 30.49
C GLY H 52 -20.36 7.54 31.84
N ASP H 53 -21.07 8.47 32.46
CA ASP H 53 -20.67 9.04 33.75
C ASP H 53 -21.21 8.22 34.93
N PRO H 54 -20.32 7.75 35.82
CA PRO H 54 -20.80 6.97 36.96
C PRO H 54 -21.72 7.77 37.86
N LYS H 55 -21.53 9.09 37.88
CA LYS H 55 -22.35 9.98 38.70
C LYS H 55 -23.78 10.10 38.17
N ARG H 56 -24.00 9.71 36.92
CA ARG H 56 -25.33 9.80 36.33
C ARG H 56 -26.19 8.58 36.64
N CYS H 57 -25.58 7.54 37.21
CA CYS H 57 -26.33 6.33 37.52
C CYS H 57 -27.43 6.51 38.58
N ALA H 58 -27.13 7.23 39.65
CA ALA H 58 -28.13 7.45 40.68
C ALA H 58 -29.35 8.15 40.09
N LYS H 59 -29.10 9.16 39.26
CA LYS H 59 -30.17 9.92 38.62
C LYS H 59 -31.07 9.03 37.79
N ILE H 60 -30.46 8.13 37.00
CA ILE H 60 -31.20 7.21 36.17
C ILE H 60 -31.96 6.20 37.03
N ALA H 61 -31.31 5.71 38.08
CA ALA H 61 -31.93 4.72 38.96
C ALA H 61 -33.24 5.19 39.56
N GLU H 62 -33.40 6.49 39.72
CA GLU H 62 -34.62 7.05 40.29
C GLU H 62 -35.82 6.81 39.38
N HIS H 63 -35.56 6.47 38.12
CA HIS H 63 -36.62 6.20 37.17
C HIS H 63 -37.13 4.77 37.30
N PHE H 64 -36.37 3.95 38.01
CA PHE H 64 -36.77 2.55 38.24
C PHE H 64 -37.53 2.50 39.55
N ASP H 65 -37.98 1.29 39.93
CA ASP H 65 -38.69 1.11 41.18
C ASP H 65 -37.78 0.37 42.15
N ASN H 66 -37.73 0.85 43.39
CA ASN H 66 -36.93 0.23 44.45
C ASN H 66 -35.49 -0.08 44.03
N ALA H 67 -34.83 0.87 43.37
CA ALA H 67 -33.46 0.66 42.94
C ALA H 67 -32.50 0.70 44.12
N VAL H 68 -31.49 -0.18 44.08
CA VAL H 68 -30.50 -0.25 45.14
C VAL H 68 -29.10 -0.27 44.55
N LEU H 69 -28.15 0.34 45.26
CA LEU H 69 -26.76 0.38 44.81
C LEU H 69 -26.19 -1.02 44.97
N VAL H 70 -25.73 -1.61 43.87
CA VAL H 70 -25.19 -2.97 43.89
C VAL H 70 -23.66 -3.01 43.97
N ALA H 71 -23.02 -2.17 43.18
CA ALA H 71 -21.57 -2.15 43.16
C ALA H 71 -21.03 -0.80 42.73
N ASP H 72 -19.81 -0.51 43.18
CA ASP H 72 -19.12 0.73 42.85
C ASP H 72 -17.64 0.34 42.77
N SER H 73 -17.25 -0.10 41.58
CA SER H 73 -15.88 -0.54 41.32
C SER H 73 -15.29 0.25 40.16
N ARG H 74 -14.09 0.79 40.35
CA ARG H 74 -13.45 1.59 39.30
C ARG H 74 -14.45 2.64 38.80
N GLU H 75 -14.60 2.78 37.48
CA GLU H 75 -15.56 3.76 36.96
C GLU H 75 -16.93 3.14 36.74
N TYR H 76 -17.13 1.95 37.32
CA TYR H 76 -18.38 1.22 37.17
C TYR H 76 -19.32 1.22 38.37
N VAL H 77 -20.39 2.00 38.27
CA VAL H 77 -21.40 2.07 39.32
C VAL H 77 -22.61 1.33 38.78
N THR H 78 -23.14 0.38 39.57
CA THR H 78 -24.30 -0.39 39.15
C THR H 78 -25.45 -0.35 40.14
N TYR H 79 -26.63 0.01 39.63
CA TYR H 79 -27.86 0.05 40.44
C TYR H 79 -28.79 -0.96 39.80
N THR H 80 -29.59 -1.64 40.62
CA THR H 80 -30.55 -2.61 40.10
C THR H 80 -31.88 -2.42 40.82
N GLY H 81 -32.95 -2.40 40.03
CA GLY H 81 -34.28 -2.23 40.56
C GLY H 81 -35.24 -2.96 39.65
N THR H 82 -36.47 -2.47 39.55
CA THR H 82 -37.44 -3.09 38.67
C THR H 82 -38.22 -2.06 37.87
N LEU H 83 -38.80 -2.50 36.77
CA LEU H 83 -39.60 -1.65 35.89
C LEU H 83 -40.69 -2.58 35.39
N ASN H 84 -41.94 -2.29 35.74
CA ASN H 84 -43.07 -3.12 35.35
C ASN H 84 -42.86 -4.53 35.89
N GLY H 85 -42.29 -4.62 37.08
CA GLY H 85 -42.07 -5.91 37.71
C GLY H 85 -40.85 -6.70 37.22
N GLU H 86 -40.17 -6.20 36.19
CA GLU H 86 -39.01 -6.88 35.64
C GLU H 86 -37.70 -6.30 36.18
N LYS H 87 -36.73 -7.16 36.48
CA LYS H 87 -35.44 -6.69 37.00
C LYS H 87 -34.72 -5.87 35.95
N VAL H 88 -34.27 -4.68 36.32
CA VAL H 88 -33.56 -3.79 35.40
C VAL H 88 -32.36 -3.18 36.12
N SER H 89 -31.35 -2.78 35.35
CA SER H 89 -30.16 -2.20 35.96
C SER H 89 -29.64 -1.01 35.15
N VAL H 90 -28.76 -0.25 35.79
CA VAL H 90 -28.10 0.88 35.15
C VAL H 90 -26.65 0.76 35.59
N THR H 91 -25.73 0.75 34.62
CA THR H 91 -24.31 0.62 34.90
C THR H 91 -23.52 1.61 34.06
N SER H 92 -22.64 2.38 34.69
CA SER H 92 -21.84 3.35 33.95
C SER H 92 -20.74 2.61 33.19
N THR H 93 -20.23 3.24 32.13
CA THR H 93 -19.21 2.62 31.30
C THR H 93 -17.90 3.39 31.30
N GLY H 94 -17.91 4.62 31.81
CA GLY H 94 -16.71 5.42 31.77
C GLY H 94 -16.62 5.92 30.34
N ILE H 95 -15.61 6.73 30.03
CA ILE H 95 -15.45 7.27 28.67
C ILE H 95 -14.61 6.36 27.76
N GLY H 96 -15.14 6.08 26.57
CA GLY H 96 -14.40 5.26 25.63
C GLY H 96 -14.79 3.81 25.45
N GLY H 97 -14.55 3.31 24.24
CA GLY H 97 -14.87 1.92 23.95
C GLY H 97 -14.16 0.90 24.83
N PRO H 98 -12.91 1.13 25.25
CA PRO H 98 -12.24 0.13 26.09
C PRO H 98 -13.00 -0.18 27.37
N SER H 99 -13.38 0.86 28.10
CA SER H 99 -14.12 0.65 29.34
C SER H 99 -15.57 0.23 29.08
N ALA H 100 -16.16 0.69 28.00
CA ALA H 100 -17.53 0.32 27.69
C ALA H 100 -17.65 -1.16 27.31
N SER H 101 -16.70 -1.66 26.52
CA SER H 101 -16.75 -3.05 26.10
C SER H 101 -16.59 -3.98 27.31
N ILE H 102 -15.78 -3.58 28.28
CA ILE H 102 -15.60 -4.40 29.47
C ILE H 102 -16.95 -4.52 30.19
N ALA H 103 -17.67 -3.40 30.29
CA ALA H 103 -18.97 -3.40 30.95
C ALA H 103 -19.95 -4.34 30.25
N MET H 104 -20.06 -4.25 28.93
CA MET H 104 -20.98 -5.12 28.20
C MET H 104 -20.62 -6.59 28.37
N GLU H 105 -19.32 -6.90 28.27
CA GLU H 105 -18.87 -8.28 28.41
C GLU H 105 -19.23 -8.86 29.78
N GLU H 106 -18.94 -8.11 30.83
CA GLU H 106 -19.22 -8.59 32.18
C GLU H 106 -20.70 -8.59 32.54
N LEU H 107 -21.45 -7.63 31.99
CA LEU H 107 -22.90 -7.61 32.23
C LEU H 107 -23.52 -8.80 31.51
N LYS H 108 -23.06 -9.05 30.28
CA LYS H 108 -23.53 -10.16 29.47
C LYS H 108 -23.29 -11.49 30.18
N LEU H 109 -22.11 -11.65 30.79
CA LEU H 109 -21.80 -12.88 31.50
C LEU H 109 -22.74 -13.06 32.68
N CYS H 110 -23.21 -11.96 33.26
CA CYS H 110 -24.12 -12.06 34.40
C CYS H 110 -25.59 -12.14 34.02
N GLY H 111 -25.89 -12.23 32.73
CA GLY H 111 -27.27 -12.37 32.30
C GLY H 111 -27.94 -11.25 31.52
N ALA H 112 -27.26 -10.12 31.33
CA ALA H 112 -27.87 -9.01 30.58
C ALA H 112 -27.87 -9.32 29.09
N ASP H 113 -28.94 -8.97 28.39
CA ASP H 113 -29.02 -9.24 26.96
C ASP H 113 -29.66 -8.11 26.14
N THR H 114 -30.04 -7.03 26.81
CA THR H 114 -30.66 -5.87 26.15
C THR H 114 -30.06 -4.62 26.77
N PHE H 115 -29.33 -3.86 25.97
CA PHE H 115 -28.64 -2.66 26.42
C PHE H 115 -29.01 -1.38 25.71
N ILE H 116 -29.12 -0.29 26.45
CA ILE H 116 -29.41 1.00 25.86
C ILE H 116 -28.43 2.02 26.43
N ARG H 117 -27.54 2.54 25.60
CA ARG H 117 -26.60 3.54 26.07
C ARG H 117 -27.31 4.88 26.08
N VAL H 118 -27.09 5.66 27.13
CA VAL H 118 -27.70 6.99 27.23
C VAL H 118 -26.55 7.96 27.48
N GLY H 119 -26.27 8.81 26.51
CA GLY H 119 -25.18 9.74 26.70
C GLY H 119 -25.44 11.15 26.24
N THR H 120 -24.34 11.83 25.94
CA THR H 120 -24.35 13.20 25.46
C THR H 120 -23.58 13.16 24.14
N CYS H 121 -23.86 14.10 23.26
CA CYS H 121 -23.18 14.14 21.98
C CYS H 121 -23.09 15.57 21.46
N GLY H 122 -22.25 15.75 20.45
CA GLY H 122 -22.10 17.06 19.85
C GLY H 122 -22.68 16.96 18.45
N GLY H 123 -23.57 17.88 18.11
CA GLY H 123 -24.20 17.82 16.80
C GLY H 123 -23.27 18.12 15.63
N ILE H 124 -23.58 17.52 14.48
CA ILE H 124 -22.82 17.74 13.26
C ILE H 124 -23.81 18.29 12.24
N GLU H 125 -24.81 17.49 11.90
CA GLU H 125 -25.86 17.91 10.97
C GLU H 125 -26.41 19.23 11.52
N LEU H 126 -26.61 20.22 10.66
CA LEU H 126 -27.08 21.53 11.10
C LEU H 126 -28.44 21.59 11.83
N ASP H 127 -29.30 20.61 11.58
CA ASP H 127 -30.61 20.58 12.23
C ASP H 127 -30.56 20.01 13.64
N VAL H 128 -29.45 19.36 13.99
CA VAL H 128 -29.29 18.76 15.31
C VAL H 128 -28.80 19.81 16.30
N LYS H 129 -29.71 20.34 17.12
CA LYS H 129 -29.39 21.38 18.08
C LYS H 129 -29.40 20.96 19.55
N GLY H 130 -28.73 21.76 20.38
CA GLY H 130 -28.67 21.49 21.81
C GLY H 130 -30.06 21.31 22.38
N GLY H 131 -30.23 20.28 23.20
CA GLY H 131 -31.54 20.02 23.78
C GLY H 131 -32.25 18.90 23.05
N ASP H 132 -31.92 18.74 21.77
CA ASP H 132 -32.53 17.69 20.95
C ASP H 132 -32.00 16.34 21.41
N ILE H 133 -32.63 15.28 20.93
CA ILE H 133 -32.21 13.92 21.27
C ILE H 133 -31.81 13.22 19.98
N VAL H 134 -30.71 12.47 20.02
CA VAL H 134 -30.27 11.72 18.85
C VAL H 134 -30.37 10.24 19.18
N ILE H 135 -30.86 9.47 18.22
CA ILE H 135 -30.97 8.03 18.37
C ILE H 135 -30.07 7.45 17.29
N ALA H 136 -29.07 6.68 17.71
CA ALA H 136 -28.12 6.11 16.77
C ALA H 136 -28.60 4.85 16.07
N THR H 137 -28.66 4.90 14.74
CA THR H 137 -29.08 3.74 13.97
C THR H 137 -27.82 2.94 13.65
N GLY H 138 -26.69 3.63 13.69
CA GLY H 138 -25.41 3.02 13.40
C GLY H 138 -24.33 3.96 13.85
N ALA H 139 -23.07 3.55 13.76
CA ALA H 139 -21.97 4.40 14.20
C ALA H 139 -20.73 4.24 13.36
N ILE H 140 -19.99 5.33 13.21
CA ILE H 140 -18.74 5.37 12.45
C ILE H 140 -17.64 4.81 13.35
N ARG H 141 -17.01 3.73 12.88
CA ARG H 141 -15.97 3.05 13.65
C ARG H 141 -14.57 3.67 13.59
N MET H 142 -14.47 4.96 13.93
CA MET H 142 -13.16 5.61 13.92
C MET H 142 -12.57 5.48 15.32
N GLU H 143 -12.48 4.23 15.77
CA GLU H 143 -11.96 3.93 17.09
C GLU H 143 -11.35 2.53 17.07
N GLY H 144 -10.54 2.22 18.08
CA GLY H 144 -9.85 0.94 18.09
C GLY H 144 -10.49 -0.27 18.73
N THR H 145 -11.36 -0.08 19.72
CA THR H 145 -11.98 -1.21 20.39
C THR H 145 -12.73 -2.14 19.41
N SER H 146 -13.58 -1.56 18.56
CA SER H 146 -14.33 -2.39 17.62
C SER H 146 -13.42 -3.22 16.72
N LYS H 147 -12.28 -2.66 16.32
CA LYS H 147 -11.34 -3.37 15.45
C LYS H 147 -10.72 -4.61 16.09
N GLU H 148 -10.85 -4.74 17.41
CA GLU H 148 -10.31 -5.89 18.11
C GLU H 148 -11.41 -6.94 18.31
N TYR H 149 -12.59 -6.63 17.78
CA TYR H 149 -13.75 -7.52 17.81
C TYR H 149 -14.08 -7.96 16.39
N ALA H 150 -14.11 -7.00 15.46
CA ALA H 150 -14.48 -7.31 14.08
C ALA H 150 -13.68 -6.59 13.02
N PRO H 151 -13.54 -7.19 11.82
CA PRO H 151 -12.80 -6.55 10.75
C PRO H 151 -13.51 -5.21 10.55
N ILE H 152 -12.76 -4.17 10.20
CA ILE H 152 -13.34 -2.84 10.03
C ILE H 152 -14.50 -2.75 9.02
N GLU H 153 -14.57 -3.68 8.07
CA GLU H 153 -15.66 -3.62 7.09
C GLU H 153 -17.05 -3.89 7.67
N PHE H 154 -17.11 -4.54 8.83
CA PHE H 154 -18.39 -4.84 9.46
C PHE H 154 -19.05 -3.56 9.99
N PRO H 155 -20.34 -3.37 9.69
CA PRO H 155 -21.03 -2.17 10.15
C PRO H 155 -21.40 -2.17 11.63
N ALA H 156 -21.22 -1.02 12.27
CA ALA H 156 -21.62 -0.85 13.67
C ALA H 156 -23.07 -0.43 13.51
N VAL H 157 -23.99 -1.37 13.69
CA VAL H 157 -25.42 -1.10 13.53
C VAL H 157 -26.20 -1.42 14.79
N ALA H 158 -27.15 -0.54 15.14
CA ALA H 158 -27.98 -0.71 16.33
C ALA H 158 -29.06 -1.76 16.09
N ASP H 159 -29.48 -2.43 17.15
CA ASP H 159 -30.54 -3.44 17.05
C ASP H 159 -31.82 -2.75 16.59
N LEU H 160 -32.49 -3.36 15.62
CA LEU H 160 -33.72 -2.78 15.07
C LEU H 160 -34.83 -2.57 16.11
N GLU H 161 -35.07 -3.58 16.94
CA GLU H 161 -36.09 -3.49 17.97
C GLU H 161 -35.83 -2.36 18.98
N VAL H 162 -34.59 -2.25 19.45
CA VAL H 162 -34.24 -1.20 20.40
C VAL H 162 -34.37 0.19 19.76
N THR H 163 -33.88 0.31 18.53
CA THR H 163 -33.95 1.58 17.83
C THR H 163 -35.41 2.01 17.65
N ASN H 164 -36.26 1.10 17.20
CA ASN H 164 -37.67 1.43 17.01
C ASN H 164 -38.31 1.82 18.34
N ALA H 165 -37.92 1.14 19.41
CA ALA H 165 -38.45 1.43 20.74
C ALA H 165 -38.08 2.84 21.17
N LEU H 166 -36.86 3.27 20.84
CA LEU H 166 -36.40 4.61 21.19
C LEU H 166 -37.14 5.65 20.35
N VAL H 167 -37.30 5.36 19.06
CA VAL H 167 -37.99 6.28 18.16
C VAL H 167 -39.44 6.48 18.60
N ASN H 168 -40.13 5.39 18.91
CA ASN H 168 -41.51 5.48 19.34
C ASN H 168 -41.65 6.21 20.68
N ALA H 169 -40.68 5.97 21.57
CA ALA H 169 -40.69 6.61 22.88
C ALA H 169 -40.52 8.12 22.76
N ALA H 170 -39.58 8.56 21.93
CA ALA H 170 -39.35 9.99 21.74
C ALA H 170 -40.60 10.64 21.17
N LYS H 171 -41.26 9.95 20.25
CA LYS H 171 -42.48 10.45 19.62
C LYS H 171 -43.58 10.56 20.68
N LYS H 172 -43.75 9.52 21.47
CA LYS H 172 -44.77 9.50 22.51
C LYS H 172 -44.57 10.58 23.57
N LEU H 173 -43.32 10.83 23.95
CA LEU H 173 -43.02 11.84 24.96
C LEU H 173 -42.94 13.25 24.41
N GLY H 174 -42.99 13.38 23.09
CA GLY H 174 -42.96 14.70 22.46
C GLY H 174 -41.62 15.39 22.36
N TYR H 175 -40.53 14.63 22.42
CA TYR H 175 -39.20 15.22 22.30
C TYR H 175 -38.73 15.23 20.86
N THR H 176 -38.06 16.30 20.46
CA THR H 176 -37.53 16.40 19.11
C THR H 176 -36.34 15.45 19.04
N SER H 177 -36.36 14.53 18.07
CA SER H 177 -35.28 13.57 17.94
C SER H 177 -34.79 13.43 16.50
N HIS H 178 -33.60 12.88 16.36
CA HIS H 178 -32.98 12.66 15.06
C HIS H 178 -32.45 11.23 15.06
N ALA H 179 -32.93 10.41 14.15
CA ALA H 179 -32.48 9.02 14.07
C ALA H 179 -31.51 8.88 12.91
N GLY H 180 -30.27 8.52 13.21
CA GLY H 180 -29.29 8.38 12.16
C GLY H 180 -27.92 7.95 12.66
N VAL H 181 -26.93 8.10 11.80
CA VAL H 181 -25.58 7.69 12.15
C VAL H 181 -24.84 8.71 13.01
N VAL H 182 -24.07 8.20 13.98
CA VAL H 182 -23.28 9.08 14.84
C VAL H 182 -21.82 8.71 14.66
N GLN H 183 -20.95 9.70 14.83
CA GLN H 183 -19.54 9.45 14.69
C GLN H 183 -18.96 9.06 16.04
N CYS H 184 -18.14 8.01 16.06
CA CYS H 184 -17.47 7.62 17.28
C CYS H 184 -16.00 7.94 17.05
N LYS H 185 -15.25 8.12 18.14
CA LYS H 185 -13.85 8.48 18.05
C LYS H 185 -13.18 8.09 19.35
N ASP H 186 -11.86 8.01 19.34
CA ASP H 186 -11.13 7.68 20.56
C ASP H 186 -10.52 8.93 21.19
N ALA H 187 -10.30 9.96 20.39
CA ALA H 187 -9.70 11.20 20.89
C ALA H 187 -10.70 12.36 20.97
N PHE H 188 -11.17 12.64 22.18
CA PHE H 188 -12.12 13.73 22.38
C PHE H 188 -11.52 15.04 21.87
N TYR H 189 -10.24 15.26 22.15
CA TYR H 189 -9.62 16.50 21.71
C TYR H 189 -9.28 16.51 20.22
N GLY H 190 -9.60 15.41 19.54
CA GLY H 190 -9.37 15.36 18.10
C GLY H 190 -10.61 15.93 17.44
N GLN H 191 -11.73 15.92 18.17
CA GLN H 191 -12.99 16.43 17.65
C GLN H 191 -13.07 17.94 17.75
N HIS H 192 -12.59 18.47 18.85
CA HIS H 192 -12.63 19.91 19.11
C HIS H 192 -11.37 20.69 18.78
N GLU H 193 -10.23 20.01 18.72
CA GLU H 193 -8.98 20.70 18.39
C GLU H 193 -8.21 19.94 17.33
N PRO H 194 -8.88 19.59 16.22
CA PRO H 194 -8.19 18.84 15.16
C PRO H 194 -7.03 19.60 14.51
N GLU H 195 -7.22 20.90 14.31
CA GLU H 195 -6.20 21.73 13.67
C GLU H 195 -4.83 21.66 14.33
N ARG H 196 -4.81 21.39 15.64
CA ARG H 196 -3.56 21.33 16.38
C ARG H 196 -2.86 19.98 16.38
N MET H 197 -3.60 18.92 16.07
CA MET H 197 -3.04 17.56 16.06
C MET H 197 -2.02 17.28 14.98
N PRO H 198 -1.07 16.38 15.26
CA PRO H 198 -0.06 16.04 14.26
C PRO H 198 -0.78 15.48 13.03
N VAL H 199 -1.86 14.71 13.26
CA VAL H 199 -2.62 14.15 12.15
C VAL H 199 -3.85 14.99 11.81
N SER H 200 -3.71 16.31 11.97
CA SER H 200 -4.80 17.23 11.69
C SER H 200 -5.39 17.02 10.30
N TYR H 201 -4.55 16.75 9.32
CA TYR H 201 -5.01 16.55 7.94
C TYR H 201 -5.99 15.40 7.83
N GLU H 202 -5.72 14.31 8.56
CA GLU H 202 -6.58 13.13 8.54
C GLU H 202 -7.90 13.41 9.26
N LEU H 203 -7.82 14.01 10.45
CA LEU H 203 -9.01 14.31 11.22
C LEU H 203 -9.91 15.30 10.49
N LEU H 204 -9.33 16.34 9.92
CA LEU H 204 -10.10 17.35 9.21
C LEU H 204 -10.73 16.80 7.93
N ASN H 205 -10.00 15.97 7.20
CA ASN H 205 -10.54 15.39 5.97
C ASN H 205 -11.70 14.46 6.31
N LYS H 206 -11.50 13.57 7.28
CA LYS H 206 -12.56 12.66 7.67
C LYS H 206 -13.78 13.38 8.22
N TRP H 207 -13.56 14.48 8.93
CA TRP H 207 -14.68 15.24 9.48
C TRP H 207 -15.57 15.74 8.34
N GLU H 208 -14.96 16.27 7.29
CA GLU H 208 -15.74 16.75 6.16
C GLU H 208 -16.51 15.59 5.53
N ALA H 209 -15.89 14.40 5.53
CA ALA H 209 -16.55 13.23 4.98
C ALA H 209 -17.80 12.89 5.80
N TRP H 210 -17.66 12.88 7.13
CA TRP H 210 -18.79 12.58 8.00
C TRP H 210 -19.93 13.57 7.70
N LYS H 211 -19.59 14.84 7.53
CA LYS H 211 -20.58 15.87 7.23
C LYS H 211 -21.29 15.58 5.90
N ARG H 212 -20.54 15.12 4.91
CA ARG H 212 -21.11 14.84 3.59
C ARG H 212 -21.86 13.51 3.52
N LEU H 213 -21.90 12.78 4.63
CA LEU H 213 -22.60 11.50 4.68
C LEU H 213 -23.85 11.55 5.57
N GLY H 214 -24.26 12.77 5.93
CA GLY H 214 -25.46 12.93 6.74
C GLY H 214 -25.35 12.58 8.21
N THR H 215 -24.13 12.48 8.72
CA THR H 215 -23.90 12.13 10.12
C THR H 215 -24.61 13.12 11.05
N LYS H 216 -25.34 12.60 12.02
CA LYS H 216 -26.09 13.43 12.96
C LYS H 216 -25.27 14.09 14.07
N ALA H 217 -24.41 13.32 14.73
CA ALA H 217 -23.63 13.89 15.83
C ALA H 217 -22.40 13.06 16.15
N SER H 218 -21.63 13.54 17.13
CA SER H 218 -20.39 12.88 17.56
C SER H 218 -20.38 12.47 19.04
N GLU H 219 -19.99 11.22 19.30
CA GLU H 219 -19.89 10.71 20.66
C GLU H 219 -18.72 9.72 20.73
N MET H 220 -18.71 8.78 21.67
CA MET H 220 -17.54 7.89 21.74
C MET H 220 -17.70 6.40 22.04
N GLU H 221 -18.87 5.95 22.48
CA GLU H 221 -19.00 4.53 22.83
C GLU H 221 -19.88 3.60 22.00
N SER H 222 -20.77 4.13 21.16
CA SER H 222 -21.68 3.26 20.40
C SER H 222 -21.03 2.27 19.42
N ALA H 223 -19.98 2.70 18.74
CA ALA H 223 -19.32 1.81 17.77
C ALA H 223 -18.85 0.54 18.45
N ALA H 224 -18.18 0.70 19.61
CA ALA H 224 -17.68 -0.43 20.36
C ALA H 224 -18.83 -1.30 20.87
N LEU H 225 -19.87 -0.64 21.39
CA LEU H 225 -21.01 -1.37 21.93
C LEU H 225 -21.82 -2.11 20.86
N PHE H 226 -22.05 -1.47 19.72
CA PHE H 226 -22.83 -2.10 18.66
C PHE H 226 -22.11 -3.32 18.08
N VAL H 227 -20.81 -3.20 17.85
CA VAL H 227 -20.05 -4.31 17.29
C VAL H 227 -19.91 -5.44 18.30
N ALA H 228 -19.64 -5.09 19.56
CA ALA H 228 -19.52 -6.12 20.59
C ALA H 228 -20.85 -6.86 20.72
N ALA H 229 -21.95 -6.11 20.64
CA ALA H 229 -23.28 -6.70 20.74
C ALA H 229 -23.53 -7.69 19.61
N SER H 230 -23.05 -7.34 18.41
CA SER H 230 -23.22 -8.21 17.25
C SER H 230 -22.50 -9.53 17.48
N HIS H 231 -21.32 -9.46 18.10
CA HIS H 231 -20.56 -10.67 18.39
C HIS H 231 -21.15 -11.48 19.54
N LEU H 232 -21.58 -10.79 20.59
CA LEU H 232 -22.12 -11.45 21.76
C LEU H 232 -23.56 -11.94 21.61
N GLY H 233 -24.22 -11.54 20.53
CA GLY H 233 -25.60 -11.96 20.32
C GLY H 233 -26.61 -11.29 21.22
N VAL H 234 -26.37 -10.02 21.56
CA VAL H 234 -27.28 -9.28 22.42
C VAL H 234 -27.80 -8.04 21.67
N ARG H 235 -28.88 -7.45 22.18
CA ARG H 235 -29.49 -6.29 21.57
C ARG H 235 -28.97 -4.99 22.19
N CYS H 236 -28.56 -4.05 21.34
CA CYS H 236 -28.04 -2.78 21.84
C CYS H 236 -28.47 -1.59 20.99
N GLY H 237 -28.82 -0.50 21.67
CA GLY H 237 -29.21 0.73 21.00
C GLY H 237 -28.66 1.90 21.79
N SER H 238 -28.85 3.12 21.30
CA SER H 238 -28.32 4.31 21.96
C SER H 238 -29.10 5.59 21.68
N ASP H 239 -29.22 6.45 22.68
CA ASP H 239 -29.87 7.75 22.50
C ASP H 239 -29.00 8.76 23.26
N PHE H 240 -28.98 10.01 22.80
CA PHE H 240 -28.12 11.02 23.41
C PHE H 240 -28.75 12.40 23.51
N LEU H 241 -28.28 13.16 24.49
CA LEU H 241 -28.72 14.54 24.67
C LEU H 241 -27.68 15.31 23.85
N VAL H 242 -28.15 16.18 22.96
CA VAL H 242 -27.24 17.01 22.17
C VAL H 242 -26.83 18.16 23.06
N VAL H 243 -25.53 18.26 23.37
CA VAL H 243 -25.05 19.33 24.24
C VAL H 243 -24.84 20.63 23.48
N GLY H 244 -24.55 20.51 22.19
CA GLY H 244 -24.32 21.67 21.35
C GLY H 244 -23.98 21.24 19.94
N ASN H 245 -23.71 22.20 19.06
CA ASN H 245 -23.38 21.88 17.67
C ASN H 245 -22.29 22.81 17.17
N GLN H 246 -21.07 22.29 17.09
CA GLN H 246 -19.92 23.08 16.65
C GLN H 246 -20.08 23.64 15.25
N GLU H 247 -20.79 22.92 14.39
CA GLU H 247 -20.95 23.34 13.00
C GLU H 247 -21.88 24.55 12.89
N ARG H 248 -22.90 24.60 13.75
CA ARG H 248 -23.81 25.74 13.75
C ARG H 248 -23.01 26.92 14.31
N ASN H 249 -22.19 26.63 15.31
CA ASN H 249 -21.35 27.64 15.94
C ASN H 249 -20.38 28.24 14.91
N ALA H 250 -19.82 27.37 14.07
CA ALA H 250 -18.88 27.81 13.05
C ALA H 250 -19.56 28.79 12.08
N LEU H 251 -20.84 28.55 11.79
CA LEU H 251 -21.59 29.41 10.89
C LEU H 251 -22.28 30.56 11.62
N GLY H 252 -21.94 30.72 12.90
CA GLY H 252 -22.54 31.80 13.69
C GLY H 252 -24.03 31.68 13.88
N MET H 253 -24.56 30.46 13.83
CA MET H 253 -25.99 30.23 14.00
C MET H 253 -26.30 30.07 15.49
N ASP H 254 -27.58 30.17 15.83
CA ASP H 254 -27.99 30.01 17.22
C ASP H 254 -27.53 28.63 17.67
N ASN H 255 -26.73 28.59 18.74
CA ASN H 255 -26.21 27.33 19.24
C ASN H 255 -26.46 27.12 20.74
N PRO H 256 -27.71 26.83 21.12
CA PRO H 256 -28.08 26.60 22.51
C PRO H 256 -27.30 25.45 23.13
N MET H 257 -26.90 25.61 24.39
CA MET H 257 -26.14 24.58 25.09
C MET H 257 -27.07 23.82 26.05
N ALA H 258 -26.81 22.53 26.24
CA ALA H 258 -27.62 21.71 27.14
C ALA H 258 -26.76 20.77 27.97
N HIS H 259 -27.26 20.37 29.14
CA HIS H 259 -26.51 19.50 30.03
C HIS H 259 -27.38 18.50 30.78
N ASP H 260 -28.68 18.79 30.88
CA ASP H 260 -29.61 17.92 31.59
C ASP H 260 -30.06 16.77 30.70
N THR H 261 -29.61 15.55 31.02
CA THR H 261 -29.95 14.37 30.24
C THR H 261 -31.29 13.75 30.62
N GLU H 262 -32.08 14.47 31.41
CA GLU H 262 -33.38 13.96 31.83
C GLU H 262 -34.19 13.45 30.65
N ALA H 263 -34.31 14.27 29.60
CA ALA H 263 -35.08 13.90 28.42
C ALA H 263 -34.57 12.60 27.78
N ALA H 264 -33.26 12.53 27.57
CA ALA H 264 -32.66 11.34 26.97
C ALA H 264 -32.92 10.12 27.84
N ILE H 265 -32.85 10.32 29.16
CA ILE H 265 -33.09 9.24 30.10
C ILE H 265 -34.55 8.79 30.03
N GLN H 266 -35.47 9.76 29.95
CA GLN H 266 -36.89 9.41 29.89
C GLN H 266 -37.20 8.58 28.64
N VAL H 267 -36.58 8.93 27.52
CA VAL H 267 -36.80 8.22 26.27
C VAL H 267 -36.25 6.79 26.40
N ALA H 268 -35.09 6.66 27.02
CA ALA H 268 -34.49 5.34 27.19
C ALA H 268 -35.33 4.47 28.10
N VAL H 269 -35.85 5.05 29.18
CA VAL H 269 -36.67 4.29 30.11
C VAL H 269 -38.00 3.85 29.50
N GLU H 270 -38.59 4.72 28.69
CA GLU H 270 -39.85 4.37 28.05
C GLU H 270 -39.57 3.26 27.04
N ALA H 271 -38.43 3.35 26.36
CA ALA H 271 -38.05 2.33 25.40
C ALA H 271 -37.91 0.99 26.12
N LEU H 272 -37.21 0.99 27.26
CA LEU H 272 -37.06 -0.25 28.02
C LEU H 272 -38.41 -0.80 28.41
N ARG H 273 -39.32 0.08 28.82
CA ARG H 273 -40.65 -0.35 29.22
C ARG H 273 -41.37 -1.12 28.11
N THR H 274 -41.35 -0.58 26.89
CA THR H 274 -42.03 -1.26 25.79
C THR H 274 -41.30 -2.53 25.38
N LEU H 275 -39.98 -2.52 25.48
CA LEU H 275 -39.21 -3.72 25.12
C LEU H 275 -39.56 -4.83 26.10
N ILE H 276 -39.65 -4.48 27.38
CA ILE H 276 -39.99 -5.42 28.43
C ILE H 276 -41.39 -5.99 28.17
N GLU H 277 -42.32 -5.12 27.82
CA GLU H 277 -43.70 -5.55 27.55
C GLU H 277 -43.76 -6.48 26.35
N ASN H 278 -42.99 -6.16 25.31
CA ASN H 278 -43.00 -6.99 24.12
C ASN H 278 -42.37 -8.36 24.36
N ASP H 279 -41.43 -8.44 25.29
CA ASP H 279 -40.79 -9.72 25.58
C ASP H 279 -41.71 -10.63 26.41
N LYS H 280 -42.66 -10.04 27.11
CA LYS H 280 -43.59 -10.83 27.92
C LYS H 280 -44.43 -11.72 27.03
N VAL I 31 27.98 -21.65 12.90
CA VAL I 31 27.64 -21.19 11.53
C VAL I 31 28.90 -21.06 10.70
N GLY I 32 28.74 -20.79 9.41
CA GLY I 32 29.90 -20.67 8.54
C GLY I 32 30.12 -19.29 7.97
N LEU I 33 30.69 -19.25 6.76
CA LEU I 33 30.96 -17.99 6.09
C LEU I 33 29.65 -17.35 5.66
N GLN I 34 29.46 -16.09 6.07
CA GLN I 34 28.23 -15.36 5.75
C GLN I 34 28.25 -14.87 4.30
N TYR I 35 27.19 -15.16 3.57
CA TYR I 35 27.08 -14.79 2.15
C TYR I 35 27.32 -13.33 1.79
N HIS I 36 26.66 -12.40 2.48
CA HIS I 36 26.80 -10.99 2.14
C HIS I 36 28.02 -10.28 2.73
N LEU I 37 28.28 -10.49 4.03
CA LEU I 37 29.40 -9.82 4.67
C LEU I 37 30.73 -10.56 4.53
N GLN I 38 30.66 -11.83 4.16
CA GLN I 38 31.85 -12.66 4.00
C GLN I 38 32.72 -12.76 5.25
N ILE I 39 32.05 -12.92 6.39
CA ILE I 39 32.73 -13.06 7.68
C ILE I 39 32.27 -14.38 8.29
N ARG I 40 33.04 -14.89 9.24
CA ARG I 40 32.67 -16.14 9.91
C ARG I 40 32.90 -15.96 11.41
N PRO I 41 32.37 -16.88 12.23
CA PRO I 41 32.56 -16.76 13.68
C PRO I 41 34.04 -16.58 14.01
N GLY I 42 34.33 -15.64 14.90
CA GLY I 42 35.70 -15.38 15.28
C GLY I 42 36.29 -14.16 14.58
N ASP I 43 35.63 -13.71 13.51
CA ASP I 43 36.10 -12.55 12.75
C ASP I 43 35.76 -11.20 13.40
N VAL I 44 34.62 -11.13 14.07
CA VAL I 44 34.18 -9.89 14.70
C VAL I 44 33.99 -10.03 16.20
N GLY I 45 34.00 -8.89 16.89
CA GLY I 45 33.82 -8.90 18.33
C GLY I 45 32.35 -8.84 18.68
N ARG I 46 32.05 -8.87 19.96
CA ARG I 46 30.68 -8.80 20.44
C ARG I 46 30.12 -7.40 20.24
N TYR I 47 31.03 -6.43 20.15
CA TYR I 47 30.67 -5.02 20.01
C TYR I 47 31.00 -4.53 18.62
N VAL I 48 30.03 -3.90 17.97
CA VAL I 48 30.23 -3.41 16.62
C VAL I 48 29.65 -2.03 16.36
N ILE I 49 30.46 -1.16 15.77
CA ILE I 49 30.03 0.19 15.40
C ILE I 49 29.62 0.04 13.93
N MET I 50 28.49 0.63 13.55
CA MET I 50 27.98 0.49 12.19
C MET I 50 27.67 1.78 11.43
N PRO I 51 28.62 2.24 10.60
CA PRO I 51 28.37 3.46 9.82
C PRO I 51 27.65 3.03 8.55
N GLY I 52 27.02 3.97 7.85
CA GLY I 52 26.34 3.61 6.62
C GLY I 52 27.30 3.54 5.43
N ASP I 53 28.27 4.46 5.42
CA ASP I 53 29.26 4.55 4.36
C ASP I 53 30.47 3.63 4.57
N PRO I 54 30.71 2.70 3.64
CA PRO I 54 31.85 1.78 3.77
C PRO I 54 33.19 2.49 3.87
N LYS I 55 33.27 3.70 3.32
CA LYS I 55 34.50 4.49 3.36
C LYS I 55 34.74 5.09 4.73
N ARG I 56 33.76 5.02 5.62
CA ARG I 56 33.90 5.59 6.96
C ARG I 56 34.46 4.57 7.94
N CYS I 57 34.49 3.29 7.55
CA CYS I 57 35.00 2.25 8.44
C CYS I 57 36.47 2.43 8.81
N ALA I 58 37.29 2.77 7.81
CA ALA I 58 38.72 2.98 8.05
C ALA I 58 38.97 4.07 9.09
N LYS I 59 38.20 5.17 9.00
CA LYS I 59 38.35 6.28 9.93
C LYS I 59 37.94 5.89 11.34
N ILE I 60 36.91 5.07 11.45
CA ILE I 60 36.43 4.62 12.75
C ILE I 60 37.44 3.63 13.34
N ALA I 61 37.95 2.74 12.49
CA ALA I 61 38.91 1.73 12.91
C ALA I 61 40.14 2.35 13.56
N GLU I 62 40.43 3.59 13.19
CA GLU I 62 41.58 4.32 13.73
C GLU I 62 41.44 4.53 15.23
N HIS I 63 40.21 4.45 15.72
CA HIS I 63 39.96 4.65 17.16
C HIS I 63 40.17 3.37 17.97
N PHE I 64 40.38 2.25 17.28
CA PHE I 64 40.62 0.97 17.94
C PHE I 64 42.12 0.70 17.99
N ASP I 65 42.50 -0.34 18.74
CA ASP I 65 43.91 -0.72 18.79
C ASP I 65 44.15 -1.83 17.77
N ASN I 66 45.18 -1.65 16.95
CA ASN I 66 45.56 -2.64 15.95
C ASN I 66 44.43 -3.19 15.08
N ALA I 67 43.64 -2.30 14.49
CA ALA I 67 42.54 -2.72 13.63
C ALA I 67 43.07 -3.24 12.30
N VAL I 68 42.47 -4.31 11.81
CA VAL I 68 42.87 -4.89 10.54
C VAL I 68 41.63 -5.15 9.69
N LEU I 69 41.76 -5.05 8.37
CA LEU I 69 40.64 -5.30 7.49
C LEU I 69 40.31 -6.78 7.53
N VAL I 70 39.05 -7.09 7.78
CA VAL I 70 38.60 -8.48 7.83
C VAL I 70 37.94 -8.86 6.52
N ALA I 71 37.08 -7.99 6.00
CA ALA I 71 36.39 -8.29 4.76
C ALA I 71 35.91 -7.04 4.05
N ASP I 72 35.75 -7.17 2.73
CA ASP I 72 35.26 -6.09 1.88
C ASP I 72 34.40 -6.79 0.83
N SER I 73 33.13 -6.94 1.15
CA SER I 73 32.17 -7.62 0.27
C SER I 73 30.97 -6.71 0.00
N ARG I 74 30.64 -6.49 -1.26
CA ARG I 74 29.53 -5.62 -1.61
C ARG I 74 29.70 -4.27 -0.90
N GLU I 75 28.66 -3.78 -0.22
CA GLU I 75 28.78 -2.51 0.48
C GLU I 75 29.22 -2.72 1.93
N TYR I 76 29.68 -3.93 2.22
CA TYR I 76 30.09 -4.27 3.58
C TYR I 76 31.60 -4.37 3.85
N VAL I 77 32.15 -3.35 4.50
CA VAL I 77 33.56 -3.36 4.85
C VAL I 77 33.63 -3.61 6.35
N THR I 78 34.45 -4.57 6.76
CA THR I 78 34.58 -4.91 8.18
C THR I 78 36.02 -4.86 8.67
N TYR I 79 36.24 -4.14 9.77
CA TYR I 79 37.55 -4.03 10.41
C TYR I 79 37.38 -4.54 11.84
N THR I 80 38.40 -5.22 12.35
CA THR I 80 38.36 -5.73 13.72
C THR I 80 39.67 -5.43 14.44
N GLY I 81 39.55 -4.93 15.66
CA GLY I 81 40.71 -4.60 16.47
C GLY I 81 40.32 -4.80 17.92
N THR I 82 40.92 -4.06 18.84
CA THR I 82 40.56 -4.19 20.24
C THR I 82 40.42 -2.84 20.91
N LEU I 83 39.66 -2.82 22.00
CA LEU I 83 39.45 -1.61 22.77
C LEU I 83 39.47 -2.09 24.21
N ASN I 84 40.44 -1.62 24.98
CA ASN I 84 40.57 -2.03 26.38
C ASN I 84 40.77 -3.54 26.43
N GLY I 85 41.39 -4.08 25.38
CA GLY I 85 41.64 -5.51 25.33
C GLY I 85 40.50 -6.39 24.85
N GLU I 86 39.34 -5.80 24.61
CA GLU I 86 38.17 -6.54 24.14
C GLU I 86 38.09 -6.44 22.62
N LYS I 87 37.74 -7.54 21.96
CA LYS I 87 37.62 -7.53 20.50
C LYS I 87 36.43 -6.67 20.08
N VAL I 88 36.67 -5.73 19.17
CA VAL I 88 35.60 -4.86 18.68
C VAL I 88 35.70 -4.76 17.16
N SER I 89 34.58 -4.39 16.53
CA SER I 89 34.57 -4.29 15.08
C SER I 89 33.79 -3.08 14.58
N VAL I 90 33.95 -2.80 13.29
CA VAL I 90 33.23 -1.72 12.64
C VAL I 90 32.86 -2.29 11.28
N THR I 91 31.57 -2.28 10.98
CA THR I 91 31.06 -2.83 9.73
C THR I 91 30.05 -1.86 9.11
N SER I 92 30.22 -1.54 7.83
CA SER I 92 29.31 -0.63 7.16
C SER I 92 28.01 -1.36 6.82
N THR I 93 26.93 -0.59 6.65
CA THR I 93 25.62 -1.19 6.35
C THR I 93 25.11 -0.75 4.98
N GLY I 94 25.72 0.27 4.41
CA GLY I 94 25.23 0.77 3.14
C GLY I 94 24.00 1.60 3.48
N ILE I 95 23.32 2.13 2.48
CA ILE I 95 22.14 2.95 2.72
C ILE I 95 20.84 2.14 2.74
N GLY I 96 20.00 2.40 3.74
CA GLY I 96 18.71 1.72 3.82
C GLY I 96 18.57 0.51 4.73
N GLY I 97 17.35 0.30 5.22
CA GLY I 97 17.08 -0.83 6.09
C GLY I 97 17.35 -2.18 5.46
N PRO I 98 17.13 -2.35 4.15
CA PRO I 98 17.40 -3.66 3.54
C PRO I 98 18.84 -4.13 3.72
N SER I 99 19.79 -3.26 3.41
CA SER I 99 21.19 -3.62 3.55
C SER I 99 21.62 -3.63 5.01
N ALA I 100 21.05 -2.74 5.82
CA ALA I 100 21.39 -2.68 7.24
C ALA I 100 20.93 -3.93 8.00
N SER I 101 19.71 -4.39 7.73
CA SER I 101 19.19 -5.59 8.40
C SER I 101 20.07 -6.80 8.09
N ILE I 102 20.50 -6.92 6.85
CA ILE I 102 21.36 -8.04 6.46
C ILE I 102 22.65 -8.01 7.29
N ALA I 103 23.23 -6.82 7.46
CA ALA I 103 24.45 -6.70 8.23
C ALA I 103 24.22 -7.12 9.69
N MET I 104 23.14 -6.67 10.30
CA MET I 104 22.88 -7.05 11.68
C MET I 104 22.65 -8.55 11.81
N GLU I 105 21.90 -9.12 10.86
CA GLU I 105 21.62 -10.55 10.89
C GLU I 105 22.88 -11.40 10.83
N GLU I 106 23.76 -11.07 9.88
CA GLU I 106 25.00 -11.84 9.71
C GLU I 106 26.02 -11.61 10.82
N LEU I 107 26.10 -10.39 11.35
CA LEU I 107 27.02 -10.11 12.44
C LEU I 107 26.54 -10.88 13.67
N LYS I 108 25.23 -10.85 13.89
CA LYS I 108 24.64 -11.55 15.02
C LYS I 108 24.96 -13.05 14.97
N LEU I 109 24.85 -13.65 13.79
CA LEU I 109 25.15 -15.07 13.65
C LEU I 109 26.62 -15.35 13.98
N CYS I 110 27.47 -14.35 13.77
CA CYS I 110 28.90 -14.51 14.03
C CYS I 110 29.32 -14.13 15.44
N GLY I 111 28.35 -13.84 16.31
CA GLY I 111 28.68 -13.52 17.69
C GLY I 111 28.48 -12.11 18.20
N ALA I 112 28.14 -11.17 17.33
CA ALA I 112 27.93 -9.79 17.78
C ALA I 112 26.60 -9.65 18.53
N ASP I 113 26.59 -8.87 19.60
CA ASP I 113 25.36 -8.70 20.37
C ASP I 113 25.14 -7.27 20.86
N THR I 114 26.07 -6.38 20.56
CA THR I 114 25.94 -4.97 20.97
C THR I 114 26.32 -4.13 19.76
N PHE I 115 25.36 -3.34 19.29
CA PHE I 115 25.57 -2.52 18.10
C PHE I 115 25.31 -1.03 18.28
N ILE I 116 26.14 -0.23 17.64
CA ILE I 116 25.95 1.22 17.68
C ILE I 116 26.09 1.80 16.27
N ARG I 117 24.98 2.28 15.73
CA ARG I 117 25.04 2.88 14.40
C ARG I 117 25.56 4.30 14.56
N VAL I 118 26.43 4.71 13.65
CA VAL I 118 27.01 6.05 13.65
C VAL I 118 26.80 6.60 12.25
N GLY I 119 25.90 7.57 12.11
CA GLY I 119 25.65 8.10 10.79
C GLY I 119 25.55 9.60 10.69
N THR I 120 24.81 10.04 9.69
CA THR I 120 24.57 11.45 9.45
C THR I 120 23.06 11.61 9.40
N CYS I 121 22.58 12.81 9.67
CA CYS I 121 21.14 13.07 9.65
C CYS I 121 20.84 14.51 9.31
N GLY I 122 19.57 14.77 8.97
CA GLY I 122 19.14 16.11 8.65
C GLY I 122 18.24 16.54 9.78
N GLY I 123 18.52 17.70 10.37
CA GLY I 123 17.71 18.17 11.47
C GLY I 123 16.29 18.57 11.12
N ILE I 124 15.39 18.36 12.07
CA ILE I 124 13.99 18.74 11.90
C ILE I 124 13.68 19.80 12.96
N GLU I 125 13.79 19.43 14.23
CA GLU I 125 13.55 20.40 15.31
C GLU I 125 14.53 21.56 15.10
N LEU I 126 14.04 22.79 15.21
CA LEU I 126 14.84 23.98 14.99
C LEU I 126 16.12 24.11 15.82
N ASP I 127 16.17 23.46 16.99
CA ASP I 127 17.35 23.53 17.85
C ASP I 127 18.46 22.59 17.40
N VAL I 128 18.12 21.65 16.52
CA VAL I 128 19.08 20.67 16.01
C VAL I 128 19.85 21.28 14.84
N LYS I 129 21.03 21.83 15.12
CA LYS I 129 21.83 22.47 14.10
C LYS I 129 23.01 21.67 13.59
N GLY I 130 23.47 22.02 12.39
CA GLY I 130 24.61 21.33 11.78
C GLY I 130 25.80 21.32 12.72
N GLY I 131 26.44 20.17 12.83
CA GLY I 131 27.58 20.05 13.72
C GLY I 131 27.18 19.40 15.03
N ASP I 132 25.91 19.51 15.40
CA ASP I 132 25.42 18.90 16.63
C ASP I 132 25.34 17.39 16.47
N ILE I 133 25.18 16.71 17.58
CA ILE I 133 25.06 15.25 17.59
C ILE I 133 23.63 14.90 18.01
N VAL I 134 23.04 13.90 17.39
CA VAL I 134 21.70 13.45 17.74
C VAL I 134 21.82 12.00 18.17
N ILE I 135 21.12 11.65 19.25
CA ILE I 135 21.11 10.29 19.79
C ILE I 135 19.66 9.82 19.70
N ALA I 136 19.43 8.72 19.00
CA ALA I 136 18.08 8.21 18.81
C ALA I 136 17.53 7.35 19.95
N THR I 137 16.43 7.80 20.55
CA THR I 137 15.81 7.04 21.62
C THR I 137 14.82 6.08 20.98
N GLY I 138 14.41 6.41 19.75
CA GLY I 138 13.46 5.59 19.03
C GLY I 138 13.41 6.10 17.59
N ALA I 139 12.65 5.44 16.73
CA ALA I 139 12.57 5.87 15.34
C ALA I 139 11.19 5.71 14.72
N ILE I 140 10.88 6.60 13.78
CA ILE I 140 9.61 6.54 13.07
C ILE I 140 9.77 5.50 11.95
N ARG I 141 8.94 4.47 12.00
CA ARG I 141 9.00 3.38 11.04
C ARG I 141 8.33 3.65 9.69
N MET I 142 8.73 4.74 9.03
CA MET I 142 8.16 5.06 7.73
C MET I 142 9.05 4.42 6.67
N GLU I 143 9.20 3.10 6.78
CA GLU I 143 10.02 2.32 5.88
C GLU I 143 9.50 0.88 5.89
N GLY I 144 9.89 0.10 4.88
CA GLY I 144 9.39 -1.26 4.78
C GLY I 144 10.12 -2.41 5.44
N THR I 145 11.43 -2.29 5.63
CA THR I 145 12.17 -3.38 6.23
C THR I 145 11.63 -3.84 7.58
N SER I 146 11.37 -2.89 8.48
CA SER I 146 10.88 -3.25 9.80
C SER I 146 9.53 -3.96 9.75
N LYS I 147 8.72 -3.62 8.74
CA LYS I 147 7.40 -4.22 8.59
C LYS I 147 7.48 -5.70 8.22
N GLU I 148 8.66 -6.15 7.80
CA GLU I 148 8.83 -7.56 7.47
C GLU I 148 9.41 -8.30 8.66
N TYR I 149 9.60 -7.56 9.75
CA TYR I 149 10.10 -8.12 11.01
C TYR I 149 8.98 -8.06 12.04
N ALA I 150 8.32 -6.92 12.17
CA ALA I 150 7.26 -6.77 13.16
C ALA I 150 6.06 -5.96 12.68
N PRO I 151 4.89 -6.19 13.30
CA PRO I 151 3.68 -5.47 12.94
C PRO I 151 4.01 -3.99 13.16
N ILE I 152 3.47 -3.11 12.34
CA ILE I 152 3.78 -1.69 12.44
C ILE I 152 3.51 -1.04 13.80
N GLU I 153 2.61 -1.62 14.59
CA GLU I 153 2.30 -1.06 15.89
C GLU I 153 3.46 -1.14 16.89
N PHE I 154 4.39 -2.05 16.65
CA PHE I 154 5.54 -2.21 17.55
C PHE I 154 6.49 -1.01 17.42
N PRO I 155 6.91 -0.44 18.56
CA PRO I 155 7.81 0.72 18.50
C PRO I 155 9.25 0.40 18.17
N ALA I 156 9.86 1.25 17.36
CA ALA I 156 11.27 1.12 17.03
C ALA I 156 11.92 1.89 18.17
N VAL I 157 12.46 1.18 19.15
CA VAL I 157 13.07 1.84 20.30
C VAL I 157 14.50 1.36 20.58
N ALA I 158 15.39 2.30 20.88
CA ALA I 158 16.79 1.99 21.15
C ALA I 158 16.95 1.31 22.50
N ASP I 159 17.98 0.49 22.64
CA ASP I 159 18.26 -0.19 23.89
C ASP I 159 18.61 0.88 24.93
N LEU I 160 18.06 0.74 26.14
CA LEU I 160 18.30 1.71 27.22
C LEU I 160 19.77 1.89 27.58
N GLU I 161 20.47 0.78 27.79
CA GLU I 161 21.88 0.84 28.16
C GLU I 161 22.76 1.53 27.12
N VAL I 162 22.53 1.21 25.85
CA VAL I 162 23.32 1.83 24.79
C VAL I 162 23.01 3.32 24.71
N THR I 163 21.72 3.67 24.79
CA THR I 163 21.32 5.07 24.72
C THR I 163 21.94 5.87 25.86
N ASN I 164 21.88 5.33 27.08
CA ASN I 164 22.46 6.04 28.22
C ASN I 164 23.97 6.17 28.04
N ALA I 165 24.61 5.13 27.50
CA ALA I 165 26.05 5.17 27.30
C ALA I 165 26.41 6.27 26.30
N LEU I 166 25.55 6.47 25.31
CA LEU I 166 25.79 7.52 24.30
C LEU I 166 25.59 8.91 24.92
N VAL I 167 24.52 9.05 25.70
CA VAL I 167 24.24 10.34 26.35
C VAL I 167 25.37 10.72 27.31
N ASN I 168 25.81 9.76 28.13
CA ASN I 168 26.88 10.01 29.08
C ASN I 168 28.19 10.34 28.38
N ALA I 169 28.44 9.67 27.24
CA ALA I 169 29.65 9.91 26.48
C ALA I 169 29.67 11.32 25.89
N ALA I 170 28.54 11.73 25.32
CA ALA I 170 28.42 13.06 24.72
C ALA I 170 28.66 14.14 25.78
N LYS I 171 28.11 13.93 26.98
CA LYS I 171 28.27 14.89 28.06
C LYS I 171 29.73 14.93 28.52
N LYS I 172 30.32 13.76 28.69
CA LYS I 172 31.70 13.67 29.14
C LYS I 172 32.69 14.31 28.17
N LEU I 173 32.44 14.13 26.88
CA LEU I 173 33.31 14.70 25.85
C LEU I 173 33.01 16.15 25.56
N GLY I 174 31.88 16.64 26.06
CA GLY I 174 31.50 18.03 25.89
C GLY I 174 30.85 18.44 24.58
N TYR I 175 30.21 17.50 23.89
CA TYR I 175 29.55 17.81 22.63
C TYR I 175 28.05 18.09 22.80
N THR I 176 27.55 19.08 22.06
CA THR I 176 26.14 19.43 22.13
C THR I 176 25.36 18.28 21.47
N SER I 177 24.44 17.68 22.22
CA SER I 177 23.66 16.58 21.68
C SER I 177 22.17 16.69 21.97
N HIS I 178 21.39 15.97 21.16
CA HIS I 178 19.94 15.96 21.27
C HIS I 178 19.48 14.51 21.31
N ALA I 179 18.88 14.10 22.41
CA ALA I 179 18.39 12.74 22.54
C ALA I 179 16.89 12.71 22.28
N GLY I 180 16.49 12.03 21.21
CA GLY I 180 15.07 11.98 20.89
C GLY I 180 14.75 11.08 19.72
N VAL I 181 13.54 11.18 19.21
CA VAL I 181 13.10 10.36 18.10
C VAL I 181 13.61 10.88 16.77
N VAL I 182 13.97 9.97 15.88
CA VAL I 182 14.44 10.35 14.56
C VAL I 182 13.50 9.72 13.53
N GLN I 183 13.30 10.41 12.42
CA GLN I 183 12.44 9.86 11.38
C GLN I 183 13.28 8.99 10.48
N CYS I 184 12.74 7.83 10.13
CA CYS I 184 13.41 6.96 9.19
C CYS I 184 12.52 6.93 7.96
N LYS I 185 13.13 6.67 6.81
CA LYS I 185 12.42 6.68 5.54
C LYS I 185 13.16 5.76 4.58
N ASP I 186 12.52 5.43 3.47
CA ASP I 186 13.14 4.59 2.45
C ASP I 186 13.53 5.43 1.24
N ALA I 187 12.88 6.57 1.07
CA ALA I 187 13.17 7.44 -0.07
C ALA I 187 13.86 8.74 0.34
N PHE I 188 15.16 8.82 0.13
CA PHE I 188 15.92 10.01 0.47
C PHE I 188 15.35 11.22 -0.26
N TYR I 189 15.04 11.05 -1.54
CA TYR I 189 14.50 12.17 -2.30
C TYR I 189 13.06 12.53 -1.95
N GLY I 190 12.45 11.70 -1.11
CA GLY I 190 11.10 12.00 -0.65
C GLY I 190 11.21 13.00 0.48
N GLN I 191 12.38 13.04 1.12
CA GLN I 191 12.62 13.97 2.23
C GLN I 191 12.96 15.36 1.72
N HIS I 192 13.71 15.40 0.62
CA HIS I 192 14.16 16.66 0.04
C HIS I 192 13.41 17.17 -1.18
N GLU I 193 12.63 16.31 -1.83
CA GLU I 193 11.85 16.72 -3.00
C GLU I 193 10.42 16.22 -2.86
N PRO I 194 9.83 16.34 -1.65
CA PRO I 194 8.46 15.86 -1.46
C PRO I 194 7.41 16.45 -2.40
N GLU I 195 7.51 17.76 -2.66
CA GLU I 195 6.55 18.44 -3.53
C GLU I 195 6.43 17.84 -4.92
N ARG I 196 7.53 17.28 -5.42
CA ARG I 196 7.55 16.69 -6.77
C ARG I 196 6.94 15.30 -6.86
N MET I 197 7.00 14.54 -5.77
CA MET I 197 6.51 13.17 -5.73
C MET I 197 5.03 12.95 -6.02
N PRO I 198 4.69 11.80 -6.63
CA PRO I 198 3.27 11.54 -6.91
C PRO I 198 2.50 11.53 -5.59
N VAL I 199 3.13 11.03 -4.52
CA VAL I 199 2.49 10.98 -3.21
C VAL I 199 2.90 12.16 -2.33
N SER I 200 3.13 13.30 -2.97
CA SER I 200 3.54 14.51 -2.26
C SER I 200 2.63 14.82 -1.09
N TYR I 201 1.32 14.64 -1.28
CA TYR I 201 0.35 14.91 -0.23
C TYR I 201 0.61 14.11 1.04
N GLU I 202 0.97 12.85 0.85
CA GLU I 202 1.25 11.94 1.97
C GLU I 202 2.55 12.32 2.67
N LEU I 203 3.60 12.54 1.90
CA LEU I 203 4.90 12.88 2.46
C LEU I 203 4.85 14.22 3.20
N LEU I 204 4.24 15.22 2.58
CA LEU I 204 4.16 16.54 3.20
C LEU I 204 3.31 16.55 4.47
N ASN I 205 2.20 15.82 4.46
CA ASN I 205 1.33 15.77 5.64
C ASN I 205 2.05 15.05 6.78
N LYS I 206 2.68 13.92 6.48
CA LYS I 206 3.39 13.19 7.51
C LYS I 206 4.59 13.99 8.04
N TRP I 207 5.21 14.80 7.19
CA TRP I 207 6.34 15.61 7.61
C TRP I 207 5.90 16.62 8.66
N GLU I 208 4.74 17.24 8.46
CA GLU I 208 4.22 18.19 9.43
C GLU I 208 3.91 17.46 10.72
N ALA I 209 3.43 16.21 10.61
CA ALA I 209 3.14 15.43 11.81
C ALA I 209 4.42 15.18 12.60
N TRP I 210 5.50 14.82 11.89
CA TRP I 210 6.77 14.54 12.56
C TRP I 210 7.23 15.79 13.30
N LYS I 211 7.06 16.96 12.69
CA LYS I 211 7.46 18.21 13.31
C LYS I 211 6.64 18.49 14.57
N ARG I 212 5.35 18.16 14.52
CA ARG I 212 4.46 18.39 15.64
C ARG I 212 4.58 17.35 16.75
N LEU I 213 5.48 16.38 16.55
CA LEU I 213 5.69 15.33 17.54
C LEU I 213 7.08 15.42 18.18
N GLY I 214 7.76 16.55 17.98
CA GLY I 214 9.07 16.75 18.58
C GLY I 214 10.23 15.99 17.95
N THR I 215 10.03 15.46 16.76
CA THR I 215 11.07 14.70 16.06
C THR I 215 12.35 15.51 15.90
N LYS I 216 13.48 14.92 16.30
CA LYS I 216 14.78 15.58 16.23
C LYS I 216 15.41 15.70 14.86
N ALA I 217 15.40 14.59 14.10
CA ALA I 217 16.05 14.61 12.80
C ALA I 217 15.57 13.48 11.89
N SER I 218 16.12 13.46 10.68
CA SER I 218 15.76 12.46 9.69
C SER I 218 16.98 11.69 9.18
N GLU I 219 16.87 10.36 9.15
CA GLU I 219 17.93 9.51 8.64
C GLU I 219 17.30 8.29 7.99
N MET I 220 17.99 7.15 7.92
CA MET I 220 17.38 6.02 7.22
C MET I 220 17.51 4.59 7.73
N GLU I 221 18.41 4.31 8.67
CA GLU I 221 18.60 2.92 9.12
C GLU I 221 18.14 2.48 10.51
N SER I 222 17.98 3.41 11.44
CA SER I 222 17.62 3.03 12.81
C SER I 222 16.33 2.24 13.02
N ALA I 223 15.27 2.59 12.31
CA ALA I 223 14.01 1.87 12.47
C ALA I 223 14.20 0.38 12.21
N ALA I 224 14.89 0.04 11.13
CA ALA I 224 15.13 -1.36 10.80
C ALA I 224 16.02 -2.04 11.84
N LEU I 225 17.11 -1.38 12.20
CA LEU I 225 18.05 -1.95 13.18
C LEU I 225 17.42 -2.12 14.56
N PHE I 226 16.64 -1.14 15.00
CA PHE I 226 16.01 -1.23 16.31
C PHE I 226 15.00 -2.36 16.41
N VAL I 227 14.16 -2.49 15.39
CA VAL I 227 13.15 -3.55 15.39
C VAL I 227 13.80 -4.91 15.19
N ALA I 228 14.81 -4.98 14.32
CA ALA I 228 15.49 -6.25 14.11
C ALA I 228 16.17 -6.66 15.41
N ALA I 229 16.73 -5.68 16.14
CA ALA I 229 17.41 -5.96 17.40
C ALA I 229 16.43 -6.50 18.44
N SER I 230 15.22 -5.94 18.45
CA SER I 230 14.21 -6.40 19.40
C SER I 230 13.90 -7.86 19.14
N HIS I 231 13.82 -8.23 17.85
CA HIS I 231 13.55 -9.61 17.48
C HIS I 231 14.73 -10.55 17.76
N LEU I 232 15.93 -10.09 17.41
CA LEU I 232 17.14 -10.89 17.60
C LEU I 232 17.65 -10.96 19.03
N GLY I 233 17.12 -10.11 19.90
CA GLY I 233 17.55 -10.10 21.28
C GLY I 233 18.91 -9.47 21.51
N VAL I 234 19.27 -8.50 20.69
CA VAL I 234 20.56 -7.82 20.84
C VAL I 234 20.33 -6.37 21.21
N ARG I 235 21.39 -5.71 21.67
CA ARG I 235 21.30 -4.30 22.08
C ARG I 235 21.77 -3.40 20.94
N CYS I 236 20.97 -2.39 20.63
CA CYS I 236 21.30 -1.45 19.55
C CYS I 236 20.91 -0.01 19.87
N GLY I 237 21.79 0.90 19.49
CA GLY I 237 21.56 2.32 19.70
C GLY I 237 22.15 3.05 18.51
N SER I 238 21.97 4.37 18.44
CA SER I 238 22.49 5.14 17.30
C SER I 238 22.74 6.60 17.63
N ASP I 239 23.80 7.16 17.05
CA ASP I 239 24.09 8.57 17.22
C ASP I 239 24.42 9.08 15.82
N PHE I 240 24.23 10.37 15.58
CA PHE I 240 24.47 10.92 14.25
C PHE I 240 25.05 12.32 14.28
N LEU I 241 25.69 12.68 13.18
CA LEU I 241 26.23 14.02 13.00
C LEU I 241 25.13 14.74 12.23
N VAL I 242 24.72 15.91 12.69
CA VAL I 242 23.70 16.68 11.97
C VAL I 242 24.44 17.43 10.87
N VAL I 243 24.08 17.18 9.62
CA VAL I 243 24.75 17.82 8.49
C VAL I 243 24.15 19.19 8.14
N GLY I 244 22.88 19.36 8.48
CA GLY I 244 22.18 20.60 8.20
C GLY I 244 20.76 20.48 8.71
N ASN I 245 19.98 21.54 8.56
CA ASN I 245 18.59 21.54 9.02
C ASN I 245 17.74 22.29 7.99
N GLN I 246 16.96 21.53 7.23
CA GLN I 246 16.12 22.10 6.17
C GLN I 246 15.06 23.04 6.72
N GLU I 247 14.62 22.80 7.95
CA GLU I 247 13.57 23.64 8.54
C GLU I 247 14.12 25.00 8.93
N ARG I 248 15.35 25.02 9.43
CA ARG I 248 16.00 26.28 9.82
C ARG I 248 16.23 27.07 8.54
N ASN I 249 16.59 26.36 7.48
CA ASN I 249 16.84 26.97 6.17
C ASN I 249 15.56 27.54 5.60
N ALA I 250 14.45 26.83 5.81
CA ALA I 250 13.15 27.28 5.30
C ALA I 250 12.76 28.61 5.92
N LEU I 251 13.13 28.81 7.18
CA LEU I 251 12.80 30.05 7.89
C LEU I 251 13.90 31.10 7.72
N GLY I 252 14.90 30.79 6.91
CA GLY I 252 16.00 31.72 6.69
C GLY I 252 16.94 31.87 7.87
N MET I 253 16.90 30.91 8.78
CA MET I 253 17.76 30.94 9.96
C MET I 253 19.17 30.46 9.64
N ASP I 254 20.10 30.73 10.55
CA ASP I 254 21.48 30.30 10.37
C ASP I 254 21.49 28.78 10.21
N ASN I 255 21.95 28.30 9.07
CA ASN I 255 21.98 26.87 8.81
C ASN I 255 23.34 26.37 8.37
N PRO I 256 24.30 26.31 9.30
CA PRO I 256 25.66 25.84 9.00
C PRO I 256 25.69 24.36 8.62
N MET I 257 26.48 24.04 7.60
CA MET I 257 26.60 22.65 7.14
C MET I 257 27.78 21.98 7.84
N ALA I 258 27.77 20.65 7.87
CA ALA I 258 28.84 19.88 8.49
C ALA I 258 28.99 18.54 7.80
N HIS I 259 30.22 18.02 7.75
CA HIS I 259 30.47 16.74 7.10
C HIS I 259 31.42 15.82 7.87
N ASP I 260 32.15 16.37 8.85
CA ASP I 260 33.09 15.56 9.62
C ASP I 260 32.41 14.81 10.77
N THR I 261 32.37 13.50 10.67
CA THR I 261 31.72 12.65 11.66
C THR I 261 32.58 12.28 12.87
N GLU I 262 33.77 12.87 12.98
CA GLU I 262 34.67 12.57 14.09
C GLU I 262 33.99 12.64 15.47
N ALA I 263 33.23 13.72 15.71
CA ALA I 263 32.57 13.88 17.00
C ALA I 263 31.60 12.73 17.30
N ALA I 264 30.74 12.42 16.35
CA ALA I 264 29.77 11.33 16.51
C ALA I 264 30.51 10.01 16.73
N ILE I 265 31.65 9.86 16.05
CA ILE I 265 32.45 8.65 16.19
C ILE I 265 33.05 8.59 17.60
N GLN I 266 33.61 9.71 18.05
CA GLN I 266 34.19 9.76 19.38
C GLN I 266 33.17 9.39 20.45
N VAL I 267 31.95 9.89 20.29
CA VAL I 267 30.89 9.58 21.25
C VAL I 267 30.53 8.09 21.20
N ALA I 268 30.47 7.54 19.99
CA ALA I 268 30.15 6.11 19.86
C ALA I 268 31.23 5.23 20.45
N VAL I 269 32.50 5.59 20.22
CA VAL I 269 33.62 4.81 20.75
C VAL I 269 33.66 4.89 22.28
N GLU I 270 33.39 6.06 22.83
CA GLU I 270 33.38 6.23 24.28
C GLU I 270 32.25 5.41 24.88
N ALA I 271 31.09 5.45 24.23
CA ALA I 271 29.93 4.70 24.69
C ALA I 271 30.29 3.20 24.64
N LEU I 272 30.97 2.80 23.57
CA LEU I 272 31.35 1.40 23.44
C LEU I 272 32.30 1.03 24.58
N ARG I 273 33.18 1.95 24.94
CA ARG I 273 34.14 1.68 26.01
C ARG I 273 33.45 1.41 27.34
N THR I 274 32.47 2.24 27.69
CA THR I 274 31.77 2.05 28.96
C THR I 274 30.87 0.82 28.95
N LEU I 275 30.34 0.47 27.78
CA LEU I 275 29.48 -0.72 27.69
C LEU I 275 30.34 -1.96 27.95
N ILE I 276 31.54 -1.95 27.38
CA ILE I 276 32.48 -3.05 27.54
C ILE I 276 32.86 -3.18 29.02
N GLU I 277 33.18 -2.05 29.64
CA GLU I 277 33.54 -2.05 31.06
C GLU I 277 32.42 -2.57 31.94
N ASN I 278 31.18 -2.18 31.62
CA ASN I 278 30.04 -2.61 32.42
C ASN I 278 29.76 -4.10 32.27
N ASP I 279 30.07 -4.68 31.10
CA ASP I 279 29.84 -6.10 30.89
C ASP I 279 30.88 -6.95 31.61
N LYS I 280 32.03 -6.36 31.92
CA LYS I 280 33.09 -7.08 32.61
C LYS I 280 32.70 -7.37 34.05
N GLY J 32 24.62 19.77 -10.80
CA GLY J 32 26.02 19.81 -10.29
C GLY J 32 26.47 18.45 -9.79
N LEU J 33 27.43 18.45 -8.86
CA LEU J 33 27.93 17.21 -8.31
C LEU J 33 26.89 16.52 -7.44
N GLN J 34 26.58 15.26 -7.76
CA GLN J 34 25.59 14.50 -7.00
C GLN J 34 26.20 14.01 -5.68
N TYR J 35 25.51 14.29 -4.59
CA TYR J 35 25.97 13.94 -3.25
C TYR J 35 26.34 12.48 -3.01
N HIS J 36 25.45 11.55 -3.35
CA HIS J 36 25.74 10.14 -3.12
C HIS J 36 26.62 9.45 -4.14
N LEU J 37 26.36 9.65 -5.43
CA LEU J 37 27.14 8.98 -6.47
C LEU J 37 28.42 9.71 -6.84
N GLN J 38 28.49 11.00 -6.51
CA GLN J 38 29.66 11.81 -6.82
C GLN J 38 29.94 11.90 -8.31
N ILE J 39 28.87 12.05 -9.09
CA ILE J 39 28.99 12.19 -10.53
C ILE J 39 28.35 13.53 -10.88
N ARG J 40 28.67 14.05 -12.06
CA ARG J 40 28.12 15.31 -12.52
C ARG J 40 27.69 15.14 -13.98
N PRO J 41 26.89 16.09 -14.50
CA PRO J 41 26.46 15.96 -15.90
C PRO J 41 27.66 15.77 -16.82
N GLY J 42 27.57 14.79 -17.71
CA GLY J 42 28.64 14.51 -18.63
C GLY J 42 29.43 13.27 -18.23
N ASP J 43 29.31 12.86 -16.97
CA ASP J 43 30.04 11.69 -16.48
C ASP J 43 29.42 10.36 -16.93
N VAL J 44 28.11 10.35 -17.15
CA VAL J 44 27.44 9.12 -17.55
C VAL J 44 26.64 9.22 -18.86
N GLY J 45 26.39 8.06 -19.47
CA GLY J 45 25.66 8.04 -20.72
C GLY J 45 24.16 8.00 -20.49
N ARG J 46 23.39 8.03 -21.58
CA ARG J 46 21.94 7.97 -21.48
C ARG J 46 21.50 6.58 -21.06
N TYR J 47 22.35 5.60 -21.32
CA TYR J 47 22.08 4.20 -21.02
C TYR J 47 22.93 3.71 -19.86
N VAL J 48 22.29 3.11 -18.86
CA VAL J 48 23.01 2.63 -17.69
C VAL J 48 22.57 1.24 -17.24
N ILE J 49 23.55 0.38 -16.96
CA ILE J 49 23.28 -0.95 -16.45
C ILE J 49 23.47 -0.82 -14.95
N MET J 50 22.58 -1.42 -14.16
CA MET J 50 22.67 -1.30 -12.72
C MET J 50 22.69 -2.59 -11.93
N PRO J 51 23.88 -3.06 -11.55
CA PRO J 51 23.96 -4.29 -10.76
C PRO J 51 23.82 -3.86 -9.29
N GLY J 52 23.56 -4.80 -8.41
CA GLY J 52 23.42 -4.45 -7.00
C GLY J 52 24.77 -4.37 -6.32
N ASP J 53 25.65 -5.31 -6.67
CA ASP J 53 26.99 -5.40 -6.09
C ASP J 53 28.02 -4.51 -6.78
N PRO J 54 28.61 -3.55 -6.04
CA PRO J 54 29.60 -2.66 -6.63
C PRO J 54 30.78 -3.40 -7.26
N LYS J 55 31.07 -4.60 -6.76
CA LYS J 55 32.18 -5.37 -7.31
C LYS J 55 31.87 -5.93 -8.70
N ARG J 56 30.59 -5.94 -9.07
CA ARG J 56 30.18 -6.47 -10.37
C ARG J 56 30.32 -5.41 -11.47
N CYS J 57 30.48 -4.15 -11.10
CA CYS J 57 30.61 -3.10 -12.11
C CYS J 57 31.81 -3.26 -13.03
N ALA J 58 32.96 -3.62 -12.46
CA ALA J 58 34.16 -3.80 -13.27
C ALA J 58 33.94 -4.94 -14.27
N LYS J 59 33.27 -6.00 -13.81
CA LYS J 59 32.98 -7.15 -14.66
C LYS J 59 32.10 -6.74 -15.84
N ILE J 60 31.10 -5.90 -15.57
CA ILE J 60 30.21 -5.43 -16.61
C ILE J 60 30.91 -4.43 -17.53
N ALA J 61 31.74 -3.57 -16.95
CA ALA J 61 32.45 -2.56 -17.73
C ALA J 61 33.33 -3.19 -18.81
N GLU J 62 33.76 -4.43 -18.57
CA GLU J 62 34.60 -5.14 -19.53
C GLU J 62 33.84 -5.34 -20.84
N HIS J 63 32.52 -5.40 -20.75
CA HIS J 63 31.67 -5.59 -21.93
C HIS J 63 31.49 -4.30 -22.73
N PHE J 64 31.88 -3.17 -22.14
CA PHE J 64 31.79 -1.88 -22.82
C PHE J 64 33.11 -1.58 -23.50
N ASP J 65 33.15 -0.50 -24.28
CA ASP J 65 34.39 -0.11 -24.94
C ASP J 65 35.03 1.06 -24.19
N ASN J 66 36.32 0.92 -23.92
CA ASN J 66 37.08 1.95 -23.21
C ASN J 66 36.42 2.48 -21.95
N ALA J 67 35.87 1.58 -21.15
CA ALA J 67 35.20 1.99 -19.91
C ALA J 67 36.24 2.27 -18.83
N VAL J 68 36.09 3.40 -18.15
CA VAL J 68 37.01 3.78 -17.08
C VAL J 68 36.18 4.11 -15.84
N LEU J 69 36.80 4.01 -14.67
CA LEU J 69 36.07 4.32 -13.44
C LEU J 69 35.92 5.83 -13.30
N VAL J 70 34.67 6.25 -13.15
CA VAL J 70 34.35 7.66 -13.01
C VAL J 70 34.18 8.06 -11.55
N ALA J 71 33.67 7.14 -10.75
CA ALA J 71 33.45 7.43 -9.33
C ALA J 71 33.28 6.17 -8.50
N ASP J 72 33.64 6.29 -7.21
CA ASP J 72 33.53 5.20 -6.25
C ASP J 72 33.19 5.91 -4.95
N SER J 73 31.91 6.03 -4.66
CA SER J 73 31.42 6.72 -3.47
C SER J 73 30.43 5.81 -2.77
N ARG J 74 30.60 5.62 -1.47
CA ARG J 74 29.71 4.75 -0.72
C ARG J 74 29.59 3.41 -1.46
N GLU J 75 28.37 2.90 -1.64
CA GLU J 75 28.20 1.63 -2.35
C GLU J 75 28.07 1.84 -3.85
N TYR J 76 28.34 3.06 -4.30
CA TYR J 76 28.19 3.42 -5.70
C TYR J 76 29.46 3.52 -6.54
N VAL J 77 29.69 2.51 -7.36
CA VAL J 77 30.83 2.48 -8.25
C VAL J 77 30.26 2.75 -9.65
N THR J 78 30.86 3.69 -10.37
CA THR J 78 30.40 4.04 -11.72
C THR J 78 31.52 3.99 -12.75
N TYR J 79 31.27 3.27 -13.85
CA TYR J 79 32.20 3.17 -14.97
C TYR J 79 31.45 3.72 -16.17
N THR J 80 32.17 4.39 -17.06
CA THR J 80 31.57 4.93 -18.26
C THR J 80 32.48 4.63 -19.45
N GLY J 81 31.86 4.15 -20.52
CA GLY J 81 32.58 3.83 -21.74
C GLY J 81 31.61 4.03 -22.89
N THR J 82 31.72 3.19 -23.93
CA THR J 82 30.80 3.31 -25.06
C THR J 82 30.40 1.95 -25.58
N LEU J 83 29.34 1.93 -26.39
CA LEU J 83 28.82 0.72 -26.99
C LEU J 83 28.26 1.22 -28.33
N ASN J 84 28.71 0.63 -29.44
CA ASN J 84 28.23 1.07 -30.74
C ASN J 84 28.56 2.55 -30.91
N GLY J 85 29.56 3.02 -30.15
CA GLY J 85 29.97 4.41 -30.23
C GLY J 85 29.20 5.39 -29.35
N GLU J 86 28.16 4.90 -28.69
CA GLU J 86 27.32 5.74 -27.81
C GLU J 86 27.80 5.62 -26.37
N LYS J 87 27.78 6.74 -25.63
CA LYS J 87 28.22 6.71 -24.24
C LYS J 87 27.28 5.85 -23.37
N VAL J 88 27.84 4.92 -22.59
CA VAL J 88 27.05 4.07 -21.71
C VAL J 88 27.76 3.95 -20.36
N SER J 89 26.99 3.61 -19.33
CA SER J 89 27.59 3.49 -18.00
C SER J 89 27.05 2.30 -17.24
N VAL J 90 27.76 1.95 -16.16
CA VAL J 90 27.32 0.89 -15.27
C VAL J 90 27.54 1.46 -13.88
N THR J 91 26.48 1.45 -13.06
CA THR J 91 26.53 1.99 -11.71
C THR J 91 25.87 1.01 -10.75
N SER J 92 26.54 0.68 -9.67
CA SER J 92 25.98 -0.24 -8.68
C SER J 92 24.95 0.49 -7.82
N THR J 93 24.01 -0.27 -7.25
CA THR J 93 22.97 0.33 -6.43
C THR J 93 23.02 -0.08 -4.98
N GLY J 94 23.80 -1.12 -4.67
CA GLY J 94 23.85 -1.61 -3.32
C GLY J 94 22.59 -2.45 -3.17
N ILE J 95 22.34 -2.99 -1.98
CA ILE J 95 21.17 -3.82 -1.77
C ILE J 95 19.96 -3.02 -1.28
N GLY J 96 18.83 -3.18 -1.95
CA GLY J 96 17.62 -2.52 -1.52
C GLY J 96 17.13 -1.31 -2.29
N GLY J 97 15.80 -1.14 -2.29
CA GLY J 97 15.21 -0.02 -2.97
C GLY J 97 15.69 1.33 -2.49
N PRO J 98 16.00 1.51 -1.19
CA PRO J 98 16.47 2.84 -0.76
C PRO J 98 17.73 3.32 -1.49
N SER J 99 18.74 2.46 -1.57
CA SER J 99 19.98 2.85 -2.24
C SER J 99 19.81 2.85 -3.76
N ALA J 100 18.97 1.95 -4.26
CA ALA J 100 18.75 1.87 -5.70
C ALA J 100 18.03 3.11 -6.22
N SER J 101 17.01 3.59 -5.49
CA SER J 101 16.28 4.77 -5.94
C SER J 101 17.19 6.00 -5.94
N ILE J 102 18.09 6.08 -4.97
CA ILE J 102 19.03 7.20 -4.92
C ILE J 102 19.87 7.21 -6.20
N ALA J 103 20.32 6.02 -6.59
CA ALA J 103 21.13 5.90 -7.80
C ALA J 103 20.35 6.35 -9.04
N MET J 104 19.12 5.88 -9.20
CA MET J 104 18.33 6.27 -10.36
C MET J 104 18.07 7.78 -10.38
N GLU J 105 17.76 8.34 -9.21
CA GLU J 105 17.49 9.78 -9.12
C GLU J 105 18.69 10.60 -9.56
N GLU J 106 19.86 10.27 -9.03
CA GLU J 106 21.05 11.02 -9.37
C GLU J 106 21.57 10.76 -10.78
N LEU J 107 21.38 9.55 -11.29
CA LEU J 107 21.82 9.26 -12.66
C LEU J 107 20.91 10.03 -13.60
N LYS J 108 19.63 10.08 -13.28
CA LYS J 108 18.66 10.79 -14.11
C LYS J 108 19.00 12.27 -14.18
N LEU J 109 19.36 12.85 -13.03
CA LEU J 109 19.70 14.27 -13.00
C LEU J 109 20.92 14.55 -13.86
N CYS J 110 21.76 13.54 -14.08
CA CYS J 110 22.95 13.72 -14.89
C CYS J 110 22.74 13.34 -16.36
N GLY J 111 21.51 13.03 -16.73
CA GLY J 111 21.24 12.71 -18.12
C GLY J 111 20.86 11.28 -18.51
N ALA J 112 20.85 10.36 -17.56
CA ALA J 112 20.49 8.98 -17.88
C ALA J 112 18.97 8.87 -18.06
N ASP J 113 18.53 8.08 -19.03
CA ASP J 113 17.10 7.91 -19.27
C ASP J 113 16.67 6.49 -19.63
N THR J 114 17.64 5.57 -19.70
CA THR J 114 17.35 4.18 -20.02
C THR J 114 18.18 3.31 -19.08
N PHE J 115 17.50 2.52 -18.25
CA PHE J 115 18.16 1.70 -17.25
C PHE J 115 17.83 0.22 -17.31
N ILE J 116 18.84 -0.61 -17.07
CA ILE J 116 18.65 -2.05 -17.02
C ILE J 116 19.33 -2.62 -15.79
N ARG J 117 18.55 -3.14 -14.87
CA ARG J 117 19.12 -3.74 -13.69
C ARG J 117 19.54 -5.16 -14.04
N VAL J 118 20.72 -5.55 -13.59
CA VAL J 118 21.24 -6.90 -13.83
C VAL J 118 21.60 -7.45 -12.46
N GLY J 119 20.83 -8.42 -11.98
CA GLY J 119 21.15 -8.97 -10.67
C GLY J 119 21.03 -10.47 -10.55
N THR J 120 20.78 -10.91 -9.32
CA THR J 120 20.61 -12.33 -9.03
C THR J 120 19.24 -12.47 -8.40
N CYS J 121 18.69 -13.67 -8.44
CA CYS J 121 17.37 -13.90 -7.87
C CYS J 121 17.21 -15.35 -7.44
N GLY J 122 16.18 -15.62 -6.65
CA GLY J 122 15.89 -16.96 -6.21
C GLY J 122 14.60 -17.40 -6.89
N GLY J 123 14.64 -18.54 -7.57
CA GLY J 123 13.45 -19.00 -8.26
C GLY J 123 12.28 -19.41 -7.38
N ILE J 124 11.08 -19.20 -7.89
CA ILE J 124 9.85 -19.58 -7.18
C ILE J 124 9.14 -20.59 -8.09
N GLU J 125 8.73 -20.13 -9.26
CA GLU J 125 8.08 -20.99 -10.25
C GLU J 125 8.98 -22.22 -10.42
N LEU J 126 8.39 -23.42 -10.37
CA LEU J 126 9.18 -24.64 -10.47
C LEU J 126 10.03 -24.85 -11.73
N ASP J 127 9.71 -24.15 -12.82
CA ASP J 127 10.48 -24.29 -14.05
C ASP J 127 11.68 -23.35 -14.07
N VAL J 128 11.74 -22.44 -13.09
CA VAL J 128 12.83 -21.49 -13.01
C VAL J 128 13.99 -22.12 -12.23
N LYS J 129 14.99 -22.59 -12.96
CA LYS J 129 16.14 -23.26 -12.33
C LYS J 129 17.43 -22.45 -12.31
N GLY J 130 18.30 -22.80 -11.37
CA GLY J 130 19.58 -22.12 -11.25
C GLY J 130 20.28 -22.16 -12.60
N GLY J 131 20.86 -21.02 -12.99
CA GLY J 131 21.54 -20.96 -14.27
C GLY J 131 20.69 -20.24 -15.30
N ASP J 132 19.37 -20.35 -15.17
CA ASP J 132 18.45 -19.70 -16.10
C ASP J 132 18.49 -18.19 -15.89
N ILE J 133 17.88 -17.46 -16.82
CA ILE J 133 17.78 -16.02 -16.73
C ILE J 133 16.31 -15.66 -16.55
N VAL J 134 16.04 -14.66 -15.71
CA VAL J 134 14.68 -14.20 -15.50
C VAL J 134 14.62 -12.75 -15.97
N ILE J 135 13.58 -12.41 -16.72
CA ILE J 135 13.39 -11.07 -17.21
C ILE J 135 12.11 -10.59 -16.56
N ALA J 136 12.20 -9.50 -15.79
CA ALA J 136 11.02 -9.00 -15.08
C ALA J 136 10.09 -8.14 -15.93
N THR J 137 8.83 -8.54 -16.00
CA THR J 137 7.83 -7.80 -16.74
C THR J 137 7.17 -6.84 -15.75
N GLY J 138 7.31 -7.16 -14.47
CA GLY J 138 6.72 -6.36 -13.42
C GLY J 138 7.24 -6.86 -12.09
N ALA J 139 6.89 -6.18 -11.01
CA ALA J 139 7.38 -6.60 -9.70
C ALA J 139 6.34 -6.44 -8.61
N ILE J 140 6.45 -7.29 -7.61
CA ILE J 140 5.55 -7.26 -6.46
C ILE J 140 6.11 -6.24 -5.49
N ARG J 141 5.32 -5.20 -5.21
CA ARG J 141 5.74 -4.12 -4.33
C ARG J 141 5.67 -4.39 -2.83
N MET J 142 6.29 -5.47 -2.38
CA MET J 142 6.27 -5.78 -0.95
C MET J 142 7.51 -5.15 -0.32
N GLU J 143 7.64 -3.84 -0.50
CA GLU J 143 8.77 -3.08 0.01
C GLU J 143 8.33 -1.63 0.21
N GLY J 144 9.09 -0.87 0.99
CA GLY J 144 8.70 0.49 1.30
C GLY J 144 9.10 1.64 0.41
N THR J 145 10.22 1.53 -0.32
CA THR J 145 10.66 2.64 -1.16
C THR J 145 9.64 3.09 -2.20
N SER J 146 9.04 2.14 -2.92
CA SER J 146 8.06 2.49 -3.94
C SER J 146 6.86 3.21 -3.35
N LYS J 147 6.52 2.87 -2.10
CA LYS J 147 5.38 3.49 -1.44
C LYS J 147 5.60 4.97 -1.13
N GLU J 148 6.85 5.41 -1.23
CA GLU J 148 7.15 6.81 -0.98
C GLU J 148 7.25 7.57 -2.30
N TYR J 149 6.94 6.87 -3.39
CA TYR J 149 6.91 7.42 -4.73
C TYR J 149 5.48 7.35 -5.27
N ALA J 150 4.83 6.21 -5.08
CA ALA J 150 3.46 6.07 -5.58
C ALA J 150 2.52 5.28 -4.67
N PRO J 151 1.21 5.57 -4.76
CA PRO J 151 0.21 4.86 -3.94
C PRO J 151 0.41 3.38 -4.30
N ILE J 152 0.26 2.49 -3.33
CA ILE J 152 0.48 1.07 -3.55
C ILE J 152 -0.33 0.43 -4.68
N GLU J 153 -1.44 1.05 -5.08
CA GLU J 153 -2.25 0.50 -6.15
C GLU J 153 -1.59 0.55 -7.52
N PHE J 154 -0.61 1.45 -7.67
CA PHE J 154 0.09 1.58 -8.95
C PHE J 154 0.99 0.37 -9.21
N PRO J 155 0.93 -0.17 -10.43
CA PRO J 155 1.76 -1.33 -10.74
C PRO J 155 3.22 -1.04 -11.02
N ALA J 156 4.11 -1.88 -10.49
CA ALA J 156 5.53 -1.76 -10.76
C ALA J 156 5.65 -2.54 -12.07
N VAL J 157 5.71 -1.82 -13.19
CA VAL J 157 5.77 -2.45 -14.50
C VAL J 157 7.00 -2.02 -15.29
N ALA J 158 7.67 -2.97 -15.91
CA ALA J 158 8.87 -2.70 -16.68
C ALA J 158 8.51 -2.06 -18.02
N ASP J 159 9.42 -1.26 -18.56
CA ASP J 159 9.21 -0.61 -19.84
C ASP J 159 9.11 -1.68 -20.93
N LEU J 160 8.12 -1.53 -21.82
CA LEU J 160 7.88 -2.49 -22.90
C LEU J 160 9.08 -2.66 -23.83
N GLU J 161 9.66 -1.55 -24.27
CA GLU J 161 10.81 -1.60 -25.17
C GLU J 161 12.02 -2.31 -24.56
N VAL J 162 12.34 -1.99 -23.31
CA VAL J 162 13.47 -2.62 -22.65
C VAL J 162 13.20 -4.11 -22.47
N THR J 163 11.98 -4.44 -22.04
CA THR J 163 11.61 -5.83 -21.81
C THR J 163 11.73 -6.64 -23.10
N ASN J 164 11.18 -6.11 -24.19
CA ASN J 164 11.26 -6.82 -25.47
C ASN J 164 12.71 -6.97 -25.93
N ALA J 165 13.53 -5.95 -25.68
CA ALA J 165 14.93 -6.00 -26.08
C ALA J 165 15.65 -7.12 -25.33
N LEU J 166 15.34 -7.27 -24.04
CA LEU J 166 15.96 -8.33 -23.24
C LEU J 166 15.49 -9.71 -23.69
N VAL J 167 14.18 -9.87 -23.88
CA VAL J 167 13.63 -11.15 -24.33
C VAL J 167 14.25 -11.58 -25.66
N ASN J 168 14.34 -10.64 -26.59
CA ASN J 168 14.90 -10.92 -27.90
C ASN J 168 16.40 -11.22 -27.83
N ALA J 169 17.12 -10.55 -26.93
CA ALA J 169 18.55 -10.76 -26.78
C ALA J 169 18.83 -12.17 -26.24
N ALA J 170 18.04 -12.60 -25.26
CA ALA J 170 18.22 -13.93 -24.70
C ALA J 170 17.97 -14.99 -25.77
N LYS J 171 16.99 -14.73 -26.63
CA LYS J 171 16.66 -15.67 -27.70
C LYS J 171 17.81 -15.74 -28.70
N LYS J 172 18.32 -14.57 -29.09
CA LYS J 172 19.43 -14.50 -30.03
C LYS J 172 20.68 -15.16 -29.49
N LEU J 173 20.93 -14.99 -28.19
CA LEU J 173 22.11 -15.58 -27.55
C LEU J 173 21.91 -17.04 -27.17
N GLY J 174 20.68 -17.52 -27.28
CA GLY J 174 20.40 -18.91 -26.94
C GLY J 174 20.45 -19.23 -25.47
N TYR J 175 19.91 -18.35 -24.64
CA TYR J 175 19.89 -18.58 -23.19
C TYR J 175 18.47 -18.86 -22.71
N THR J 176 18.34 -19.86 -21.84
CA THR J 176 17.03 -20.20 -21.30
C THR J 176 16.58 -19.02 -20.44
N SER J 177 15.45 -18.43 -20.80
CA SER J 177 14.93 -17.28 -20.07
C SER J 177 13.46 -17.43 -19.67
N HIS J 178 13.05 -16.68 -18.66
CA HIS J 178 11.68 -16.69 -18.16
C HIS J 178 11.25 -15.24 -18.00
N ALA J 179 10.21 -14.83 -18.71
CA ALA J 179 9.72 -13.45 -18.62
C ALA J 179 8.45 -13.40 -17.77
N GLY J 180 8.52 -12.71 -16.65
CA GLY J 180 7.35 -12.63 -15.80
C GLY J 180 7.55 -11.75 -14.58
N VAL J 181 6.62 -11.85 -13.63
CA VAL J 181 6.66 -11.05 -12.42
C VAL J 181 7.65 -11.59 -11.40
N VAL J 182 8.38 -10.69 -10.75
CA VAL J 182 9.32 -11.09 -9.71
C VAL J 182 8.88 -10.47 -8.41
N GLN J 183 9.14 -11.15 -7.30
CA GLN J 183 8.75 -10.59 -6.02
C GLN J 183 9.91 -9.75 -5.50
N CYS J 184 9.59 -8.58 -4.93
CA CYS J 184 10.60 -7.75 -4.32
C CYS J 184 10.26 -7.73 -2.85
N LYS J 185 11.27 -7.44 -2.03
CA LYS J 185 11.09 -7.44 -0.59
C LYS J 185 12.14 -6.52 -0.01
N ASP J 186 12.00 -6.18 1.26
CA ASP J 186 12.98 -5.34 1.93
C ASP J 186 13.84 -6.18 2.88
N ALA J 187 13.30 -7.31 3.33
CA ALA J 187 14.03 -8.19 4.24
C ALA J 187 14.47 -9.49 3.60
N PHE J 188 15.76 -9.57 3.26
CA PHE J 188 16.31 -10.77 2.65
C PHE J 188 16.06 -11.99 3.53
N TYR J 189 16.26 -11.83 4.85
CA TYR J 189 16.06 -12.96 5.74
C TYR J 189 14.61 -13.32 5.99
N GLY J 190 13.70 -12.55 5.41
CA GLY J 190 12.29 -12.86 5.54
C GLY J 190 11.95 -13.85 4.44
N GLN J 191 12.80 -13.91 3.41
CA GLN J 191 12.58 -14.81 2.29
C GLN J 191 13.00 -16.24 2.61
N HIS J 192 14.13 -16.38 3.30
CA HIS J 192 14.67 -17.69 3.63
C HIS J 192 14.39 -18.19 5.04
N GLU J 193 14.03 -17.29 5.95
CA GLU J 193 13.72 -17.69 7.32
C GLU J 193 12.41 -17.06 7.79
N PRO J 194 11.36 -17.11 6.94
CA PRO J 194 10.10 -16.50 7.37
C PRO J 194 9.51 -17.08 8.66
N GLU J 195 9.65 -18.39 8.85
CA GLU J 195 9.10 -19.06 10.04
C GLU J 195 9.61 -18.47 11.36
N ARG J 196 10.82 -17.92 11.34
CA ARG J 196 11.43 -17.35 12.53
C ARG J 196 10.90 -15.95 12.88
N MET J 197 10.51 -15.20 11.86
CA MET J 197 10.04 -13.84 12.05
C MET J 197 8.80 -13.64 12.91
N PRO J 198 8.74 -12.51 13.63
CA PRO J 198 7.57 -12.25 14.47
C PRO J 198 6.33 -12.21 13.57
N VAL J 199 6.51 -11.74 12.33
CA VAL J 199 5.41 -11.66 11.36
C VAL J 199 5.42 -12.83 10.38
N SER J 200 5.91 -13.96 10.83
CA SER J 200 5.97 -15.18 10.01
C SER J 200 4.65 -15.47 9.30
N TYR J 201 3.53 -15.31 10.01
CA TYR J 201 2.22 -15.57 9.43
C TYR J 201 1.97 -14.75 8.15
N GLU J 202 2.35 -13.48 8.19
CA GLU J 202 2.17 -12.59 7.05
C GLU J 202 3.07 -12.98 5.87
N LEU J 203 4.35 -13.20 6.16
CA LEU J 203 5.31 -13.56 5.12
C LEU J 203 4.95 -14.89 4.45
N LEU J 204 4.58 -15.88 5.27
CA LEU J 204 4.23 -17.20 4.75
C LEU J 204 2.94 -17.17 3.93
N ASN J 205 1.94 -16.42 4.39
CA ASN J 205 0.68 -16.31 3.66
C ASN J 205 0.91 -15.63 2.32
N LYS J 206 1.64 -14.53 2.33
CA LYS J 206 1.91 -13.82 1.09
C LYS J 206 2.77 -14.65 0.14
N TRP J 207 3.70 -15.42 0.69
CA TRP J 207 4.56 -16.25 -0.14
C TRP J 207 3.73 -17.27 -0.91
N GLU J 208 2.73 -17.86 -0.26
CA GLU J 208 1.88 -18.82 -0.94
C GLU J 208 1.08 -18.07 -2.01
N ALA J 209 0.73 -16.82 -1.72
CA ALA J 209 -0.02 -16.01 -2.69
C ALA J 209 0.83 -15.78 -3.94
N TRP J 210 2.10 -15.43 -3.75
CA TRP J 210 2.98 -15.18 -4.90
C TRP J 210 3.07 -16.44 -5.77
N LYS J 211 3.17 -17.59 -5.13
CA LYS J 211 3.25 -18.86 -5.83
C LYS J 211 2.01 -19.13 -6.68
N ARG J 212 0.85 -18.79 -6.13
CA ARG J 212 -0.43 -19.00 -6.82
C ARG J 212 -0.71 -17.96 -7.91
N LEU J 213 0.17 -16.97 -8.03
CA LEU J 213 -0.01 -15.91 -9.04
C LEU J 213 1.02 -16.01 -10.17
N GLY J 214 1.72 -17.16 -10.23
CA GLY J 214 2.70 -17.38 -11.27
C GLY J 214 4.02 -16.63 -11.18
N THR J 215 4.31 -16.08 -10.00
CA THR J 215 5.55 -15.33 -9.79
C THR J 215 6.77 -16.18 -10.14
N LYS J 216 7.69 -15.60 -10.91
CA LYS J 216 8.88 -16.32 -11.37
C LYS J 216 10.02 -16.47 -10.37
N ALA J 217 10.39 -15.36 -9.71
CA ALA J 217 11.51 -15.38 -8.79
C ALA J 217 11.42 -14.27 -7.76
N SER J 218 12.38 -14.27 -6.84
CA SER J 218 12.45 -13.28 -5.77
C SER J 218 13.77 -12.50 -5.78
N GLU J 219 13.67 -11.17 -5.67
CA GLU J 219 14.85 -10.30 -5.63
C GLU J 219 14.51 -9.08 -4.78
N MET J 220 15.17 -7.94 -4.97
CA MET J 220 14.87 -6.81 -4.08
C MET J 220 14.79 -5.38 -4.61
N GLU J 221 15.27 -5.11 -5.82
CA GLU J 221 15.27 -3.73 -6.30
C GLU J 221 14.35 -3.29 -7.44
N SER J 222 13.84 -4.22 -8.25
CA SER J 222 13.01 -3.83 -9.38
C SER J 222 11.73 -3.04 -9.09
N ALA J 223 11.06 -3.33 -7.97
CA ALA J 223 9.83 -2.62 -7.65
C ALA J 223 10.12 -1.13 -7.46
N ALA J 224 11.18 -0.82 -6.72
CA ALA J 224 11.56 0.57 -6.48
C ALA J 224 11.95 1.25 -7.78
N LEU J 225 12.79 0.57 -8.57
CA LEU J 225 13.26 1.13 -9.83
C LEU J 225 12.15 1.31 -10.87
N PHE J 226 11.24 0.34 -10.95
CA PHE J 226 10.15 0.44 -11.92
C PHE J 226 9.20 1.59 -11.60
N VAL J 227 8.84 1.73 -10.33
CA VAL J 227 7.92 2.80 -9.92
C VAL J 227 8.60 4.17 -10.02
N ALA J 228 9.86 4.25 -9.62
CA ALA J 228 10.57 5.52 -9.71
C ALA J 228 10.68 5.90 -11.19
N ALA J 229 10.96 4.92 -12.04
CA ALA J 229 11.08 5.19 -13.47
C ALA J 229 9.77 5.76 -14.04
N SER J 230 8.63 5.24 -13.58
CA SER J 230 7.33 5.72 -14.04
C SER J 230 7.16 7.19 -13.68
N HIS J 231 7.62 7.56 -12.49
CA HIS J 231 7.51 8.94 -12.04
C HIS J 231 8.50 9.86 -12.76
N LEU J 232 9.74 9.39 -12.90
CA LEU J 232 10.78 10.19 -13.54
C LEU J 232 10.68 10.24 -15.06
N GLY J 233 9.80 9.42 -15.62
CA GLY J 233 9.62 9.42 -17.07
C GLY J 233 10.76 8.77 -17.84
N VAL J 234 11.41 7.78 -17.25
CA VAL J 234 12.50 7.08 -17.91
C VAL J 234 12.12 5.62 -18.14
N ARG J 235 12.90 4.93 -18.97
CA ARG J 235 12.65 3.54 -19.29
C ARG J 235 13.52 2.63 -18.41
N CYS J 236 12.90 1.60 -17.84
CA CYS J 236 13.63 0.68 -16.98
C CYS J 236 13.17 -0.77 -17.13
N GLY J 237 14.14 -1.68 -17.16
CA GLY J 237 13.85 -3.09 -17.27
C GLY J 237 14.84 -3.83 -16.39
N SER J 238 14.71 -5.15 -16.29
CA SER J 238 15.61 -5.93 -15.45
C SER J 238 15.73 -7.39 -15.86
N ASP J 239 16.91 -7.96 -15.70
CA ASP J 239 17.11 -9.37 -15.98
C ASP J 239 17.97 -9.90 -14.84
N PHE J 240 17.86 -11.19 -14.55
CA PHE J 240 18.61 -11.75 -13.43
C PHE J 240 19.12 -13.14 -13.69
N LEU J 241 20.15 -13.51 -12.94
CA LEU J 241 20.71 -14.85 -13.00
C LEU J 241 19.99 -15.57 -11.87
N VAL J 242 19.41 -16.73 -12.14
CA VAL J 242 18.75 -17.49 -11.09
C VAL J 242 19.87 -18.26 -10.39
N VAL J 243 20.04 -18.04 -9.10
CA VAL J 243 21.10 -18.71 -8.34
C VAL J 243 20.66 -20.06 -7.79
N GLY J 244 19.34 -20.24 -7.68
CA GLY J 244 18.78 -21.48 -7.16
C GLY J 244 17.27 -21.34 -7.04
N ASN J 245 16.61 -22.39 -6.57
CA ASN J 245 15.16 -22.38 -6.41
C ASN J 245 14.79 -23.11 -5.13
N GLN J 246 14.40 -22.35 -4.11
CA GLN J 246 14.05 -22.91 -2.81
C GLN J 246 12.85 -23.86 -2.89
N GLU J 247 11.92 -23.58 -3.79
CA GLU J 247 10.71 -24.39 -3.89
C GLU J 247 11.04 -25.76 -4.48
N ARG J 248 11.99 -25.80 -5.42
CA ARG J 248 12.41 -27.08 -5.99
C ARG J 248 13.17 -27.84 -4.92
N ASN J 249 13.98 -27.13 -4.14
CA ASN J 249 14.74 -27.75 -3.06
C ASN J 249 13.83 -28.41 -2.04
N ALA J 250 12.75 -27.71 -1.69
CA ALA J 250 11.80 -28.23 -0.70
C ALA J 250 11.11 -29.50 -1.19
N LEU J 251 10.91 -29.60 -2.49
CA LEU J 251 10.25 -30.76 -3.08
C LEU J 251 11.21 -31.89 -3.36
N GLY J 252 12.50 -31.66 -3.12
CA GLY J 252 13.51 -32.68 -3.36
C GLY J 252 13.88 -32.80 -4.83
N MET J 253 13.50 -31.81 -5.63
CA MET J 253 13.81 -31.80 -7.06
C MET J 253 15.25 -31.32 -7.25
N ASP J 254 15.88 -31.72 -8.34
CA ASP J 254 17.25 -31.29 -8.59
C ASP J 254 17.26 -29.77 -8.53
N ASN J 255 18.18 -29.23 -7.73
CA ASN J 255 18.29 -27.79 -7.52
C ASN J 255 19.70 -27.28 -7.82
N PRO J 256 20.11 -27.28 -9.09
CA PRO J 256 21.44 -26.80 -9.44
C PRO J 256 21.62 -25.33 -9.06
N MET J 257 22.78 -24.98 -8.52
CA MET J 257 23.03 -23.60 -8.12
C MET J 257 24.02 -22.90 -9.05
N ALA J 258 23.93 -21.57 -9.11
CA ALA J 258 24.81 -20.79 -9.97
C ALA J 258 25.24 -19.49 -9.30
N HIS J 259 26.28 -18.86 -9.84
CA HIS J 259 26.78 -17.61 -9.29
C HIS J 259 27.34 -16.67 -10.36
N ASP J 260 27.72 -17.21 -11.50
CA ASP J 260 28.30 -16.41 -12.59
C ASP J 260 27.22 -15.65 -13.36
N THR J 261 27.24 -14.32 -13.25
CA THR J 261 26.25 -13.47 -13.91
C THR J 261 26.57 -13.13 -15.35
N GLU J 262 27.65 -13.69 -15.89
CA GLU J 262 28.05 -13.41 -17.27
C GLU J 262 26.90 -13.51 -18.27
N ALA J 263 26.11 -14.57 -18.19
CA ALA J 263 25.00 -14.74 -19.12
C ALA J 263 23.98 -13.61 -19.01
N ALA J 264 23.62 -13.26 -17.78
CA ALA J 264 22.65 -12.19 -17.55
C ALA J 264 23.22 -10.86 -18.05
N ILE J 265 24.53 -10.70 -17.90
CA ILE J 265 25.21 -9.48 -18.35
C ILE J 265 25.21 -9.41 -19.87
N GLN J 266 25.52 -10.52 -20.53
CA GLN J 266 25.54 -10.56 -21.98
C GLN J 266 24.18 -10.17 -22.55
N VAL J 267 23.12 -10.70 -21.95
CA VAL J 267 21.76 -10.39 -22.41
C VAL J 267 21.47 -8.90 -22.27
N ALA J 268 21.87 -8.32 -21.14
CA ALA J 268 21.61 -6.90 -20.91
C ALA J 268 22.41 -6.03 -21.88
N VAL J 269 23.65 -6.43 -22.17
CA VAL J 269 24.48 -5.67 -23.09
C VAL J 269 23.93 -5.72 -24.51
N GLU J 270 23.49 -6.90 -24.95
CA GLU J 270 22.93 -7.03 -26.29
C GLU J 270 21.63 -6.24 -26.37
N ALA J 271 20.87 -6.22 -25.27
CA ALA J 271 19.63 -5.47 -25.23
C ALA J 271 19.97 -3.99 -25.41
N LEU J 272 21.01 -3.53 -24.73
CA LEU J 272 21.43 -2.13 -24.85
C LEU J 272 21.77 -1.80 -26.30
N ARG J 273 22.51 -2.67 -26.96
CA ARG J 273 22.87 -2.42 -28.36
C ARG J 273 21.60 -2.22 -29.19
N THR J 274 20.59 -3.04 -28.94
CA THR J 274 19.31 -2.94 -29.66
C THR J 274 18.61 -1.61 -29.38
N LEU J 275 18.56 -1.23 -28.12
CA LEU J 275 17.92 0.02 -27.74
C LEU J 275 18.64 1.21 -28.35
N ILE J 276 19.97 1.20 -28.29
CA ILE J 276 20.77 2.27 -28.84
C ILE J 276 20.50 2.44 -30.34
N GLU J 277 20.47 1.34 -31.07
CA GLU J 277 20.23 1.41 -32.50
C GLU J 277 18.81 1.88 -32.81
N ASN J 278 17.84 1.35 -32.08
CA ASN J 278 16.45 1.73 -32.29
C ASN J 278 16.21 3.20 -31.99
N ASP J 279 16.90 3.75 -31.00
CA ASP J 279 16.74 5.16 -30.68
C ASP J 279 17.32 6.02 -31.80
N VAL K 31 -17.07 -30.22 -15.90
CA VAL K 31 -17.60 -28.84 -16.04
C VAL K 31 -18.91 -28.84 -16.84
N GLY K 32 -19.93 -28.20 -16.28
CA GLY K 32 -21.21 -28.15 -16.96
C GLY K 32 -21.62 -26.73 -17.33
N LEU K 33 -22.92 -26.48 -17.29
CA LEU K 33 -23.47 -25.17 -17.62
C LEU K 33 -23.08 -24.13 -16.56
N GLN K 34 -22.51 -23.02 -17.02
CA GLN K 34 -22.08 -21.97 -16.11
C GLN K 34 -23.26 -21.11 -15.65
N TYR K 35 -23.38 -20.94 -14.35
CA TYR K 35 -24.50 -20.19 -13.76
C TYR K 35 -24.76 -18.79 -14.31
N HIS K 36 -23.73 -17.94 -14.35
CA HIS K 36 -23.94 -16.57 -14.82
C HIS K 36 -23.96 -16.38 -16.33
N LEU K 37 -23.02 -17.00 -17.06
CA LEU K 37 -22.97 -16.81 -18.51
C LEU K 37 -23.84 -17.79 -19.29
N GLN K 38 -24.26 -18.87 -18.63
CA GLN K 38 -25.11 -19.87 -19.27
C GLN K 38 -24.46 -20.47 -20.51
N ILE K 39 -23.18 -20.79 -20.39
CA ILE K 39 -22.40 -21.41 -21.45
C ILE K 39 -21.83 -22.71 -20.88
N ARG K 40 -21.41 -23.60 -21.77
CA ARG K 40 -20.83 -24.87 -21.34
C ARG K 40 -19.62 -25.18 -22.22
N PRO K 41 -18.78 -26.14 -21.81
CA PRO K 41 -17.60 -26.50 -22.61
C PRO K 41 -17.99 -26.78 -24.06
N GLY K 42 -17.27 -26.16 -24.99
CA GLY K 42 -17.55 -26.35 -26.40
C GLY K 42 -18.28 -25.17 -27.01
N ASP K 43 -18.88 -24.33 -26.17
CA ASP K 43 -19.63 -23.17 -26.63
C ASP K 43 -18.77 -22.00 -27.07
N VAL K 44 -17.59 -21.87 -26.46
CA VAL K 44 -16.70 -20.76 -26.78
C VAL K 44 -15.31 -21.20 -27.22
N GLY K 45 -14.62 -20.32 -27.95
CA GLY K 45 -13.29 -20.65 -28.40
C GLY K 45 -12.25 -20.39 -27.33
N ARG K 46 -10.99 -20.65 -27.65
CA ARG K 46 -9.90 -20.44 -26.72
C ARG K 46 -9.60 -18.95 -26.60
N TYR K 47 -9.96 -18.23 -27.66
CA TYR K 47 -9.71 -16.78 -27.76
C TYR K 47 -11.02 -16.03 -27.61
N VAL K 48 -11.05 -15.06 -26.70
CA VAL K 48 -12.26 -14.29 -26.44
C VAL K 48 -12.02 -12.80 -26.33
N ILE K 49 -12.85 -12.01 -27.01
CA ILE K 49 -12.78 -10.56 -26.93
C ILE K 49 -13.85 -10.17 -25.90
N MET K 50 -13.54 -9.24 -25.02
CA MET K 50 -14.48 -8.87 -23.97
C MET K 50 -14.82 -7.39 -23.80
N PRO K 51 -15.93 -6.94 -24.40
CA PRO K 51 -16.31 -5.53 -24.27
C PRO K 51 -17.11 -5.42 -22.97
N GLY K 52 -17.30 -4.21 -22.47
CA GLY K 52 -18.06 -4.04 -21.25
C GLY K 52 -19.56 -4.02 -21.52
N ASP K 53 -19.93 -3.43 -22.65
CA ASP K 53 -21.33 -3.30 -23.05
C ASP K 53 -21.85 -4.50 -23.84
N PRO K 54 -22.91 -5.15 -23.35
CA PRO K 54 -23.48 -6.31 -24.04
C PRO K 54 -23.95 -5.98 -25.45
N LYS K 55 -24.32 -4.72 -25.68
CA LYS K 55 -24.78 -4.30 -27.01
C LYS K 55 -23.62 -4.19 -28.02
N ARG K 56 -22.39 -4.20 -27.52
CA ARG K 56 -21.23 -4.09 -28.41
C ARG K 56 -20.82 -5.46 -28.97
N CYS K 57 -21.31 -6.54 -28.36
CA CYS K 57 -20.95 -7.88 -28.82
C CYS K 57 -21.35 -8.18 -30.26
N ALA K 58 -22.54 -7.76 -30.66
CA ALA K 58 -23.00 -8.00 -32.04
C ALA K 58 -22.08 -7.28 -33.02
N LYS K 59 -21.70 -6.05 -32.68
CA LYS K 59 -20.82 -5.25 -33.52
C LYS K 59 -19.47 -5.94 -33.71
N ILE K 60 -18.95 -6.50 -32.62
CA ILE K 60 -17.67 -7.21 -32.66
C ILE K 60 -17.80 -8.52 -33.42
N ALA K 61 -18.91 -9.22 -33.19
CA ALA K 61 -19.16 -10.50 -33.84
C ALA K 61 -19.17 -10.40 -35.37
N GLU K 62 -19.53 -9.23 -35.89
CA GLU K 62 -19.56 -9.03 -37.33
C GLU K 62 -18.16 -9.16 -37.92
N HIS K 63 -17.15 -9.02 -37.08
CA HIS K 63 -15.77 -9.12 -37.53
C HIS K 63 -15.31 -10.56 -37.65
N PHE K 64 -16.07 -11.49 -37.07
CA PHE K 64 -15.71 -12.90 -37.15
C PHE K 64 -16.41 -13.52 -38.34
N ASP K 65 -16.04 -14.74 -38.68
CA ASP K 65 -16.72 -15.43 -39.78
C ASP K 65 -17.85 -16.23 -39.15
N ASN K 66 -19.05 -16.10 -39.72
CA ASN K 66 -20.22 -16.84 -39.28
C ASN K 66 -20.49 -16.87 -37.78
N ALA K 67 -20.46 -15.71 -37.13
CA ALA K 67 -20.72 -15.68 -35.70
C ALA K 67 -22.20 -15.94 -35.43
N VAL K 68 -22.49 -16.62 -34.33
CA VAL K 68 -23.86 -16.90 -33.95
C VAL K 68 -24.01 -16.64 -32.45
N LEU K 69 -25.20 -16.24 -32.03
CA LEU K 69 -25.45 -15.99 -30.62
C LEU K 69 -25.42 -17.31 -29.86
N VAL K 70 -24.67 -17.36 -28.77
CA VAL K 70 -24.57 -18.57 -27.97
C VAL K 70 -25.43 -18.45 -26.72
N ALA K 71 -25.32 -17.31 -26.04
CA ALA K 71 -26.09 -17.09 -24.83
C ALA K 71 -26.32 -15.62 -24.54
N ASP K 72 -27.38 -15.33 -23.80
CA ASP K 72 -27.74 -13.98 -23.41
C ASP K 72 -28.33 -14.11 -22.01
N SER K 73 -27.45 -14.05 -21.01
CA SER K 73 -27.84 -14.19 -19.61
C SER K 73 -27.35 -12.99 -18.82
N ARG K 74 -28.24 -12.39 -18.03
CA ARG K 74 -27.87 -11.21 -17.24
C ARG K 74 -27.18 -10.20 -18.17
N GLU K 75 -26.04 -9.66 -17.76
CA GLU K 75 -25.32 -8.69 -18.60
C GLU K 75 -24.33 -9.39 -19.52
N TYR K 76 -24.44 -10.71 -19.61
CA TYR K 76 -23.51 -11.48 -20.43
C TYR K 76 -24.06 -12.00 -21.74
N VAL K 77 -23.65 -11.35 -22.83
CA VAL K 77 -24.03 -11.75 -24.17
C VAL K 77 -22.81 -12.41 -24.80
N THR K 78 -22.97 -13.62 -25.33
CA THR K 78 -21.85 -14.34 -25.93
C THR K 78 -22.13 -14.78 -27.38
N TYR K 79 -21.18 -14.48 -28.27
CA TYR K 79 -21.27 -14.87 -29.68
C TYR K 79 -20.03 -15.69 -29.98
N THR K 80 -20.16 -16.68 -30.86
CA THR K 80 -19.03 -17.51 -31.23
C THR K 80 -19.01 -17.70 -32.75
N GLY K 81 -17.83 -17.56 -33.34
CA GLY K 81 -17.68 -17.73 -34.78
C GLY K 81 -16.26 -18.19 -35.01
N THR K 82 -15.69 -17.91 -36.18
CA THR K 82 -14.32 -18.31 -36.42
C THR K 82 -13.48 -17.17 -36.99
N LEU K 83 -12.16 -17.32 -36.83
CA LEU K 83 -11.20 -16.35 -37.33
C LEU K 83 -10.03 -17.20 -37.79
N ASN K 84 -9.71 -17.15 -39.07
CA ASN K 84 -8.62 -17.96 -39.60
C ASN K 84 -8.94 -19.45 -39.37
N GLY K 85 -10.22 -19.77 -39.31
CA GLY K 85 -10.63 -21.15 -39.11
C GLY K 85 -10.61 -21.63 -37.67
N GLU K 86 -10.18 -20.77 -36.74
CA GLU K 86 -10.14 -21.11 -35.32
C GLU K 86 -11.37 -20.54 -34.64
N LYS K 87 -11.96 -21.32 -33.72
CA LYS K 87 -13.14 -20.86 -33.00
C LYS K 87 -12.78 -19.70 -32.07
N VAL K 88 -13.54 -18.61 -32.17
CA VAL K 88 -13.32 -17.44 -31.32
C VAL K 88 -14.67 -16.96 -30.79
N SER K 89 -14.65 -16.22 -29.70
CA SER K 89 -15.89 -15.72 -29.10
C SER K 89 -15.74 -14.29 -28.63
N VAL K 90 -16.90 -13.67 -28.34
CA VAL K 90 -16.95 -12.33 -27.80
C VAL K 90 -18.01 -12.44 -26.70
N THR K 91 -17.66 -11.99 -25.50
CA THR K 91 -18.57 -12.05 -24.35
C THR K 91 -18.46 -10.74 -23.59
N SER K 92 -19.61 -10.10 -23.33
CA SER K 92 -19.61 -8.84 -22.60
C SER K 92 -19.36 -9.12 -21.11
N THR K 93 -18.86 -8.13 -20.40
CA THR K 93 -18.55 -8.29 -18.98
C THR K 93 -19.39 -7.41 -18.07
N GLY K 94 -20.06 -6.43 -18.68
CA GLY K 94 -20.83 -5.50 -17.86
C GLY K 94 -19.82 -4.53 -17.30
N ILE K 95 -20.28 -3.56 -16.52
CA ILE K 95 -19.41 -2.57 -15.91
C ILE K 95 -18.88 -3.02 -14.56
N GLY K 96 -17.57 -2.96 -14.39
CA GLY K 96 -16.96 -3.31 -13.11
C GLY K 96 -16.24 -4.64 -12.98
N GLY K 97 -15.22 -4.64 -12.14
CA GLY K 97 -14.45 -5.85 -11.90
C GLY K 97 -15.29 -7.02 -11.40
N PRO K 98 -16.32 -6.78 -10.58
CA PRO K 98 -17.14 -7.91 -10.09
C PRO K 98 -17.76 -8.75 -11.20
N SER K 99 -18.43 -8.09 -12.14
CA SER K 99 -19.04 -8.81 -13.23
C SER K 99 -18.01 -9.31 -14.23
N ALA K 100 -16.91 -8.57 -14.40
CA ALA K 100 -15.87 -9.00 -15.33
C ALA K 100 -15.13 -10.25 -14.85
N SER K 101 -14.85 -10.33 -13.54
CA SER K 101 -14.13 -11.48 -13.00
C SER K 101 -14.96 -12.75 -13.15
N ILE K 102 -16.28 -12.61 -12.98
CA ILE K 102 -17.17 -13.75 -13.14
C ILE K 102 -17.09 -14.26 -14.58
N ALA K 103 -17.09 -13.34 -15.54
CA ALA K 103 -17.02 -13.75 -16.94
C ALA K 103 -15.71 -14.51 -17.23
N MET K 104 -14.58 -13.96 -16.78
CA MET K 104 -13.32 -14.64 -17.03
C MET K 104 -13.28 -16.01 -16.35
N GLU K 105 -13.80 -16.09 -15.13
CA GLU K 105 -13.81 -17.37 -14.41
C GLU K 105 -14.61 -18.43 -15.16
N GLU K 106 -15.82 -18.07 -15.58
CA GLU K 106 -16.67 -19.02 -16.26
C GLU K 106 -16.21 -19.34 -17.69
N LEU K 107 -15.61 -18.36 -18.37
CA LEU K 107 -15.10 -18.60 -19.72
C LEU K 107 -13.91 -19.55 -19.59
N LYS K 108 -13.09 -19.32 -18.58
CA LYS K 108 -11.92 -20.16 -18.33
C LYS K 108 -12.34 -21.60 -18.09
N LEU K 109 -13.39 -21.80 -17.30
CA LEU K 109 -13.87 -23.15 -17.01
C LEU K 109 -14.34 -23.86 -18.26
N CYS K 110 -14.79 -23.08 -19.25
CA CYS K 110 -15.26 -23.67 -20.50
C CYS K 110 -14.14 -23.85 -21.54
N GLY K 111 -12.93 -23.45 -21.20
CA GLY K 111 -11.83 -23.64 -22.13
C GLY K 111 -11.12 -22.43 -22.71
N ALA K 112 -11.56 -21.22 -22.38
CA ALA K 112 -10.91 -20.02 -22.90
C ALA K 112 -9.58 -19.80 -22.18
N ASP K 113 -8.56 -19.33 -22.90
CA ASP K 113 -7.26 -19.11 -22.28
C ASP K 113 -6.53 -17.86 -22.76
N THR K 114 -7.16 -17.13 -23.68
CA THR K 114 -6.58 -15.91 -24.23
C THR K 114 -7.71 -14.89 -24.31
N PHE K 115 -7.55 -13.78 -23.59
CA PHE K 115 -8.58 -12.75 -23.53
C PHE K 115 -8.09 -11.36 -23.89
N ILE K 116 -8.93 -10.60 -24.58
CA ILE K 116 -8.59 -9.22 -24.93
C ILE K 116 -9.80 -8.35 -24.63
N ARG K 117 -9.68 -7.48 -23.64
CA ARG K 117 -10.78 -6.57 -23.32
C ARG K 117 -10.73 -5.42 -24.32
N VAL K 118 -11.90 -5.00 -24.78
CA VAL K 118 -12.00 -3.87 -25.72
C VAL K 118 -13.02 -2.93 -25.12
N GLY K 119 -12.57 -1.77 -24.66
CA GLY K 119 -13.51 -0.85 -24.06
C GLY K 119 -13.33 0.59 -24.45
N THR K 120 -13.83 1.47 -23.58
CA THR K 120 -13.72 2.91 -23.77
C THR K 120 -12.98 3.42 -22.55
N CYS K 121 -12.35 4.59 -22.66
CA CYS K 121 -11.62 5.14 -21.54
C CYS K 121 -11.56 6.66 -21.62
N GLY K 122 -11.16 7.28 -20.52
CA GLY K 122 -11.02 8.72 -20.47
C GLY K 122 -9.53 9.01 -20.37
N GLY K 123 -9.01 9.87 -21.23
CA GLY K 123 -7.60 10.16 -21.19
C GLY K 123 -7.12 10.97 -20.00
N ILE K 124 -5.87 10.73 -19.58
CA ILE K 124 -5.26 11.47 -18.49
C ILE K 124 -4.04 12.18 -19.08
N GLU K 125 -3.08 11.39 -19.57
CA GLU K 125 -1.88 11.92 -20.23
C GLU K 125 -2.38 12.91 -21.30
N LEU K 126 -1.84 14.13 -21.31
CA LEU K 126 -2.30 15.13 -22.27
C LEU K 126 -2.20 14.74 -23.75
N ASP K 127 -1.35 13.78 -24.08
CA ASP K 127 -1.22 13.37 -25.48
C ASP K 127 -2.32 12.38 -25.88
N VAL K 128 -3.04 11.86 -24.90
CA VAL K 128 -4.10 10.89 -25.16
C VAL K 128 -5.39 11.61 -25.51
N LYS K 129 -5.68 11.72 -26.80
CA LYS K 129 -6.87 12.43 -27.28
C LYS K 129 -8.03 11.56 -27.74
N GLY K 130 -9.23 12.14 -27.68
CA GLY K 130 -10.43 11.44 -28.12
C GLY K 130 -10.22 10.91 -29.52
N GLY K 131 -10.55 9.64 -29.72
CA GLY K 131 -10.35 9.04 -31.04
C GLY K 131 -9.15 8.12 -31.04
N ASP K 132 -8.15 8.42 -30.21
CA ASP K 132 -6.95 7.59 -30.15
C ASP K 132 -7.29 6.25 -29.51
N ILE K 133 -6.33 5.34 -29.57
CA ILE K 133 -6.47 4.03 -28.98
C ILE K 133 -5.44 3.93 -27.86
N VAL K 134 -5.83 3.30 -26.76
CA VAL K 134 -4.92 3.11 -25.65
C VAL K 134 -4.78 1.61 -25.46
N ILE K 135 -3.55 1.16 -25.25
CA ILE K 135 -3.27 -0.26 -25.01
C ILE K 135 -2.67 -0.32 -23.61
N ALA K 136 -3.34 -1.05 -22.71
CA ALA K 136 -2.89 -1.16 -21.33
C ALA K 136 -1.76 -2.15 -21.12
N THR K 137 -0.66 -1.67 -20.55
CA THR K 137 0.48 -2.53 -20.26
C THR K 137 0.32 -2.99 -18.83
N GLY K 138 -0.51 -2.28 -18.08
CA GLY K 138 -0.73 -2.61 -16.69
C GLY K 138 -1.88 -1.75 -16.20
N ALA K 139 -2.32 -1.97 -14.97
CA ALA K 139 -3.43 -1.21 -14.43
C ALA K 139 -3.28 -0.86 -12.96
N ILE K 140 -3.84 0.30 -12.59
CA ILE K 140 -3.81 0.76 -11.22
C ILE K 140 -4.98 0.09 -10.51
N ARG K 141 -4.66 -0.71 -9.49
CA ARG K 141 -5.65 -1.46 -8.74
C ARG K 141 -6.42 -0.66 -7.68
N MET K 142 -7.05 0.44 -8.10
CA MET K 142 -7.82 1.23 -7.15
C MET K 142 -9.25 0.71 -7.20
N GLU K 143 -9.40 -0.58 -6.94
CA GLU K 143 -10.68 -1.26 -6.95
C GLU K 143 -10.62 -2.48 -6.04
N GLY K 144 -11.79 -3.02 -5.67
CA GLY K 144 -11.81 -4.13 -4.75
C GLY K 144 -11.76 -5.57 -5.22
N THR K 145 -12.16 -5.82 -6.47
CA THR K 145 -12.15 -7.19 -6.96
C THR K 145 -10.78 -7.84 -6.93
N SER K 146 -9.77 -7.14 -7.45
CA SER K 146 -8.42 -7.70 -7.49
C SER K 146 -7.90 -8.01 -6.10
N LYS K 147 -8.35 -7.25 -5.10
CA LYS K 147 -7.91 -7.46 -3.74
C LYS K 147 -8.46 -8.75 -3.13
N GLU K 148 -9.46 -9.34 -3.77
CA GLU K 148 -10.03 -10.59 -3.29
C GLU K 148 -9.42 -11.76 -4.04
N TYR K 149 -8.44 -11.44 -4.89
CA TYR K 149 -7.70 -12.41 -5.68
C TYR K 149 -6.23 -12.40 -5.25
N ALA K 150 -5.65 -11.21 -5.12
CA ALA K 150 -4.25 -11.08 -4.77
C ALA K 150 -3.92 -9.94 -3.81
N PRO K 151 -2.85 -10.08 -3.02
CA PRO K 151 -2.45 -9.03 -2.08
C PRO K 151 -2.24 -7.81 -2.96
N ILE K 152 -2.52 -6.61 -2.45
CA ILE K 152 -2.41 -5.41 -3.26
C ILE K 152 -1.04 -5.11 -3.86
N GLU K 153 0.02 -5.66 -3.27
CA GLU K 153 1.38 -5.43 -3.76
C GLU K 153 1.66 -6.05 -5.13
N PHE K 154 0.85 -7.04 -5.50
CA PHE K 154 1.03 -7.70 -6.79
C PHE K 154 0.62 -6.77 -7.93
N PRO K 155 1.45 -6.67 -8.97
CA PRO K 155 1.10 -5.78 -10.08
C PRO K 155 0.03 -6.33 -11.03
N ALA K 156 -0.86 -5.45 -11.47
CA ALA K 156 -1.87 -5.84 -12.45
C ALA K 156 -1.12 -5.58 -13.76
N VAL K 157 -0.59 -6.64 -14.36
CA VAL K 157 0.20 -6.50 -15.58
C VAL K 157 -0.37 -7.33 -16.73
N ALA K 158 -0.42 -6.75 -17.91
CA ALA K 158 -0.94 -7.43 -19.09
C ALA K 158 0.06 -8.44 -19.62
N ASP K 159 -0.45 -9.47 -20.28
CA ASP K 159 0.40 -10.48 -20.86
C ASP K 159 1.27 -9.85 -21.93
N LEU K 160 2.56 -10.15 -21.92
CA LEU K 160 3.51 -9.61 -22.90
C LEU K 160 3.12 -9.90 -24.35
N GLU K 161 2.75 -11.15 -24.63
CA GLU K 161 2.38 -11.53 -25.99
C GLU K 161 1.15 -10.80 -26.50
N VAL K 162 0.13 -10.68 -25.65
CA VAL K 162 -1.08 -10.00 -26.08
C VAL K 162 -0.81 -8.52 -26.29
N THR K 163 -0.05 -7.91 -25.38
CA THR K 163 0.26 -6.49 -25.49
C THR K 163 1.03 -6.21 -26.79
N ASN K 164 2.05 -7.02 -27.08
CA ASN K 164 2.81 -6.82 -28.30
C ASN K 164 1.95 -7.00 -29.54
N ALA K 165 1.02 -7.97 -29.49
CA ALA K 165 0.14 -8.22 -30.63
C ALA K 165 -0.76 -7.00 -30.86
N LEU K 166 -1.22 -6.38 -29.79
CA LEU K 166 -2.08 -5.19 -29.92
C LEU K 166 -1.27 -4.01 -30.45
N VAL K 167 -0.08 -3.80 -29.92
CA VAL K 167 0.77 -2.70 -30.36
C VAL K 167 1.09 -2.84 -31.84
N ASN K 168 1.46 -4.05 -32.27
CA ASN K 168 1.80 -4.28 -33.67
C ASN K 168 0.59 -4.12 -34.60
N ALA K 169 -0.59 -4.53 -34.13
CA ALA K 169 -1.80 -4.42 -34.92
C ALA K 169 -2.17 -2.96 -35.16
N ALA K 170 -2.06 -2.16 -34.10
CA ALA K 170 -2.37 -0.74 -34.18
C ALA K 170 -1.45 -0.05 -35.17
N LYS K 171 -0.18 -0.43 -35.17
CA LYS K 171 0.80 0.17 -36.07
C LYS K 171 0.47 -0.25 -37.50
N LYS K 172 0.12 -1.52 -37.67
CA LYS K 172 -0.22 -2.07 -38.98
C LYS K 172 -1.42 -1.35 -39.58
N LEU K 173 -2.43 -1.08 -38.75
CA LEU K 173 -3.64 -0.40 -39.19
C LEU K 173 -3.48 1.12 -39.28
N GLY K 174 -2.35 1.61 -38.79
CA GLY K 174 -2.08 3.04 -38.83
C GLY K 174 -2.87 3.92 -37.88
N TYR K 175 -3.31 3.34 -36.76
CA TYR K 175 -4.07 4.09 -35.78
C TYR K 175 -3.15 4.66 -34.69
N THR K 176 -3.42 5.88 -34.26
CA THR K 176 -2.63 6.51 -33.22
C THR K 176 -2.93 5.80 -31.91
N SER K 177 -1.91 5.24 -31.28
CA SER K 177 -2.12 4.53 -30.02
C SER K 177 -1.10 4.90 -28.96
N HIS K 178 -1.46 4.60 -27.71
CA HIS K 178 -0.61 4.90 -26.56
C HIS K 178 -0.57 3.66 -25.68
N ALA K 179 0.63 3.08 -25.51
CA ALA K 179 0.76 1.89 -24.68
C ALA K 179 1.28 2.29 -23.31
N GLY K 180 0.48 2.06 -22.28
CA GLY K 180 0.91 2.42 -20.94
C GLY K 180 -0.06 1.97 -19.87
N VAL K 181 0.15 2.47 -18.66
CA VAL K 181 -0.68 2.09 -17.54
C VAL K 181 -2.02 2.84 -17.56
N VAL K 182 -3.09 2.13 -17.20
CA VAL K 182 -4.41 2.74 -17.13
C VAL K 182 -4.89 2.66 -15.70
N GLN K 183 -5.66 3.67 -15.28
CA GLN K 183 -6.18 3.65 -13.93
C GLN K 183 -7.53 2.93 -13.94
N CYS K 184 -7.72 2.03 -12.98
CA CYS K 184 -9.01 1.37 -12.86
C CYS K 184 -9.61 1.91 -11.58
N LYS K 185 -10.92 1.80 -11.46
CA LYS K 185 -11.63 2.32 -10.30
C LYS K 185 -12.96 1.58 -10.19
N ASP K 186 -13.63 1.73 -9.06
CA ASP K 186 -14.94 1.09 -8.86
C ASP K 186 -16.07 2.10 -8.96
N ALA K 187 -15.76 3.38 -8.76
CA ALA K 187 -16.78 4.42 -8.83
C ALA K 187 -16.59 5.35 -10.01
N PHE K 188 -17.42 5.17 -11.03
CA PHE K 188 -17.36 6.00 -12.23
C PHE K 188 -17.52 7.47 -11.86
N TYR K 189 -18.48 7.76 -10.99
CA TYR K 189 -18.70 9.14 -10.59
C TYR K 189 -17.63 9.71 -9.68
N GLY K 190 -16.70 8.85 -9.26
CA GLY K 190 -15.60 9.32 -8.44
C GLY K 190 -14.54 9.92 -9.35
N GLN K 191 -14.54 9.49 -10.62
CA GLN K 191 -13.61 9.99 -11.61
C GLN K 191 -14.03 11.35 -12.14
N HIS K 192 -15.33 11.51 -12.34
CA HIS K 192 -15.87 12.75 -12.89
C HIS K 192 -16.42 13.77 -11.91
N GLU K 193 -16.77 13.32 -10.70
CA GLU K 193 -17.30 14.24 -9.68
C GLU K 193 -16.55 14.04 -8.36
N PRO K 194 -15.21 13.95 -8.41
CA PRO K 194 -14.46 13.75 -7.16
C PRO K 194 -14.69 14.82 -6.08
N GLU K 195 -14.79 16.07 -6.50
CA GLU K 195 -14.99 17.19 -5.59
C GLU K 195 -16.20 17.03 -4.66
N ARG K 196 -17.25 16.41 -5.19
CA ARG K 196 -18.50 16.20 -4.45
C ARG K 196 -18.48 15.07 -3.42
N MET K 197 -17.63 14.07 -3.64
CA MET K 197 -17.55 12.91 -2.75
C MET K 197 -17.09 13.17 -1.32
N PRO K 198 -17.60 12.37 -0.35
CA PRO K 198 -17.19 12.55 1.04
C PRO K 198 -15.68 12.34 1.11
N VAL K 199 -15.17 11.41 0.32
CA VAL K 199 -13.73 11.15 0.28
C VAL K 199 -13.03 11.87 -0.87
N SER K 200 -13.50 13.08 -1.19
CA SER K 200 -12.92 13.87 -2.26
C SER K 200 -11.41 14.04 -2.11
N TYR K 201 -10.95 14.26 -0.87
CA TYR K 201 -9.53 14.46 -0.62
C TYR K 201 -8.70 13.28 -1.11
N GLU K 202 -9.17 12.06 -0.85
CA GLU K 202 -8.47 10.86 -1.26
C GLU K 202 -8.45 10.70 -2.78
N LEU K 203 -9.61 10.87 -3.40
CA LEU K 203 -9.73 10.74 -4.86
C LEU K 203 -8.88 11.77 -5.59
N LEU K 204 -8.97 13.03 -5.16
CA LEU K 204 -8.21 14.11 -5.77
C LEU K 204 -6.70 13.96 -5.60
N ASN K 205 -6.27 13.53 -4.41
CA ASN K 205 -4.84 13.34 -4.18
C ASN K 205 -4.30 12.21 -5.06
N LYS K 206 -5.01 11.09 -5.08
CA LYS K 206 -4.58 9.96 -5.88
C LYS K 206 -4.62 10.29 -7.36
N TRP K 207 -5.58 11.11 -7.78
CA TRP K 207 -5.67 11.49 -9.19
C TRP K 207 -4.41 12.24 -9.60
N GLU K 208 -3.93 13.14 -8.74
CA GLU K 208 -2.70 13.87 -9.07
C GLU K 208 -1.53 12.91 -9.13
N ALA K 209 -1.56 11.88 -8.28
CA ALA K 209 -0.50 10.88 -8.26
C ALA K 209 -0.47 10.14 -9.59
N TRP K 210 -1.64 9.73 -10.08
CA TRP K 210 -1.72 9.00 -11.35
C TRP K 210 -1.14 9.85 -12.49
N LYS K 211 -1.46 11.15 -12.48
CA LYS K 211 -0.95 12.06 -13.50
C LYS K 211 0.56 12.18 -13.45
N ARG K 212 1.13 12.13 -12.25
CA ARG K 212 2.57 12.23 -12.07
C ARG K 212 3.30 10.92 -12.28
N LEU K 213 2.56 9.87 -12.62
CA LEU K 213 3.17 8.56 -12.86
C LEU K 213 3.01 8.14 -14.33
N GLY K 214 2.67 9.11 -15.19
CA GLY K 214 2.54 8.84 -16.61
C GLY K 214 1.35 8.02 -17.05
N THR K 215 0.34 7.93 -16.20
CA THR K 215 -0.86 7.16 -16.51
C THR K 215 -1.53 7.70 -17.78
N LYS K 216 -1.87 6.79 -18.69
CA LYS K 216 -2.48 7.17 -19.97
C LYS K 216 -3.97 7.50 -19.92
N ALA K 217 -4.76 6.67 -19.26
CA ALA K 217 -6.20 6.88 -19.23
C ALA K 217 -6.87 6.20 -18.04
N SER K 218 -8.18 6.40 -17.93
CA SER K 218 -8.97 5.84 -16.84
C SER K 218 -10.11 4.96 -17.36
N GLU K 219 -10.23 3.74 -16.81
CA GLU K 219 -11.30 2.82 -17.17
C GLU K 219 -11.70 2.01 -15.94
N MET K 220 -12.27 0.82 -16.10
CA MET K 220 -12.70 0.10 -14.89
C MET K 220 -12.48 -1.41 -14.74
N GLU K 221 -12.23 -2.14 -15.82
CA GLU K 221 -12.12 -3.60 -15.70
C GLU K 221 -10.75 -4.29 -15.80
N SER K 222 -9.75 -3.63 -16.38
CA SER K 222 -8.45 -4.27 -16.56
C SER K 222 -7.73 -4.77 -15.31
N ALA K 223 -7.78 -4.01 -14.23
CA ALA K 223 -7.10 -4.45 -13.00
C ALA K 223 -7.63 -5.81 -12.54
N ALA K 224 -8.95 -5.96 -12.55
CA ALA K 224 -9.57 -7.21 -12.14
C ALA K 224 -9.20 -8.32 -13.11
N LEU K 225 -9.34 -8.07 -14.41
CA LEU K 225 -9.01 -9.07 -15.42
C LEU K 225 -7.54 -9.49 -15.42
N PHE K 226 -6.62 -8.53 -15.30
CA PHE K 226 -5.20 -8.86 -15.31
C PHE K 226 -4.77 -9.71 -14.11
N VAL K 227 -5.25 -9.34 -12.92
CA VAL K 227 -4.90 -10.09 -11.71
C VAL K 227 -5.53 -11.47 -11.72
N ALA K 228 -6.80 -11.55 -12.11
CA ALA K 228 -7.50 -12.83 -12.18
C ALA K 228 -6.77 -13.72 -13.18
N ALA K 229 -6.30 -13.13 -14.27
CA ALA K 229 -5.58 -13.87 -15.31
C ALA K 229 -4.28 -14.45 -14.77
N SER K 230 -3.58 -13.68 -13.95
CA SER K 230 -2.32 -14.12 -13.36
C SER K 230 -2.57 -15.35 -12.49
N HIS K 231 -3.68 -15.34 -11.76
CA HIS K 231 -4.05 -16.45 -10.90
C HIS K 231 -4.53 -17.67 -11.68
N LEU K 232 -5.34 -17.43 -12.70
CA LEU K 232 -5.89 -18.52 -13.51
C LEU K 232 -4.92 -19.09 -14.54
N GLY K 233 -3.79 -18.43 -14.74
CA GLY K 233 -2.81 -18.90 -15.69
C GLY K 233 -3.21 -18.71 -17.15
N VAL K 234 -3.93 -17.63 -17.42
CA VAL K 234 -4.36 -17.33 -18.78
C VAL K 234 -3.78 -16.00 -19.23
N ARG K 235 -3.80 -15.74 -20.54
CA ARG K 235 -3.25 -14.50 -21.08
C ARG K 235 -4.33 -13.45 -21.28
N CYS K 236 -4.07 -12.24 -20.82
CA CYS K 236 -5.03 -11.16 -20.94
C CYS K 236 -4.38 -9.83 -21.28
N GLY K 237 -5.02 -9.07 -22.16
CA GLY K 237 -4.53 -7.76 -22.56
C GLY K 237 -5.75 -6.87 -22.77
N SER K 238 -5.55 -5.60 -23.07
CA SER K 238 -6.68 -4.69 -23.27
C SER K 238 -6.36 -3.49 -24.16
N ASP K 239 -7.34 -3.06 -24.94
CA ASP K 239 -7.17 -1.87 -25.75
C ASP K 239 -8.47 -1.09 -25.58
N PHE K 240 -8.43 0.22 -25.79
CA PHE K 240 -9.61 1.06 -25.59
C PHE K 240 -9.68 2.23 -26.55
N LEU K 241 -10.91 2.69 -26.76
CA LEU K 241 -11.15 3.86 -27.59
C LEU K 241 -11.15 5.01 -26.57
N VAL K 242 -10.39 6.06 -26.83
CA VAL K 242 -10.40 7.21 -25.92
C VAL K 242 -11.61 8.04 -26.32
N VAL K 243 -12.52 8.26 -25.37
CA VAL K 243 -13.74 9.02 -25.66
C VAL K 243 -13.55 10.53 -25.46
N GLY K 244 -12.54 10.89 -24.67
CA GLY K 244 -12.27 12.29 -24.38
C GLY K 244 -11.14 12.39 -23.37
N ASN K 245 -10.75 13.61 -23.02
CA ASN K 245 -9.67 13.80 -22.06
C ASN K 245 -10.00 14.98 -21.13
N GLN K 246 -10.38 14.66 -19.90
CA GLN K 246 -10.76 15.66 -18.91
C GLN K 246 -9.61 16.62 -18.58
N GLU K 247 -8.38 16.14 -18.64
CA GLU K 247 -7.24 16.97 -18.28
C GLU K 247 -6.97 17.99 -19.38
N ARG K 248 -7.20 17.59 -20.63
CA ARG K 248 -7.01 18.52 -21.74
C ARG K 248 -8.10 19.58 -21.65
N ASN K 249 -9.29 19.16 -21.24
CA ASN K 249 -10.41 20.09 -21.10
C ASN K 249 -10.15 21.08 -19.98
N ALA K 250 -9.50 20.61 -18.92
CA ALA K 250 -9.20 21.46 -17.77
C ALA K 250 -8.24 22.57 -18.18
N LEU K 251 -7.41 22.31 -19.18
CA LEU K 251 -6.45 23.28 -19.66
C LEU K 251 -6.94 24.06 -20.88
N GLY K 252 -8.19 23.84 -21.26
CA GLY K 252 -8.75 24.54 -22.41
C GLY K 252 -8.15 24.10 -23.73
N MET K 253 -7.56 22.91 -23.76
CA MET K 253 -6.97 22.38 -25.00
C MET K 253 -8.04 21.72 -25.84
N ASP K 254 -7.79 21.63 -27.15
CA ASP K 254 -8.73 20.99 -28.07
C ASP K 254 -9.05 19.64 -27.46
N ASN K 255 -10.34 19.35 -27.30
CA ASN K 255 -10.75 18.08 -26.69
C ASN K 255 -11.91 17.39 -27.42
N PRO K 256 -11.63 16.84 -28.60
CA PRO K 256 -12.65 16.14 -29.40
C PRO K 256 -13.17 14.87 -28.72
N MET K 257 -14.47 14.63 -28.83
CA MET K 257 -15.07 13.44 -28.22
C MET K 257 -15.24 12.35 -29.27
N ALA K 258 -15.32 11.10 -28.81
CA ALA K 258 -15.48 9.97 -29.72
C ALA K 258 -16.34 8.89 -29.06
N HIS K 259 -17.04 8.11 -29.90
CA HIS K 259 -17.90 7.06 -29.38
C HIS K 259 -17.82 5.76 -30.19
N ASP K 260 -17.37 5.85 -31.43
CA ASP K 260 -17.28 4.67 -32.29
C ASP K 260 -16.06 3.82 -31.94
N THR K 261 -16.30 2.64 -31.40
CA THR K 261 -15.22 1.74 -30.99
C THR K 261 -14.66 0.88 -32.12
N GLU K 262 -15.11 1.12 -33.34
CA GLU K 262 -14.65 0.35 -34.49
C GLU K 262 -13.13 0.19 -34.58
N ALA K 263 -12.40 1.27 -34.39
CA ALA K 263 -10.93 1.20 -34.48
C ALA K 263 -10.35 0.27 -33.41
N ALA K 264 -10.81 0.45 -32.17
CA ALA K 264 -10.33 -0.38 -31.07
C ALA K 264 -10.66 -1.84 -31.33
N ILE K 265 -11.81 -2.09 -31.94
CA ILE K 265 -12.23 -3.45 -32.27
C ILE K 265 -11.32 -4.04 -33.34
N GLN K 266 -11.04 -3.27 -34.38
CA GLN K 266 -10.19 -3.75 -35.46
C GLN K 266 -8.82 -4.16 -34.93
N VAL K 267 -8.27 -3.35 -34.03
CA VAL K 267 -6.97 -3.64 -33.44
C VAL K 267 -7.03 -4.94 -32.65
N ALA K 268 -8.10 -5.12 -31.88
CA ALA K 268 -8.26 -6.33 -31.08
C ALA K 268 -8.40 -7.57 -31.95
N VAL K 269 -9.16 -7.46 -33.03
CA VAL K 269 -9.37 -8.59 -33.93
C VAL K 269 -8.06 -8.97 -34.63
N GLU K 270 -7.32 -7.97 -35.07
CA GLU K 270 -6.05 -8.22 -35.74
C GLU K 270 -5.06 -8.84 -34.76
N ALA K 271 -5.11 -8.40 -33.51
CA ALA K 271 -4.21 -8.94 -32.49
C ALA K 271 -4.56 -10.42 -32.28
N LEU K 272 -5.85 -10.72 -32.22
CA LEU K 272 -6.28 -12.11 -32.03
C LEU K 272 -5.75 -12.96 -33.18
N ARG K 273 -5.87 -12.44 -34.40
CA ARG K 273 -5.39 -13.15 -35.56
C ARG K 273 -3.91 -13.53 -35.38
N THR K 274 -3.12 -12.57 -34.91
CA THR K 274 -1.69 -12.80 -34.68
C THR K 274 -1.46 -13.90 -33.65
N LEU K 275 -2.19 -13.81 -32.53
CA LEU K 275 -2.05 -14.81 -31.47
C LEU K 275 -2.44 -16.20 -31.94
N ILE K 276 -3.52 -16.29 -32.71
CA ILE K 276 -3.99 -17.56 -33.24
C ILE K 276 -2.90 -18.18 -34.11
N GLU K 277 -2.33 -17.38 -35.00
CA GLU K 277 -1.29 -17.85 -35.90
C GLU K 277 -0.03 -18.30 -35.16
N ASN K 278 0.35 -17.56 -34.12
CA ASN K 278 1.55 -17.89 -33.36
C ASN K 278 1.37 -18.89 -32.22
N ASP K 279 0.27 -19.65 -32.25
CA ASP K 279 0.01 -20.64 -31.22
C ASP K 279 0.13 -22.06 -31.76
N GLY L 32 -30.51 16.07 -17.88
CA GLY L 32 -30.63 15.57 -19.28
C GLY L 32 -30.58 14.06 -19.39
N LEU L 33 -30.30 13.57 -20.60
CA LEU L 33 -30.22 12.13 -20.85
C LEU L 33 -29.02 11.53 -20.12
N GLN L 34 -29.26 10.53 -19.28
CA GLN L 34 -28.19 9.91 -18.53
C GLN L 34 -27.38 8.94 -19.40
N TYR L 35 -26.07 9.14 -19.42
CA TYR L 35 -25.15 8.35 -20.24
C TYR L 35 -25.27 6.83 -20.17
N HIS L 36 -25.31 6.27 -18.96
CA HIS L 36 -25.39 4.81 -18.83
C HIS L 36 -26.79 4.22 -18.88
N LEU L 37 -27.74 4.81 -18.15
CA LEU L 37 -29.10 4.28 -18.11
C LEU L 37 -29.99 4.77 -19.24
N GLN L 38 -29.56 5.83 -19.91
CA GLN L 38 -30.32 6.39 -21.03
C GLN L 38 -31.75 6.79 -20.64
N ILE L 39 -31.87 7.40 -19.46
CA ILE L 39 -33.15 7.88 -18.97
C ILE L 39 -33.00 9.38 -18.77
N ARG L 40 -34.12 10.09 -18.65
CA ARG L 40 -34.06 11.53 -18.42
C ARG L 40 -35.14 11.90 -17.41
N PRO L 41 -35.04 13.09 -16.81
CA PRO L 41 -36.05 13.51 -15.82
C PRO L 41 -37.46 13.29 -16.33
N GLY L 42 -38.28 12.65 -15.51
CA GLY L 42 -39.66 12.38 -15.89
C GLY L 42 -39.90 10.93 -16.27
N ASP L 43 -38.82 10.23 -16.66
CA ASP L 43 -38.91 8.84 -17.07
C ASP L 43 -39.15 7.87 -15.92
N VAL L 44 -38.67 8.23 -14.73
CA VAL L 44 -38.81 7.34 -13.59
C VAL L 44 -39.54 7.98 -12.41
N GLY L 45 -40.09 7.14 -11.53
CA GLY L 45 -40.78 7.66 -10.37
C GLY L 45 -39.82 7.92 -9.22
N ARG L 46 -40.34 8.40 -8.10
CA ARG L 46 -39.48 8.67 -6.95
C ARG L 46 -39.07 7.37 -6.27
N TYR L 47 -39.86 6.32 -6.50
CA TYR L 47 -39.61 5.00 -5.89
C TYR L 47 -39.11 4.03 -6.95
N VAL L 48 -38.01 3.35 -6.65
CA VAL L 48 -37.45 2.40 -7.61
C VAL L 48 -36.99 1.09 -6.99
N ILE L 49 -37.35 -0.02 -7.63
CA ILE L 49 -36.92 -1.33 -7.17
C ILE L 49 -35.71 -1.65 -8.05
N MET L 50 -34.67 -2.22 -7.45
CA MET L 50 -33.45 -2.51 -8.20
C MET L 50 -32.92 -3.93 -8.12
N PRO L 51 -33.23 -4.76 -9.12
CA PRO L 51 -32.74 -6.14 -9.12
C PRO L 51 -31.37 -6.13 -9.80
N GLY L 52 -30.59 -7.20 -9.62
CA GLY L 52 -29.28 -7.22 -10.25
C GLY L 52 -29.38 -7.65 -11.71
N ASP L 53 -30.26 -8.61 -11.97
CA ASP L 53 -30.46 -9.17 -13.30
C ASP L 53 -31.43 -8.37 -14.18
N PRO L 54 -30.95 -7.81 -15.30
CA PRO L 54 -31.85 -7.05 -16.18
C PRO L 54 -33.07 -7.86 -16.62
N LYS L 55 -32.92 -9.18 -16.66
CA LYS L 55 -34.04 -10.03 -17.06
C LYS L 55 -35.16 -10.09 -16.02
N ARG L 56 -34.83 -9.74 -14.76
CA ARG L 56 -35.82 -9.78 -13.70
C ARG L 56 -36.72 -8.55 -13.69
N CYS L 57 -36.32 -7.50 -14.41
CA CYS L 57 -37.13 -6.28 -14.45
C CYS L 57 -38.52 -6.50 -15.01
N ALA L 58 -38.63 -7.23 -16.12
CA ALA L 58 -39.94 -7.49 -16.71
C ALA L 58 -40.85 -8.19 -15.71
N LYS L 59 -40.28 -9.12 -14.95
CA LYS L 59 -41.05 -9.87 -13.96
C LYS L 59 -41.55 -8.96 -12.84
N ILE L 60 -40.70 -8.06 -12.38
CA ILE L 60 -41.08 -7.12 -11.32
C ILE L 60 -42.09 -6.11 -11.84
N ALA L 61 -41.89 -5.65 -13.07
CA ALA L 61 -42.79 -4.67 -13.67
C ALA L 61 -44.23 -5.17 -13.73
N GLU L 62 -44.40 -6.49 -13.79
CA GLU L 62 -45.72 -7.09 -13.86
C GLU L 62 -46.51 -6.75 -12.59
N HIS L 63 -45.80 -6.46 -11.50
CA HIS L 63 -46.44 -6.11 -10.23
C HIS L 63 -46.92 -4.67 -10.17
N PHE L 64 -46.49 -3.85 -11.14
CA PHE L 64 -46.93 -2.45 -11.18
C PHE L 64 -48.16 -2.37 -12.07
N ASP L 65 -48.81 -1.21 -12.09
CA ASP L 65 -49.96 -1.03 -12.97
C ASP L 65 -49.50 -0.40 -14.28
N ASN L 66 -49.87 -1.03 -15.39
CA ASN L 66 -49.55 -0.54 -16.74
C ASN L 66 -48.09 -0.15 -16.99
N ALA L 67 -47.16 -0.99 -16.57
CA ALA L 67 -45.75 -0.67 -16.75
C ALA L 67 -45.28 -0.80 -18.20
N VAL L 68 -44.37 0.08 -18.61
CA VAL L 68 -43.82 0.06 -19.95
C VAL L 68 -42.30 0.23 -19.85
N LEU L 69 -41.58 -0.36 -20.81
CA LEU L 69 -40.14 -0.24 -20.81
C LEU L 69 -39.76 1.16 -21.28
N VAL L 70 -38.93 1.84 -20.50
CA VAL L 70 -38.50 3.19 -20.85
C VAL L 70 -37.09 3.21 -21.40
N ALA L 71 -36.26 2.26 -21.00
CA ALA L 71 -34.89 2.22 -21.49
C ALA L 71 -34.24 0.86 -21.33
N ASP L 72 -33.31 0.55 -22.23
CA ASP L 72 -32.57 -0.70 -22.20
C ASP L 72 -31.20 -0.37 -22.75
N SER L 73 -30.30 0.00 -21.86
CA SER L 73 -28.94 0.41 -22.20
C SER L 73 -27.95 -0.39 -21.36
N ARG L 74 -26.95 -0.99 -22.01
CA ARG L 74 -25.95 -1.80 -21.30
C ARG L 74 -26.68 -2.83 -20.43
N GLU L 75 -26.33 -2.92 -19.15
CA GLU L 75 -26.98 -3.90 -18.28
C GLU L 75 -28.16 -3.26 -17.53
N TYR L 76 -28.56 -2.07 -18.00
CA TYR L 76 -29.64 -1.34 -17.35
C TYR L 76 -30.97 -1.32 -18.11
N VAL L 77 -31.93 -2.07 -17.60
CA VAL L 77 -33.27 -2.13 -18.17
C VAL L 77 -34.15 -1.41 -17.16
N THR L 78 -34.96 -0.47 -17.65
CA THR L 78 -35.84 0.30 -16.77
C THR L 78 -37.30 0.28 -17.25
N TYR L 79 -38.20 -0.05 -16.34
CA TYR L 79 -39.65 -0.07 -16.61
C TYR L 79 -40.27 0.95 -15.67
N THR L 80 -41.34 1.60 -16.11
CA THR L 80 -42.04 2.56 -15.26
C THR L 80 -43.55 2.36 -15.39
N GLY L 81 -44.23 2.41 -14.25
CA GLY L 81 -45.68 2.25 -14.21
C GLY L 81 -46.17 2.98 -12.97
N THR L 82 -47.27 2.51 -12.38
CA THR L 82 -47.75 3.15 -11.15
C THR L 82 -48.15 2.10 -10.12
N LEU L 83 -48.20 2.53 -8.86
CA LEU L 83 -48.59 1.69 -7.74
C LEU L 83 -49.43 2.65 -6.90
N ASN L 84 -50.71 2.32 -6.72
CA ASN L 84 -51.61 3.19 -5.96
C ASN L 84 -51.60 4.61 -6.56
N GLY L 85 -51.54 4.67 -7.89
CA GLY L 85 -51.56 5.96 -8.56
C GLY L 85 -50.25 6.73 -8.58
N GLU L 86 -49.23 6.22 -7.89
CA GLU L 86 -47.94 6.90 -7.84
C GLU L 86 -46.96 6.28 -8.83
N LYS L 87 -46.23 7.14 -9.56
CA LYS L 87 -45.26 6.66 -10.54
C LYS L 87 -44.14 5.91 -9.83
N VAL L 88 -43.83 4.71 -10.33
CA VAL L 88 -42.76 3.89 -9.75
C VAL L 88 -41.98 3.22 -10.87
N SER L 89 -40.75 2.80 -10.58
CA SER L 89 -39.92 2.17 -11.59
C SER L 89 -39.12 0.99 -11.07
N VAL L 90 -38.54 0.24 -12.00
CA VAL L 90 -37.68 -0.88 -11.66
C VAL L 90 -36.54 -0.78 -12.67
N THR L 91 -35.30 -0.79 -12.15
CA THR L 91 -34.11 -0.65 -12.98
C THR L 91 -33.06 -1.65 -12.51
N SER L 92 -32.54 -2.46 -13.43
CA SER L 92 -31.51 -3.44 -13.07
C SER L 92 -30.18 -2.72 -12.83
N THR L 93 -29.31 -3.35 -12.03
CA THR L 93 -28.02 -2.75 -11.71
C THR L 93 -26.83 -3.53 -12.25
N GLY L 94 -27.08 -4.77 -12.66
CA GLY L 94 -25.99 -5.60 -13.13
C GLY L 94 -25.35 -6.12 -11.86
N ILE L 95 -24.30 -6.92 -11.99
CA ILE L 95 -23.63 -7.47 -10.81
C ILE L 95 -22.51 -6.56 -10.33
N GLY L 96 -22.47 -6.28 -9.03
CA GLY L 96 -21.41 -5.47 -8.47
C GLY L 96 -21.70 -4.02 -8.12
N GLY L 97 -20.98 -3.55 -7.11
CA GLY L 97 -21.14 -2.16 -6.68
C GLY L 97 -20.84 -1.14 -7.77
N PRO L 98 -19.84 -1.39 -8.65
CA PRO L 98 -19.55 -0.42 -9.70
C PRO L 98 -20.75 -0.09 -10.58
N SER L 99 -21.43 -1.11 -11.09
CA SER L 99 -22.58 -0.89 -11.95
C SER L 99 -23.81 -0.44 -11.16
N ALA L 100 -23.93 -0.88 -9.91
CA ALA L 100 -25.07 -0.49 -9.08
C ALA L 100 -24.98 0.99 -8.67
N SER L 101 -23.77 1.46 -8.33
CA SER L 101 -23.64 2.85 -7.92
C SER L 101 -23.98 3.80 -9.09
N ILE L 102 -23.63 3.39 -10.30
CA ILE L 102 -23.94 4.19 -11.48
C ILE L 102 -25.45 4.32 -11.61
N ALA L 103 -26.15 3.21 -11.37
CA ALA L 103 -27.62 3.23 -11.47
C ALA L 103 -28.24 4.18 -10.45
N MET L 104 -27.80 4.10 -9.19
CA MET L 104 -28.35 4.98 -8.16
C MET L 104 -28.05 6.45 -8.47
N GLU L 105 -26.83 6.71 -8.91
CA GLU L 105 -26.43 8.08 -9.23
C GLU L 105 -27.29 8.69 -10.33
N GLU L 106 -27.51 7.92 -11.40
CA GLU L 106 -28.27 8.43 -12.53
C GLU L 106 -29.77 8.46 -12.27
N LEU L 107 -30.27 7.52 -11.47
CA LEU L 107 -31.70 7.53 -11.13
C LEU L 107 -31.96 8.75 -10.25
N LYS L 108 -31.06 8.98 -9.30
CA LYS L 108 -31.17 10.12 -8.39
C LYS L 108 -31.22 11.43 -9.16
N LEU L 109 -30.38 11.57 -10.17
CA LEU L 109 -30.35 12.80 -10.96
C LEU L 109 -31.67 13.02 -11.70
N CYS L 110 -32.40 11.93 -11.94
CA CYS L 110 -33.68 12.03 -12.64
C CYS L 110 -34.87 12.14 -11.69
N GLY L 111 -34.58 12.26 -10.39
CA GLY L 111 -35.66 12.43 -9.42
C GLY L 111 -36.02 11.29 -8.48
N ALA L 112 -35.32 10.15 -8.56
CA ALA L 112 -35.64 9.04 -7.66
C ALA L 112 -35.05 9.34 -6.28
N ASP L 113 -35.78 8.97 -5.22
CA ASP L 113 -35.27 9.22 -3.87
C ASP L 113 -35.48 8.09 -2.88
N THR L 114 -36.15 7.02 -3.32
CA THR L 114 -36.41 5.87 -2.46
C THR L 114 -36.13 4.62 -3.27
N PHE L 115 -35.18 3.82 -2.79
CA PHE L 115 -34.75 2.62 -3.49
C PHE L 115 -34.82 1.33 -2.70
N ILE L 116 -35.18 0.24 -3.37
CA ILE L 116 -35.22 -1.06 -2.72
C ILE L 116 -34.58 -2.08 -3.63
N ARG L 117 -33.45 -2.63 -3.21
CA ARG L 117 -32.78 -3.67 -4.00
C ARG L 117 -33.47 -4.99 -3.69
N VAL L 118 -33.71 -5.77 -4.74
CA VAL L 118 -34.34 -7.09 -4.60
C VAL L 118 -33.40 -8.06 -5.32
N GLY L 119 -32.73 -8.91 -4.55
CA GLY L 119 -31.82 -9.84 -5.18
C GLY L 119 -31.89 -11.24 -4.63
N THR L 120 -30.77 -11.94 -4.77
CA THR L 120 -30.64 -13.30 -4.29
C THR L 120 -29.42 -13.30 -3.38
N CYS L 121 -29.35 -14.27 -2.48
CA CYS L 121 -28.22 -14.32 -1.57
C CYS L 121 -27.96 -15.75 -1.10
N GLY L 122 -26.77 -15.95 -0.55
CA GLY L 122 -26.40 -17.25 -0.01
C GLY L 122 -26.40 -17.12 1.50
N GLY L 123 -27.08 -18.03 2.19
CA GLY L 123 -27.14 -17.95 3.63
C GLY L 123 -25.85 -18.28 4.36
N ILE L 124 -25.66 -17.67 5.52
CA ILE L 124 -24.50 -17.91 6.37
C ILE L 124 -25.05 -18.43 7.70
N GLU L 125 -25.81 -17.58 8.39
CA GLU L 125 -26.45 -17.95 9.66
C GLU L 125 -27.17 -19.28 9.43
N LEU L 126 -26.99 -20.24 10.34
CA LEU L 126 -27.61 -21.55 10.17
C LEU L 126 -29.14 -21.57 10.10
N ASP L 127 -29.80 -20.55 10.64
CA ASP L 127 -31.26 -20.52 10.58
C ASP L 127 -31.77 -19.97 9.25
N VAL L 128 -30.87 -19.39 8.46
CA VAL L 128 -31.24 -18.82 7.17
C VAL L 128 -31.25 -19.91 6.10
N LYS L 129 -32.45 -20.37 5.73
CA LYS L 129 -32.60 -21.44 4.75
C LYS L 129 -33.09 -21.02 3.37
N GLY L 130 -32.77 -21.83 2.36
CA GLY L 130 -33.20 -21.56 1.01
C GLY L 130 -34.70 -21.40 1.00
N GLY L 131 -35.18 -20.36 0.33
CA GLY L 131 -36.62 -20.10 0.29
C GLY L 131 -36.99 -18.94 1.19
N ASP L 132 -36.23 -18.76 2.28
CA ASP L 132 -36.49 -17.66 3.21
C ASP L 132 -36.15 -16.34 2.55
N ILE L 133 -36.56 -15.25 3.21
CA ILE L 133 -36.27 -13.91 2.71
C ILE L 133 -35.37 -13.23 3.75
N VAL L 134 -34.35 -12.52 3.27
CA VAL L 134 -33.46 -11.80 4.16
C VAL L 134 -33.67 -10.30 3.90
N ILE L 135 -33.70 -9.50 4.96
CA ILE L 135 -33.85 -8.06 4.84
C ILE L 135 -32.58 -7.49 5.45
N ALA L 136 -31.82 -6.74 4.66
CA ALA L 136 -30.56 -6.19 5.12
C ALA L 136 -30.71 -4.95 5.99
N THR L 137 -30.21 -5.03 7.22
CA THR L 137 -30.27 -3.89 8.13
C THR L 137 -28.98 -3.09 7.90
N GLY L 138 -27.97 -3.78 7.38
CA GLY L 138 -26.69 -3.15 7.12
C GLY L 138 -25.88 -4.10 6.27
N ALA L 139 -24.68 -3.69 5.86
CA ALA L 139 -23.87 -4.57 5.03
C ALA L 139 -22.39 -4.44 5.34
N ILE L 140 -21.69 -5.56 5.17
CA ILE L 140 -20.25 -5.62 5.38
C ILE L 140 -19.60 -5.04 4.13
N ARG L 141 -18.80 -4.00 4.32
CA ARG L 141 -18.15 -3.32 3.21
C ARG L 141 -16.85 -3.96 2.70
N MET L 142 -16.91 -5.25 2.36
CA MET L 142 -15.72 -5.93 1.86
C MET L 142 -15.73 -5.81 0.34
N GLU L 143 -15.77 -4.57 -0.14
CA GLU L 143 -15.80 -4.28 -1.56
C GLU L 143 -15.21 -2.89 -1.76
N GLY L 144 -14.82 -2.57 -2.99
CA GLY L 144 -14.19 -1.29 -3.23
C GLY L 144 -15.02 -0.08 -3.60
N THR L 145 -16.21 -0.26 -4.16
CA THR L 145 -17.02 0.88 -4.56
C THR L 145 -17.32 1.83 -3.40
N SER L 146 -17.76 1.29 -2.27
CA SER L 146 -18.10 2.13 -1.12
C SER L 146 -16.91 2.95 -0.65
N LYS L 147 -15.71 2.39 -0.79
CA LYS L 147 -14.49 3.06 -0.36
C LYS L 147 -14.15 4.30 -1.19
N GLU L 148 -14.80 4.44 -2.35
CA GLU L 148 -14.56 5.59 -3.19
C GLU L 148 -15.66 6.61 -2.95
N TYR L 149 -16.51 6.33 -1.96
CA TYR L 149 -17.58 7.23 -1.58
C TYR L 149 -17.33 7.71 -0.16
N ALA L 150 -17.02 6.77 0.73
CA ALA L 150 -16.80 7.11 2.13
C ALA L 150 -15.67 6.35 2.80
N PRO L 151 -15.10 6.92 3.88
CA PRO L 151 -14.02 6.25 4.59
C PRO L 151 -14.60 4.92 5.08
N ILE L 152 -13.79 3.87 5.10
CA ILE L 152 -14.25 2.55 5.49
C ILE L 152 -14.92 2.45 6.87
N GLU L 153 -14.61 3.37 7.78
CA GLU L 153 -15.21 3.33 9.12
C GLU L 153 -16.71 3.63 9.10
N PHE L 154 -17.18 4.30 8.06
CA PHE L 154 -18.59 4.63 7.98
C PHE L 154 -19.42 3.37 7.77
N PRO L 155 -20.52 3.22 8.53
CA PRO L 155 -21.32 2.01 8.37
C PRO L 155 -22.22 2.02 7.14
N ALA L 156 -22.35 0.85 6.51
CA ALA L 156 -23.24 0.70 5.37
C ALA L 156 -24.53 0.28 6.10
N VAL L 157 -25.44 1.23 6.29
CA VAL L 157 -26.66 0.94 7.02
C VAL L 157 -27.90 1.31 6.21
N ALA L 158 -28.89 0.42 6.22
CA ALA L 158 -30.12 0.65 5.48
C ALA L 158 -30.99 1.69 6.15
N ASP L 159 -31.81 2.38 5.36
CA ASP L 159 -32.71 3.39 5.89
C ASP L 159 -33.71 2.71 6.84
N LEU L 160 -33.98 3.34 7.98
CA LEU L 160 -34.90 2.76 8.97
C LEU L 160 -36.32 2.55 8.45
N GLU L 161 -36.87 3.56 7.79
CA GLU L 161 -38.23 3.47 7.27
C GLU L 161 -38.37 2.36 6.22
N VAL L 162 -37.44 2.28 5.30
CA VAL L 162 -37.51 1.24 4.27
C VAL L 162 -37.40 -0.14 4.92
N THR L 163 -36.47 -0.28 5.85
CA THR L 163 -36.27 -1.56 6.54
C THR L 163 -37.53 -1.98 7.29
N ASN L 164 -38.14 -1.07 8.02
CA ASN L 164 -39.36 -1.41 8.76
C ASN L 164 -40.47 -1.78 7.79
N ALA L 165 -40.56 -1.04 6.67
CA ALA L 165 -41.58 -1.33 5.67
C ALA L 165 -41.42 -2.75 5.14
N LEU L 166 -40.16 -3.15 4.91
CA LEU L 166 -39.88 -4.49 4.41
C LEU L 166 -40.20 -5.57 5.46
N VAL L 167 -39.80 -5.35 6.70
CA VAL L 167 -40.07 -6.30 7.77
C VAL L 167 -41.57 -6.49 7.94
N ASN L 168 -42.32 -5.39 7.97
CA ASN L 168 -43.77 -5.46 8.14
C ASN L 168 -44.45 -6.15 6.96
N ALA L 169 -43.93 -5.93 5.77
CA ALA L 169 -44.49 -6.54 4.56
C ALA L 169 -44.31 -8.05 4.56
N ALA L 170 -43.12 -8.51 4.92
CA ALA L 170 -42.85 -9.95 4.98
C ALA L 170 -43.78 -10.60 6.00
N LYS L 171 -44.01 -9.91 7.13
CA LYS L 171 -44.88 -10.42 8.16
C LYS L 171 -46.32 -10.50 7.64
N LYS L 172 -46.77 -9.43 7.01
CA LYS L 172 -48.12 -9.38 6.46
C LYS L 172 -48.36 -10.46 5.42
N LEU L 173 -47.35 -10.71 4.58
CA LEU L 173 -47.45 -11.72 3.54
C LEU L 173 -47.19 -13.15 3.99
N GLY L 174 -46.79 -13.30 5.26
CA GLY L 174 -46.55 -14.62 5.81
C GLY L 174 -45.28 -15.33 5.38
N TYR L 175 -44.27 -14.58 4.95
CA TYR L 175 -43.02 -15.19 4.52
C TYR L 175 -42.00 -15.18 5.65
N THR L 176 -41.29 -16.30 5.80
CA THR L 176 -40.27 -16.40 6.84
C THR L 176 -39.14 -15.46 6.42
N SER L 177 -38.76 -14.55 7.32
CA SER L 177 -37.71 -13.60 7.00
C SER L 177 -36.71 -13.44 8.12
N HIS L 178 -35.53 -12.93 7.77
CA HIS L 178 -34.45 -12.70 8.71
C HIS L 178 -33.93 -11.29 8.48
N ALA L 179 -34.02 -10.44 9.50
CA ALA L 179 -33.53 -9.06 9.38
C ALA L 179 -32.17 -8.95 10.01
N GLY L 180 -31.15 -8.65 9.21
CA GLY L 180 -29.81 -8.53 9.76
C GLY L 180 -28.75 -8.08 8.78
N VAL L 181 -27.50 -8.21 9.18
CA VAL L 181 -26.37 -7.79 8.36
C VAL L 181 -26.05 -8.79 7.26
N VAL L 182 -25.77 -8.28 6.07
CA VAL L 182 -25.40 -9.15 4.96
C VAL L 182 -23.96 -8.86 4.55
N GLN L 183 -23.26 -9.88 4.09
CA GLN L 183 -21.90 -9.67 3.66
C GLN L 183 -21.90 -9.30 2.18
N CYS L 184 -21.15 -8.26 1.84
CA CYS L 184 -21.02 -7.90 0.45
C CYS L 184 -19.58 -8.23 0.06
N LYS L 185 -19.33 -8.39 -1.23
CA LYS L 185 -18.00 -8.74 -1.71
C LYS L 185 -17.92 -8.33 -3.17
N ASP L 186 -16.70 -8.30 -3.71
CA ASP L 186 -16.52 -7.94 -5.12
C ASP L 186 -16.25 -9.20 -5.94
N ALA L 187 -15.78 -10.27 -5.28
CA ALA L 187 -15.47 -11.50 -6.01
C ALA L 187 -16.40 -12.66 -5.68
N PHE L 188 -17.35 -12.92 -6.57
CA PHE L 188 -18.29 -14.02 -6.36
C PHE L 188 -17.55 -15.33 -6.13
N TYR L 189 -16.52 -15.59 -6.92
CA TYR L 189 -15.79 -16.84 -6.75
C TYR L 189 -14.90 -16.91 -5.51
N GLY L 190 -14.85 -15.83 -4.75
CA GLY L 190 -14.08 -15.83 -3.53
C GLY L 190 -14.95 -16.35 -2.40
N GLN L 191 -16.27 -16.31 -2.62
CA GLN L 191 -17.23 -16.78 -1.62
C GLN L 191 -17.35 -18.30 -1.61
N HIS L 192 -17.34 -18.89 -2.80
CA HIS L 192 -17.50 -20.34 -2.91
C HIS L 192 -16.20 -21.12 -3.05
N GLU L 193 -15.18 -20.49 -3.62
CA GLU L 193 -13.88 -21.14 -3.81
C GLU L 193 -12.75 -20.37 -3.12
N PRO L 194 -12.92 -19.96 -1.86
CA PRO L 194 -11.83 -19.22 -1.22
C PRO L 194 -10.52 -19.99 -1.12
N GLU L 195 -10.61 -21.30 -0.87
CA GLU L 195 -9.43 -22.15 -0.72
C GLU L 195 -8.46 -22.05 -1.89
N ARG L 196 -9.00 -21.82 -3.08
CA ARG L 196 -8.21 -21.74 -4.30
C ARG L 196 -7.50 -20.42 -4.53
N MET L 197 -8.06 -19.33 -3.99
CA MET L 197 -7.50 -18.00 -4.18
C MET L 197 -6.10 -17.76 -3.61
N PRO L 198 -5.32 -16.87 -4.25
CA PRO L 198 -3.99 -16.58 -3.74
C PRO L 198 -4.13 -16.00 -2.33
N VAL L 199 -5.21 -15.24 -2.11
CA VAL L 199 -5.47 -14.63 -0.80
C VAL L 199 -6.47 -15.45 0.02
N SER L 200 -6.46 -16.75 -0.19
CA SER L 200 -7.35 -17.65 0.52
C SER L 200 -7.34 -17.41 2.03
N TYR L 201 -6.16 -17.20 2.60
CA TYR L 201 -6.02 -16.98 4.03
C TYR L 201 -6.87 -15.81 4.53
N GLU L 202 -6.88 -14.73 3.76
CA GLU L 202 -7.64 -13.55 4.12
C GLU L 202 -9.15 -13.79 4.00
N LEU L 203 -9.56 -14.40 2.89
CA LEU L 203 -10.98 -14.67 2.66
C LEU L 203 -11.55 -15.63 3.70
N LEU L 204 -10.79 -16.68 3.99
CA LEU L 204 -11.23 -17.68 4.96
C LEU L 204 -11.31 -17.11 6.37
N ASN L 205 -10.31 -16.31 6.74
CA ASN L 205 -10.30 -15.70 8.08
C ASN L 205 -11.49 -14.76 8.24
N LYS L 206 -11.71 -13.89 7.24
CA LYS L 206 -12.83 -12.97 7.33
C LYS L 206 -14.17 -13.68 7.33
N TRP L 207 -14.25 -14.78 6.61
CA TRP L 207 -15.51 -15.53 6.55
C TRP L 207 -15.86 -16.05 7.94
N GLU L 208 -14.86 -16.53 8.68
CA GLU L 208 -15.13 -17.02 10.03
C GLU L 208 -15.56 -15.84 10.90
N ALA L 209 -15.00 -14.66 10.63
CA ALA L 209 -15.37 -13.48 11.39
C ALA L 209 -16.85 -13.15 11.14
N TRP L 210 -17.27 -13.19 9.88
CA TRP L 210 -18.66 -12.86 9.56
C TRP L 210 -19.60 -13.82 10.28
N LYS L 211 -19.22 -15.09 10.34
CA LYS L 211 -20.04 -16.10 11.01
C LYS L 211 -20.15 -15.82 12.51
N ARG L 212 -19.08 -15.28 13.09
CA ARG L 212 -19.06 -14.98 14.52
C ARG L 212 -19.71 -13.64 14.86
N LEU L 213 -20.17 -12.93 13.84
CA LEU L 213 -20.83 -11.64 14.04
C LEU L 213 -22.32 -11.69 13.71
N GLY L 214 -22.86 -12.90 13.57
CA GLY L 214 -24.27 -13.06 13.31
C GLY L 214 -24.76 -12.71 11.91
N THR L 215 -23.82 -12.59 10.97
CA THR L 215 -24.17 -12.26 9.59
C THR L 215 -25.21 -13.24 9.03
N LYS L 216 -26.24 -12.69 8.39
CA LYS L 216 -27.32 -13.51 7.83
C LYS L 216 -27.03 -14.20 6.51
N ALA L 217 -26.52 -13.45 5.54
CA ALA L 217 -26.26 -14.01 4.22
C ALA L 217 -25.19 -13.24 3.46
N SER L 218 -24.87 -13.72 2.26
CA SER L 218 -23.85 -13.10 1.43
C SER L 218 -24.42 -12.69 0.07
N GLU L 219 -24.13 -11.46 -0.34
CA GLU L 219 -24.56 -10.95 -1.64
C GLU L 219 -23.51 -9.98 -2.17
N MET L 220 -23.89 -9.03 -3.03
CA MET L 220 -22.85 -8.17 -3.59
C MET L 220 -23.08 -6.67 -3.81
N GLU L 221 -24.31 -6.19 -3.78
CA GLU L 221 -24.55 -4.78 -4.06
C GLU L 221 -25.01 -3.83 -2.95
N SER L 222 -25.54 -4.35 -1.84
CA SER L 222 -26.04 -3.47 -0.78
C SER L 222 -25.04 -2.51 -0.14
N ALA L 223 -23.80 -2.95 0.06
CA ALA L 223 -22.81 -2.06 0.68
C ALA L 223 -22.64 -0.78 -0.13
N ALA L 224 -22.48 -0.94 -1.44
CA ALA L 224 -22.31 0.21 -2.33
C ALA L 224 -23.56 1.11 -2.34
N LEU L 225 -24.72 0.49 -2.44
CA LEU L 225 -25.98 1.22 -2.47
C LEU L 225 -26.27 1.97 -1.16
N PHE L 226 -26.04 1.31 -0.03
CA PHE L 226 -26.30 1.96 1.26
C PHE L 226 -25.42 3.18 1.49
N VAL L 227 -24.12 3.02 1.22
CA VAL L 227 -23.18 4.12 1.41
C VAL L 227 -23.42 5.26 0.42
N ALA L 228 -23.69 4.93 -0.84
CA ALA L 228 -23.97 5.95 -1.83
C ALA L 228 -25.24 6.72 -1.42
N ALA L 229 -26.23 5.98 -0.92
CA ALA L 229 -27.48 6.59 -0.50
C ALA L 229 -27.26 7.58 0.63
N SER L 230 -26.36 7.24 1.55
CA SER L 230 -26.05 8.12 2.68
C SER L 230 -25.46 9.42 2.17
N HIS L 231 -24.64 9.32 1.14
CA HIS L 231 -24.02 10.51 0.56
C HIS L 231 -25.00 11.32 -0.28
N LEU L 232 -25.84 10.63 -1.06
CA LEU L 232 -26.79 11.30 -1.92
C LEU L 232 -28.03 11.80 -1.20
N GLY L 233 -28.20 11.39 0.05
CA GLY L 233 -29.35 11.82 0.83
C GLY L 233 -30.67 11.15 0.45
N VAL L 234 -30.60 9.91 0.02
CA VAL L 234 -31.79 9.17 -0.37
C VAL L 234 -31.98 7.97 0.55
N ARG L 235 -33.18 7.38 0.51
CA ARG L 235 -33.49 6.22 1.33
C ARG L 235 -33.29 4.94 0.55
N CYS L 236 -32.60 3.97 1.16
CA CYS L 236 -32.35 2.70 0.49
C CYS L 236 -32.45 1.52 1.46
N GLY L 237 -33.03 0.43 0.96
CA GLY L 237 -33.17 -0.79 1.74
C GLY L 237 -32.98 -1.96 0.79
N SER L 238 -32.98 -3.19 1.32
CA SER L 238 -32.79 -4.36 0.48
C SER L 238 -33.40 -5.63 1.06
N ASP L 239 -33.90 -6.49 0.19
CA ASP L 239 -34.44 -7.77 0.62
C ASP L 239 -33.96 -8.79 -0.41
N PHE L 240 -33.83 -10.05 -0.02
CA PHE L 240 -33.32 -11.05 -0.93
C PHE L 240 -33.94 -12.41 -0.74
N LEU L 241 -33.90 -13.20 -1.80
CA LEU L 241 -34.38 -14.57 -1.76
C LEU L 241 -33.13 -15.37 -1.39
N VAL L 242 -33.25 -16.25 -0.42
CA VAL L 242 -32.11 -17.10 -0.03
C VAL L 242 -32.13 -18.30 -0.97
N VAL L 243 -31.06 -18.48 -1.74
CA VAL L 243 -30.99 -19.58 -2.70
C VAL L 243 -30.46 -20.89 -2.10
N GLY L 244 -29.81 -20.78 -0.96
CA GLY L 244 -29.25 -21.94 -0.30
C GLY L 244 -28.35 -21.48 0.84
N ASN L 245 -27.74 -22.43 1.56
CA ASN L 245 -26.87 -22.08 2.66
C ASN L 245 -25.69 -23.04 2.67
N GLN L 246 -24.53 -22.53 2.26
CA GLN L 246 -23.31 -23.33 2.17
C GLN L 246 -22.86 -23.87 3.53
N GLU L 247 -23.16 -23.14 4.60
CA GLU L 247 -22.72 -23.57 5.92
C GLU L 247 -23.56 -24.75 6.38
N ARG L 248 -24.85 -24.71 6.09
CA ARG L 248 -25.73 -25.82 6.45
C ARG L 248 -25.27 -27.03 5.62
N ASN L 249 -24.93 -26.78 4.36
CA ASN L 249 -24.48 -27.85 3.48
C ASN L 249 -23.20 -28.50 4.00
N ALA L 250 -22.25 -27.69 4.46
CA ALA L 250 -20.99 -28.21 4.97
C ALA L 250 -21.18 -29.07 6.21
N LEU L 251 -22.21 -28.78 6.99
CA LEU L 251 -22.50 -29.55 8.19
C LEU L 251 -23.39 -30.74 7.92
N GLY L 252 -23.81 -30.91 6.67
CA GLY L 252 -24.67 -32.02 6.31
C GLY L 252 -26.12 -31.82 6.69
N MET L 253 -26.48 -30.58 7.00
CA MET L 253 -27.85 -30.26 7.39
C MET L 253 -28.72 -30.08 6.14
N ASP L 254 -30.04 -30.17 6.33
CA ASP L 254 -30.99 -30.01 5.23
C ASP L 254 -30.69 -28.67 4.55
N ASN L 255 -30.53 -28.69 3.23
CA ASN L 255 -30.21 -27.47 2.50
C ASN L 255 -31.02 -27.29 1.22
N PRO L 256 -32.33 -27.04 1.35
CA PRO L 256 -33.18 -26.85 0.16
C PRO L 256 -32.76 -25.61 -0.63
N MET L 257 -32.73 -25.74 -1.95
CA MET L 257 -32.34 -24.63 -2.82
C MET L 257 -33.56 -23.94 -3.45
N ALA L 258 -33.42 -22.65 -3.73
CA ALA L 258 -34.51 -21.88 -4.31
C ALA L 258 -34.00 -20.97 -5.44
N HIS L 259 -34.91 -20.51 -6.29
CA HIS L 259 -34.54 -19.64 -7.40
C HIS L 259 -35.61 -18.62 -7.76
N ASP L 260 -36.86 -18.91 -7.41
CA ASP L 260 -37.97 -18.00 -7.72
C ASP L 260 -38.03 -16.81 -6.77
N THR L 261 -37.72 -15.63 -7.30
CA THR L 261 -37.71 -14.40 -6.51
C THR L 261 -39.07 -13.76 -6.26
N GLU L 262 -40.14 -14.43 -6.68
CA GLU L 262 -41.48 -13.90 -6.51
C GLU L 262 -41.78 -13.37 -5.10
N ALA L 263 -41.48 -14.17 -4.07
CA ALA L 263 -41.73 -13.74 -2.70
C ALA L 263 -40.96 -12.46 -2.33
N ALA L 264 -39.68 -12.42 -2.67
CA ALA L 264 -38.87 -11.23 -2.37
C ALA L 264 -39.43 -10.01 -3.09
N ILE L 265 -39.92 -10.22 -4.30
CA ILE L 265 -40.50 -9.13 -5.09
C ILE L 265 -41.80 -8.64 -4.43
N GLN L 266 -42.65 -9.57 -4.04
CA GLN L 266 -43.92 -9.20 -3.42
C GLN L 266 -43.69 -8.38 -2.15
N VAL L 267 -42.67 -8.76 -1.38
CA VAL L 267 -42.36 -8.04 -0.15
C VAL L 267 -41.90 -6.62 -0.47
N ALA L 268 -41.07 -6.48 -1.50
CA ALA L 268 -40.56 -5.17 -1.89
C ALA L 268 -41.70 -4.28 -2.41
N VAL L 269 -42.61 -4.87 -3.17
CA VAL L 269 -43.74 -4.11 -3.72
C VAL L 269 -44.69 -3.64 -2.60
N GLU L 270 -44.97 -4.52 -1.65
CA GLU L 270 -45.84 -4.17 -0.53
C GLU L 270 -45.16 -3.07 0.31
N ALA L 271 -43.84 -3.16 0.46
CA ALA L 271 -43.11 -2.15 1.21
C ALA L 271 -43.22 -0.79 0.52
N LEU L 272 -43.15 -0.78 -0.81
CA LEU L 272 -43.28 0.48 -1.54
C LEU L 272 -44.66 1.07 -1.30
N ARG L 273 -45.69 0.23 -1.27
CA ARG L 273 -47.03 0.73 -1.04
C ARG L 273 -47.07 1.45 0.31
N THR L 274 -46.43 0.85 1.31
CA THR L 274 -46.38 1.43 2.65
C THR L 274 -45.64 2.76 2.64
N LEU L 275 -44.50 2.81 1.95
CA LEU L 275 -43.70 4.03 1.89
C LEU L 275 -44.42 5.14 1.14
N ILE L 276 -45.09 4.78 0.05
CA ILE L 276 -45.83 5.75 -0.76
C ILE L 276 -46.94 6.41 0.06
N GLU L 277 -47.67 5.61 0.84
CA GLU L 277 -48.75 6.17 1.63
C GLU L 277 -48.25 7.02 2.80
N ASN L 278 -47.24 6.52 3.50
CA ASN L 278 -46.69 7.27 4.63
C ASN L 278 -46.09 8.60 4.18
N ASP L 279 -45.58 8.64 2.95
CA ASP L 279 -44.97 9.86 2.43
C ASP L 279 -46.01 10.96 2.15
N LYS L 280 -47.26 10.57 2.01
CA LYS L 280 -48.33 11.52 1.73
C LYS L 280 -48.44 12.61 2.80
N VAL M 31 15.11 51.15 -61.45
CA VAL M 31 15.67 50.18 -60.46
C VAL M 31 16.94 49.54 -61.02
N GLY M 32 17.97 49.47 -60.18
CA GLY M 32 19.23 48.88 -60.60
C GLY M 32 19.71 47.76 -59.70
N LEU M 33 21.03 47.64 -59.58
CA LEU M 33 21.63 46.62 -58.75
C LEU M 33 21.35 46.87 -57.28
N GLN M 34 20.78 45.88 -56.60
CA GLN M 34 20.46 46.01 -55.19
C GLN M 34 21.70 45.86 -54.32
N TYR M 35 21.90 46.83 -53.44
CA TYR M 35 23.05 46.90 -52.54
C TYR M 35 23.39 45.62 -51.76
N HIS M 36 22.45 45.14 -50.96
CA HIS M 36 22.70 43.97 -50.14
C HIS M 36 22.57 42.62 -50.84
N LEU M 37 21.52 42.44 -51.64
CA LEU M 37 21.31 41.17 -52.32
C LEU M 37 22.03 41.03 -53.66
N GLN M 38 22.55 42.13 -54.17
CA GLN M 38 23.26 42.13 -55.45
C GLN M 38 22.46 41.48 -56.56
N ILE M 39 21.18 41.84 -56.63
CA ILE M 39 20.30 41.33 -57.67
C ILE M 39 19.71 42.53 -58.40
N ARG M 40 19.20 42.31 -59.61
CA ARG M 40 18.62 43.39 -60.38
C ARG M 40 17.31 42.89 -60.97
N PRO M 41 16.45 43.82 -61.45
CA PRO M 41 15.19 43.39 -62.03
C PRO M 41 15.41 42.31 -63.07
N GLY M 42 14.60 41.25 -63.02
CA GLY M 42 14.74 40.16 -63.96
C GLY M 42 15.44 38.96 -63.37
N ASP M 43 16.26 39.18 -62.34
CA ASP M 43 16.99 38.08 -61.71
C ASP M 43 16.13 37.15 -60.86
N VAL M 44 14.98 37.65 -60.40
CA VAL M 44 14.10 36.83 -59.58
C VAL M 44 12.66 36.81 -60.11
N GLY M 45 11.92 35.78 -59.73
CA GLY M 45 10.54 35.68 -60.16
C GLY M 45 9.61 36.40 -59.20
N ARG M 46 8.31 36.32 -59.48
CA ARG M 46 7.31 36.95 -58.63
C ARG M 46 7.17 36.19 -57.31
N TYR M 47 7.46 34.89 -57.36
CA TYR M 47 7.33 34.03 -56.19
C TYR M 47 8.70 33.73 -55.60
N VAL M 48 8.82 33.87 -54.28
CA VAL M 48 10.10 33.64 -53.62
C VAL M 48 9.99 32.91 -52.28
N ILE M 49 10.79 31.87 -52.10
CA ILE M 49 10.82 31.13 -50.84
C ILE M 49 11.99 31.75 -50.08
N MET M 50 11.80 32.02 -48.80
CA MET M 50 12.83 32.67 -48.01
C MET M 50 13.27 31.94 -46.73
N PRO M 51 14.34 31.15 -46.81
CA PRO M 51 14.84 30.42 -45.64
C PRO M 51 15.76 31.37 -44.86
N GLY M 52 15.93 31.10 -43.57
CA GLY M 52 16.80 31.95 -42.77
C GLY M 52 18.27 31.66 -43.00
N ASP M 53 18.59 30.38 -43.22
CA ASP M 53 19.97 29.95 -43.43
C ASP M 53 20.37 29.89 -44.90
N PRO M 54 21.38 30.67 -45.30
CA PRO M 54 21.86 30.70 -46.69
C PRO M 54 22.27 29.33 -47.23
N LYS M 55 22.66 28.43 -46.34
CA LYS M 55 23.07 27.09 -46.73
C LYS M 55 21.88 26.22 -47.16
N ARG M 56 20.68 26.63 -46.76
CA ARG M 56 19.46 25.90 -47.07
C ARG M 56 18.91 26.22 -48.46
N CYS M 57 19.39 27.30 -49.07
CA CYS M 57 18.93 27.70 -50.39
C CYS M 57 19.19 26.66 -51.48
N ALA M 58 20.37 26.06 -51.44
CA ALA M 58 20.73 25.05 -52.44
C ALA M 58 19.77 23.86 -52.38
N LYS M 59 19.40 23.47 -51.17
CA LYS M 59 18.50 22.34 -50.96
C LYS M 59 17.12 22.65 -51.53
N ILE M 60 16.66 23.88 -51.33
CA ILE M 60 15.36 24.31 -51.80
C ILE M 60 15.34 24.45 -53.32
N ALA M 61 16.44 24.97 -53.88
CA ALA M 61 16.55 25.17 -55.33
C ALA M 61 16.39 23.84 -56.09
N GLU M 62 16.79 22.75 -55.45
CA GLU M 62 16.69 21.43 -56.06
C GLU M 62 15.23 21.07 -56.33
N HIS M 63 14.31 21.72 -55.61
CA HIS M 63 12.89 21.46 -55.79
C HIS M 63 12.33 22.21 -57.00
N PHE M 64 13.07 23.18 -57.50
CA PHE M 64 12.63 23.94 -58.68
C PHE M 64 13.18 23.25 -59.93
N ASP M 65 12.79 23.74 -61.09
CA ASP M 65 13.26 23.18 -62.35
C ASP M 65 14.36 24.07 -62.92
N ASN M 66 15.52 23.48 -63.19
CA ASN M 66 16.65 24.21 -63.76
C ASN M 66 17.06 25.43 -62.96
N ALA M 67 17.15 25.28 -61.64
CA ALA M 67 17.55 26.40 -60.79
C ALA M 67 19.04 26.68 -60.95
N VAL M 68 19.39 27.97 -60.99
CA VAL M 68 20.79 28.39 -61.13
C VAL M 68 21.11 29.46 -60.10
N LEU M 69 22.36 29.48 -59.66
CA LEU M 69 22.81 30.47 -58.68
C LEU M 69 22.74 31.86 -59.33
N VAL M 70 22.19 32.82 -58.61
CA VAL M 70 22.06 34.17 -59.15
C VAL M 70 22.99 35.17 -58.47
N ALA M 71 23.09 35.06 -57.14
CA ALA M 71 23.94 35.96 -56.38
C ALA M 71 24.30 35.38 -55.02
N ASP M 72 25.39 35.87 -54.45
CA ASP M 72 25.86 35.42 -53.14
C ASP M 72 26.54 36.59 -52.46
N SER M 73 25.75 37.44 -51.82
CA SER M 73 26.25 38.62 -51.13
C SER M 73 25.88 38.55 -49.65
N ARG M 74 26.86 38.81 -48.78
CA ARG M 74 26.62 38.77 -47.34
C ARG M 74 25.88 37.47 -47.00
N GLU M 75 24.79 37.57 -46.23
CA GLU M 75 24.03 36.38 -45.86
C GLU M 75 22.95 36.07 -46.89
N TYR M 76 23.00 36.75 -48.02
CA TYR M 76 21.98 36.58 -49.05
C TYR M 76 22.37 35.76 -50.28
N VAL M 77 21.92 34.51 -50.30
CA VAL M 77 22.18 33.62 -51.43
C VAL M 77 20.87 33.51 -52.20
N THR M 78 20.91 33.76 -53.51
CA THR M 78 19.71 33.69 -54.32
C THR M 78 19.84 32.72 -55.50
N TYR M 79 18.80 31.91 -55.67
CA TYR M 79 18.73 30.93 -56.76
C TYR M 79 17.44 31.20 -57.50
N THR M 80 17.46 31.04 -58.82
CA THR M 80 16.26 31.25 -59.62
C THR M 80 16.06 30.12 -60.62
N GLY M 81 14.83 29.62 -60.66
CA GLY M 81 14.49 28.54 -61.58
C GLY M 81 13.04 28.68 -61.96
N THR M 82 12.39 27.56 -62.27
CA THR M 82 10.98 27.60 -62.64
C THR M 82 10.17 26.54 -61.90
N LEU M 83 8.87 26.79 -61.85
CA LEU M 83 7.94 25.88 -61.19
C LEU M 83 6.69 25.96 -62.05
N ASN M 84 6.36 24.85 -62.72
CA ASN M 84 5.21 24.82 -63.60
C ASN M 84 5.35 25.87 -64.70
N GLY M 85 6.57 26.04 -65.19
CA GLY M 85 6.81 27.01 -66.25
C GLY M 85 6.87 28.46 -65.80
N GLU M 86 6.73 28.70 -64.51
CA GLU M 86 6.75 30.05 -63.97
C GLU M 86 8.07 30.31 -63.23
N LYS M 87 8.62 31.51 -63.39
CA LYS M 87 9.88 31.85 -62.73
C LYS M 87 9.70 31.97 -61.21
N VAL M 88 10.53 31.24 -60.47
CA VAL M 88 10.49 31.27 -59.02
C VAL M 88 11.91 31.40 -58.48
N SER M 89 12.04 31.89 -57.24
CA SER M 89 13.35 32.06 -56.64
C SER M 89 13.37 31.67 -55.17
N VAL M 90 14.58 31.55 -54.64
CA VAL M 90 14.79 31.24 -53.22
C VAL M 90 15.93 32.15 -52.77
N THR M 91 15.68 32.92 -51.71
CA THR M 91 16.66 33.85 -51.17
C THR M 91 16.71 33.74 -49.67
N SER M 92 17.91 33.58 -49.11
CA SER M 92 18.07 33.50 -47.67
C SER M 92 17.93 34.90 -47.09
N THR M 93 17.54 34.98 -45.82
CA THR M 93 17.34 36.27 -45.17
C THR M 93 18.28 36.47 -43.99
N GLY M 94 18.93 35.39 -43.56
CA GLY M 94 19.81 35.50 -42.41
C GLY M 94 18.89 35.49 -41.21
N ILE M 95 19.46 35.57 -40.01
CA ILE M 95 18.67 35.57 -38.79
C ILE M 95 18.23 36.97 -38.38
N GLY M 96 16.95 37.11 -38.06
CA GLY M 96 16.45 38.40 -37.62
C GLY M 96 15.67 39.24 -38.59
N GLY M 97 14.73 40.02 -38.06
CA GLY M 97 13.93 40.89 -38.89
C GLY M 97 14.77 41.93 -39.64
N PRO M 98 15.86 42.44 -39.05
CA PRO M 98 16.66 43.44 -39.76
C PRO M 98 17.14 42.96 -41.13
N SER M 99 17.78 41.79 -41.17
CA SER M 99 18.27 41.27 -42.43
C SER M 99 17.15 40.76 -43.34
N ALA M 100 16.08 40.25 -42.72
CA ALA M 100 14.95 39.74 -43.50
C ALA M 100 14.18 40.85 -44.20
N SER M 101 14.00 41.98 -43.52
CA SER M 101 13.26 43.09 -44.12
C SER M 101 14.03 43.67 -45.30
N ILE M 102 15.35 43.67 -45.23
CA ILE M 102 16.16 44.19 -46.32
C ILE M 102 15.94 43.28 -47.53
N ALA M 103 15.87 41.98 -47.29
CA ALA M 103 15.65 41.02 -48.37
C ALA M 103 14.31 41.29 -49.06
N MET M 104 13.24 41.37 -48.29
CA MET M 104 11.93 41.62 -48.88
C MET M 104 11.90 42.95 -49.64
N GLU M 105 12.48 43.99 -49.06
CA GLU M 105 12.51 45.30 -49.70
C GLU M 105 13.20 45.23 -51.07
N GLU M 106 14.38 44.64 -51.11
CA GLU M 106 15.14 44.56 -52.36
C GLU M 106 14.53 43.59 -53.37
N LEU M 107 13.93 42.51 -52.90
CA LEU M 107 13.29 41.54 -53.80
C LEU M 107 12.08 42.23 -54.44
N LYS M 108 11.32 42.95 -53.63
CA LYS M 108 10.14 43.67 -54.10
C LYS M 108 10.50 44.64 -55.23
N LEU M 109 11.56 45.42 -55.02
CA LEU M 109 12.01 46.37 -56.02
C LEU M 109 12.36 45.68 -57.34
N CYS M 110 12.77 44.42 -57.25
CA CYS M 110 13.12 43.66 -58.45
C CYS M 110 11.96 42.90 -59.08
N GLY M 111 10.76 43.05 -58.53
CA GLY M 111 9.61 42.38 -59.10
C GLY M 111 8.88 41.31 -58.33
N ALA M 112 9.42 40.88 -57.19
CA ALA M 112 8.78 39.84 -56.39
C ALA M 112 7.55 40.40 -55.66
N ASP M 113 6.48 39.60 -55.57
CA ASP M 113 5.27 40.05 -54.90
C ASP M 113 4.58 38.98 -54.06
N THR M 114 5.16 37.78 -54.02
CA THR M 114 4.58 36.68 -53.24
C THR M 114 5.73 35.97 -52.54
N PHE M 115 5.73 36.03 -51.21
CA PHE M 115 6.80 35.42 -50.42
C PHE M 115 6.36 34.36 -49.43
N ILE M 116 7.19 33.35 -49.25
CA ILE M 116 6.91 32.29 -48.30
C ILE M 116 8.17 31.99 -47.51
N ARG M 117 8.18 32.37 -46.24
CA ARG M 117 9.32 32.07 -45.40
C ARG M 117 9.24 30.61 -45.00
N VAL M 118 10.38 29.93 -45.03
CA VAL M 118 10.46 28.54 -44.64
C VAL M 118 11.59 28.45 -43.63
N GLY M 119 11.25 28.20 -42.38
CA GLY M 119 12.29 28.12 -41.37
C GLY M 119 12.11 27.02 -40.35
N THR M 120 12.67 27.26 -39.17
CA THR M 120 12.59 26.32 -38.06
C THR M 120 11.99 27.08 -36.89
N CYS M 121 11.41 26.35 -35.93
CA CYS M 121 10.80 26.98 -34.78
C CYS M 121 10.78 26.05 -33.57
N GLY M 122 10.57 26.64 -32.40
CA GLY M 122 10.50 25.86 -31.18
C GLY M 122 9.05 25.84 -30.73
N GLY M 123 8.51 24.66 -30.45
CA GLY M 123 7.13 24.58 -30.04
C GLY M 123 6.80 25.17 -28.68
N ILE M 124 5.58 25.67 -28.55
CA ILE M 124 5.10 26.24 -27.30
C ILE M 124 3.86 25.42 -26.91
N GLU M 125 2.83 25.47 -27.75
CA GLU M 125 1.61 24.69 -27.52
C GLU M 125 2.08 23.25 -27.32
N LEU M 126 1.55 22.57 -26.31
CA LEU M 126 1.97 21.19 -26.03
C LEU M 126 1.76 20.19 -27.17
N ASP M 127 0.80 20.45 -28.04
CA ASP M 127 0.53 19.54 -29.15
C ASP M 127 1.53 19.70 -30.29
N VAL M 128 2.32 20.78 -30.24
CA VAL M 128 3.30 21.04 -31.28
C VAL M 128 4.59 20.30 -30.95
N LYS M 129 4.84 19.21 -31.67
CA LYS M 129 6.02 18.39 -31.40
C LYS M 129 7.06 18.40 -32.52
N GLY M 130 8.30 18.06 -32.16
CA GLY M 130 9.38 18.02 -33.12
C GLY M 130 9.02 17.15 -34.31
N GLY M 131 9.25 17.67 -35.51
CA GLY M 131 8.92 16.93 -36.71
C GLY M 131 7.68 17.49 -37.36
N ASP M 132 6.79 18.06 -36.55
CA ASP M 132 5.56 18.65 -37.08
C ASP M 132 5.88 19.89 -37.89
N ILE M 133 4.86 20.42 -38.56
CA ILE M 133 5.01 21.63 -39.36
C ILE M 133 4.08 22.68 -38.79
N VAL M 134 4.55 23.91 -38.69
CA VAL M 134 3.73 25.00 -38.19
C VAL M 134 3.51 26.01 -39.31
N ILE M 135 2.28 26.48 -39.44
CA ILE M 135 1.96 27.48 -40.45
C ILE M 135 1.49 28.71 -39.68
N ALA M 136 2.19 29.81 -39.86
CA ALA M 136 1.86 31.04 -39.14
C ALA M 136 0.69 31.81 -39.75
N THR M 137 -0.35 32.01 -38.95
CA THR M 137 -1.52 32.76 -39.39
C THR M 137 -1.27 34.22 -39.03
N GLY M 138 -0.38 34.41 -38.07
CA GLY M 138 -0.02 35.74 -37.59
C GLY M 138 1.20 35.61 -36.70
N ALA M 139 1.72 36.74 -36.22
CA ALA M 139 2.90 36.68 -35.36
C ALA M 139 2.91 37.73 -34.26
N ILE M 140 3.54 37.38 -33.15
CA ILE M 140 3.66 38.28 -32.01
C ILE M 140 4.83 39.21 -32.32
N ARG M 141 4.56 40.51 -32.31
CA ARG M 141 5.57 41.51 -32.63
C ARG M 141 6.48 41.93 -31.48
N MET M 142 7.14 40.95 -30.86
CA MET M 142 8.05 41.25 -29.76
C MET M 142 9.44 41.41 -30.37
N GLU M 143 9.54 42.31 -31.34
CA GLU M 143 10.79 42.58 -32.03
C GLU M 143 10.76 44.04 -32.50
N GLY M 144 11.93 44.61 -32.78
CA GLY M 144 11.97 46.00 -33.17
C GLY M 144 11.78 46.40 -34.63
N THR M 145 12.12 45.52 -35.55
CA THR M 145 11.99 45.85 -36.96
C THR M 145 10.59 46.28 -37.37
N SER M 146 9.58 45.49 -37.00
CA SER M 146 8.21 45.83 -37.37
C SER M 146 7.80 47.20 -36.84
N LYS M 147 8.34 47.59 -35.68
CA LYS M 147 7.99 48.87 -35.09
C LYS M 147 8.50 50.07 -35.89
N GLU M 148 9.46 49.83 -36.78
CA GLU M 148 9.98 50.91 -37.61
C GLU M 148 9.25 50.93 -38.94
N TYR M 149 8.21 50.09 -39.05
CA TYR M 149 7.37 49.99 -40.23
C TYR M 149 5.95 50.41 -39.87
N ALA M 150 5.45 49.91 -38.74
CA ALA M 150 4.08 50.22 -38.33
C ALA M 150 3.89 50.35 -36.83
N PRO M 151 2.88 51.14 -36.41
CA PRO M 151 2.61 51.32 -34.98
C PRO M 151 2.38 49.90 -34.43
N ILE M 152 2.80 49.66 -33.19
CA ILE M 152 2.68 48.34 -32.59
C ILE M 152 1.25 47.76 -32.57
N GLU M 153 0.24 48.62 -32.62
CA GLU M 153 -1.14 48.15 -32.61
C GLU M 153 -1.53 47.35 -33.86
N PHE M 154 -0.84 47.60 -34.97
CA PHE M 154 -1.14 46.91 -36.21
C PHE M 154 -0.77 45.42 -36.12
N PRO M 155 -1.69 44.53 -36.53
CA PRO M 155 -1.41 43.10 -36.46
C PRO M 155 -0.47 42.57 -37.53
N ALA M 156 0.40 41.65 -37.12
CA ALA M 156 1.30 40.99 -38.04
C ALA M 156 0.47 39.77 -38.44
N VAL M 157 -0.16 39.84 -39.61
CA VAL M 157 -1.01 38.77 -40.08
C VAL M 157 -0.60 38.33 -41.48
N ALA M 158 -0.53 37.02 -41.68
CA ALA M 158 -0.14 36.45 -42.95
C ALA M 158 -1.24 36.63 -43.99
N ASP M 159 -0.85 36.59 -45.26
CA ASP M 159 -1.80 36.73 -46.36
C ASP M 159 -2.72 35.51 -46.34
N LEU M 160 -4.02 35.75 -46.51
CA LEU M 160 -5.02 34.68 -46.49
C LEU M 160 -4.77 33.62 -47.56
N GLU M 161 -4.49 34.06 -48.78
CA GLU M 161 -4.24 33.13 -49.89
C GLU M 161 -3.03 32.26 -49.68
N VAL M 162 -1.93 32.84 -49.22
CA VAL M 162 -0.72 32.07 -49.00
C VAL M 162 -0.92 31.07 -47.87
N THR M 163 -1.60 31.51 -46.81
CA THR M 163 -1.86 30.64 -45.66
C THR M 163 -2.70 29.44 -46.07
N ASN M 164 -3.76 29.68 -46.85
CA ASN M 164 -4.60 28.58 -47.30
C ASN M 164 -3.83 27.61 -48.19
N ALA M 165 -2.98 28.15 -49.05
CA ALA M 165 -2.18 27.31 -49.93
C ALA M 165 -1.28 26.40 -49.11
N LEU M 166 -0.71 26.94 -48.02
CA LEU M 166 0.16 26.17 -47.15
C LEU M 166 -0.62 25.11 -46.37
N VAL M 167 -1.75 25.51 -45.79
CA VAL M 167 -2.56 24.59 -45.03
C VAL M 167 -3.01 23.41 -45.89
N ASN M 168 -3.51 23.70 -47.09
CA ASN M 168 -3.97 22.66 -48.00
C ASN M 168 -2.84 21.76 -48.47
N ALA M 169 -1.66 22.35 -48.65
CA ALA M 169 -0.49 21.59 -49.11
C ALA M 169 -0.08 20.56 -48.05
N ALA M 170 -0.03 20.98 -46.79
CA ALA M 170 0.33 20.09 -45.69
C ALA M 170 -0.65 18.93 -45.62
N LYS M 171 -1.93 19.22 -45.82
CA LYS M 171 -2.95 18.17 -45.77
C LYS M 171 -2.75 17.19 -46.92
N LYS M 172 -2.59 17.73 -48.12
CA LYS M 172 -2.40 16.92 -49.31
C LYS M 172 -1.16 16.03 -49.21
N LEU M 173 -0.10 16.55 -48.59
CA LEU M 173 1.14 15.79 -48.43
C LEU M 173 1.14 14.86 -47.22
N GLY M 174 0.10 14.93 -46.41
CA GLY M 174 0.00 14.07 -45.25
C GLY M 174 0.89 14.39 -44.06
N TYR M 175 1.32 15.64 -43.94
CA TYR M 175 2.17 16.02 -42.82
C TYR M 175 1.33 16.62 -41.70
N THR M 176 1.70 16.31 -40.46
CA THR M 176 0.99 16.84 -39.30
C THR M 176 1.38 18.31 -39.18
N SER M 177 0.39 19.19 -39.21
CA SER M 177 0.67 20.61 -39.12
C SER M 177 -0.23 21.35 -38.14
N HIS M 178 0.21 22.54 -37.75
CA HIS M 178 -0.52 23.38 -36.81
C HIS M 178 -0.59 24.79 -37.37
N ALA M 179 -1.79 25.28 -37.61
CA ALA M 179 -1.98 26.63 -38.14
C ALA M 179 -2.34 27.58 -37.01
N GLY M 180 -1.46 28.52 -36.71
CA GLY M 180 -1.73 29.46 -35.64
C GLY M 180 -0.68 30.57 -35.50
N VAL M 181 -0.78 31.31 -34.41
CA VAL M 181 0.13 32.41 -34.15
C VAL M 181 1.50 31.94 -33.66
N VAL M 182 2.55 32.59 -34.15
CA VAL M 182 3.90 32.25 -33.74
C VAL M 182 4.50 33.46 -33.04
N GLN M 183 5.36 33.22 -32.06
CA GLN M 183 6.01 34.33 -31.37
C GLN M 183 7.31 34.65 -32.06
N CYS M 184 7.53 35.94 -32.32
CA CYS M 184 8.78 36.38 -32.91
C CYS M 184 9.51 37.13 -31.81
N LYS M 185 10.83 37.18 -31.93
CA LYS M 185 11.66 37.81 -30.92
C LYS M 185 12.94 38.26 -31.59
N ASP M 186 13.70 39.10 -30.91
CA ASP M 186 14.97 39.57 -31.44
C ASP M 186 16.13 38.84 -30.76
N ALA M 187 15.93 38.41 -29.51
CA ALA M 187 16.97 37.71 -28.76
C ALA M 187 16.73 36.21 -28.65
N PHE M 188 17.47 35.44 -29.44
CA PHE M 188 17.34 33.98 -29.43
C PHE M 188 17.58 33.46 -28.02
N TYR M 189 18.63 33.95 -27.38
CA TYR M 189 18.95 33.50 -26.03
C TYR M 189 18.00 34.01 -24.96
N GLY M 190 17.05 34.86 -25.36
CA GLY M 190 16.07 35.34 -24.41
C GLY M 190 14.97 34.30 -24.32
N GLN M 191 14.86 33.48 -25.36
CA GLN M 191 13.85 32.44 -25.44
C GLN M 191 14.27 31.22 -24.62
N HIS M 192 15.56 30.87 -24.70
CA HIS M 192 16.08 29.70 -24.02
C HIS M 192 16.69 29.92 -22.64
N GLU M 193 17.23 31.10 -22.37
CA GLU M 193 17.78 31.37 -21.05
C GLU M 193 17.23 32.66 -20.49
N PRO M 194 15.89 32.80 -20.45
CA PRO M 194 15.26 34.00 -19.92
C PRO M 194 15.57 34.29 -18.46
N GLU M 195 15.70 33.24 -17.66
CA GLU M 195 15.98 33.40 -16.24
C GLU M 195 17.27 34.18 -15.96
N ARG M 196 18.24 34.06 -16.86
CA ARG M 196 19.54 34.71 -16.73
C ARG M 196 19.53 36.20 -17.08
N MET M 197 18.65 36.58 -18.00
CA MET M 197 18.56 37.97 -18.46
C MET M 197 18.23 39.02 -17.42
N PRO M 198 18.76 40.24 -17.59
CA PRO M 198 18.47 41.31 -16.65
C PRO M 198 16.96 41.57 -16.65
N VAL M 199 16.34 41.40 -17.82
CA VAL M 199 14.89 41.60 -17.94
C VAL M 199 14.16 40.26 -17.91
N SER M 200 14.65 39.34 -17.08
CA SER M 200 14.04 38.02 -16.95
C SER M 200 12.55 38.12 -16.61
N TYR M 201 12.22 39.01 -15.69
CA TYR M 201 10.83 39.19 -15.26
C TYR M 201 9.89 39.49 -16.43
N GLU M 202 10.34 40.34 -17.34
CA GLU M 202 9.55 40.71 -18.51
C GLU M 202 9.42 39.53 -19.47
N LEU M 203 10.55 38.91 -19.79
CA LEU M 203 10.56 37.77 -20.70
C LEU M 203 9.72 36.61 -20.18
N LEU M 204 9.85 36.30 -18.89
CA LEU M 204 9.11 35.21 -18.29
C LEU M 204 7.61 35.50 -18.22
N ASN M 205 7.26 36.74 -17.89
CA ASN M 205 5.84 37.10 -17.81
C ASN M 205 5.18 37.03 -19.18
N LYS M 206 5.83 37.60 -20.18
CA LYS M 206 5.27 37.57 -21.52
C LYS M 206 5.18 36.15 -22.07
N TRP M 207 6.15 35.32 -21.72
CA TRP M 207 6.15 33.94 -22.19
C TRP M 207 4.90 33.21 -21.70
N GLU M 208 4.53 33.41 -20.44
CA GLU M 208 3.35 32.78 -19.89
C GLU M 208 2.10 33.33 -20.61
N ALA M 209 2.17 34.59 -21.03
CA ALA M 209 1.06 35.21 -21.75
C ALA M 209 0.90 34.54 -23.12
N TRP M 210 2.01 34.30 -23.80
CA TRP M 210 1.97 33.67 -25.11
C TRP M 210 1.33 32.29 -24.98
N LYS M 211 1.73 31.56 -23.94
CA LYS M 211 1.19 30.23 -23.69
C LYS M 211 -0.31 30.27 -23.49
N ARG M 212 -0.77 31.27 -22.74
CA ARG M 212 -2.20 31.41 -22.45
C ARG M 212 -3.02 31.97 -23.61
N LEU M 213 -2.35 32.31 -24.70
CA LEU M 213 -3.04 32.85 -25.88
C LEU M 213 -3.05 31.85 -27.03
N GLY M 214 -2.68 30.60 -26.73
CA GLY M 214 -2.68 29.56 -27.75
C GLY M 214 -1.57 29.60 -28.78
N THR M 215 -0.49 30.32 -28.47
CA THR M 215 0.65 30.43 -29.39
C THR M 215 1.23 29.06 -29.72
N LYS M 216 1.42 28.81 -31.01
CA LYS M 216 1.94 27.53 -31.48
C LYS M 216 3.44 27.31 -31.33
N ALA M 217 4.23 28.31 -31.70
CA ALA M 217 5.67 28.16 -31.63
C ALA M 217 6.40 29.50 -31.58
N SER M 218 7.72 29.42 -31.47
CA SER M 218 8.58 30.60 -31.40
C SER M 218 9.65 30.60 -32.50
N GLU M 219 9.80 31.75 -33.17
CA GLU M 219 10.80 31.89 -34.22
C GLU M 219 11.26 33.35 -34.25
N MET M 220 11.75 33.84 -35.38
CA MET M 220 12.25 35.21 -35.37
C MET M 220 11.99 36.17 -36.55
N GLU M 221 11.53 35.68 -37.70
CA GLU M 221 11.35 36.58 -38.83
C GLU M 221 9.95 36.95 -39.35
N SER M 222 8.94 36.14 -39.05
CA SER M 222 7.61 36.42 -39.57
C SER M 222 6.98 37.78 -39.24
N ALA M 223 7.15 38.25 -38.01
CA ALA M 223 6.57 39.53 -37.63
C ALA M 223 7.03 40.65 -38.57
N ALA M 224 8.34 40.75 -38.77
CA ALA M 224 8.90 41.78 -39.65
C ALA M 224 8.41 41.61 -41.09
N LEU M 225 8.44 40.38 -41.59
CA LEU M 225 8.01 40.10 -42.95
C LEU M 225 6.52 40.35 -43.17
N PHE M 226 5.67 39.94 -42.24
CA PHE M 226 4.24 40.15 -42.40
C PHE M 226 3.89 41.64 -42.40
N VAL M 227 4.47 42.39 -41.48
CA VAL M 227 4.19 43.82 -41.40
C VAL M 227 4.76 44.57 -42.60
N ALA M 228 5.99 44.26 -42.98
CA ALA M 228 6.61 44.91 -44.13
C ALA M 228 5.79 44.61 -45.38
N ALA M 229 5.24 43.40 -45.45
CA ALA M 229 4.43 43.00 -46.60
C ALA M 229 3.14 43.81 -46.67
N SER M 230 2.57 44.12 -45.50
CA SER M 230 1.35 44.90 -45.46
C SER M 230 1.62 46.30 -46.01
N HIS M 231 2.80 46.81 -45.70
CA HIS M 231 3.21 48.14 -46.17
C HIS M 231 3.53 48.13 -47.66
N LEU M 232 4.24 47.11 -48.12
CA LEU M 232 4.64 46.99 -49.51
C LEU M 232 3.53 46.52 -50.44
N GLY M 233 2.45 46.01 -49.87
CA GLY M 233 1.34 45.54 -50.69
C GLY M 233 1.63 44.21 -51.37
N VAL M 234 2.41 43.36 -50.73
CA VAL M 234 2.74 42.05 -51.28
C VAL M 234 2.17 40.96 -50.37
N ARG M 235 2.08 39.74 -50.91
CA ARG M 235 1.55 38.62 -50.14
C ARG M 235 2.68 37.83 -49.48
N CYS M 236 2.53 37.56 -48.19
CA CYS M 236 3.55 36.83 -47.46
C CYS M 236 2.95 35.83 -46.47
N GLY M 237 3.56 34.66 -46.41
CA GLY M 237 3.12 33.60 -45.52
C GLY M 237 4.35 32.89 -44.98
N SER M 238 4.19 31.98 -44.03
CA SER M 238 5.32 31.26 -43.46
C SER M 238 4.98 29.88 -42.92
N ASP M 239 5.91 28.95 -43.05
CA ASP M 239 5.74 27.59 -42.52
C ASP M 239 7.09 27.20 -41.93
N PHE M 240 7.07 26.38 -40.89
CA PHE M 240 8.31 25.98 -40.21
C PHE M 240 8.35 24.52 -39.81
N LEU M 241 9.57 24.04 -39.58
CA LEU M 241 9.77 22.69 -39.11
C LEU M 241 9.94 22.83 -37.59
N VAL M 242 9.19 22.07 -36.82
CA VAL M 242 9.32 22.14 -35.36
C VAL M 242 10.53 21.30 -34.98
N VAL M 243 11.55 21.93 -34.39
CA VAL M 243 12.76 21.21 -34.02
C VAL M 243 12.67 20.58 -32.63
N GLY M 244 11.72 21.06 -31.83
CA GLY M 244 11.54 20.56 -30.48
C GLY M 244 10.51 21.41 -29.75
N ASN M 245 10.25 21.10 -28.50
CA ASN M 245 9.27 21.85 -27.71
C ASN M 245 9.74 21.93 -26.26
N GLN M 246 10.20 23.13 -25.85
CA GLN M 246 10.71 23.33 -24.51
C GLN M 246 9.66 23.10 -23.43
N GLU M 247 8.40 23.40 -23.74
CA GLU M 247 7.34 23.27 -22.75
C GLU M 247 7.05 21.80 -22.47
N ARG M 248 7.17 20.96 -23.50
CA ARG M 248 6.96 19.52 -23.33
C ARG M 248 8.13 19.01 -22.48
N ASN M 249 9.32 19.51 -22.78
CA ASN M 249 10.52 19.12 -22.05
C ASN M 249 10.37 19.46 -20.56
N ALA M 250 9.95 20.69 -20.28
CA ALA M 250 9.77 21.14 -18.91
C ALA M 250 8.80 20.24 -18.14
N LEU M 251 7.90 19.57 -18.85
CA LEU M 251 6.93 18.70 -18.21
C LEU M 251 7.35 17.23 -18.30
N GLY M 252 8.54 16.98 -18.80
CA GLY M 252 9.03 15.62 -18.91
C GLY M 252 8.26 14.76 -19.90
N MET M 253 7.63 15.41 -20.88
CA MET M 253 6.86 14.71 -21.89
C MET M 253 7.78 14.34 -23.05
N ASP M 254 7.40 13.31 -23.81
CA ASP M 254 8.19 12.87 -24.96
C ASP M 254 8.50 14.09 -25.80
N ASN M 255 9.79 14.33 -26.07
CA ASN M 255 10.19 15.49 -26.84
C ASN M 255 11.20 15.19 -27.96
N PRO M 256 10.74 14.54 -29.03
CA PRO M 256 11.63 14.20 -30.15
C PRO M 256 12.15 15.45 -30.86
N MET M 257 13.43 15.45 -31.22
CA MET M 257 14.03 16.59 -31.90
C MET M 257 14.07 16.36 -33.41
N ALA M 258 14.03 17.44 -34.17
CA ALA M 258 14.06 17.34 -35.64
C ALA M 258 14.99 18.40 -36.21
N HIS M 259 15.59 18.10 -37.36
CA HIS M 259 16.52 19.03 -37.99
C HIS M 259 16.32 19.13 -39.50
N ASP M 260 15.76 18.09 -40.11
CA ASP M 260 15.55 18.07 -41.55
C ASP M 260 14.31 18.88 -41.94
N THR M 261 14.53 19.97 -42.66
CA THR M 261 13.44 20.84 -43.09
C THR M 261 12.76 20.39 -44.37
N GLU M 262 13.09 19.18 -44.83
CA GLU M 262 12.52 18.65 -46.06
C GLU M 262 11.00 18.82 -46.16
N ALA M 263 10.28 18.39 -45.13
CA ALA M 263 8.83 18.49 -45.11
C ALA M 263 8.34 19.93 -45.28
N ALA M 264 8.90 20.84 -44.50
CA ALA M 264 8.50 22.25 -44.58
C ALA M 264 8.71 22.80 -45.98
N ILE M 265 9.82 22.42 -46.60
CA ILE M 265 10.14 22.87 -47.95
C ILE M 265 9.11 22.30 -48.92
N GLN M 266 8.81 21.02 -48.74
CA GLN M 266 7.83 20.32 -49.57
C GLN M 266 6.51 21.10 -49.59
N VAL M 267 6.03 21.42 -48.39
CA VAL M 267 4.77 22.15 -48.26
C VAL M 267 4.82 23.52 -48.95
N ALA M 268 5.91 24.24 -48.76
CA ALA M 268 6.06 25.56 -49.36
C ALA M 268 6.06 25.49 -50.89
N VAL M 269 6.78 24.52 -51.46
CA VAL M 269 6.83 24.38 -52.90
C VAL M 269 5.47 24.07 -53.48
N GLU M 270 4.74 23.16 -52.83
CA GLU M 270 3.41 22.78 -53.29
C GLU M 270 2.50 24.00 -53.20
N ALA M 271 2.67 24.79 -52.14
CA ALA M 271 1.87 25.98 -51.95
C ALA M 271 2.10 26.95 -53.12
N LEU M 272 3.35 27.07 -53.56
CA LEU M 272 3.66 27.97 -54.67
C LEU M 272 2.98 27.50 -55.95
N ARG M 273 3.00 26.18 -56.18
CA ARG M 273 2.36 25.64 -57.38
C ARG M 273 0.89 26.05 -57.40
N THR M 274 0.25 25.98 -56.24
CA THR M 274 -1.15 26.35 -56.10
C THR M 274 -1.33 27.84 -56.38
N LEU M 275 -0.50 28.66 -55.77
CA LEU M 275 -0.57 30.11 -55.95
C LEU M 275 -0.32 30.48 -57.41
N ILE M 276 0.63 29.79 -58.05
CA ILE M 276 0.95 30.05 -59.45
C ILE M 276 -0.22 29.72 -60.36
N GLU M 277 -0.88 28.58 -60.10
CA GLU M 277 -2.00 28.18 -60.91
C GLU M 277 -3.20 29.13 -60.74
N ASN M 278 -3.48 29.51 -59.49
CA ASN M 278 -4.60 30.40 -59.23
C ASN M 278 -4.39 31.80 -59.77
N ASP M 279 -3.13 32.22 -59.90
CA ASP M 279 -2.84 33.55 -60.43
C ASP M 279 -2.96 33.53 -61.96
N GLY N 32 30.13 23.13 -25.15
CA GLY N 32 30.37 22.27 -26.34
C GLY N 32 30.28 23.02 -27.67
N LEU N 33 29.88 22.31 -28.72
CA LEU N 33 29.75 22.90 -30.05
C LEU N 33 28.56 23.86 -30.06
N GLN N 34 28.81 25.09 -30.50
CA GLN N 34 27.76 26.10 -30.56
C GLN N 34 26.88 25.89 -31.79
N TYR N 35 25.57 25.91 -31.56
CA TYR N 35 24.58 25.70 -32.61
C TYR N 35 24.69 26.58 -33.85
N HIS N 36 24.72 27.89 -33.66
CA HIS N 36 24.79 28.82 -34.78
C HIS N 36 26.18 29.04 -35.38
N LEU N 37 27.17 29.29 -34.53
CA LEU N 37 28.53 29.54 -34.98
C LEU N 37 29.30 28.28 -35.33
N GLN N 38 28.89 27.16 -34.76
CA GLN N 38 29.55 25.88 -35.00
C GLN N 38 31.01 25.92 -34.54
N ILE N 39 31.22 26.50 -33.36
CA ILE N 39 32.56 26.59 -32.78
C ILE N 39 32.56 25.91 -31.41
N ARG N 40 33.75 25.54 -30.95
CA ARG N 40 33.91 24.89 -29.66
C ARG N 40 34.95 25.64 -28.84
N PRO N 41 34.94 25.45 -27.51
CA PRO N 41 35.92 26.14 -26.68
C PRO N 41 37.33 25.81 -27.21
N GLY N 42 38.14 26.84 -27.39
CA GLY N 42 39.49 26.62 -27.90
C GLY N 42 39.63 26.99 -29.37
N ASP N 43 38.50 27.12 -30.06
CA ASP N 43 38.53 27.48 -31.47
C ASP N 43 38.79 28.96 -31.68
N VAL N 44 38.44 29.78 -30.69
CA VAL N 44 38.63 31.21 -30.79
C VAL N 44 39.46 31.78 -29.64
N GLY N 45 40.07 32.93 -29.87
CA GLY N 45 40.87 33.56 -28.84
C GLY N 45 40.01 34.44 -27.96
N ARG N 46 40.64 35.12 -27.01
CA ARG N 46 39.92 36.01 -26.09
C ARG N 46 39.50 37.30 -26.79
N TYR N 47 40.24 37.65 -27.85
CA TYR N 47 39.99 38.87 -28.61
C TYR N 47 39.36 38.55 -29.95
N VAL N 48 38.22 39.19 -30.24
CA VAL N 48 37.52 38.93 -31.49
C VAL N 48 37.05 40.20 -32.19
N ILE N 49 37.29 40.26 -33.49
CA ILE N 49 36.85 41.38 -34.32
C ILE N 49 35.57 40.89 -34.97
N MET N 50 34.55 41.76 -35.00
CA MET N 50 33.27 41.37 -35.56
C MET N 50 32.71 42.23 -36.67
N PRO N 51 32.95 41.84 -37.93
CA PRO N 51 32.42 42.62 -39.06
C PRO N 51 31.00 42.11 -39.33
N GLY N 52 30.21 42.88 -40.07
CA GLY N 52 28.85 42.47 -40.36
C GLY N 52 28.79 41.47 -41.50
N ASP N 53 29.56 41.74 -42.55
CA ASP N 53 29.57 40.88 -43.73
C ASP N 53 30.57 39.72 -43.63
N PRO N 54 30.08 38.48 -43.75
CA PRO N 54 30.95 37.29 -43.67
C PRO N 54 32.06 37.28 -44.71
N LYS N 55 31.86 37.97 -45.82
CA LYS N 55 32.85 38.04 -46.88
C LYS N 55 34.02 38.97 -46.52
N ARG N 56 33.88 39.69 -45.42
CA ARG N 56 34.91 40.61 -44.97
C ARG N 56 35.88 39.95 -43.99
N CYS N 57 35.53 38.75 -43.53
CA CYS N 57 36.37 38.02 -42.59
C CYS N 57 37.72 37.61 -43.15
N ALA N 58 37.74 37.07 -44.36
CA ALA N 58 38.99 36.65 -44.97
C ALA N 58 39.90 37.87 -45.10
N LYS N 59 39.30 39.02 -45.36
CA LYS N 59 40.03 40.28 -45.50
C LYS N 59 40.72 40.62 -44.19
N ILE N 60 39.95 40.64 -43.11
CA ILE N 60 40.47 40.97 -41.79
C ILE N 60 41.51 39.93 -41.33
N ALA N 61 41.25 38.67 -41.62
CA ALA N 61 42.13 37.58 -41.21
C ALA N 61 43.56 37.75 -41.70
N GLU N 62 43.73 38.44 -42.83
CA GLU N 62 45.07 38.65 -43.37
C GLU N 62 45.91 39.49 -42.42
N HIS N 63 45.25 40.28 -41.58
CA HIS N 63 45.95 41.14 -40.64
C HIS N 63 46.52 40.35 -39.46
N PHE N 64 46.04 39.13 -39.27
CA PHE N 64 46.54 38.28 -38.19
C PHE N 64 47.68 37.44 -38.76
N ASP N 65 48.37 36.71 -37.89
CA ASP N 65 49.45 35.85 -38.33
C ASP N 65 48.91 34.43 -38.45
N ASN N 66 49.16 33.79 -39.59
CA ASN N 66 48.74 32.42 -39.84
C ASN N 66 47.27 32.15 -39.53
N ALA N 67 46.38 33.02 -39.99
CA ALA N 67 44.96 32.82 -39.74
C ALA N 67 44.41 31.66 -40.57
N VAL N 68 43.50 30.90 -39.99
CA VAL N 68 42.89 29.77 -40.69
C VAL N 68 41.39 29.76 -40.45
N LEU N 69 40.64 29.27 -41.42
CA LEU N 69 39.19 29.18 -41.32
C LEU N 69 38.83 28.15 -40.27
N VAL N 70 37.97 28.53 -39.33
CA VAL N 70 37.55 27.64 -38.26
C VAL N 70 36.15 27.09 -38.50
N ALA N 71 35.27 27.94 -39.02
CA ALA N 71 33.92 27.51 -39.30
C ALA N 71 33.20 28.47 -40.24
N ASP N 72 32.20 27.94 -40.95
CA ASP N 72 31.40 28.70 -41.88
C ASP N 72 29.98 28.16 -41.74
N SER N 73 29.24 28.69 -40.79
CA SER N 73 27.87 28.27 -40.52
C SER N 73 26.90 29.44 -40.66
N ARG N 74 25.84 29.26 -41.45
CA ARG N 74 24.87 30.32 -41.67
C ARG N 74 25.62 31.58 -42.11
N GLU N 75 25.33 32.73 -41.49
CA GLU N 75 26.01 33.96 -41.86
C GLU N 75 27.25 34.18 -41.01
N TYR N 76 27.67 33.13 -40.30
CA TYR N 76 28.82 33.22 -39.42
C TYR N 76 30.08 32.53 -39.92
N VAL N 77 31.07 33.35 -40.30
CA VAL N 77 32.34 32.83 -40.76
C VAL N 77 33.36 33.21 -39.69
N THR N 78 34.16 32.23 -39.26
CA THR N 78 35.16 32.47 -38.22
C THR N 78 36.57 32.03 -38.60
N TYR N 79 37.52 32.94 -38.40
CA TYR N 79 38.94 32.70 -38.66
C TYR N 79 39.67 32.93 -37.33
N THR N 80 40.75 32.18 -37.12
CA THR N 80 41.52 32.33 -35.89
C THR N 80 43.01 32.27 -36.23
N GLY N 81 43.76 33.21 -35.69
CA GLY N 81 45.20 33.27 -35.92
C GLY N 81 45.82 33.86 -34.68
N THR N 82 46.94 34.56 -34.83
CA THR N 82 47.58 35.17 -33.67
C THR N 82 48.00 36.60 -33.97
N LEU N 83 48.14 37.38 -32.92
CA LEU N 83 48.56 38.76 -33.01
C LEU N 83 49.50 38.92 -31.84
N ASN N 84 50.77 39.19 -32.13
CA ASN N 84 51.77 39.33 -31.08
C ASN N 84 51.79 38.07 -30.21
N GLY N 85 51.64 36.93 -30.86
CA GLY N 85 51.66 35.65 -30.15
C GLY N 85 50.40 35.25 -29.41
N GLU N 86 49.42 36.16 -29.33
CA GLU N 86 48.17 35.88 -28.64
C GLU N 86 47.11 35.46 -29.64
N LYS N 87 46.32 34.44 -29.27
CA LYS N 87 45.27 33.95 -30.14
C LYS N 87 44.16 34.97 -30.30
N VAL N 88 43.78 35.25 -31.54
CA VAL N 88 42.72 36.21 -31.84
C VAL N 88 41.86 35.65 -32.95
N SER N 89 40.64 36.18 -33.08
CA SER N 89 39.74 35.70 -34.10
C SER N 89 38.89 36.81 -34.72
N VAL N 90 38.26 36.49 -35.85
CA VAL N 90 37.36 37.40 -36.54
C VAL N 90 36.13 36.57 -36.90
N THR N 91 34.97 37.03 -36.45
CA THR N 91 33.71 36.34 -36.68
C THR N 91 32.65 37.32 -37.19
N SER N 92 32.04 37.00 -38.34
CA SER N 92 31.01 37.87 -38.89
C SER N 92 29.73 37.73 -38.06
N THR N 93 28.91 38.77 -38.06
CA THR N 93 27.67 38.77 -37.28
C THR N 93 26.41 38.82 -38.14
N GLY N 94 26.58 39.18 -39.40
CA GLY N 94 25.42 39.31 -40.26
C GLY N 94 24.83 40.67 -39.94
N ILE N 95 23.76 41.06 -40.64
CA ILE N 95 23.13 42.35 -40.39
C ILE N 95 22.09 42.30 -39.28
N GLY N 96 22.18 43.23 -38.33
CA GLY N 96 21.19 43.28 -37.26
C GLY N 96 21.58 42.78 -35.88
N GLY N 97 20.95 43.37 -34.87
CA GLY N 97 21.20 42.97 -33.49
C GLY N 97 20.88 41.52 -33.22
N PRO N 98 19.82 40.96 -33.84
CA PRO N 98 19.48 39.55 -33.58
C PRO N 98 20.62 38.57 -33.89
N SER N 99 21.19 38.67 -35.08
CA SER N 99 22.28 37.78 -35.47
C SER N 99 23.58 38.12 -34.74
N ALA N 100 23.78 39.40 -34.43
CA ALA N 100 24.98 39.83 -33.73
C ALA N 100 25.00 39.35 -32.27
N SER N 101 23.85 39.46 -31.59
CA SER N 101 23.79 39.02 -30.19
C SER N 101 24.09 37.53 -30.07
N ILE N 102 23.62 36.75 -31.05
CA ILE N 102 23.87 35.31 -31.04
C ILE N 102 25.37 35.07 -31.12
N ALA N 103 26.04 35.79 -32.02
CA ALA N 103 27.48 35.64 -32.18
C ALA N 103 28.22 35.95 -30.88
N MET N 104 27.87 37.05 -30.22
CA MET N 104 28.52 37.40 -28.97
C MET N 104 28.29 36.35 -27.89
N GLU N 105 27.05 35.86 -27.79
CA GLU N 105 26.71 34.87 -26.77
C GLU N 105 27.54 33.59 -26.94
N GLU N 106 27.58 33.06 -28.16
CA GLU N 106 28.30 31.82 -28.42
C GLU N 106 29.81 31.97 -28.35
N LEU N 107 30.32 33.13 -28.78
CA LEU N 107 31.77 33.36 -28.72
C LEU N 107 32.17 33.45 -27.24
N LYS N 108 31.36 34.16 -26.46
CA LYS N 108 31.61 34.32 -25.04
C LYS N 108 31.63 32.96 -24.36
N LEU N 109 30.70 32.09 -24.74
CA LEU N 109 30.65 30.75 -24.15
C LEU N 109 31.91 29.96 -24.49
N CYS N 110 32.55 30.31 -25.58
CA CYS N 110 33.77 29.62 -26.01
C CYS N 110 35.07 30.24 -25.50
N GLY N 111 34.96 31.29 -24.68
CA GLY N 111 36.16 31.92 -24.14
C GLY N 111 36.45 33.36 -24.52
N ALA N 112 35.70 33.94 -25.46
CA ALA N 112 35.94 35.32 -25.86
C ALA N 112 35.48 36.31 -24.78
N ASP N 113 36.25 37.37 -24.58
CA ASP N 113 35.89 38.36 -23.56
C ASP N 113 36.15 39.80 -23.96
N THR N 114 36.75 39.99 -25.14
CA THR N 114 37.03 41.34 -25.64
C THR N 114 36.63 41.39 -27.11
N PHE N 115 35.64 42.22 -27.41
CA PHE N 115 35.12 42.32 -28.76
C PHE N 115 35.21 43.70 -29.38
N ILE N 116 35.46 43.76 -30.69
CA ILE N 116 35.50 45.02 -31.41
C ILE N 116 34.74 44.87 -32.72
N ARG N 117 33.60 45.55 -32.83
CA ARG N 117 32.84 45.49 -34.06
C ARG N 117 33.47 46.46 -35.06
N VAL N 118 33.60 46.00 -36.31
CA VAL N 118 34.17 46.80 -37.37
C VAL N 118 33.21 46.77 -38.55
N GLY N 119 32.55 47.90 -38.80
CA GLY N 119 31.61 47.92 -39.91
C GLY N 119 31.63 49.19 -40.71
N THR N 120 30.47 49.50 -41.30
CA THR N 120 30.30 50.69 -42.11
C THR N 120 29.17 51.50 -41.47
N CYS N 121 29.11 52.78 -41.79
CA CYS N 121 28.07 53.64 -41.24
C CYS N 121 27.81 54.83 -42.13
N GLY N 122 26.65 55.47 -41.91
CA GLY N 122 26.28 56.64 -42.67
C GLY N 122 26.39 57.85 -41.75
N GLY N 123 27.11 58.87 -42.20
CA GLY N 123 27.28 60.05 -41.37
C GLY N 123 26.01 60.86 -41.14
N ILE N 124 25.94 61.49 -39.97
CA ILE N 124 24.81 62.34 -39.61
C ILE N 124 25.42 63.71 -39.36
N GLU N 125 26.32 63.77 -38.39
CA GLU N 125 27.03 64.99 -38.04
C GLU N 125 27.65 65.48 -39.35
N LEU N 126 27.51 66.77 -39.65
CA LEU N 126 28.04 67.30 -40.90
C LEU N 126 29.55 67.19 -41.08
N ASP N 127 30.28 67.07 -39.97
CA ASP N 127 31.73 66.95 -40.02
C ASP N 127 32.18 65.53 -40.36
N VAL N 128 31.25 64.58 -40.27
CA VAL N 128 31.55 63.19 -40.57
C VAL N 128 31.37 62.94 -42.07
N LYS N 129 32.48 62.81 -42.79
CA LYS N 129 32.44 62.58 -44.22
C LYS N 129 32.98 61.22 -44.64
N GLY N 130 32.60 60.79 -45.84
CA GLY N 130 33.05 59.51 -46.35
C GLY N 130 34.55 59.36 -46.24
N GLY N 131 35.01 58.16 -45.92
CA GLY N 131 36.44 57.93 -45.78
C GLY N 131 36.89 58.05 -44.34
N ASP N 132 36.17 58.85 -43.57
CA ASP N 132 36.48 59.06 -42.15
C ASP N 132 36.14 57.81 -41.35
N ILE N 133 36.67 57.75 -40.13
CA ILE N 133 36.41 56.63 -39.23
C ILE N 133 35.63 57.15 -38.03
N VAL N 134 34.64 56.37 -37.61
CA VAL N 134 33.83 56.74 -36.45
C VAL N 134 34.04 55.69 -35.36
N ILE N 135 34.21 56.16 -34.13
CA ILE N 135 34.39 55.28 -32.98
C ILE N 135 33.20 55.52 -32.05
N ALA N 136 32.42 54.47 -31.81
CA ALA N 136 31.24 54.59 -30.97
C ALA N 136 31.52 54.60 -29.47
N THR N 137 31.15 55.69 -28.82
CA THR N 137 31.34 55.81 -27.37
C THR N 137 30.07 55.25 -26.73
N GLY N 138 28.99 55.27 -27.51
CA GLY N 138 27.70 54.79 -27.06
C GLY N 138 26.80 54.62 -28.27
N ALA N 139 25.60 54.08 -28.06
CA ALA N 139 24.67 53.87 -29.17
C ALA N 139 23.22 54.14 -28.78
N ILE N 140 22.46 54.62 -29.75
CA ILE N 140 21.05 54.90 -29.56
C ILE N 140 20.29 53.59 -29.74
N ARG N 141 19.62 53.16 -28.68
CA ARG N 141 18.89 51.89 -28.67
C ARG N 141 17.54 51.89 -29.37
N MET N 142 17.50 52.32 -30.62
CA MET N 142 16.25 52.32 -31.37
C MET N 142 16.15 51.00 -32.12
N GLU N 143 16.22 49.91 -31.37
CA GLU N 143 16.14 48.56 -31.93
C GLU N 143 15.57 47.64 -30.87
N GLY N 144 15.16 46.45 -31.27
CA GLY N 144 14.55 45.54 -30.32
C GLY N 144 15.42 44.57 -29.53
N THR N 145 16.54 44.15 -30.09
CA THR N 145 17.39 43.19 -29.40
C THR N 145 17.81 43.62 -27.99
N SER N 146 18.34 44.83 -27.85
CA SER N 146 18.78 45.29 -26.54
C SER N 146 17.64 45.28 -25.52
N LYS N 147 16.42 45.53 -25.98
CA LYS N 147 15.27 45.57 -25.09
C LYS N 147 14.93 44.21 -24.49
N GLU N 148 15.50 43.14 -25.06
CA GLU N 148 15.27 41.80 -24.55
C GLU N 148 16.41 41.39 -23.64
N TYR N 149 17.35 42.32 -23.44
CA TYR N 149 18.48 42.13 -22.55
C TYR N 149 18.35 43.07 -21.35
N ALA N 150 18.10 44.35 -21.63
CA ALA N 150 17.99 45.33 -20.56
C ALA N 150 16.85 46.32 -20.71
N PRO N 151 16.39 46.89 -19.58
CA PRO N 151 15.30 47.87 -19.60
C PRO N 151 15.84 49.00 -20.49
N ILE N 152 14.97 49.63 -21.28
CA ILE N 152 15.41 50.69 -22.19
C ILE N 152 16.19 51.85 -21.56
N GLU N 153 16.00 52.10 -20.26
CA GLU N 153 16.71 53.20 -19.61
C GLU N 153 18.22 52.98 -19.50
N PHE N 154 18.66 51.73 -19.58
CA PHE N 154 20.08 51.41 -19.49
C PHE N 154 20.81 51.92 -20.72
N PRO N 155 21.94 52.63 -20.52
CA PRO N 155 22.69 53.16 -21.65
C PRO N 155 23.52 52.13 -22.41
N ALA N 156 23.51 52.21 -23.72
CA ALA N 156 24.32 51.32 -24.54
C ALA N 156 25.65 52.06 -24.60
N VAL N 157 26.57 51.69 -23.73
CA VAL N 157 27.86 52.36 -23.66
C VAL N 157 29.03 51.41 -23.93
N ALA N 158 29.98 51.86 -24.74
CA ALA N 158 31.15 51.04 -25.07
C ALA N 158 32.14 50.99 -23.91
N ASP N 159 32.92 49.92 -23.85
CA ASP N 159 33.92 49.78 -22.79
C ASP N 159 34.93 50.92 -22.93
N LEU N 160 35.30 51.52 -21.81
CA LEU N 160 36.24 52.64 -21.81
C LEU N 160 37.64 52.29 -22.33
N GLU N 161 38.15 51.11 -21.95
CA GLU N 161 39.47 50.70 -22.39
C GLU N 161 39.52 50.46 -23.90
N VAL N 162 38.49 49.81 -24.43
CA VAL N 162 38.44 49.54 -25.86
C VAL N 162 38.32 50.83 -26.65
N THR N 163 37.44 51.72 -26.20
CA THR N 163 37.24 53.00 -26.86
C THR N 163 38.54 53.81 -26.90
N ASN N 164 39.25 53.89 -25.79
CA ASN N 164 40.51 54.63 -25.75
C ASN N 164 41.55 53.98 -26.67
N ALA N 165 41.59 52.66 -26.68
CA ALA N 165 42.52 51.94 -27.53
C ALA N 165 42.25 52.29 -28.98
N LEU N 166 40.98 52.37 -29.34
CA LEU N 166 40.58 52.70 -30.70
C LEU N 166 40.94 54.14 -31.06
N VAL N 167 40.65 55.05 -30.15
CA VAL N 167 40.95 56.47 -30.36
C VAL N 167 42.44 56.66 -30.57
N ASN N 168 43.24 56.09 -29.68
CA ASN N 168 44.69 56.21 -29.77
C ASN N 168 45.22 55.55 -31.05
N ALA N 169 44.60 54.45 -31.45
CA ALA N 169 45.02 53.73 -32.65
C ALA N 169 44.83 54.59 -33.90
N ALA N 170 43.65 55.18 -34.03
CA ALA N 170 43.35 56.03 -35.19
C ALA N 170 44.32 57.21 -35.24
N LYS N 171 44.65 57.74 -34.07
CA LYS N 171 45.57 58.87 -33.98
C LYS N 171 46.96 58.43 -34.44
N LYS N 172 47.42 57.31 -33.91
CA LYS N 172 48.73 56.77 -34.28
C LYS N 172 48.81 56.49 -35.77
N LEU N 173 47.74 55.96 -36.34
CA LEU N 173 47.70 55.63 -37.77
C LEU N 173 47.45 56.84 -38.66
N GLY N 174 47.12 57.98 -38.07
CA GLY N 174 46.89 59.18 -38.85
C GLY N 174 45.56 59.30 -39.55
N TYR N 175 44.57 58.52 -39.10
CA TYR N 175 43.24 58.57 -39.71
C TYR N 175 42.35 59.60 -39.02
N THR N 176 41.57 60.34 -39.79
CA THR N 176 40.66 61.31 -39.22
C THR N 176 39.51 60.52 -38.61
N SER N 177 39.31 60.67 -37.30
CA SER N 177 38.25 59.94 -36.63
C SER N 177 37.32 60.82 -35.83
N HIS N 178 36.14 60.30 -35.53
CA HIS N 178 35.13 61.01 -34.76
C HIS N 178 34.65 60.07 -33.67
N ALA N 179 34.87 60.45 -32.40
CA ALA N 179 34.44 59.61 -31.29
C ALA N 179 33.14 60.15 -30.71
N GLY N 180 32.07 59.36 -30.80
CA GLY N 180 30.80 59.82 -30.27
C GLY N 180 29.70 58.78 -30.36
N VAL N 181 28.47 59.24 -30.15
CA VAL N 181 27.32 58.35 -30.19
C VAL N 181 26.85 58.04 -31.62
N VAL N 182 26.49 56.77 -31.85
CA VAL N 182 26.00 56.35 -33.15
C VAL N 182 24.56 55.89 -32.98
N GLN N 183 23.75 56.10 -34.00
CA GLN N 183 22.36 55.66 -33.94
C GLN N 183 22.28 54.24 -34.46
N CYS N 184 21.55 53.38 -33.74
CA CYS N 184 21.34 52.02 -34.21
C CYS N 184 19.88 51.93 -34.57
N LYS N 185 19.55 51.00 -35.45
CA LYS N 185 18.18 50.84 -35.91
C LYS N 185 17.99 49.40 -36.38
N ASP N 186 16.74 49.01 -36.56
CA ASP N 186 16.44 47.66 -37.04
C ASP N 186 16.03 47.69 -38.51
N ALA N 187 15.48 48.81 -38.96
CA ALA N 187 15.04 48.94 -40.35
C ALA N 187 15.98 49.81 -41.16
N PHE N 188 16.79 49.17 -42.00
CA PHE N 188 17.73 49.89 -42.85
C PHE N 188 16.99 50.86 -43.76
N TYR N 189 15.89 50.40 -44.36
CA TYR N 189 15.13 51.27 -45.26
C TYR N 189 14.32 52.35 -44.57
N GLY N 190 14.43 52.41 -43.25
CA GLY N 190 13.73 53.45 -42.51
C GLY N 190 14.67 54.62 -42.36
N GLN N 191 15.96 54.36 -42.57
CA GLN N 191 16.99 55.40 -42.45
C GLN N 191 17.06 56.29 -43.68
N HIS N 192 17.00 55.68 -44.86
CA HIS N 192 17.10 56.42 -46.11
C HIS N 192 15.76 56.88 -46.68
N GLU N 193 14.73 56.05 -46.54
CA GLU N 193 13.41 56.42 -47.07
C GLU N 193 12.34 56.45 -45.96
N PRO N 194 12.58 57.23 -44.90
CA PRO N 194 11.60 57.30 -43.82
C PRO N 194 10.25 57.91 -44.24
N GLU N 195 10.29 58.84 -45.18
CA GLU N 195 9.07 59.50 -45.65
C GLU N 195 8.02 58.51 -46.17
N ARG N 196 8.48 57.40 -46.74
CA ARG N 196 7.57 56.41 -47.29
C ARG N 196 6.89 55.51 -46.25
N MET N 197 7.55 55.33 -45.12
CA MET N 197 7.04 54.46 -44.05
C MET N 197 5.72 54.86 -43.40
N PRO N 198 4.93 53.87 -42.96
CA PRO N 198 3.65 54.18 -42.32
C PRO N 198 3.92 55.00 -41.06
N VAL N 199 5.06 54.72 -40.40
CA VAL N 199 5.44 55.45 -39.19
C VAL N 199 6.48 56.53 -39.50
N SER N 200 6.38 57.10 -40.69
CA SER N 200 7.29 58.16 -41.13
C SER N 200 7.41 59.29 -40.10
N TYR N 201 6.28 59.68 -39.52
CA TYR N 201 6.27 60.75 -38.53
C TYR N 201 7.25 60.47 -37.39
N GLU N 202 7.24 59.23 -36.90
CA GLU N 202 8.10 58.82 -35.80
C GLU N 202 9.58 58.80 -36.19
N LEU N 203 9.88 58.19 -37.33
CA LEU N 203 11.25 58.11 -37.82
C LEU N 203 11.84 59.49 -38.06
N LEU N 204 11.06 60.36 -38.71
CA LEU N 204 11.51 61.71 -39.02
C LEU N 204 11.72 62.55 -37.76
N ASN N 205 10.81 62.44 -36.80
CA ASN N 205 10.94 63.20 -35.56
C ASN N 205 12.18 62.75 -34.79
N LYS N 206 12.34 61.44 -34.63
CA LYS N 206 13.49 60.92 -33.91
C LYS N 206 14.80 61.25 -34.62
N TRP N 207 14.79 61.26 -35.94
CA TRP N 207 15.99 61.55 -36.71
C TRP N 207 16.45 62.98 -36.40
N GLU N 208 15.50 63.92 -36.35
CA GLU N 208 15.85 65.30 -36.05
C GLU N 208 16.40 65.37 -34.63
N ALA N 209 15.84 64.54 -33.75
CA ALA N 209 16.33 64.51 -32.37
C ALA N 209 17.78 64.03 -32.34
N TRP N 210 18.09 62.95 -33.07
CA TRP N 210 19.46 62.43 -33.09
C TRP N 210 20.42 63.52 -33.55
N LYS N 211 20.00 64.30 -34.55
CA LYS N 211 20.83 65.38 -35.08
C LYS N 211 21.11 66.45 -34.03
N ARG N 212 20.09 66.77 -33.23
CA ARG N 212 20.20 67.78 -32.19
C ARG N 212 20.91 67.29 -30.94
N LEU N 213 21.33 66.03 -30.95
CA LEU N 213 22.03 65.46 -29.81
C LEU N 213 23.49 65.17 -30.14
N GLY N 214 23.94 65.67 -31.29
CA GLY N 214 25.33 65.50 -31.70
C GLY N 214 25.71 64.12 -32.20
N THR N 215 24.71 63.30 -32.52
CA THR N 215 24.96 61.94 -33.02
C THR N 215 25.87 61.97 -34.24
N LYS N 216 26.89 61.13 -34.23
CA LYS N 216 27.88 61.08 -35.31
C LYS N 216 27.47 60.35 -36.60
N ALA N 217 26.91 59.15 -36.45
CA ALA N 217 26.55 58.37 -37.63
C ALA N 217 25.46 57.36 -37.32
N SER N 218 25.05 56.64 -38.36
CA SER N 218 24.01 55.63 -38.24
C SER N 218 24.48 54.25 -38.70
N GLU N 219 24.22 53.24 -37.89
CA GLU N 219 24.56 51.86 -38.23
C GLU N 219 23.52 50.92 -37.63
N MET N 220 23.87 49.67 -37.35
CA MET N 220 22.85 48.75 -36.84
C MET N 220 23.16 47.73 -35.74
N GLU N 221 24.42 47.48 -35.41
CA GLU N 221 24.68 46.45 -34.39
C GLU N 221 25.24 46.84 -33.02
N SER N 222 25.85 48.01 -32.90
CA SER N 222 26.46 48.40 -31.63
C SER N 222 25.56 48.43 -30.39
N ALA N 223 24.32 48.90 -30.55
CA ALA N 223 23.43 48.97 -29.41
C ALA N 223 23.24 47.59 -28.78
N ALA N 224 22.98 46.59 -29.63
CA ALA N 224 22.79 45.22 -29.16
C ALA N 224 24.05 44.67 -28.53
N LEU N 225 25.19 44.88 -29.18
CA LEU N 225 26.47 44.38 -28.67
C LEU N 225 26.89 45.02 -27.36
N PHE N 226 26.72 46.34 -27.25
CA PHE N 226 27.10 47.04 -26.02
C PHE N 226 26.28 46.58 -24.81
N VAL N 227 24.96 46.47 -24.99
CA VAL N 227 24.08 46.05 -23.91
C VAL N 227 24.33 44.60 -23.52
N ALA N 228 24.47 43.72 -24.52
CA ALA N 228 24.73 42.32 -24.24
C ALA N 228 26.06 42.19 -23.50
N ALA N 229 27.05 42.99 -23.90
CA ALA N 229 28.37 42.95 -23.26
C ALA N 229 28.28 43.38 -21.79
N SER N 230 27.44 44.36 -21.50
CA SER N 230 27.28 44.82 -20.12
C SER N 230 26.73 43.68 -19.29
N HIS N 231 25.81 42.93 -19.87
CA HIS N 231 25.19 41.81 -19.18
C HIS N 231 26.15 40.63 -19.01
N LEU N 232 26.83 40.27 -20.10
CA LEU N 232 27.76 39.14 -20.09
C LEU N 232 29.08 39.42 -19.37
N GLY N 233 29.31 40.68 -19.03
CA GLY N 233 30.54 41.04 -18.33
C GLY N 233 31.79 41.05 -19.21
N VAL N 234 31.63 41.37 -20.49
CA VAL N 234 32.76 41.42 -21.40
C VAL N 234 32.96 42.84 -21.92
N ARG N 235 34.11 43.09 -22.54
CA ARG N 235 34.43 44.41 -23.08
C ARG N 235 34.12 44.49 -24.57
N CYS N 236 33.36 45.51 -24.96
CA CYS N 236 33.01 45.67 -26.37
C CYS N 236 33.16 47.11 -26.84
N GLY N 237 33.69 47.27 -28.05
CA GLY N 237 33.87 48.58 -28.63
C GLY N 237 33.54 48.50 -30.11
N SER N 238 33.54 49.63 -30.80
CA SER N 238 33.23 49.65 -32.22
C SER N 238 33.82 50.83 -32.96
N ASP N 239 34.20 50.60 -34.21
CA ASP N 239 34.72 51.65 -35.08
C ASP N 239 34.16 51.33 -36.46
N PHE N 240 33.91 52.36 -37.27
CA PHE N 240 33.33 52.15 -38.59
C PHE N 240 33.93 53.04 -39.65
N LEU N 241 33.77 52.61 -40.90
CA LEU N 241 34.22 53.38 -42.05
C LEU N 241 32.99 54.15 -42.51
N VAL N 242 33.11 55.46 -42.66
CA VAL N 242 31.99 56.28 -43.11
C VAL N 242 31.86 56.13 -44.62
N VAL N 243 30.75 55.58 -45.07
CA VAL N 243 30.52 55.35 -46.50
C VAL N 243 29.89 56.56 -47.20
N GLY N 244 29.31 57.45 -46.41
CA GLY N 244 28.69 58.64 -46.96
C GLY N 244 27.97 59.42 -45.87
N ASN N 245 27.33 60.52 -46.24
CA ASN N 245 26.62 61.36 -45.27
C ASN N 245 25.40 61.98 -45.97
N GLN N 246 24.22 61.43 -45.68
CA GLN N 246 22.98 61.90 -46.30
C GLN N 246 22.69 63.36 -45.97
N GLU N 247 23.09 63.81 -44.79
CA GLU N 247 22.81 65.18 -44.37
C GLU N 247 23.62 66.16 -45.20
N ARG N 248 24.83 65.76 -45.58
CA ARG N 248 25.69 66.62 -46.39
C ARG N 248 25.10 66.67 -47.80
N ASN N 249 24.64 65.52 -48.28
CA ASN N 249 24.05 65.42 -49.61
C ASN N 249 22.81 66.29 -49.69
N ALA N 250 22.02 66.29 -48.63
CA ALA N 250 20.79 67.07 -48.57
C ALA N 250 21.08 68.56 -48.73
N LEU N 251 22.18 69.01 -48.14
CA LEU N 251 22.58 70.42 -48.20
C LEU N 251 23.48 70.71 -49.40
N GLY N 252 23.51 69.79 -50.35
CA GLY N 252 24.33 69.98 -51.54
C GLY N 252 25.82 70.06 -51.28
N MET N 253 26.24 69.73 -50.07
CA MET N 253 27.66 69.77 -49.72
C MET N 253 28.39 68.60 -50.37
N ASP N 254 29.72 68.70 -50.46
CA ASP N 254 30.51 67.63 -51.04
C ASP N 254 30.31 66.38 -50.20
N ASN N 255 29.87 65.31 -50.85
CA ASN N 255 29.62 64.04 -50.15
C ASN N 255 30.24 62.85 -50.87
N PRO N 256 31.57 62.68 -50.72
CA PRO N 256 32.28 61.56 -51.37
C PRO N 256 31.96 60.23 -50.71
N MET N 257 31.72 59.20 -51.52
CA MET N 257 31.41 57.88 -50.98
C MET N 257 32.64 57.00 -50.92
N ALA N 258 32.65 56.06 -49.98
CA ALA N 258 33.77 55.14 -49.80
C ALA N 258 33.25 53.73 -49.59
N HIS N 259 34.13 52.74 -49.64
CA HIS N 259 33.73 51.35 -49.46
C HIS N 259 34.80 50.49 -48.79
N ASP N 260 36.06 50.82 -49.05
CA ASP N 260 37.18 50.07 -48.49
C ASP N 260 37.29 50.27 -46.98
N THR N 261 37.08 49.20 -46.22
CA THR N 261 37.14 49.26 -44.76
C THR N 261 38.53 48.99 -44.19
N GLU N 262 39.54 48.99 -45.04
CA GLU N 262 40.91 48.73 -44.59
C GLU N 262 41.30 49.62 -43.42
N ALA N 263 41.02 50.92 -43.54
CA ALA N 263 41.36 51.87 -42.48
C ALA N 263 40.71 51.47 -41.17
N ALA N 264 39.40 51.21 -41.21
CA ALA N 264 38.68 50.83 -40.01
C ALA N 264 39.26 49.54 -39.43
N ILE N 265 39.62 48.62 -40.32
CA ILE N 265 40.20 47.35 -39.91
C ILE N 265 41.57 47.57 -39.26
N GLN N 266 42.41 48.38 -39.88
CA GLN N 266 43.75 48.65 -39.34
C GLN N 266 43.66 49.23 -37.93
N VAL N 267 42.69 50.13 -37.72
CA VAL N 267 42.48 50.75 -36.41
C VAL N 267 42.07 49.69 -35.39
N ALA N 268 41.18 48.79 -35.78
CA ALA N 268 40.72 47.75 -34.88
C ALA N 268 41.87 46.82 -34.49
N VAL N 269 42.69 46.44 -35.47
CA VAL N 269 43.81 45.55 -35.20
C VAL N 269 44.84 46.18 -34.26
N GLU N 270 45.18 47.45 -34.51
CA GLU N 270 46.13 48.15 -33.65
C GLU N 270 45.56 48.23 -32.23
N ALA N 271 44.25 48.49 -32.14
CA ALA N 271 43.59 48.58 -30.84
C ALA N 271 43.76 47.26 -30.09
N LEU N 272 43.57 46.14 -30.80
CA LEU N 272 43.72 44.84 -30.17
C LEU N 272 45.13 44.66 -29.63
N ARG N 273 46.12 45.01 -30.45
CA ARG N 273 47.51 44.89 -30.02
C ARG N 273 47.72 45.63 -28.71
N THR N 274 47.14 46.84 -28.62
CA THR N 274 47.25 47.66 -27.41
C THR N 274 46.58 46.95 -26.23
N LEU N 275 45.38 46.43 -26.47
CA LEU N 275 44.63 45.75 -25.43
C LEU N 275 45.35 44.48 -24.98
N ILE N 276 45.88 43.74 -25.94
CA ILE N 276 46.58 42.50 -25.64
C ILE N 276 47.77 42.75 -24.70
N GLU N 277 48.63 43.70 -25.04
CA GLU N 277 49.78 43.98 -24.21
C GLU N 277 49.40 44.56 -22.85
N ASN N 278 48.41 45.44 -22.82
CA ASN N 278 47.98 46.04 -21.56
C ASN N 278 47.39 45.00 -20.60
N ASP N 279 46.75 43.97 -21.14
CA ASP N 279 46.15 42.94 -20.30
C ASP N 279 47.17 42.10 -19.53
N LYS N 280 48.44 42.23 -19.90
CA LYS N 280 49.51 41.48 -19.25
C LYS N 280 49.91 42.11 -17.92
N GLY O 32 -24.08 28.77 -14.14
CA GLY O 32 -25.31 29.43 -13.62
C GLY O 32 -25.75 30.62 -14.47
N LEU O 33 -26.65 31.43 -13.92
CA LEU O 33 -27.17 32.59 -14.62
C LEU O 33 -26.07 33.65 -14.75
N GLN O 34 -25.84 34.13 -15.96
CA GLN O 34 -24.81 35.14 -16.20
C GLN O 34 -25.27 36.54 -15.82
N TYR O 35 -24.48 37.19 -14.97
CA TYR O 35 -24.77 38.52 -14.47
C TYR O 35 -25.22 39.56 -15.50
N HIS O 36 -24.44 39.74 -16.57
CA HIS O 36 -24.78 40.74 -17.57
C HIS O 36 -25.77 40.32 -18.66
N LEU O 37 -25.57 39.14 -19.25
CA LEU O 37 -26.45 38.67 -20.32
C LEU O 37 -27.75 38.03 -19.84
N GLN O 38 -27.79 37.64 -18.56
CA GLN O 38 -28.96 37.01 -17.98
C GLN O 38 -29.35 35.73 -18.72
N ILE O 39 -28.33 34.99 -19.16
CA ILE O 39 -28.54 33.73 -19.86
C ILE O 39 -27.88 32.64 -19.02
N ARG O 40 -28.24 31.39 -19.28
CA ARG O 40 -27.66 30.28 -18.55
C ARG O 40 -27.36 29.14 -19.51
N PRO O 41 -26.59 28.15 -19.07
CA PRO O 41 -26.26 27.00 -19.94
C PRO O 41 -27.53 26.42 -20.54
N GLY O 42 -27.53 26.25 -21.86
CA GLY O 42 -28.69 25.70 -22.54
C GLY O 42 -29.50 26.74 -23.30
N ASP O 43 -29.31 28.01 -22.95
CA ASP O 43 -30.04 29.10 -23.60
C ASP O 43 -29.51 29.46 -24.98
N VAL O 44 -28.21 29.28 -25.20
CA VAL O 44 -27.60 29.62 -26.47
C VAL O 44 -26.91 28.43 -27.15
N GLY O 45 -26.77 28.51 -28.46
CA GLY O 45 -26.12 27.43 -29.19
C GLY O 45 -24.61 27.60 -29.18
N ARG O 46 -23.91 26.74 -29.90
CA ARG O 46 -22.45 26.82 -29.99
C ARG O 46 -22.03 27.95 -30.92
N TYR O 47 -22.93 28.30 -31.83
CA TYR O 47 -22.68 29.34 -32.82
C TYR O 47 -23.48 30.59 -32.48
N VAL O 48 -22.81 31.73 -32.47
CA VAL O 48 -23.47 32.99 -32.13
C VAL O 48 -23.05 34.14 -33.04
N ILE O 49 -24.03 34.87 -33.55
CA ILE O 49 -23.78 36.02 -34.39
C ILE O 49 -23.84 37.19 -33.41
N MET O 50 -22.92 38.15 -33.54
CA MET O 50 -22.88 39.25 -32.60
C MET O 50 -22.89 40.66 -33.19
N PRO O 51 -24.07 41.27 -33.33
CA PRO O 51 -24.16 42.64 -33.87
C PRO O 51 -23.88 43.60 -32.71
N GLY O 52 -23.55 44.84 -33.02
CA GLY O 52 -23.30 45.80 -31.95
C GLY O 52 -24.58 46.42 -31.42
N ASP O 53 -25.56 46.58 -32.30
CA ASP O 53 -26.85 47.19 -31.94
C ASP O 53 -27.90 46.16 -31.55
N PRO O 54 -28.44 46.24 -30.33
CA PRO O 54 -29.46 45.29 -29.87
C PRO O 54 -30.70 45.25 -30.76
N LYS O 55 -31.02 46.39 -31.39
CA LYS O 55 -32.18 46.45 -32.27
C LYS O 55 -31.99 45.61 -33.53
N ARG O 56 -30.75 45.27 -33.84
CA ARG O 56 -30.44 44.48 -35.03
C ARG O 56 -30.61 42.98 -34.81
N CYS O 57 -30.70 42.57 -33.55
CA CYS O 57 -30.85 41.15 -33.23
C CYS O 57 -32.12 40.52 -33.78
N ALA O 58 -33.22 41.27 -33.73
CA ALA O 58 -34.49 40.78 -34.23
C ALA O 58 -34.40 40.52 -35.73
N LYS O 59 -33.79 41.44 -36.46
CA LYS O 59 -33.65 41.30 -37.91
C LYS O 59 -32.81 40.08 -38.25
N ILE O 60 -31.75 39.86 -37.49
CA ILE O 60 -30.87 38.72 -37.72
C ILE O 60 -31.59 37.43 -37.36
N ALA O 61 -32.34 37.46 -36.26
CA ALA O 61 -33.08 36.29 -35.80
C ALA O 61 -34.05 35.78 -36.86
N GLU O 62 -34.52 36.68 -37.71
CA GLU O 62 -35.44 36.31 -38.79
C GLU O 62 -34.80 35.29 -39.72
N HIS O 63 -33.48 35.37 -39.88
CA HIS O 63 -32.77 34.45 -40.75
C HIS O 63 -32.61 33.05 -40.17
N PHE O 64 -32.87 32.90 -38.88
CA PHE O 64 -32.78 31.59 -38.24
C PHE O 64 -34.15 30.92 -38.34
N ASP O 65 -34.23 29.68 -37.88
CA ASP O 65 -35.49 28.96 -37.90
C ASP O 65 -36.10 28.96 -36.49
N ASN O 66 -37.35 29.38 -36.39
CA ASN O 66 -38.05 29.43 -35.11
C ASN O 66 -37.27 30.08 -33.97
N ALA O 67 -36.67 31.23 -34.25
CA ALA O 67 -35.89 31.94 -33.23
C ALA O 67 -36.82 32.66 -32.24
N VAL O 68 -36.46 32.59 -30.96
CA VAL O 68 -37.24 33.23 -29.90
C VAL O 68 -36.31 34.04 -28.99
N LEU O 69 -36.81 35.15 -28.45
CA LEU O 69 -36.01 35.97 -27.56
C LEU O 69 -35.80 35.24 -26.23
N VAL O 70 -34.54 35.11 -25.83
CA VAL O 70 -34.20 34.42 -24.60
C VAL O 70 -33.90 35.35 -23.44
N ALA O 71 -33.31 36.51 -23.73
CA ALA O 71 -32.98 37.47 -22.69
C ALA O 71 -32.81 38.87 -23.26
N ASP O 72 -33.04 39.87 -22.41
CA ASP O 72 -32.93 41.27 -22.80
C ASP O 72 -32.47 41.99 -21.54
N SER O 73 -31.16 42.03 -21.36
CA SER O 73 -30.56 42.66 -20.18
C SER O 73 -29.56 43.73 -20.61
N ARG O 74 -29.70 44.93 -20.07
CA ARG O 74 -28.81 46.03 -20.43
C ARG O 74 -28.80 46.18 -21.95
N GLU O 75 -27.62 46.24 -22.56
CA GLU O 75 -27.52 46.38 -24.01
C GLU O 75 -27.43 45.01 -24.69
N TYR O 76 -27.72 43.96 -23.94
CA TYR O 76 -27.63 42.59 -24.45
C TYR O 76 -28.96 41.90 -24.74
N VAL O 77 -29.30 41.80 -26.03
CA VAL O 77 -30.52 41.12 -26.44
C VAL O 77 -30.08 39.81 -27.08
N THR O 78 -30.67 38.70 -26.64
CA THR O 78 -30.31 37.38 -27.15
C THR O 78 -31.49 36.58 -27.68
N TYR O 79 -31.36 36.10 -28.91
CA TYR O 79 -32.38 35.27 -29.57
C TYR O 79 -31.74 33.91 -29.87
N THR O 80 -32.51 32.85 -29.75
CA THR O 80 -31.98 31.52 -30.03
C THR O 80 -32.95 30.72 -30.91
N GLY O 81 -32.39 30.12 -31.96
CA GLY O 81 -33.18 29.31 -32.87
C GLY O 81 -32.31 28.22 -33.45
N THR O 82 -32.54 27.86 -34.71
CA THR O 82 -31.74 26.81 -35.34
C THR O 82 -31.39 27.15 -36.77
N LEU O 83 -30.39 26.45 -37.29
CA LEU O 83 -29.92 26.63 -38.65
C LEU O 83 -29.45 25.23 -39.05
N ASN O 84 -30.06 24.68 -40.10
CA ASN O 84 -29.70 23.34 -40.55
C ASN O 84 -29.90 22.33 -39.42
N GLY O 85 -30.80 22.65 -38.49
CA GLY O 85 -31.07 21.77 -37.39
C GLY O 85 -30.26 22.03 -36.12
N GLU O 86 -29.16 22.76 -36.26
CA GLU O 86 -28.29 23.08 -35.13
C GLU O 86 -28.72 24.34 -34.40
N LYS O 87 -28.64 24.31 -33.08
CA LYS O 87 -29.01 25.46 -32.26
C LYS O 87 -28.02 26.61 -32.47
N VAL O 88 -28.55 27.79 -32.78
CA VAL O 88 -27.73 28.97 -32.99
C VAL O 88 -28.33 30.15 -32.25
N SER O 89 -27.52 31.18 -32.03
CA SER O 89 -28.02 32.36 -31.32
C SER O 89 -27.47 33.66 -31.89
N VAL O 90 -28.06 34.76 -31.45
CA VAL O 90 -27.62 36.09 -31.84
C VAL O 90 -27.71 36.93 -30.58
N THR O 91 -26.61 37.58 -30.24
CA THR O 91 -26.54 38.41 -29.04
C THR O 91 -25.84 39.71 -29.35
N SER O 92 -26.45 40.82 -28.96
CA SER O 92 -25.85 42.13 -29.21
C SER O 92 -24.73 42.35 -28.20
N THR O 93 -23.78 43.21 -28.54
CA THR O 93 -22.65 43.49 -27.67
C THR O 93 -22.63 44.93 -27.18
N GLY O 94 -23.37 45.80 -27.87
CA GLY O 94 -23.36 47.19 -27.50
C GLY O 94 -22.13 47.76 -28.19
N ILE O 95 -21.84 49.04 -27.97
CA ILE O 95 -20.68 49.66 -28.59
C ILE O 95 -19.43 49.59 -27.71
N GLY O 96 -18.33 49.11 -28.26
CA GLY O 96 -17.08 49.04 -27.51
C GLY O 96 -16.58 47.69 -27.04
N GLY O 97 -15.26 47.56 -26.97
CA GLY O 97 -14.65 46.33 -26.52
C GLY O 97 -15.07 45.93 -25.11
N PRO O 98 -15.24 46.88 -24.18
CA PRO O 98 -15.65 46.51 -22.83
C PRO O 98 -16.95 45.71 -22.77
N SER O 99 -17.99 46.17 -23.46
CA SER O 99 -19.25 45.46 -23.43
C SER O 99 -19.19 44.21 -24.31
N ALA O 100 -18.41 44.28 -25.38
CA ALA O 100 -18.27 43.15 -26.29
C ALA O 100 -17.55 41.98 -25.61
N SER O 101 -16.49 42.27 -24.85
CA SER O 101 -15.75 41.21 -24.18
C SER O 101 -16.61 40.52 -23.13
N ILE O 102 -17.44 41.28 -22.43
CA ILE O 102 -18.32 40.70 -21.42
C ILE O 102 -19.25 39.68 -22.08
N ALA O 103 -19.80 40.04 -23.24
CA ALA O 103 -20.70 39.13 -23.95
C ALA O 103 -19.99 37.84 -24.33
N MET O 104 -18.79 37.95 -24.89
CA MET O 104 -18.06 36.74 -25.28
C MET O 104 -17.73 35.87 -24.08
N GLU O 105 -17.31 36.49 -22.99
CA GLU O 105 -16.97 35.76 -21.77
C GLU O 105 -18.16 34.96 -21.27
N GLU O 106 -19.30 35.63 -21.12
CA GLU O 106 -20.51 34.97 -20.60
C GLU O 106 -21.14 33.98 -21.58
N LEU O 107 -21.03 34.24 -22.88
CA LEU O 107 -21.59 33.32 -23.88
C LEU O 107 -20.72 32.06 -23.88
N LYS O 108 -19.41 32.26 -23.75
CA LYS O 108 -18.44 31.17 -23.70
C LYS O 108 -18.76 30.25 -22.53
N LEU O 109 -19.03 30.83 -21.38
CA LEU O 109 -19.35 30.06 -20.18
C LEU O 109 -20.62 29.25 -20.35
N CYS O 110 -21.49 29.69 -21.27
CA CYS O 110 -22.74 28.98 -21.52
C CYS O 110 -22.67 27.97 -22.65
N GLY O 111 -21.47 27.76 -23.20
CA GLY O 111 -21.34 26.79 -24.28
C GLY O 111 -20.99 27.26 -25.68
N ALA O 112 -21.03 28.56 -25.92
CA ALA O 112 -20.71 29.08 -27.25
C ALA O 112 -19.22 28.95 -27.53
N ASP O 113 -18.86 28.58 -28.76
CA ASP O 113 -17.45 28.42 -29.12
C ASP O 113 -17.10 28.92 -30.52
N THR O 114 -18.10 29.39 -31.25
CA THR O 114 -17.89 29.92 -32.60
C THR O 114 -18.67 31.22 -32.71
N PHE O 115 -17.95 32.33 -32.90
CA PHE O 115 -18.58 33.65 -32.97
C PHE O 115 -18.33 34.42 -34.26
N ILE O 116 -19.36 35.14 -34.71
CA ILE O 116 -19.26 35.95 -35.90
C ILE O 116 -19.87 37.33 -35.62
N ARG O 117 -19.04 38.35 -35.58
CA ARG O 117 -19.56 39.70 -35.36
C ARG O 117 -20.07 40.24 -36.69
N VAL O 118 -21.23 40.87 -36.64
CA VAL O 118 -21.83 41.46 -37.83
C VAL O 118 -22.13 42.92 -37.48
N GLY O 119 -21.35 43.83 -38.03
CA GLY O 119 -21.57 45.23 -37.71
C GLY O 119 -21.51 46.19 -38.89
N THR O 120 -21.16 47.43 -38.58
CA THR O 120 -21.03 48.47 -39.59
C THR O 120 -19.63 49.05 -39.44
N CYS O 121 -19.12 49.65 -40.50
CA CYS O 121 -17.79 50.24 -40.47
C CYS O 121 -17.68 51.40 -41.44
N GLY O 122 -16.58 52.14 -41.33
CA GLY O 122 -16.33 53.26 -42.21
C GLY O 122 -15.12 52.90 -43.05
N GLY O 123 -15.25 52.99 -44.36
CA GLY O 123 -14.13 52.64 -45.23
C GLY O 123 -12.93 53.55 -45.14
N ILE O 124 -11.75 52.99 -45.40
CA ILE O 124 -10.51 53.75 -45.39
C ILE O 124 -9.94 53.56 -46.79
N GLU O 125 -9.65 52.31 -47.14
CA GLU O 125 -9.14 51.98 -48.46
C GLU O 125 -10.11 52.62 -49.46
N LEU O 126 -9.58 53.34 -50.45
CA LEU O 126 -10.43 54.02 -51.42
C LEU O 126 -11.39 53.13 -52.21
N ASP O 127 -11.07 51.84 -52.32
CA ASP O 127 -11.92 50.91 -53.06
C ASP O 127 -13.08 50.39 -52.22
N VAL O 128 -13.03 50.64 -50.92
CA VAL O 128 -14.08 50.19 -50.01
C VAL O 128 -15.15 51.29 -49.91
N LYS O 129 -16.27 51.09 -50.62
CA LYS O 129 -17.34 52.09 -50.59
C LYS O 129 -18.64 51.61 -49.99
N GLY O 130 -19.46 52.57 -49.56
CA GLY O 130 -20.75 52.25 -48.96
C GLY O 130 -21.52 51.21 -49.73
N GLY O 131 -22.03 50.20 -49.01
CA GLY O 131 -22.77 49.14 -49.65
C GLY O 131 -21.96 47.87 -49.72
N ASP O 132 -20.64 48.01 -49.76
CA ASP O 132 -19.75 46.84 -49.82
C ASP O 132 -19.70 46.15 -48.47
N ILE O 133 -19.15 44.94 -48.48
CA ILE O 133 -18.99 44.15 -47.27
C ILE O 133 -17.51 44.00 -46.98
N VAL O 134 -17.13 44.11 -45.71
CA VAL O 134 -15.75 43.97 -45.31
C VAL O 134 -15.65 42.78 -44.38
N ILE O 135 -14.65 41.94 -44.60
CA ILE O 135 -14.42 40.77 -43.76
C ILE O 135 -13.07 41.00 -43.11
N ALA O 136 -13.03 41.00 -41.79
CA ALA O 136 -11.80 41.26 -41.06
C ALA O 136 -10.90 40.03 -40.91
N THR O 137 -9.68 40.14 -41.41
CA THR O 137 -8.70 39.06 -41.31
C THR O 137 -7.93 39.27 -40.01
N GLY O 138 -7.97 40.51 -39.52
CA GLY O 138 -7.29 40.89 -38.30
C GLY O 138 -7.71 42.31 -37.94
N ALA O 139 -7.26 42.80 -36.79
CA ALA O 139 -7.64 44.15 -36.39
C ALA O 139 -6.52 44.93 -35.71
N ILE O 140 -6.56 46.24 -35.87
CA ILE O 140 -5.58 47.13 -35.26
C ILE O 140 -6.05 47.37 -33.83
N ARG O 141 -5.19 47.01 -32.88
CA ARG O 141 -5.50 47.12 -31.47
C ARG O 141 -5.32 48.49 -30.83
N MET O 142 -5.97 49.51 -31.41
CA MET O 142 -5.87 50.84 -30.85
C MET O 142 -7.02 51.04 -29.88
N GLU O 143 -7.08 50.16 -28.88
CA GLU O 143 -8.12 50.19 -27.86
C GLU O 143 -7.58 49.54 -26.59
N GLY O 144 -8.26 49.77 -25.47
CA GLY O 144 -7.77 49.23 -24.21
C GLY O 144 -8.20 47.86 -23.75
N THR O 145 -9.37 47.39 -24.15
CA THR O 145 -9.85 46.09 -23.72
C THR O 145 -8.86 44.95 -23.99
N SER O 146 -8.40 44.85 -25.24
CA SER O 146 -7.47 43.78 -25.60
C SER O 146 -6.17 43.83 -24.79
N LYS O 147 -5.78 45.02 -24.36
CA LYS O 147 -4.56 45.18 -23.58
C LYS O 147 -4.68 44.61 -22.17
N GLU O 148 -5.92 44.33 -21.76
CA GLU O 148 -6.15 43.77 -20.44
C GLU O 148 -6.30 42.26 -20.57
N TYR O 149 -6.13 41.76 -21.79
CA TYR O 149 -6.19 40.33 -22.08
C TYR O 149 -4.81 39.85 -22.54
N ALA O 150 -4.17 40.63 -23.41
CA ALA O 150 -2.87 40.23 -23.94
C ALA O 150 -1.89 41.39 -24.15
N PRO O 151 -0.57 41.09 -24.13
CA PRO O 151 0.45 42.12 -24.35
C PRO O 151 0.15 42.71 -25.73
N ILE O 152 0.37 44.01 -25.90
CA ILE O 152 0.06 44.64 -27.17
C ILE O 152 0.72 44.01 -28.41
N GLU O 153 1.84 43.31 -28.21
CA GLU O 153 2.54 42.68 -29.32
C GLU O 153 1.74 41.56 -29.97
N PHE O 154 0.82 40.97 -29.22
CA PHE O 154 0.02 39.87 -29.76
C PHE O 154 -0.95 40.37 -30.83
N PRO O 155 -1.01 39.68 -31.98
CA PRO O 155 -1.90 40.11 -33.05
C PRO O 155 -3.37 39.76 -32.85
N ALA O 156 -4.24 40.70 -33.21
CA ALA O 156 -5.67 40.47 -33.15
C ALA O 156 -5.93 39.86 -34.53
N VAL O 157 -6.04 38.54 -34.58
CA VAL O 157 -6.26 37.84 -35.84
C VAL O 157 -7.50 36.97 -35.79
N ALA O 158 -8.30 37.01 -36.84
CA ALA O 158 -9.53 36.22 -36.91
C ALA O 158 -9.23 34.77 -37.18
N ASP O 159 -10.14 33.89 -36.75
CA ASP O 159 -9.98 32.46 -36.96
C ASP O 159 -9.95 32.18 -38.46
N LEU O 160 -9.05 31.30 -38.89
CA LEU O 160 -8.90 30.98 -40.30
C LEU O 160 -10.17 30.36 -40.90
N GLU O 161 -10.79 29.42 -40.19
CA GLU O 161 -11.99 28.76 -40.68
C GLU O 161 -13.17 29.71 -40.83
N VAL O 162 -13.41 30.54 -39.81
CA VAL O 162 -14.51 31.48 -39.87
C VAL O 162 -14.29 32.48 -41.01
N THR O 163 -13.06 32.95 -41.15
CA THR O 163 -12.75 33.91 -42.21
C THR O 163 -12.99 33.30 -43.59
N ASN O 164 -12.55 32.07 -43.80
CA ASN O 164 -12.76 31.42 -45.10
C ASN O 164 -14.24 31.22 -45.38
N ALA O 165 -15.00 30.88 -44.34
CA ALA O 165 -16.44 30.67 -44.49
C ALA O 165 -17.12 31.97 -44.92
N LEU O 166 -16.68 33.08 -44.35
CA LEU O 166 -17.25 34.38 -44.68
C LEU O 166 -16.90 34.81 -46.11
N VAL O 167 -15.64 34.62 -46.50
CA VAL O 167 -15.19 34.99 -47.83
C VAL O 167 -15.91 34.16 -48.90
N ASN O 168 -16.00 32.85 -48.68
CA ASN O 168 -16.67 31.98 -49.63
C ASN O 168 -18.16 32.29 -49.72
N ALA O 169 -18.75 32.67 -48.59
CA ALA O 169 -20.18 32.99 -48.56
C ALA O 169 -20.46 34.26 -49.35
N ALA O 170 -19.60 35.26 -49.21
CA ALA O 170 -19.78 36.52 -49.92
C ALA O 170 -19.65 36.30 -51.44
N LYS O 171 -18.74 35.43 -51.83
CA LYS O 171 -18.54 35.14 -53.25
C LYS O 171 -19.75 34.38 -53.81
N LYS O 172 -20.22 33.42 -53.03
CA LYS O 172 -21.37 32.60 -53.44
C LYS O 172 -22.64 33.44 -53.59
N LEU O 173 -22.78 34.45 -52.74
CA LEU O 173 -23.96 35.32 -52.77
C LEU O 173 -23.82 36.49 -53.74
N GLY O 174 -22.64 36.64 -54.34
CA GLY O 174 -22.42 37.71 -55.30
C GLY O 174 -22.31 39.11 -54.75
N TYR O 175 -21.88 39.25 -53.50
CA TYR O 175 -21.73 40.56 -52.90
C TYR O 175 -20.28 41.02 -53.00
N THR O 176 -20.08 42.31 -53.28
CA THR O 176 -18.73 42.86 -53.38
C THR O 176 -18.17 42.85 -51.96
N SER O 177 -17.02 42.21 -51.78
CA SER O 177 -16.42 42.10 -50.46
C SER O 177 -14.92 42.46 -50.44
N HIS O 178 -14.45 42.88 -49.28
CA HIS O 178 -13.05 43.25 -49.08
C HIS O 178 -12.52 42.53 -47.84
N ALA O 179 -11.57 41.63 -48.03
CA ALA O 179 -11.01 40.89 -46.91
C ALA O 179 -9.65 41.44 -46.49
N GLY O 180 -9.61 42.02 -45.30
CA GLY O 180 -8.35 42.59 -44.82
C GLY O 180 -8.43 43.08 -43.39
N VAL O 181 -7.43 43.86 -42.99
CA VAL O 181 -7.36 44.40 -41.65
C VAL O 181 -8.29 45.59 -41.44
N VAL O 182 -8.88 45.67 -40.26
CA VAL O 182 -9.76 46.78 -39.93
C VAL O 182 -9.19 47.47 -38.70
N GLN O 183 -9.41 48.76 -38.59
CA GLN O 183 -8.92 49.49 -37.44
C GLN O 183 -9.98 49.49 -36.35
N CYS O 184 -9.55 49.24 -35.12
CA CYS O 184 -10.46 49.29 -34.00
C CYS O 184 -10.03 50.49 -33.18
N LYS O 185 -10.96 51.05 -32.43
CA LYS O 185 -10.69 52.24 -31.64
C LYS O 185 -11.69 52.27 -30.49
N ASP O 186 -11.43 53.12 -29.51
CA ASP O 186 -12.33 53.27 -28.37
C ASP O 186 -13.13 54.57 -28.46
N ALA O 187 -12.63 55.53 -29.22
CA ALA O 187 -13.31 56.82 -29.35
C ALA O 187 -13.85 57.03 -30.76
N PHE O 188 -15.17 56.87 -30.89
CA PHE O 188 -15.82 57.05 -32.18
C PHE O 188 -15.54 58.45 -32.72
N TYR O 189 -15.60 59.45 -31.84
CA TYR O 189 -15.38 60.82 -32.27
C TYR O 189 -13.93 61.18 -32.55
N GLY O 190 -13.04 60.23 -32.32
CA GLY O 190 -11.63 60.46 -32.61
C GLY O 190 -11.39 60.09 -34.07
N GLN O 191 -12.31 59.32 -34.62
CA GLN O 191 -12.21 58.87 -36.01
C GLN O 191 -12.63 59.94 -37.02
N HIS O 192 -13.73 60.63 -36.72
CA HIS O 192 -14.25 61.65 -37.61
C HIS O 192 -13.78 63.06 -37.27
N GLU O 193 -13.57 63.33 -35.99
CA GLU O 193 -13.12 64.67 -35.57
C GLU O 193 -11.76 64.62 -34.87
N PRO O 194 -10.77 63.96 -35.48
CA PRO O 194 -9.45 63.90 -34.84
C PRO O 194 -8.80 65.27 -34.65
N GLU O 195 -9.02 66.16 -35.61
CA GLU O 195 -8.44 67.50 -35.56
C GLU O 195 -8.74 68.30 -34.30
N ARG O 196 -9.93 68.10 -33.72
CA ARG O 196 -10.30 68.84 -32.51
C ARG O 196 -9.81 68.23 -31.21
N MET O 197 -9.41 66.96 -31.27
CA MET O 197 -8.93 66.26 -30.08
C MET O 197 -7.61 66.78 -29.50
N PRO O 198 -7.47 66.72 -28.17
CA PRO O 198 -6.22 67.20 -27.56
C PRO O 198 -5.05 66.40 -28.14
N VAL O 199 -5.30 65.11 -28.40
CA VAL O 199 -4.26 64.24 -28.97
C VAL O 199 -4.42 64.08 -30.48
N SER O 200 -4.88 65.14 -31.14
CA SER O 200 -5.07 65.12 -32.58
C SER O 200 -3.81 64.63 -33.31
N TYR O 201 -2.65 65.09 -32.85
CA TYR O 201 -1.39 64.70 -33.49
C TYR O 201 -1.20 63.19 -33.56
N GLU O 202 -1.54 62.49 -32.47
CA GLU O 202 -1.41 61.03 -32.43
C GLU O 202 -2.44 60.37 -33.33
N LEU O 203 -3.68 60.82 -33.23
CA LEU O 203 -4.77 60.25 -34.03
C LEU O 203 -4.52 60.43 -35.53
N LEU O 204 -4.10 61.63 -35.92
CA LEU O 204 -3.83 61.92 -37.33
C LEU O 204 -2.63 61.16 -37.86
N ASN O 205 -1.56 61.08 -37.09
CA ASN O 205 -0.38 60.35 -37.51
C ASN O 205 -0.67 58.86 -37.69
N LYS O 206 -1.34 58.28 -36.70
CA LYS O 206 -1.67 56.86 -36.77
C LYS O 206 -2.63 56.58 -37.92
N TRP O 207 -3.56 57.50 -38.16
CA TRP O 207 -4.51 57.31 -39.24
C TRP O 207 -3.78 57.19 -40.59
N GLU O 208 -2.78 58.04 -40.80
CA GLU O 208 -2.00 57.98 -42.03
C GLU O 208 -1.27 56.64 -42.09
N ALA O 209 -0.84 56.15 -40.94
CA ALA O 209 -0.15 54.87 -40.88
C ALA O 209 -1.09 53.75 -41.34
N TRP O 210 -2.31 53.74 -40.81
CA TRP O 210 -3.28 52.71 -41.17
C TRP O 210 -3.50 52.70 -42.68
N LYS O 211 -3.65 53.88 -43.26
CA LYS O 211 -3.86 53.99 -44.70
C LYS O 211 -2.69 53.40 -45.49
N ARG O 212 -1.48 53.64 -45.01
CA ARG O 212 -0.28 53.13 -45.68
C ARG O 212 -0.01 51.65 -45.44
N LEU O 213 -0.85 51.02 -44.63
CA LEU O 213 -0.70 49.60 -44.32
C LEU O 213 -1.80 48.77 -44.97
N GLY O 214 -2.59 49.40 -45.83
CA GLY O 214 -3.65 48.71 -46.53
C GLY O 214 -4.92 48.43 -45.74
N THR O 215 -5.11 49.17 -44.64
CA THR O 215 -6.29 48.97 -43.81
C THR O 215 -7.58 49.19 -44.61
N LYS O 216 -8.52 48.27 -44.48
CA LYS O 216 -9.77 48.34 -45.23
C LYS O 216 -10.82 49.30 -44.67
N ALA O 217 -11.09 49.20 -43.37
CA ALA O 217 -12.11 50.04 -42.76
C ALA O 217 -11.87 50.25 -41.27
N SER O 218 -12.76 51.04 -40.66
CA SER O 218 -12.68 51.35 -39.24
C SER O 218 -13.95 50.97 -38.50
N GLU O 219 -13.79 50.30 -37.35
CA GLU O 219 -14.92 49.91 -36.51
C GLU O 219 -14.49 49.88 -35.04
N MET O 220 -15.14 49.12 -34.18
CA MET O 220 -14.76 49.18 -32.77
C MET O 220 -14.69 47.93 -31.89
N GLU O 221 -15.21 46.79 -32.32
CA GLU O 221 -15.21 45.61 -31.45
C GLU O 221 -14.31 44.42 -31.78
N SER O 222 -13.94 44.24 -33.03
CA SER O 222 -13.14 43.09 -33.43
C SER O 222 -11.82 42.83 -32.70
N ALA O 223 -11.06 43.89 -32.41
CA ALA O 223 -9.78 43.70 -31.71
C ALA O 223 -10.00 42.99 -30.37
N ALA O 224 -10.96 43.49 -29.60
CA ALA O 224 -11.27 42.90 -28.30
C ALA O 224 -11.78 41.47 -28.46
N LEU O 225 -12.66 41.25 -29.43
CA LEU O 225 -13.22 39.93 -29.66
C LEU O 225 -12.17 38.91 -30.13
N PHE O 226 -11.32 39.33 -31.06
CA PHE O 226 -10.28 38.44 -31.58
C PHE O 226 -9.27 38.02 -30.50
N VAL O 227 -8.79 38.97 -29.73
CA VAL O 227 -7.81 38.67 -28.68
C VAL O 227 -8.44 37.83 -27.56
N ALA O 228 -9.66 38.16 -27.18
CA ALA O 228 -10.34 37.41 -26.13
C ALA O 228 -10.52 35.98 -26.62
N ALA O 229 -10.88 35.83 -27.89
CA ALA O 229 -11.11 34.52 -28.48
C ALA O 229 -9.82 33.68 -28.44
N SER O 230 -8.69 34.31 -28.70
CA SER O 230 -7.41 33.62 -28.67
C SER O 230 -7.15 33.08 -27.27
N HIS O 231 -7.46 33.89 -26.25
CA HIS O 231 -7.28 33.47 -24.87
C HIS O 231 -8.28 32.39 -24.46
N LEU O 232 -9.54 32.60 -24.84
CA LEU O 232 -10.61 31.66 -24.47
C LEU O 232 -10.60 30.36 -25.28
N GLY O 233 -9.83 30.33 -26.35
CA GLY O 233 -9.76 29.14 -27.18
C GLY O 233 -10.95 28.91 -28.08
N VAL O 234 -11.63 29.98 -28.47
CA VAL O 234 -12.78 29.86 -29.35
C VAL O 234 -12.51 30.51 -30.72
N ARG O 235 -13.37 30.22 -31.68
CA ARG O 235 -13.23 30.75 -33.03
C ARG O 235 -14.06 32.01 -33.22
N CYS O 236 -13.44 33.06 -33.74
CA CYS O 236 -14.14 34.32 -33.95
C CYS O 236 -13.77 34.99 -35.28
N GLY O 237 -14.77 35.53 -35.95
CA GLY O 237 -14.56 36.21 -37.22
C GLY O 237 -15.48 37.42 -37.24
N SER O 238 -15.40 38.24 -38.29
CA SER O 238 -16.24 39.42 -38.39
C SER O 238 -16.46 39.89 -39.82
N ASP O 239 -17.65 40.40 -40.10
CA ASP O 239 -17.97 40.94 -41.41
C ASP O 239 -18.76 42.21 -41.14
N PHE O 240 -18.64 43.20 -42.02
CA PHE O 240 -19.33 44.47 -41.80
C PHE O 240 -19.94 45.05 -43.05
N LEU O 241 -20.88 45.97 -42.83
CA LEU O 241 -21.52 46.69 -43.91
C LEU O 241 -20.77 48.02 -43.93
N VAL O 242 -20.34 48.45 -45.11
CA VAL O 242 -19.65 49.73 -45.23
C VAL O 242 -20.73 50.80 -45.38
N VAL O 243 -20.82 51.70 -44.41
CA VAL O 243 -21.83 52.76 -44.45
C VAL O 243 -21.35 53.95 -45.27
N GLY O 244 -20.04 54.10 -45.37
CA GLY O 244 -19.47 55.20 -46.13
C GLY O 244 -17.95 55.16 -46.08
N ASN O 245 -17.32 56.13 -46.72
CA ASN O 245 -15.86 56.20 -46.75
C ASN O 245 -15.45 57.66 -46.70
N GLN O 246 -14.92 58.07 -45.55
CA GLN O 246 -14.51 59.45 -45.33
C GLN O 246 -13.35 59.85 -46.23
N GLU O 247 -12.51 58.88 -46.59
CA GLU O 247 -11.35 59.18 -47.43
C GLU O 247 -11.81 59.50 -48.85
N ARG O 248 -12.90 58.86 -49.28
CA ARG O 248 -13.44 59.12 -50.61
C ARG O 248 -14.05 60.52 -50.61
N ASN O 249 -14.74 60.85 -49.52
CA ASN O 249 -15.37 62.15 -49.38
C ASN O 249 -14.32 63.25 -49.42
N ALA O 250 -13.23 63.04 -48.68
CA ALA O 250 -12.15 64.02 -48.62
C ALA O 250 -11.58 64.35 -50.00
N LEU O 251 -11.64 63.39 -50.91
CA LEU O 251 -11.12 63.59 -52.26
C LEU O 251 -12.21 63.95 -53.26
N GLY O 252 -13.43 64.16 -52.76
CA GLY O 252 -14.53 64.52 -53.62
C GLY O 252 -14.97 63.40 -54.57
N MET O 253 -14.73 62.16 -54.17
CA MET O 253 -15.12 61.00 -54.98
C MET O 253 -16.54 60.58 -54.64
N ASP O 254 -17.13 59.74 -55.48
CA ASP O 254 -18.48 59.25 -55.24
C ASP O 254 -18.49 58.50 -53.90
N ASN O 255 -19.22 59.04 -52.93
CA ASN O 255 -19.29 58.43 -51.62
C ASN O 255 -20.71 58.02 -51.23
N PRO O 256 -21.25 56.99 -51.91
CA PRO O 256 -22.60 56.51 -51.62
C PRO O 256 -22.73 55.98 -50.20
N MET O 257 -23.79 56.39 -49.52
CA MET O 257 -24.06 55.98 -48.15
C MET O 257 -24.91 54.72 -48.08
N ALA O 258 -24.79 53.96 -46.99
CA ALA O 258 -25.55 52.74 -46.81
C ALA O 258 -25.92 52.56 -45.33
N HIS O 259 -26.98 51.78 -45.08
CA HIS O 259 -27.43 51.55 -43.71
C HIS O 259 -28.03 50.16 -43.48
N ASP O 260 -28.58 49.56 -44.53
CA ASP O 260 -29.20 48.24 -44.42
C ASP O 260 -28.13 47.15 -44.36
N THR O 261 -28.06 46.45 -43.24
CA THR O 261 -27.07 45.39 -43.04
C THR O 261 -27.50 44.02 -43.56
N GLU O 262 -28.58 43.99 -44.35
CA GLU O 262 -29.09 42.73 -44.89
C GLU O 262 -28.01 41.86 -45.53
N ALA O 263 -27.18 42.45 -46.38
CA ALA O 263 -26.13 41.70 -47.06
C ALA O 263 -25.11 41.11 -46.08
N ALA O 264 -24.62 41.94 -45.15
CA ALA O 264 -23.66 41.48 -44.16
C ALA O 264 -24.24 40.33 -43.35
N ILE O 265 -25.53 40.42 -43.03
CA ILE O 265 -26.21 39.38 -42.25
C ILE O 265 -26.32 38.09 -43.06
N GLN O 266 -26.65 38.20 -44.34
CA GLN O 266 -26.78 37.05 -45.21
C GLN O 266 -25.45 36.29 -45.28
N VAL O 267 -24.37 37.04 -45.41
CA VAL O 267 -23.03 36.44 -45.49
C VAL O 267 -22.67 35.70 -44.20
N ALA O 268 -23.01 36.29 -43.06
CA ALA O 268 -22.71 35.67 -41.78
C ALA O 268 -23.50 34.38 -41.59
N VAL O 269 -24.78 34.41 -41.92
CA VAL O 269 -25.63 33.23 -41.79
C VAL O 269 -25.14 32.10 -42.70
N GLU O 270 -24.81 32.44 -43.94
CA GLU O 270 -24.32 31.42 -44.88
C GLU O 270 -23.00 30.86 -44.37
N ALA O 271 -22.19 31.73 -43.75
CA ALA O 271 -20.91 31.30 -43.20
C ALA O 271 -21.17 30.31 -42.07
N LEU O 272 -22.16 30.60 -41.24
CA LEU O 272 -22.49 29.70 -40.13
C LEU O 272 -22.95 28.34 -40.64
N ARG O 273 -23.68 28.33 -41.75
CA ARG O 273 -24.14 27.08 -42.33
C ARG O 273 -22.96 26.20 -42.75
N THR O 274 -21.92 26.84 -43.26
CA THR O 274 -20.72 26.11 -43.68
C THR O 274 -20.00 25.55 -42.47
N LEU O 275 -19.82 26.39 -41.46
CA LEU O 275 -19.14 25.99 -40.23
C LEU O 275 -19.88 24.87 -39.51
N ILE O 276 -21.21 24.96 -39.49
CA ILE O 276 -22.03 23.94 -38.84
C ILE O 276 -21.83 22.59 -39.52
N GLU O 277 -21.89 22.58 -40.84
CA GLU O 277 -21.74 21.35 -41.62
C GLU O 277 -20.34 20.75 -41.53
N ASN O 278 -19.31 21.60 -41.55
CA ASN O 278 -17.95 21.09 -41.47
C ASN O 278 -17.63 20.53 -40.08
N ASP O 279 -18.26 21.09 -39.06
CA ASP O 279 -18.02 20.61 -37.70
C ASP O 279 -18.60 19.22 -37.49
N LYS O 280 -19.54 18.84 -38.35
CA LYS O 280 -20.17 17.52 -38.26
C LYS O 280 -19.88 16.70 -39.51
N GLY P 32 -28.53 69.23 -35.35
CA GLY P 32 -29.00 68.06 -36.14
C GLY P 32 -29.29 66.84 -35.27
N LEU P 33 -29.87 65.81 -35.87
CA LEU P 33 -30.21 64.59 -35.16
C LEU P 33 -28.94 63.76 -34.92
N GLN P 34 -28.68 63.42 -33.67
CA GLN P 34 -27.50 62.63 -33.31
C GLN P 34 -27.65 61.18 -33.74
N TYR P 35 -26.67 60.68 -34.47
CA TYR P 35 -26.67 59.31 -34.99
C TYR P 35 -26.87 58.18 -34.00
N HIS P 36 -26.15 58.21 -32.88
CA HIS P 36 -26.29 57.14 -31.89
C HIS P 36 -27.43 57.31 -30.88
N LEU P 37 -27.58 58.51 -30.32
CA LEU P 37 -28.61 58.72 -29.33
C LEU P 37 -29.97 59.07 -29.94
N GLN P 38 -29.96 59.53 -31.19
CA GLN P 38 -31.18 59.88 -31.90
C GLN P 38 -31.95 60.99 -31.18
N ILE P 39 -31.22 62.00 -30.74
CA ILE P 39 -31.80 63.14 -30.06
C ILE P 39 -31.36 64.37 -30.84
N ARG P 40 -32.05 65.49 -30.65
CA ARG P 40 -31.71 66.73 -31.34
C ARG P 40 -31.76 67.87 -30.33
N PRO P 41 -31.20 69.04 -30.70
CA PRO P 41 -31.22 70.18 -29.77
C PRO P 41 -32.63 70.44 -29.27
N GLY P 42 -32.77 70.66 -27.97
CA GLY P 42 -34.08 70.92 -27.38
C GLY P 42 -34.67 69.68 -26.74
N ASP P 43 -34.18 68.50 -27.10
CA ASP P 43 -34.70 67.26 -26.53
C ASP P 43 -34.25 67.00 -25.10
N VAL P 44 -33.08 67.53 -24.73
CA VAL P 44 -32.56 67.31 -23.38
C VAL P 44 -32.23 68.60 -22.65
N GLY P 45 -32.16 68.51 -21.32
CA GLY P 45 -31.84 69.66 -20.51
C GLY P 45 -30.34 69.84 -20.35
N ARG P 46 -29.95 70.88 -19.63
CA ARG P 46 -28.54 71.16 -19.40
C ARG P 46 -27.94 70.13 -18.44
N TYR P 47 -28.80 69.58 -17.59
CA TYR P 47 -28.37 68.61 -16.59
C TYR P 47 -28.80 67.20 -16.99
N VAL P 48 -27.87 66.26 -16.94
CA VAL P 48 -28.17 64.88 -17.32
C VAL P 48 -27.57 63.86 -16.37
N ILE P 49 -28.39 62.91 -15.93
CA ILE P 49 -27.93 61.83 -15.06
C ILE P 49 -27.63 60.68 -16.02
N MET P 50 -26.49 60.03 -15.84
CA MET P 50 -26.10 58.97 -16.75
C MET P 50 -25.85 57.59 -16.14
N PRO P 51 -26.87 56.73 -16.15
CA PRO P 51 -26.69 55.38 -15.61
C PRO P 51 -26.11 54.51 -16.71
N GLY P 52 -25.61 53.33 -16.36
CA GLY P 52 -25.05 52.46 -17.37
C GLY P 52 -26.11 51.59 -18.03
N ASP P 53 -27.07 51.13 -17.24
CA ASP P 53 -28.13 50.26 -17.73
C ASP P 53 -29.30 51.07 -18.31
N PRO P 54 -29.65 50.79 -19.58
CA PRO P 54 -30.76 51.52 -20.22
C PRO P 54 -32.11 51.23 -19.55
N LYS P 55 -32.20 50.10 -18.85
CA LYS P 55 -33.44 49.74 -18.17
C LYS P 55 -33.57 50.45 -16.83
N ARG P 56 -32.55 51.21 -16.46
CA ARG P 56 -32.54 51.94 -15.20
C ARG P 56 -33.03 53.38 -15.37
N CYS P 57 -33.08 53.84 -16.62
CA CYS P 57 -33.51 55.20 -16.92
C CYS P 57 -34.95 55.51 -16.50
N ALA P 58 -35.87 54.58 -16.74
CA ALA P 58 -37.26 54.79 -16.38
C ALA P 58 -37.41 54.99 -14.87
N LYS P 59 -36.67 54.22 -14.09
CA LYS P 59 -36.72 54.30 -12.63
C LYS P 59 -36.19 55.64 -12.15
N ILE P 60 -35.13 56.13 -12.80
CA ILE P 60 -34.53 57.41 -12.44
C ILE P 60 -35.46 58.55 -12.82
N ALA P 61 -36.02 58.46 -14.03
CA ALA P 61 -36.92 59.50 -14.53
C ALA P 61 -38.09 59.70 -13.58
N GLU P 62 -38.37 58.70 -12.77
CA GLU P 62 -39.46 58.74 -11.81
C GLU P 62 -39.22 59.85 -10.77
N HIS P 63 -37.97 60.26 -10.64
CA HIS P 63 -37.60 61.32 -9.69
C HIS P 63 -37.84 62.71 -10.27
N PHE P 64 -38.08 62.79 -11.58
CA PHE P 64 -38.33 64.07 -12.23
C PHE P 64 -39.84 64.31 -12.32
N ASP P 65 -40.21 65.53 -12.68
CA ASP P 65 -41.62 65.85 -12.84
C ASP P 65 -41.99 65.69 -14.32
N ASN P 66 -43.07 64.98 -14.59
CA ASN P 66 -43.56 64.77 -15.95
C ASN P 66 -42.49 64.27 -16.92
N ALA P 67 -41.72 63.26 -16.52
CA ALA P 67 -40.68 62.72 -17.38
C ALA P 67 -41.34 61.98 -18.54
N VAL P 68 -40.76 62.11 -19.73
CA VAL P 68 -41.29 61.45 -20.91
C VAL P 68 -40.16 60.84 -21.72
N LEU P 69 -40.44 59.75 -22.42
CA LEU P 69 -39.43 59.09 -23.23
C LEU P 69 -39.14 59.94 -24.46
N VAL P 70 -37.86 60.24 -24.69
CA VAL P 70 -37.45 61.04 -25.83
C VAL P 70 -36.95 60.17 -26.97
N ALA P 71 -36.09 59.21 -26.64
CA ALA P 71 -35.54 58.33 -27.65
C ALA P 71 -35.05 57.01 -27.06
N ASP P 72 -35.00 56.00 -27.91
CA ASP P 72 -34.53 54.67 -27.51
C ASP P 72 -33.76 54.13 -28.71
N SER P 73 -32.47 54.43 -28.74
CA SER P 73 -31.60 54.01 -29.83
C SER P 73 -30.42 53.22 -29.28
N ARG P 74 -30.17 52.04 -29.87
CA ARG P 74 -29.07 51.19 -29.41
C ARG P 74 -29.16 51.00 -27.90
N GLU P 75 -28.09 51.24 -27.18
CA GLU P 75 -28.11 51.09 -25.72
C GLU P 75 -28.43 52.41 -25.05
N TYR P 76 -28.88 53.38 -25.83
CA TYR P 76 -29.17 54.71 -25.32
C TYR P 76 -30.65 55.07 -25.19
N VAL P 77 -31.14 55.03 -23.96
CA VAL P 77 -32.53 55.40 -23.68
C VAL P 77 -32.46 56.77 -23.02
N THR P 78 -33.30 57.70 -23.47
CA THR P 78 -33.31 59.04 -22.91
C THR P 78 -34.70 59.51 -22.49
N TYR P 79 -34.79 60.02 -21.26
CA TYR P 79 -36.02 60.55 -20.70
C TYR P 79 -35.74 62.01 -20.33
N THR P 80 -36.76 62.86 -20.48
CA THR P 80 -36.60 64.26 -20.14
C THR P 80 -37.83 64.76 -19.38
N GLY P 81 -37.58 65.52 -18.33
CA GLY P 81 -38.64 66.07 -17.51
C GLY P 81 -38.11 67.34 -16.86
N THR P 82 -38.62 67.68 -15.69
CA THR P 82 -38.15 68.88 -15.01
C THR P 82 -37.92 68.63 -13.52
N LEU P 83 -37.07 69.46 -12.93
CA LEU P 83 -36.75 69.38 -11.52
C LEU P 83 -36.63 70.83 -11.07
N ASN P 84 -37.48 71.23 -10.12
CA ASN P 84 -37.47 72.61 -9.64
C ASN P 84 -37.73 73.54 -10.83
N GLY P 85 -38.49 73.04 -11.80
CA GLY P 85 -38.83 73.84 -12.97
C GLY P 85 -37.78 73.87 -14.06
N GLU P 86 -36.63 73.24 -13.83
CA GLU P 86 -35.54 73.21 -14.80
C GLU P 86 -35.56 71.91 -15.58
N LYS P 87 -35.39 72.00 -16.89
CA LYS P 87 -35.39 70.79 -17.73
C LYS P 87 -34.17 69.94 -17.39
N VAL P 88 -34.42 68.65 -17.14
CA VAL P 88 -33.36 67.70 -16.80
C VAL P 88 -33.57 66.42 -17.59
N SER P 89 -32.50 65.63 -17.76
CA SER P 89 -32.63 64.39 -18.50
C SER P 89 -31.84 63.25 -17.87
N VAL P 90 -32.14 62.04 -18.33
CA VAL P 90 -31.44 60.84 -17.89
C VAL P 90 -31.20 60.04 -19.17
N THR P 91 -29.95 59.68 -19.42
CA THR P 91 -29.56 58.94 -20.61
C THR P 91 -28.60 57.82 -20.23
N SER P 92 -28.90 56.60 -20.66
CA SER P 92 -28.01 55.48 -20.36
C SER P 92 -26.78 55.55 -21.26
N THR P 93 -25.67 54.96 -20.81
CA THR P 93 -24.44 55.01 -21.59
C THR P 93 -23.98 53.64 -22.05
N GLY P 94 -24.56 52.59 -21.46
CA GLY P 94 -24.14 51.25 -21.81
C GLY P 94 -22.88 51.01 -20.99
N ILE P 95 -22.23 49.87 -21.15
CA ILE P 95 -21.04 49.56 -20.40
C ILE P 95 -19.75 49.96 -21.13
N GLY P 96 -18.87 50.67 -20.44
CA GLY P 96 -17.61 51.06 -21.05
C GLY P 96 -17.44 52.48 -21.55
N GLY P 97 -16.19 52.93 -21.55
CA GLY P 97 -15.88 54.28 -22.01
C GLY P 97 -16.27 54.57 -23.44
N PRO P 98 -16.15 53.62 -24.38
CA PRO P 98 -16.53 53.88 -25.78
C PRO P 98 -17.96 54.34 -25.97
N SER P 99 -18.91 53.63 -25.36
CA SER P 99 -20.32 53.99 -25.49
C SER P 99 -20.66 55.20 -24.61
N ALA P 100 -19.97 55.32 -23.48
CA ALA P 100 -20.21 56.44 -22.58
C ALA P 100 -19.73 57.76 -23.17
N SER P 101 -18.57 57.75 -23.82
CA SER P 101 -18.03 58.96 -24.43
C SER P 101 -18.94 59.42 -25.56
N ILE P 102 -19.47 58.47 -26.34
CA ILE P 102 -20.37 58.82 -27.44
C ILE P 102 -21.59 59.57 -26.90
N ALA P 103 -22.11 59.11 -25.76
CA ALA P 103 -23.27 59.74 -25.16
C ALA P 103 -22.97 61.18 -24.75
N MET P 104 -21.84 61.39 -24.08
CA MET P 104 -21.48 62.73 -23.65
C MET P 104 -21.28 63.67 -24.84
N GLU P 105 -20.65 63.17 -25.90
CA GLU P 105 -20.42 63.98 -27.09
C GLU P 105 -21.73 64.44 -27.74
N GLU P 106 -22.67 63.51 -27.92
CA GLU P 106 -23.94 63.83 -28.55
C GLU P 106 -24.87 64.64 -27.64
N LEU P 107 -24.77 64.43 -26.34
CA LEU P 107 -25.59 65.18 -25.38
C LEU P 107 -25.08 66.62 -25.35
N LYS P 108 -23.76 66.77 -25.38
CA LYS P 108 -23.12 68.07 -25.37
C LYS P 108 -23.54 68.87 -26.59
N LEU P 109 -23.55 68.23 -27.75
CA LEU P 109 -23.94 68.87 -29.01
C LEU P 109 -25.39 69.33 -28.99
N CYS P 110 -26.18 68.74 -28.09
CA CYS P 110 -27.59 69.11 -27.99
C CYS P 110 -27.85 70.10 -26.85
N GLY P 111 -26.80 70.55 -26.19
CA GLY P 111 -26.98 71.51 -25.12
C GLY P 111 -26.66 71.13 -23.68
N ALA P 112 -26.41 69.85 -23.43
CA ALA P 112 -26.09 69.43 -22.06
C ALA P 112 -24.71 69.94 -21.67
N ASP P 113 -24.53 70.35 -20.41
CA ASP P 113 -23.24 70.85 -19.96
C ASP P 113 -22.89 70.43 -18.54
N THR P 114 -23.79 69.72 -17.88
CA THR P 114 -23.55 69.25 -16.52
C THR P 114 -23.98 67.79 -16.46
N PHE P 115 -23.03 66.90 -16.16
CA PHE P 115 -23.30 65.47 -16.13
C PHE P 115 -22.98 64.78 -14.81
N ILE P 116 -23.81 63.82 -14.42
CA ILE P 116 -23.57 63.05 -13.21
C ILE P 116 -23.80 61.58 -13.52
N ARG P 117 -22.73 60.79 -13.51
CA ARG P 117 -22.88 59.36 -13.76
C ARG P 117 -23.26 58.69 -12.46
N VAL P 118 -24.24 57.80 -12.53
CA VAL P 118 -24.69 57.04 -11.38
C VAL P 118 -24.60 55.58 -11.77
N GLY P 119 -23.88 54.80 -10.98
CA GLY P 119 -23.74 53.39 -11.30
C GLY P 119 -23.50 52.53 -10.09
N THR P 120 -22.81 51.42 -10.31
CA THR P 120 -22.48 50.49 -9.25
C THR P 120 -20.97 50.30 -9.26
N CYS P 121 -20.41 49.83 -8.16
CA CYS P 121 -18.97 49.62 -8.10
C CYS P 121 -18.59 48.55 -7.08
N GLY P 122 -17.36 48.05 -7.21
CA GLY P 122 -16.86 47.05 -6.30
C GLY P 122 -15.84 47.70 -5.38
N GLY P 123 -16.03 47.56 -4.08
CA GLY P 123 -15.12 48.15 -3.13
C GLY P 123 -13.72 47.58 -3.13
N ILE P 124 -12.74 48.43 -2.86
CA ILE P 124 -11.33 48.04 -2.79
C ILE P 124 -10.90 48.37 -1.37
N GLU P 125 -11.00 49.65 -1.01
CA GLU P 125 -10.67 50.10 0.33
C GLU P 125 -11.51 49.23 1.28
N LEU P 126 -10.94 48.74 2.36
CA LEU P 126 -11.68 47.90 3.28
C LEU P 126 -12.90 48.58 3.91
N ASP P 127 -12.80 49.89 4.14
CA ASP P 127 -13.90 50.63 4.75
C ASP P 127 -15.10 50.78 3.80
N VAL P 128 -14.89 50.49 2.52
CA VAL P 128 -15.96 50.58 1.53
C VAL P 128 -16.74 49.28 1.43
N LYS P 129 -17.89 49.22 2.08
CA LYS P 129 -18.70 48.01 2.07
C LYS P 129 -20.04 48.15 1.34
N GLY P 130 -20.61 47.02 0.96
CA GLY P 130 -21.88 47.02 0.25
C GLY P 130 -22.92 47.93 0.88
N GLY P 131 -23.66 48.64 0.04
CA GLY P 131 -24.68 49.54 0.55
C GLY P 131 -24.20 50.96 0.67
N ASP P 132 -22.88 51.14 0.85
CA ASP P 132 -22.32 52.48 0.97
C ASP P 132 -22.36 53.20 -0.37
N ILE P 133 -22.04 54.48 -0.34
CA ILE P 133 -22.00 55.30 -1.54
C ILE P 133 -20.57 55.76 -1.78
N VAL P 134 -20.14 55.72 -3.03
CA VAL P 134 -18.80 56.18 -3.37
C VAL P 134 -18.93 57.34 -4.34
N ILE P 135 -18.24 58.44 -4.03
CA ILE P 135 -18.24 59.62 -4.88
C ILE P 135 -16.83 59.75 -5.43
N ALA P 136 -16.70 59.70 -6.75
CA ALA P 136 -15.39 59.78 -7.40
C ALA P 136 -14.84 61.20 -7.55
N THR P 137 -13.69 61.44 -6.93
CA THR P 137 -13.03 62.73 -7.02
C THR P 137 -12.10 62.68 -8.23
N GLY P 138 -11.76 61.46 -8.63
CA GLY P 138 -10.87 61.25 -9.76
C GLY P 138 -10.92 59.79 -10.14
N ALA P 139 -10.27 59.41 -11.24
CA ALA P 139 -10.30 58.02 -11.67
C ALA P 139 -8.98 57.54 -12.26
N ILE P 140 -8.73 56.25 -12.08
CA ILE P 140 -7.51 55.62 -12.61
C ILE P 140 -7.82 55.30 -14.08
N ARG P 141 -7.03 55.89 -14.98
CA ARG P 141 -7.23 55.72 -16.40
C ARG P 141 -6.64 54.44 -16.97
N MET P 142 -7.04 53.29 -16.41
CA MET P 142 -6.54 52.03 -16.93
C MET P 142 -7.52 51.55 -17.98
N GLU P 143 -7.71 52.39 -18.99
CA GLU P 143 -8.63 52.09 -20.09
C GLU P 143 -8.17 52.83 -21.35
N GLY P 144 -8.74 52.47 -22.49
CA GLY P 144 -8.32 53.10 -23.74
C GLY P 144 -9.02 54.34 -24.25
N THR P 145 -10.31 54.50 -23.97
CA THR P 145 -11.05 55.67 -24.46
C THR P 145 -10.41 57.02 -24.12
N SER P 146 -10.03 57.20 -22.86
CA SER P 146 -9.44 58.47 -22.45
C SER P 146 -8.13 58.77 -23.16
N LYS P 147 -7.42 57.71 -23.56
CA LYS P 147 -6.14 57.89 -24.24
C LYS P 147 -6.29 58.43 -25.66
N GLU P 148 -7.51 58.41 -26.18
CA GLU P 148 -7.77 58.91 -27.52
C GLU P 148 -8.32 60.33 -27.42
N TYR P 149 -8.35 60.84 -26.18
CA TYR P 149 -8.80 62.19 -25.88
C TYR P 149 -7.64 62.98 -25.30
N ALA P 150 -6.89 62.36 -24.39
CA ALA P 150 -5.76 63.06 -23.75
C ALA P 150 -4.57 62.18 -23.46
N PRO P 151 -3.37 62.78 -23.41
CA PRO P 151 -2.13 62.04 -23.12
C PRO P 151 -2.36 61.41 -21.75
N ILE P 152 -1.86 60.20 -21.53
CA ILE P 152 -2.07 59.50 -20.27
C ILE P 152 -1.66 60.26 -19.00
N GLU P 153 -0.75 61.23 -19.12
CA GLU P 153 -0.32 61.98 -17.95
C GLU P 153 -1.41 62.89 -17.38
N PHE P 154 -2.39 63.24 -18.21
CA PHE P 154 -3.46 64.11 -17.76
C PHE P 154 -4.37 63.37 -16.79
N PRO P 155 -4.67 63.99 -15.63
CA PRO P 155 -5.52 63.36 -14.62
C PRO P 155 -7.01 63.33 -14.91
N ALA P 156 -7.65 62.20 -14.62
CA ALA P 156 -9.09 62.07 -14.79
C ALA P 156 -9.61 62.62 -13.47
N VAL P 157 -10.10 63.86 -13.49
CA VAL P 157 -10.58 64.51 -12.27
C VAL P 157 -12.00 65.05 -12.44
N ALA P 158 -12.84 64.81 -11.43
CA ALA P 158 -14.22 65.26 -11.46
C ALA P 158 -14.34 66.75 -11.18
N ASP P 159 -15.41 67.36 -11.68
CA ASP P 159 -15.64 68.78 -11.46
C ASP P 159 -15.86 69.03 -9.97
N LEU P 160 -15.23 70.08 -9.43
CA LEU P 160 -15.33 70.43 -8.02
C LEU P 160 -16.77 70.70 -7.55
N GLU P 161 -17.49 71.50 -8.32
CA GLU P 161 -18.87 71.84 -7.97
C GLU P 161 -19.78 70.62 -7.93
N VAL P 162 -19.67 69.75 -8.92
CA VAL P 162 -20.51 68.56 -8.95
C VAL P 162 -20.15 67.65 -7.79
N THR P 163 -18.86 67.46 -7.55
CA THR P 163 -18.41 66.61 -6.47
C THR P 163 -18.91 67.09 -5.12
N ASN P 164 -18.79 68.40 -4.85
CA ASN P 164 -19.26 68.94 -3.58
C ASN P 164 -20.76 68.75 -3.41
N ALA P 165 -21.51 68.92 -4.49
CA ALA P 165 -22.96 68.75 -4.45
C ALA P 165 -23.29 67.32 -4.03
N LEU P 166 -22.57 66.36 -4.59
CA LEU P 166 -22.78 64.95 -4.28
C LEU P 166 -22.43 64.65 -2.82
N VAL P 167 -21.27 65.10 -2.37
CA VAL P 167 -20.84 64.88 -0.99
C VAL P 167 -21.84 65.48 -0.01
N ASN P 168 -22.26 66.72 -0.29
CA ASN P 168 -23.22 67.40 0.57
C ASN P 168 -24.58 66.71 0.56
N ALA P 169 -24.98 66.20 -0.60
CA ALA P 169 -26.27 65.52 -0.73
C ALA P 169 -26.25 64.22 0.06
N ALA P 170 -25.13 63.50 -0.02
CA ALA P 170 -24.97 62.23 0.67
C ALA P 170 -25.10 62.39 2.19
N LYS P 171 -24.41 63.37 2.75
CA LYS P 171 -24.46 63.59 4.19
C LYS P 171 -25.84 64.10 4.61
N LYS P 172 -26.49 64.84 3.72
CA LYS P 172 -27.81 65.38 4.00
C LYS P 172 -28.81 64.22 4.07
N LEU P 173 -28.73 63.31 3.11
CA LEU P 173 -29.63 62.17 3.06
C LEU P 173 -29.27 61.08 4.06
N GLY P 174 -28.19 61.30 4.81
CA GLY P 174 -27.76 60.35 5.82
C GLY P 174 -27.10 59.06 5.36
N TYR P 175 -26.62 59.03 4.12
CA TYR P 175 -25.97 57.81 3.61
C TYR P 175 -24.47 57.82 3.90
N THR P 176 -23.92 56.65 4.20
CA THR P 176 -22.49 56.54 4.47
C THR P 176 -21.79 56.61 3.12
N SER P 177 -20.91 57.59 2.96
CA SER P 177 -20.21 57.74 1.69
C SER P 177 -18.70 57.85 1.80
N HIS P 178 -18.03 57.63 0.68
CA HIS P 178 -16.58 57.70 0.59
C HIS P 178 -16.21 58.52 -0.62
N ALA P 179 -15.51 59.62 -0.41
CA ALA P 179 -15.11 60.49 -1.51
C ALA P 179 -13.64 60.23 -1.85
N GLY P 180 -13.41 59.66 -3.02
CA GLY P 180 -12.04 59.36 -3.40
C GLY P 180 -11.87 58.88 -4.81
N VAL P 181 -10.68 58.36 -5.10
CA VAL P 181 -10.36 57.86 -6.42
C VAL P 181 -10.95 56.47 -6.67
N VAL P 182 -11.45 56.26 -7.88
CA VAL P 182 -12.02 54.99 -8.27
C VAL P 182 -11.19 54.43 -9.42
N GLN P 183 -11.07 53.11 -9.48
CA GLN P 183 -10.30 52.50 -10.56
C GLN P 183 -11.22 52.23 -11.73
N CYS P 184 -10.78 52.57 -12.92
CA CYS P 184 -11.56 52.31 -14.11
C CYS P 184 -10.80 51.27 -14.92
N LYS P 185 -11.52 50.52 -15.75
CA LYS P 185 -10.90 49.47 -16.54
C LYS P 185 -11.75 49.21 -17.77
N ASP P 186 -11.22 48.44 -18.71
CA ASP P 186 -11.97 48.11 -19.91
C ASP P 186 -12.44 46.66 -19.87
N ALA P 187 -11.75 45.83 -19.08
CA ALA P 187 -12.11 44.41 -18.99
C ALA P 187 -12.70 44.05 -17.63
N PHE P 188 -14.01 43.87 -17.59
CA PHE P 188 -14.70 43.50 -16.35
C PHE P 188 -14.11 42.22 -15.75
N TYR P 189 -13.91 41.20 -16.59
CA TYR P 189 -13.38 39.95 -16.10
C TYR P 189 -11.90 40.00 -15.72
N GLY P 190 -11.28 41.16 -15.91
CA GLY P 190 -9.90 41.32 -15.53
C GLY P 190 -9.85 41.72 -14.07
N GLN P 191 -10.99 42.19 -13.57
CA GLN P 191 -11.11 42.63 -12.18
C GLN P 191 -11.36 41.47 -11.22
N HIS P 192 -12.25 40.56 -11.61
CA HIS P 192 -12.60 39.43 -10.77
C HIS P 192 -11.76 38.17 -10.92
N GLU P 193 -11.24 37.93 -12.12
CA GLU P 193 -10.40 36.75 -12.32
C GLU P 193 -9.14 37.11 -13.10
N PRO P 194 -8.32 38.03 -12.55
CA PRO P 194 -7.09 38.43 -13.22
C PRO P 194 -6.09 37.29 -13.33
N GLU P 195 -6.08 36.40 -12.33
CA GLU P 195 -5.16 35.28 -12.31
C GLU P 195 -5.24 34.40 -13.57
N ARG P 196 -6.41 34.38 -14.21
CA ARG P 196 -6.63 33.58 -15.40
C ARG P 196 -6.12 34.25 -16.69
N MET P 197 -6.05 35.58 -16.68
CA MET P 197 -5.63 36.35 -17.85
C MET P 197 -4.18 36.17 -18.29
N PRO P 198 -3.93 36.25 -19.60
CA PRO P 198 -2.56 36.11 -20.11
C PRO P 198 -1.67 37.17 -19.46
N VAL P 199 -2.26 38.35 -19.24
CA VAL P 199 -1.53 39.45 -18.61
C VAL P 199 -1.84 39.57 -17.12
N SER P 200 -2.05 38.41 -16.48
CA SER P 200 -2.35 38.36 -15.06
C SER P 200 -1.32 39.13 -14.22
N TYR P 201 -0.04 38.97 -14.55
CA TYR P 201 1.03 39.63 -13.82
C TYR P 201 0.84 41.14 -13.78
N GLU P 202 0.44 41.71 -14.91
CA GLU P 202 0.23 43.15 -14.98
C GLU P 202 -1.02 43.58 -14.20
N LEU P 203 -2.11 42.84 -14.37
CA LEU P 203 -3.35 43.15 -13.66
C LEU P 203 -3.18 43.04 -12.15
N LEU P 204 -2.55 41.95 -11.70
CA LEU P 204 -2.32 41.73 -10.28
C LEU P 204 -1.39 42.76 -9.64
N ASN P 205 -0.29 43.09 -10.34
CA ASN P 205 0.64 44.08 -9.81
C ASN P 205 -0.03 45.45 -9.70
N LYS P 206 -0.75 45.85 -10.74
CA LYS P 206 -1.42 47.14 -10.72
C LYS P 206 -2.52 47.18 -9.66
N TRP P 207 -3.20 46.05 -9.44
CA TRP P 207 -4.24 46.00 -8.44
C TRP P 207 -3.67 46.27 -7.05
N GLU P 208 -2.49 45.70 -6.76
CA GLU P 208 -1.87 45.92 -5.46
C GLU P 208 -1.51 47.41 -5.32
N ALA P 209 -1.12 48.01 -6.43
CA ALA P 209 -0.77 49.43 -6.44
C ALA P 209 -1.99 50.29 -6.13
N TRP P 210 -3.12 49.96 -6.76
CA TRP P 210 -4.35 50.72 -6.53
C TRP P 210 -4.68 50.66 -5.04
N LYS P 211 -4.49 49.49 -4.44
CA LYS P 211 -4.76 49.29 -3.01
C LYS P 211 -3.85 50.15 -2.15
N ARG P 212 -2.59 50.24 -2.51
CA ARG P 212 -1.62 51.03 -1.75
C ARG P 212 -1.75 52.53 -1.99
N LEU P 213 -2.67 52.92 -2.87
CA LEU P 213 -2.87 54.33 -3.17
C LEU P 213 -4.20 54.85 -2.63
N GLY P 214 -4.84 54.05 -1.77
CA GLY P 214 -6.10 54.45 -1.17
C GLY P 214 -7.32 54.45 -2.06
N THR P 215 -7.24 53.76 -3.20
CA THR P 215 -8.36 53.68 -4.13
C THR P 215 -9.60 53.16 -3.40
N LYS P 216 -10.73 53.81 -3.62
CA LYS P 216 -11.98 53.45 -2.97
C LYS P 216 -12.73 52.26 -3.56
N ALA P 217 -12.88 52.25 -4.87
CA ALA P 217 -13.61 51.18 -5.54
C ALA P 217 -13.27 51.06 -7.00
N SER P 218 -13.89 50.09 -7.67
CA SER P 218 -13.65 49.84 -9.08
C SER P 218 -14.93 49.88 -9.92
N GLU P 219 -14.88 50.59 -11.04
CA GLU P 219 -16.00 50.69 -11.96
C GLU P 219 -15.45 50.78 -13.38
N MET P 220 -16.20 51.37 -14.32
CA MET P 220 -15.69 51.39 -15.69
C MET P 220 -15.82 52.62 -16.59
N GLU P 221 -16.66 53.59 -16.24
CA GLU P 221 -16.85 54.74 -17.14
C GLU P 221 -16.36 56.13 -16.74
N SER P 222 -16.04 56.34 -15.47
CA SER P 222 -15.61 57.66 -15.02
C SER P 222 -14.36 58.25 -15.67
N ALA P 223 -13.34 57.44 -15.87
CA ALA P 223 -12.10 57.93 -16.50
C ALA P 223 -12.40 58.58 -17.84
N ALA P 224 -13.13 57.86 -18.69
CA ALA P 224 -13.49 58.37 -20.01
C ALA P 224 -14.33 59.63 -19.89
N LEU P 225 -15.33 59.60 -19.01
CA LEU P 225 -16.22 60.74 -18.81
C LEU P 225 -15.50 61.98 -18.29
N PHE P 226 -14.66 61.82 -17.27
CA PHE P 226 -13.95 62.96 -16.70
C PHE P 226 -13.00 63.61 -17.71
N VAL P 227 -12.23 62.79 -18.44
CA VAL P 227 -11.29 63.33 -19.41
C VAL P 227 -12.03 63.99 -20.59
N ALA P 228 -13.08 63.35 -21.08
CA ALA P 228 -13.86 63.92 -22.18
C ALA P 228 -14.42 65.27 -21.76
N ALA P 229 -14.91 65.34 -20.51
CA ALA P 229 -15.48 66.57 -19.99
C ALA P 229 -14.43 67.68 -19.95
N SER P 230 -13.22 67.33 -19.53
CA SER P 230 -12.14 68.31 -19.46
C SER P 230 -11.92 68.94 -20.84
N HIS P 231 -11.97 68.09 -21.86
CA HIS P 231 -11.78 68.56 -23.23
C HIS P 231 -13.00 69.33 -23.76
N LEU P 232 -14.19 68.81 -23.49
CA LEU P 232 -15.41 69.43 -23.98
C LEU P 232 -15.81 70.69 -23.22
N GLY P 233 -15.19 70.90 -22.07
CA GLY P 233 -15.50 72.08 -21.27
C GLY P 233 -16.80 72.00 -20.50
N VAL P 234 -17.16 70.79 -20.06
CA VAL P 234 -18.38 70.60 -19.30
C VAL P 234 -18.06 70.05 -17.90
N ARG P 235 -19.05 70.14 -17.02
CA ARG P 235 -18.88 69.66 -15.64
C ARG P 235 -19.39 68.23 -15.53
N CYS P 236 -18.58 67.37 -14.91
CA CYS P 236 -18.96 65.97 -14.75
C CYS P 236 -18.50 65.42 -13.40
N GLY P 237 -19.38 64.64 -12.78
CA GLY P 237 -19.08 64.03 -11.50
C GLY P 237 -19.72 62.65 -11.50
N SER P 238 -19.45 61.85 -10.48
CA SER P 238 -20.01 60.50 -10.43
C SER P 238 -20.19 59.97 -9.02
N ASP P 239 -21.25 59.18 -8.82
CA ASP P 239 -21.50 58.56 -7.52
C ASP P 239 -21.93 57.12 -7.83
N PHE P 240 -21.59 56.19 -6.94
CA PHE P 240 -21.93 54.79 -7.15
C PHE P 240 -22.42 54.10 -5.90
N LEU P 241 -23.17 53.02 -6.09
CA LEU P 241 -23.65 52.22 -4.97
C LEU P 241 -22.66 51.06 -4.90
N VAL P 242 -22.14 50.80 -3.72
CA VAL P 242 -21.18 49.71 -3.56
C VAL P 242 -21.98 48.40 -3.48
N VAL P 243 -21.75 47.52 -4.44
CA VAL P 243 -22.47 46.24 -4.50
C VAL P 243 -21.76 45.17 -3.67
N GLY P 244 -20.50 45.45 -3.30
CA GLY P 244 -19.74 44.50 -2.52
C GLY P 244 -18.27 44.89 -2.49
N ASN P 245 -17.46 44.12 -1.78
CA ASN P 245 -16.03 44.39 -1.67
C ASN P 245 -15.24 43.08 -1.67
N GLN P 246 -14.59 42.78 -2.79
CA GLN P 246 -13.83 41.56 -2.95
C GLN P 246 -12.68 41.45 -1.96
N GLU P 247 -12.09 42.58 -1.59
CA GLU P 247 -10.95 42.56 -0.69
C GLU P 247 -11.33 42.12 0.71
N ARG P 248 -12.43 42.68 1.24
CA ARG P 248 -12.86 42.30 2.58
C ARG P 248 -13.35 40.85 2.55
N ASN P 249 -13.82 40.42 1.38
CA ASN P 249 -14.30 39.05 1.22
C ASN P 249 -13.12 38.09 1.19
N ALA P 250 -12.00 38.55 0.61
CA ALA P 250 -10.79 37.74 0.52
C ALA P 250 -10.20 37.51 1.90
N LEU P 251 -10.42 38.45 2.81
CA LEU P 251 -9.91 38.35 4.17
C LEU P 251 -10.95 37.76 5.13
N GLY P 252 -12.02 37.20 4.56
CA GLY P 252 -13.06 36.60 5.37
C GLY P 252 -13.80 37.58 6.26
N MET P 253 -13.94 38.81 5.80
CA MET P 253 -14.65 39.84 6.57
C MET P 253 -16.11 39.89 6.11
N ASP P 254 -16.98 40.44 6.95
CA ASP P 254 -18.39 40.56 6.60
C ASP P 254 -18.50 41.38 5.31
N ASN P 255 -19.08 40.77 4.28
CA ASN P 255 -19.20 41.44 2.98
C ASN P 255 -20.65 41.52 2.50
N PRO P 256 -21.42 42.48 3.04
CA PRO P 256 -22.83 42.69 2.66
C PRO P 256 -22.98 42.93 1.17
N MET P 257 -24.09 42.47 0.60
CA MET P 257 -24.35 42.64 -0.83
C MET P 257 -25.47 43.65 -1.09
N ALA P 258 -25.45 44.28 -2.25
CA ALA P 258 -26.46 45.27 -2.61
C ALA P 258 -26.72 45.32 -4.12
N HIS P 259 -27.90 45.78 -4.51
CA HIS P 259 -28.27 45.87 -5.91
C HIS P 259 -29.19 47.05 -6.19
N ASP P 260 -29.90 47.51 -5.15
CA ASP P 260 -30.82 48.63 -5.30
C ASP P 260 -30.06 49.95 -5.33
N THR P 261 -30.00 50.57 -6.52
CA THR P 261 -29.27 51.81 -6.72
C THR P 261 -30.01 53.09 -6.34
N GLU P 262 -31.18 52.97 -5.73
CA GLU P 262 -31.95 54.15 -5.35
C GLU P 262 -31.16 55.15 -4.51
N ALA P 263 -30.33 54.64 -3.59
CA ALA P 263 -29.53 55.51 -2.74
C ALA P 263 -28.65 56.43 -3.60
N ALA P 264 -27.93 55.83 -4.54
CA ALA P 264 -27.05 56.59 -5.45
C ALA P 264 -27.86 57.55 -6.31
N ILE P 265 -29.08 57.13 -6.67
CA ILE P 265 -29.97 57.96 -7.47
C ILE P 265 -30.43 59.13 -6.63
N GLN P 266 -30.82 58.85 -5.38
CA GLN P 266 -31.27 59.89 -4.45
C GLN P 266 -30.21 60.96 -4.34
N VAL P 267 -28.97 60.53 -4.12
CA VAL P 267 -27.85 61.45 -3.99
C VAL P 267 -27.67 62.28 -5.25
N ALA P 268 -27.75 61.62 -6.40
CA ALA P 268 -27.59 62.30 -7.69
C ALA P 268 -28.67 63.35 -7.92
N VAL P 269 -29.92 62.99 -7.69
CA VAL P 269 -31.01 63.92 -7.90
C VAL P 269 -30.89 65.12 -6.96
N GLU P 270 -30.53 64.86 -5.71
CA GLU P 270 -30.39 65.94 -4.73
C GLU P 270 -29.23 66.86 -5.13
N ALA P 271 -28.19 66.28 -5.73
CA ALA P 271 -27.04 67.07 -6.17
C ALA P 271 -27.47 68.00 -7.30
N LEU P 272 -28.29 67.49 -8.21
CA LEU P 272 -28.78 68.32 -9.33
C LEU P 272 -29.58 69.49 -8.80
N ARG P 273 -30.36 69.23 -7.76
CA ARG P 273 -31.19 70.26 -7.14
C ARG P 273 -30.30 71.43 -6.73
N THR P 274 -29.19 71.09 -6.08
CA THR P 274 -28.22 72.09 -5.62
C THR P 274 -27.56 72.83 -6.79
N LEU P 275 -27.12 72.08 -7.79
CA LEU P 275 -26.47 72.66 -8.95
C LEU P 275 -27.39 73.60 -9.72
N ILE P 276 -28.64 73.18 -9.89
CA ILE P 276 -29.62 74.00 -10.61
C ILE P 276 -29.84 75.31 -9.87
N GLU P 277 -29.96 75.23 -8.54
CA GLU P 277 -30.18 76.41 -7.72
C GLU P 277 -28.97 77.35 -7.72
N ASN P 278 -27.78 76.78 -7.59
CA ASN P 278 -26.57 77.59 -7.58
C ASN P 278 -26.32 78.25 -8.93
N ASP P 279 -26.70 77.58 -10.01
CA ASP P 279 -26.50 78.14 -11.35
C ASP P 279 -27.50 79.27 -11.59
N GLY Q 32 13.25 59.46 14.58
CA GLY Q 32 14.66 59.77 14.52
C GLY Q 32 14.95 61.00 13.68
N LEU Q 33 16.21 61.42 13.68
CA LEU Q 33 16.62 62.60 12.92
C LEU Q 33 16.59 62.32 11.41
N GLN Q 34 15.87 63.16 10.68
CA GLN Q 34 15.75 63.01 9.23
C GLN Q 34 17.00 63.49 8.50
N TYR Q 35 17.57 62.60 7.69
CA TYR Q 35 18.79 62.87 6.94
C TYR Q 35 18.81 64.16 6.11
N HIS Q 36 17.81 64.36 5.26
CA HIS Q 36 17.78 65.54 4.41
C HIS Q 36 17.29 66.83 5.07
N LEU Q 37 16.14 66.78 5.73
CA LEU Q 37 15.58 67.96 6.37
C LEU Q 37 16.18 68.31 7.73
N GLN Q 38 16.85 67.34 8.34
CA GLN Q 38 17.48 67.56 9.65
C GLN Q 38 16.49 67.97 10.73
N ILE Q 39 15.32 67.34 10.71
CA ILE Q 39 14.28 67.59 11.71
C ILE Q 39 13.99 66.28 12.41
N ARG Q 40 13.35 66.35 13.57
CA ARG Q 40 13.02 65.17 14.35
C ARG Q 40 11.56 65.29 14.79
N PRO Q 41 10.90 64.17 15.15
CA PRO Q 41 9.51 64.27 15.58
C PRO Q 41 9.34 65.30 16.69
N GLY Q 42 8.37 66.18 16.53
CA GLY Q 42 8.13 67.23 17.52
C GLY Q 42 8.58 68.59 17.01
N ASP Q 43 9.42 68.61 15.98
CA ASP Q 43 9.92 69.85 15.41
C ASP Q 43 8.90 70.56 14.51
N VAL Q 44 8.01 69.79 13.91
CA VAL Q 44 7.01 70.36 13.02
C VAL Q 44 5.58 70.03 13.43
N GLY Q 45 4.63 70.86 12.98
CA GLY Q 45 3.24 70.61 13.32
C GLY Q 45 2.63 69.64 12.34
N ARG Q 46 1.34 69.37 12.50
CA ARG Q 46 0.62 68.46 11.62
C ARG Q 46 0.35 69.12 10.27
N TYR Q 47 0.33 70.46 10.27
CA TYR Q 47 0.07 71.24 9.06
C TYR Q 47 1.34 71.91 8.56
N VAL Q 48 1.65 71.74 7.27
CA VAL Q 48 2.86 72.32 6.69
C VAL Q 48 2.67 72.97 5.32
N ILE Q 49 3.19 74.19 5.18
CA ILE Q 49 3.14 74.91 3.91
C ILE Q 49 4.48 74.63 3.23
N MET Q 50 4.44 74.32 1.94
CA MET Q 50 5.66 73.97 1.23
C MET Q 50 5.98 74.80 -0.01
N PRO Q 51 6.83 75.83 0.15
CA PRO Q 51 7.21 76.68 -0.98
C PRO Q 51 8.39 76.00 -1.67
N GLY Q 52 8.65 76.35 -2.93
CA GLY Q 52 9.77 75.73 -3.63
C GLY Q 52 11.08 76.42 -3.30
N ASP Q 53 10.99 77.73 -3.06
CA ASP Q 53 12.17 78.54 -2.76
C ASP Q 53 12.44 78.62 -1.25
N PRO Q 54 13.62 78.16 -0.82
CA PRO Q 54 13.92 78.22 0.62
C PRO Q 54 13.91 79.67 1.14
N LYS Q 55 14.20 80.62 0.27
CA LYS Q 55 14.21 82.03 0.66
C LYS Q 55 12.80 82.53 1.00
N ARG Q 56 11.79 81.80 0.55
CA ARG Q 56 10.40 82.20 0.78
C ARG Q 56 9.83 81.76 2.14
N CYS Q 57 10.52 80.87 2.83
CA CYS Q 57 10.03 80.39 4.13
C CYS Q 57 9.95 81.48 5.19
N ALA Q 58 10.94 82.38 5.20
CA ALA Q 58 10.95 83.46 6.18
C ALA Q 58 9.68 84.29 6.05
N LYS Q 59 9.35 84.68 4.82
CA LYS Q 59 8.16 85.50 4.58
C LYS Q 59 6.89 84.77 4.99
N ILE Q 60 6.84 83.48 4.73
CA ILE Q 60 5.68 82.68 5.09
C ILE Q 60 5.59 82.56 6.61
N ALA Q 61 6.72 82.31 7.27
CA ALA Q 61 6.76 82.16 8.72
C ALA Q 61 6.24 83.41 9.43
N GLU Q 62 6.43 84.58 8.81
CA GLU Q 62 5.98 85.83 9.39
C GLU Q 62 4.47 85.82 9.59
N HIS Q 63 3.78 84.98 8.81
CA HIS Q 63 2.32 84.88 8.91
C HIS Q 63 1.86 84.00 10.07
N PHE Q 64 2.76 83.23 10.64
CA PHE Q 64 2.42 82.38 11.78
C PHE Q 64 2.65 83.17 13.06
N ASP Q 65 2.24 82.61 14.19
CA ASP Q 65 2.45 83.26 15.47
C ASP Q 65 3.70 82.66 16.10
N ASN Q 66 4.61 83.52 16.55
CA ASN Q 66 5.84 83.08 17.21
C ASN Q 66 6.63 82.01 16.46
N ALA Q 67 6.79 82.18 15.15
CA ALA Q 67 7.54 81.22 14.34
C ALA Q 67 9.03 81.29 14.65
N VAL Q 68 9.69 80.14 14.63
CA VAL Q 68 11.13 80.06 14.89
C VAL Q 68 11.81 79.15 13.87
N LEU Q 69 13.04 79.51 13.50
CA LEU Q 69 13.81 78.72 12.54
C LEU Q 69 14.19 77.39 13.19
N VAL Q 70 13.75 76.29 12.58
CA VAL Q 70 14.03 74.96 13.12
C VAL Q 70 15.25 74.29 12.47
N ALA Q 71 15.37 74.42 11.16
CA ALA Q 71 16.50 73.81 10.46
C ALA Q 71 16.77 74.43 9.09
N ASP Q 72 18.02 74.37 8.68
CA ASP Q 72 18.46 74.91 7.38
C ASP Q 72 19.47 73.90 6.85
N SER Q 73 18.97 72.93 6.09
CA SER Q 73 19.80 71.88 5.52
C SER Q 73 19.59 71.79 4.01
N ARG Q 74 20.67 71.81 3.24
CA ARG Q 74 20.55 71.74 1.79
C ARG Q 74 19.55 72.79 1.34
N GLU Q 75 18.58 72.40 0.52
CA GLU Q 75 17.57 73.33 0.05
C GLU Q 75 16.34 73.31 0.95
N TYR Q 76 16.48 72.69 2.12
CA TYR Q 76 15.37 72.56 3.06
C TYR Q 76 15.43 73.48 4.28
N VAL Q 77 14.63 74.54 4.25
CA VAL Q 77 14.56 75.47 5.36
C VAL Q 77 13.22 75.25 6.06
N THR Q 78 13.25 75.08 7.38
CA THR Q 78 12.02 74.84 8.14
C THR Q 78 11.80 75.77 9.33
N TYR Q 79 10.60 76.34 9.39
CA TYR Q 79 10.20 77.23 10.49
C TYR Q 79 8.96 76.59 11.09
N THR Q 80 8.77 76.78 12.40
CA THR Q 80 7.60 76.24 13.08
C THR Q 80 7.05 77.29 14.03
N GLY Q 81 5.74 77.49 13.98
CA GLY Q 81 5.09 78.45 14.84
C GLY Q 81 3.71 77.91 15.14
N THR Q 82 2.72 78.79 15.23
CA THR Q 82 1.36 78.37 15.50
C THR Q 82 0.32 79.22 14.78
N LEU Q 83 -0.86 78.64 14.60
CA LEU Q 83 -2.00 79.31 13.97
C LEU Q 83 -3.22 78.85 14.75
N ASN Q 84 -3.97 79.81 15.31
CA ASN Q 84 -5.16 79.46 16.08
C ASN Q 84 -4.76 78.54 17.24
N GLY Q 85 -3.53 78.71 17.73
CA GLY Q 85 -3.05 77.91 18.84
C GLY Q 85 -2.53 76.52 18.47
N GLU Q 86 -2.59 76.18 17.19
CA GLU Q 86 -2.12 74.87 16.72
C GLU Q 86 -0.75 75.00 16.06
N LYS Q 87 0.13 74.04 16.32
CA LYS Q 87 1.46 74.08 15.74
C LYS Q 87 1.42 73.85 14.23
N VAL Q 88 2.10 74.74 13.51
CA VAL Q 88 2.15 74.66 12.06
C VAL Q 88 3.59 74.92 11.62
N SER Q 89 3.93 74.49 10.42
CA SER Q 89 5.29 74.67 9.92
C SER Q 89 5.32 75.06 8.44
N VAL Q 90 6.49 75.49 8.00
CA VAL Q 90 6.74 75.84 6.60
C VAL Q 90 8.11 75.27 6.26
N THR Q 91 8.16 74.48 5.20
CA THR Q 91 9.40 73.85 4.76
C THR Q 91 9.52 73.94 3.25
N SER Q 92 10.66 74.40 2.77
CA SER Q 92 10.89 74.52 1.34
C SER Q 92 11.18 73.14 0.76
N THR Q 93 10.93 72.99 -0.54
CA THR Q 93 11.13 71.71 -1.21
C THR Q 93 12.25 71.75 -2.25
N GLY Q 94 12.64 72.95 -2.66
CA GLY Q 94 13.64 73.04 -3.71
C GLY Q 94 12.86 72.82 -5.00
N ILE Q 95 13.52 72.93 -6.14
CA ILE Q 95 12.84 72.75 -7.42
C ILE Q 95 12.78 71.30 -7.87
N GLY Q 96 11.58 70.84 -8.21
CA GLY Q 96 11.45 69.47 -8.70
C GLY Q 96 10.86 68.43 -7.78
N GLY Q 97 10.19 67.45 -8.40
CA GLY Q 97 9.58 66.37 -7.64
C GLY Q 97 10.58 65.57 -6.83
N PRO Q 98 11.81 65.37 -7.31
CA PRO Q 98 12.79 64.60 -6.53
C PRO Q 98 13.01 65.18 -5.14
N SER Q 99 13.32 66.47 -5.07
CA SER Q 99 13.57 67.11 -3.78
C SER Q 99 12.27 67.32 -3.01
N ALA Q 100 11.17 67.51 -3.72
CA ALA Q 100 9.88 67.71 -3.05
C ALA Q 100 9.38 66.45 -2.37
N SER Q 101 9.53 65.30 -3.04
CA SER Q 101 9.06 64.03 -2.46
C SER Q 101 9.84 63.70 -1.19
N ILE Q 102 11.13 64.03 -1.18
CA ILE Q 102 11.97 63.77 -0.01
C ILE Q 102 11.42 64.59 1.15
N ALA Q 103 11.04 65.83 0.87
CA ALA Q 103 10.51 66.71 1.90
C ALA Q 103 9.23 66.15 2.52
N MET Q 104 8.30 65.70 1.67
CA MET Q 104 7.04 65.16 2.18
C MET Q 104 7.27 63.86 2.95
N GLU Q 105 8.16 63.02 2.45
CA GLU Q 105 8.47 61.75 3.11
C GLU Q 105 9.00 61.97 4.52
N GLU Q 106 9.97 62.86 4.65
CA GLU Q 106 10.58 63.11 5.96
C GLU Q 106 9.66 63.89 6.91
N LEU Q 107 8.83 64.77 6.35
CA LEU Q 107 7.89 65.54 7.16
C LEU Q 107 6.84 64.57 7.71
N LYS Q 108 6.39 63.67 6.85
CA LYS Q 108 5.39 62.68 7.21
C LYS Q 108 5.89 61.85 8.40
N LEU Q 109 7.13 61.38 8.30
CA LEU Q 109 7.74 60.58 9.37
C LEU Q 109 7.79 61.33 10.70
N CYS Q 110 7.79 62.65 10.64
CA CYS Q 110 7.84 63.46 11.85
C CYS Q 110 6.47 63.89 12.36
N GLY Q 111 5.41 63.44 11.71
CA GLY Q 111 4.07 63.78 12.19
C GLY Q 111 3.19 64.66 11.33
N ALA Q 112 3.71 65.21 10.24
CA ALA Q 112 2.89 66.08 9.39
C ALA Q 112 1.89 65.21 8.61
N ASP Q 113 0.68 65.73 8.41
CA ASP Q 113 -0.33 64.97 7.67
C ASP Q 113 -1.20 65.83 6.76
N THR Q 114 -0.96 67.13 6.76
CA THR Q 114 -1.72 68.05 5.92
C THR Q 114 -0.72 69.01 5.30
N PHE Q 115 -0.64 69.02 3.98
CA PHE Q 115 0.32 69.86 3.27
C PHE Q 115 -0.29 70.78 2.24
N ILE Q 116 0.25 71.99 2.14
CA ILE Q 116 -0.21 72.95 1.15
C ILE Q 116 0.98 73.58 0.46
N ARG Q 117 1.16 73.27 -0.82
CA ARG Q 117 2.27 73.86 -1.55
C ARG Q 117 1.87 75.28 -1.93
N VAL Q 118 2.82 76.20 -1.82
CA VAL Q 118 2.60 77.60 -2.18
C VAL Q 118 3.74 77.97 -3.11
N GLY Q 119 3.46 78.05 -4.41
CA GLY Q 119 4.53 78.36 -5.34
C GLY Q 119 4.22 79.40 -6.38
N THR Q 120 4.93 79.31 -7.49
CA THR Q 120 4.74 80.22 -8.61
C THR Q 120 4.45 79.36 -9.83
N CYS Q 121 3.81 79.93 -10.83
CA CYS Q 121 3.48 79.17 -12.02
C CYS Q 121 3.36 80.08 -13.24
N GLY Q 122 3.36 79.45 -14.41
CA GLY Q 122 3.22 80.16 -15.66
C GLY Q 122 1.86 79.82 -16.22
N GLY Q 123 1.04 80.83 -16.50
CA GLY Q 123 -0.29 80.55 -17.00
C GLY Q 123 -0.35 79.93 -18.39
N ILE Q 124 -1.42 79.19 -18.64
CA ILE Q 124 -1.63 78.56 -19.94
C ILE Q 124 -2.98 79.07 -20.44
N GLU Q 125 -4.04 78.78 -19.68
CA GLU Q 125 -5.38 79.23 -20.04
C GLU Q 125 -5.29 80.76 -20.18
N LEU Q 126 -5.89 81.32 -21.23
CA LEU Q 126 -5.82 82.75 -21.48
C LEU Q 126 -6.34 83.67 -20.39
N ASP Q 127 -7.27 83.20 -19.57
CA ASP Q 127 -7.81 84.05 -18.51
C ASP Q 127 -6.93 84.11 -17.27
N VAL Q 128 -5.91 83.26 -17.22
CA VAL Q 128 -4.98 83.23 -16.07
C VAL Q 128 -3.90 84.28 -16.25
N LYS Q 129 -4.10 85.44 -15.63
CA LYS Q 129 -3.18 86.57 -15.75
C LYS Q 129 -2.18 86.68 -14.61
N GLY Q 130 -1.03 87.32 -14.89
CA GLY Q 130 -0.03 87.50 -13.87
C GLY Q 130 -0.63 88.21 -12.67
N GLY Q 131 -0.31 87.76 -11.47
CA GLY Q 131 -0.86 88.37 -10.28
C GLY Q 131 -2.03 87.56 -9.75
N ASP Q 132 -2.70 86.82 -10.63
CA ASP Q 132 -3.83 85.99 -10.21
C ASP Q 132 -3.32 84.81 -9.39
N ILE Q 133 -4.23 84.09 -8.77
CA ILE Q 133 -3.88 82.93 -7.98
C ILE Q 133 -4.46 81.69 -8.66
N VAL Q 134 -3.69 80.60 -8.67
CA VAL Q 134 -4.17 79.36 -9.24
C VAL Q 134 -4.22 78.33 -8.12
N ILE Q 135 -5.29 77.55 -8.10
CA ILE Q 135 -5.46 76.50 -7.10
C ILE Q 135 -5.53 75.20 -7.89
N ALA Q 136 -4.63 74.27 -7.60
CA ALA Q 136 -4.60 73.00 -8.32
C ALA Q 136 -5.60 71.97 -7.83
N THR Q 137 -6.44 71.49 -8.74
CA THR Q 137 -7.43 70.47 -8.41
C THR Q 137 -6.78 69.13 -8.72
N GLY Q 138 -5.78 69.19 -9.59
CA GLY Q 138 -5.04 68.01 -10.00
C GLY Q 138 -3.82 68.43 -10.79
N ALA Q 139 -3.00 67.48 -11.21
CA ALA Q 139 -1.80 67.83 -11.95
C ALA Q 139 -1.47 66.83 -13.05
N ILE Q 140 -0.91 67.33 -14.14
CA ILE Q 140 -0.51 66.50 -15.27
C ILE Q 140 0.85 65.89 -14.89
N ARG Q 141 0.90 64.56 -14.86
CA ARG Q 141 2.10 63.85 -14.46
C ARG Q 141 3.17 63.69 -15.54
N MET Q 142 3.60 64.79 -16.13
CA MET Q 142 4.63 64.73 -17.16
C MET Q 142 5.99 64.88 -16.49
N GLU Q 143 6.23 64.04 -15.49
CA GLU Q 143 7.47 64.04 -14.73
C GLU Q 143 7.76 62.63 -14.23
N GLY Q 144 9.00 62.39 -13.83
CA GLY Q 144 9.39 61.05 -13.40
C GLY Q 144 9.17 60.62 -11.96
N THR Q 145 9.22 61.55 -11.01
CA THR Q 145 9.06 61.20 -9.61
C THR Q 145 7.78 60.42 -9.28
N SER Q 146 6.64 60.89 -9.78
CA SER Q 146 5.37 60.21 -9.49
C SER Q 146 5.33 58.79 -10.08
N LYS Q 147 6.08 58.57 -11.14
CA LYS Q 147 6.10 57.26 -11.79
C LYS Q 147 6.84 56.20 -10.96
N GLU Q 148 7.59 56.66 -9.96
CA GLU Q 148 8.32 55.75 -9.09
C GLU Q 148 7.52 55.53 -7.82
N TYR Q 149 6.32 56.10 -7.80
CA TYR Q 149 5.41 55.96 -6.66
C TYR Q 149 4.16 55.22 -7.12
N ALA Q 150 3.62 55.60 -8.28
CA ALA Q 150 2.40 54.98 -8.79
C ALA Q 150 2.35 54.79 -10.30
N PRO Q 151 1.58 53.79 -10.77
CA PRO Q 151 1.47 53.56 -12.21
C PRO Q 151 0.95 54.89 -12.77
N ILE Q 152 1.37 55.23 -13.98
CA ILE Q 152 0.98 56.49 -14.59
C ILE Q 152 -0.53 56.71 -14.75
N GLU Q 153 -1.32 55.64 -14.79
CA GLU Q 153 -2.76 55.77 -14.94
C GLU Q 153 -3.44 56.41 -13.71
N PHE Q 154 -2.76 56.34 -12.56
CA PHE Q 154 -3.33 56.92 -11.35
C PHE Q 154 -3.32 58.44 -11.45
N PRO Q 155 -4.46 59.08 -11.13
CA PRO Q 155 -4.52 60.53 -11.20
C PRO Q 155 -3.80 61.28 -10.08
N ALA Q 156 -3.16 62.39 -10.44
CA ALA Q 156 -2.50 63.25 -9.47
C ALA Q 156 -3.65 64.19 -9.10
N VAL Q 157 -4.30 63.91 -7.99
CA VAL Q 157 -5.44 64.72 -7.57
C VAL Q 157 -5.27 65.30 -6.17
N ALA Q 158 -5.64 66.57 -6.02
CA ALA Q 158 -5.54 67.25 -4.75
C ALA Q 158 -6.64 66.81 -3.80
N ASP Q 159 -6.37 66.89 -2.51
CA ASP Q 159 -7.35 66.52 -1.50
C ASP Q 159 -8.53 67.48 -1.59
N LEU Q 160 -9.75 66.94 -1.54
CA LEU Q 160 -10.96 67.74 -1.62
C LEU Q 160 -11.06 68.81 -0.53
N GLU Q 161 -10.79 68.42 0.71
CA GLU Q 161 -10.89 69.36 1.82
C GLU Q 161 -9.90 70.52 1.69
N VAL Q 162 -8.65 70.22 1.34
CA VAL Q 162 -7.65 71.27 1.18
C VAL Q 162 -8.04 72.18 0.03
N THR Q 163 -8.45 71.59 -1.09
CA THR Q 163 -8.85 72.36 -2.25
C THR Q 163 -10.02 73.30 -1.94
N ASN Q 164 -11.05 72.80 -1.27
CA ASN Q 164 -12.19 73.65 -0.93
C ASN Q 164 -11.76 74.77 0.02
N ALA Q 165 -10.88 74.45 0.95
CA ALA Q 165 -10.40 75.45 1.91
C ALA Q 165 -9.67 76.58 1.18
N LEU Q 166 -8.91 76.21 0.15
CA LEU Q 166 -8.17 77.20 -0.63
C LEU Q 166 -9.10 78.05 -1.47
N VAL Q 167 -10.06 77.41 -2.15
CA VAL Q 167 -11.01 78.14 -2.98
C VAL Q 167 -11.80 79.14 -2.12
N ASN Q 168 -12.31 78.65 -0.99
CA ASN Q 168 -13.08 79.49 -0.09
C ASN Q 168 -12.26 80.65 0.47
N ALA Q 169 -10.99 80.38 0.75
CA ALA Q 169 -10.11 81.41 1.29
C ALA Q 169 -9.89 82.51 0.27
N ALA Q 170 -9.66 82.12 -0.98
CA ALA Q 170 -9.44 83.09 -2.04
C ALA Q 170 -10.65 84.00 -2.21
N LYS Q 171 -11.85 83.42 -2.16
CA LYS Q 171 -13.09 84.19 -2.29
C LYS Q 171 -13.24 85.14 -1.11
N LYS Q 172 -13.02 84.63 0.08
CA LYS Q 172 -13.13 85.42 1.29
C LYS Q 172 -12.18 86.60 1.26
N LEU Q 173 -10.96 86.39 0.79
CA LEU Q 173 -9.94 87.43 0.73
C LEU Q 173 -10.09 88.37 -0.47
N GLY Q 174 -10.97 88.02 -1.39
CA GLY Q 174 -11.21 88.85 -2.56
C GLY Q 174 -10.16 88.80 -3.66
N TYR Q 175 -9.43 87.68 -3.75
CA TYR Q 175 -8.40 87.55 -4.78
C TYR Q 175 -8.92 86.77 -5.97
N THR Q 176 -8.55 87.21 -7.17
CA THR Q 176 -8.98 86.53 -8.40
C THR Q 176 -8.26 85.18 -8.45
N SER Q 177 -9.02 84.10 -8.51
CA SER Q 177 -8.42 82.77 -8.55
C SER Q 177 -8.97 81.88 -9.65
N HIS Q 178 -8.21 80.84 -9.96
CA HIS Q 178 -8.58 79.89 -11.01
C HIS Q 178 -8.30 78.50 -10.45
N ALA Q 179 -9.35 77.70 -10.27
CA ALA Q 179 -9.20 76.35 -9.74
C ALA Q 179 -9.26 75.32 -10.86
N GLY Q 180 -8.16 74.61 -11.07
CA GLY Q 180 -8.14 73.62 -12.13
C GLY Q 180 -6.85 72.83 -12.19
N VAL Q 181 -6.67 72.10 -13.29
CA VAL Q 181 -5.48 71.27 -13.47
C VAL Q 181 -4.25 72.08 -13.85
N VAL Q 182 -3.11 71.72 -13.28
CA VAL Q 182 -1.86 72.38 -13.59
C VAL Q 182 -0.93 71.37 -14.22
N GLN Q 183 -0.10 71.82 -15.14
CA GLN Q 183 0.84 70.93 -15.79
C GLN Q 183 2.13 70.93 -14.97
N CYS Q 184 2.67 69.74 -14.74
CA CYS Q 184 3.93 69.61 -14.05
C CYS Q 184 4.91 69.09 -15.07
N LYS Q 185 6.19 69.35 -14.85
CA LYS Q 185 7.24 68.95 -15.76
C LYS Q 185 8.53 68.82 -14.98
N ASP Q 186 9.53 68.18 -15.59
CA ASP Q 186 10.82 68.03 -14.96
C ASP Q 186 11.84 68.98 -15.57
N ALA Q 187 11.58 69.42 -16.80
CA ALA Q 187 12.49 70.32 -17.49
C ALA Q 187 11.91 71.71 -17.65
N PHE Q 188 12.34 72.64 -16.80
CA PHE Q 188 11.86 74.01 -16.88
C PHE Q 188 12.11 74.57 -18.27
N TYR Q 189 13.29 74.32 -18.81
CA TYR Q 189 13.62 74.85 -20.13
C TYR Q 189 12.93 74.18 -21.31
N GLY Q 190 12.07 73.22 -21.01
CA GLY Q 190 11.32 72.57 -22.06
C GLY Q 190 9.99 73.28 -22.20
N GLN Q 191 9.67 74.13 -21.22
CA GLN Q 191 8.40 74.87 -21.20
C GLN Q 191 8.32 76.12 -22.07
N HIS Q 192 9.32 76.99 -21.98
CA HIS Q 192 9.29 78.22 -22.75
C HIS Q 192 9.89 78.09 -24.14
N GLU Q 193 10.97 77.33 -24.25
CA GLU Q 193 11.66 77.12 -25.53
C GLU Q 193 11.66 75.65 -25.95
N PRO Q 194 10.48 75.03 -26.10
CA PRO Q 194 10.44 73.63 -26.50
C PRO Q 194 10.96 73.42 -27.91
N GLU Q 195 10.84 74.45 -28.74
CA GLU Q 195 11.29 74.39 -30.14
C GLU Q 195 12.74 73.97 -30.31
N ARG Q 196 13.59 74.30 -29.36
CA ARG Q 196 15.02 73.96 -29.46
C ARG Q 196 15.39 72.55 -29.01
N MET Q 197 14.51 71.92 -28.24
CA MET Q 197 14.78 70.58 -27.71
C MET Q 197 14.82 69.47 -28.77
N PRO Q 198 15.64 68.43 -28.53
CA PRO Q 198 15.70 67.33 -29.49
C PRO Q 198 14.30 66.73 -29.61
N VAL Q 199 13.57 66.72 -28.50
CA VAL Q 199 12.20 66.18 -28.50
C VAL Q 199 11.14 67.27 -28.61
N SER Q 200 11.47 68.34 -29.33
CA SER Q 200 10.54 69.45 -29.53
C SER Q 200 9.17 68.98 -29.98
N TYR Q 201 9.13 68.04 -30.92
CA TYR Q 201 7.86 67.53 -31.43
C TYR Q 201 6.93 67.02 -30.33
N GLU Q 202 7.49 66.29 -29.37
CA GLU Q 202 6.71 65.73 -28.28
C GLU Q 202 6.23 66.81 -27.32
N LEU Q 203 7.13 67.72 -26.96
CA LEU Q 203 6.78 68.80 -26.05
C LEU Q 203 5.72 69.72 -26.64
N LEU Q 204 5.90 70.09 -27.91
CA LEU Q 204 4.96 70.96 -28.58
C LEU Q 204 3.59 70.31 -28.76
N ASN Q 205 3.58 69.03 -29.10
CA ASN Q 205 2.32 68.31 -29.27
C ASN Q 205 1.57 68.22 -27.94
N LYS Q 206 2.26 67.82 -26.89
CA LYS Q 206 1.62 67.70 -25.59
C LYS Q 206 1.15 69.05 -25.07
N TRP Q 207 1.92 70.10 -25.35
CA TRP Q 207 1.55 71.43 -24.90
C TRP Q 207 0.19 71.82 -25.51
N GLU Q 208 0.00 71.53 -26.78
CA GLU Q 208 -1.29 71.87 -27.40
C GLU Q 208 -2.38 71.04 -26.73
N ALA Q 209 -2.05 69.81 -26.34
CA ALA Q 209 -3.04 68.95 -25.68
C ALA Q 209 -3.46 69.56 -24.35
N TRP Q 210 -2.48 70.00 -23.56
CA TRP Q 210 -2.75 70.61 -22.27
C TRP Q 210 -3.70 71.79 -22.45
N LYS Q 211 -3.45 72.59 -23.48
CA LYS Q 211 -4.28 73.76 -23.78
C LYS Q 211 -5.71 73.36 -24.11
N ARG Q 212 -5.86 72.29 -24.88
CA ARG Q 212 -7.18 71.81 -25.28
C ARG Q 212 -7.92 71.05 -24.18
N LEU Q 213 -7.26 70.89 -23.03
CA LEU Q 213 -7.87 70.20 -21.91
C LEU Q 213 -8.19 71.17 -20.77
N GLY Q 214 -8.10 72.47 -21.06
CA GLY Q 214 -8.41 73.48 -20.07
C GLY Q 214 -7.41 73.68 -18.94
N THR Q 215 -6.17 73.25 -19.16
CA THR Q 215 -5.11 73.38 -18.15
C THR Q 215 -4.91 74.85 -17.78
N LYS Q 216 -4.87 75.13 -16.49
CA LYS Q 216 -4.72 76.50 -16.00
C LYS Q 216 -3.31 77.07 -16.08
N ALA Q 217 -2.33 76.32 -15.59
CA ALA Q 217 -0.96 76.80 -15.57
C ALA Q 217 0.08 75.69 -15.53
N SER Q 218 1.34 76.10 -15.54
CA SER Q 218 2.47 75.17 -15.52
C SER Q 218 3.41 75.43 -14.34
N GLU Q 219 3.76 74.36 -13.63
CA GLU Q 219 4.68 74.43 -12.50
C GLU Q 219 5.49 73.14 -12.44
N MET Q 220 6.01 72.76 -11.27
CA MET Q 220 6.84 71.56 -11.25
C MET Q 220 6.76 70.57 -10.08
N GLU Q 221 6.08 70.90 -8.99
CA GLU Q 221 6.05 69.99 -7.84
C GLU Q 221 4.76 69.28 -7.44
N SER Q 222 3.60 69.81 -7.85
CA SER Q 222 2.34 69.19 -7.43
C SER Q 222 2.09 67.74 -7.81
N ALA Q 223 2.49 67.33 -9.01
CA ALA Q 223 2.25 65.95 -9.43
C ALA Q 223 2.90 64.96 -8.46
N ALA Q 224 4.16 65.23 -8.13
CA ALA Q 224 4.91 64.37 -7.21
C ALA Q 224 4.29 64.38 -5.82
N LEU Q 225 3.93 65.57 -5.33
CA LEU Q 225 3.35 65.69 -4.00
C LEU Q 225 1.96 65.07 -3.88
N PHE Q 226 1.12 65.25 -4.90
CA PHE Q 226 -0.23 64.69 -4.87
C PHE Q 226 -0.21 63.16 -4.88
N VAL Q 227 0.63 62.58 -5.73
CA VAL Q 227 0.71 61.12 -5.83
C VAL Q 227 1.35 60.54 -4.57
N ALA Q 228 2.41 61.18 -4.07
CA ALA Q 228 3.08 60.70 -2.86
C ALA Q 228 2.09 60.75 -1.70
N ALA Q 229 1.27 61.81 -1.68
CA ALA Q 229 0.27 61.97 -0.63
C ALA Q 229 -0.74 60.85 -0.66
N SER Q 230 -1.17 60.45 -1.86
CA SER Q 230 -2.14 59.37 -2.00
C SER Q 230 -1.55 58.09 -1.39
N HIS Q 231 -0.28 57.85 -1.67
CA HIS Q 231 0.39 56.67 -1.15
C HIS Q 231 0.60 56.77 0.35
N LEU Q 232 1.01 57.94 0.82
CA LEU Q 232 1.27 58.16 2.24
C LEU Q 232 0.02 58.31 3.10
N GLY Q 233 -1.12 58.56 2.46
CA GLY Q 233 -2.36 58.71 3.20
C GLY Q 233 -2.48 60.05 3.90
N VAL Q 234 -1.93 61.10 3.30
CA VAL Q 234 -2.00 62.44 3.87
C VAL Q 234 -2.73 63.37 2.89
N ARG Q 235 -3.17 64.51 3.39
CA ARG Q 235 -3.90 65.47 2.56
C ARG Q 235 -2.96 66.52 1.98
N CYS Q 236 -3.05 66.73 0.66
CA CYS Q 236 -2.20 67.71 0.01
C CYS Q 236 -2.95 68.56 -1.00
N GLY Q 237 -2.61 69.84 -1.05
CA GLY Q 237 -3.24 70.78 -1.97
C GLY Q 237 -2.18 71.78 -2.40
N SER Q 238 -2.52 72.67 -3.33
CA SER Q 238 -1.55 73.65 -3.80
C SER Q 238 -2.18 74.92 -4.36
N ASP Q 239 -1.52 76.05 -4.17
CA ASP Q 239 -1.98 77.31 -4.76
C ASP Q 239 -0.71 77.98 -5.27
N PHE Q 240 -0.84 78.89 -6.24
CA PHE Q 240 0.33 79.53 -6.81
C PHE Q 240 0.08 80.97 -7.24
N LEU Q 241 1.17 81.74 -7.31
CA LEU Q 241 1.10 83.10 -7.81
C LEU Q 241 1.41 82.93 -9.29
N VAL Q 242 0.59 83.52 -10.16
CA VAL Q 242 0.84 83.45 -11.58
C VAL Q 242 1.85 84.57 -11.86
N VAL Q 243 3.03 84.21 -12.33
CA VAL Q 243 4.05 85.22 -12.58
C VAL Q 243 4.08 85.70 -14.02
N GLY Q 244 3.33 85.02 -14.88
CA GLY Q 244 3.29 85.40 -16.29
C GLY Q 244 2.47 84.38 -17.06
N ASN Q 245 2.18 84.68 -18.32
CA ASN Q 245 1.40 83.77 -19.16
C ASN Q 245 1.93 83.87 -20.60
N GLN Q 246 2.63 82.83 -21.03
CA GLN Q 246 3.23 82.80 -22.35
C GLN Q 246 2.18 82.81 -23.46
N GLU Q 247 1.03 82.19 -23.21
CA GLU Q 247 -0.01 82.10 -24.23
C GLU Q 247 -0.65 83.47 -24.45
N ARG Q 248 -0.82 84.24 -23.38
CA ARG Q 248 -1.37 85.58 -23.50
C ARG Q 248 -0.36 86.42 -24.30
N ASN Q 249 0.92 86.23 -23.99
CA ASN Q 249 1.98 86.95 -24.67
C ASN Q 249 1.97 86.65 -26.16
N ALA Q 250 1.78 85.37 -26.50
CA ALA Q 250 1.75 84.95 -27.90
C ALA Q 250 0.63 85.63 -28.68
N LEU Q 251 -0.45 85.97 -28.00
CA LEU Q 251 -1.59 86.63 -28.65
C LEU Q 251 -1.55 88.15 -28.50
N GLY Q 252 -0.43 88.67 -28.00
CA GLY Q 252 -0.28 90.10 -27.84
C GLY Q 252 -1.14 90.72 -26.75
N MET Q 253 -1.62 89.91 -25.81
CA MET Q 253 -2.44 90.42 -24.72
C MET Q 253 -1.55 90.98 -23.62
N ASP Q 254 -2.12 91.84 -22.79
CA ASP Q 254 -1.37 92.43 -21.69
C ASP Q 254 -0.83 91.28 -20.84
N ASN Q 255 0.48 91.25 -20.65
CA ASN Q 255 1.10 90.18 -19.88
C ASN Q 255 2.08 90.71 -18.84
N PRO Q 256 1.57 91.49 -17.86
CA PRO Q 256 2.43 92.04 -16.81
C PRO Q 256 2.99 90.92 -15.95
N MET Q 257 4.27 91.02 -15.59
CA MET Q 257 4.90 90.00 -14.76
C MET Q 257 4.65 90.31 -13.28
N ALA Q 258 4.53 89.25 -12.48
CA ALA Q 258 4.30 89.40 -11.05
C ALA Q 258 5.38 88.62 -10.30
N HIS Q 259 5.64 89.00 -9.05
CA HIS Q 259 6.67 88.33 -8.28
C HIS Q 259 6.35 88.19 -6.78
N ASP Q 260 5.50 89.06 -6.25
CA ASP Q 260 5.14 89.00 -4.84
C ASP Q 260 4.09 87.95 -4.54
N THR Q 261 4.50 86.91 -3.81
CA THR Q 261 3.62 85.80 -3.46
C THR Q 261 2.73 86.03 -2.25
N GLU Q 262 2.75 87.26 -1.73
CA GLU Q 262 1.95 87.61 -0.56
C GLU Q 262 0.51 87.10 -0.61
N ALA Q 263 -0.17 87.33 -1.74
CA ALA Q 263 -1.56 86.89 -1.88
C ALA Q 263 -1.70 85.37 -1.81
N ALA Q 264 -0.83 84.65 -2.50
CA ALA Q 264 -0.88 83.19 -2.49
C ALA Q 264 -0.63 82.65 -1.08
N ILE Q 265 0.24 83.33 -0.35
CA ILE Q 265 0.57 82.94 1.02
C ILE Q 265 -0.64 83.16 1.92
N GLN Q 266 -1.26 84.33 1.80
CA GLN Q 266 -2.43 84.66 2.60
C GLN Q 266 -3.54 83.62 2.41
N VAL Q 267 -3.77 83.22 1.15
CA VAL Q 267 -4.80 82.24 0.86
C VAL Q 267 -4.47 80.91 1.51
N ALA Q 268 -3.21 80.51 1.47
CA ALA Q 268 -2.78 79.26 2.07
C ALA Q 268 -2.91 79.30 3.59
N VAL Q 269 -2.57 80.44 4.19
CA VAL Q 269 -2.65 80.57 5.64
C VAL Q 269 -4.11 80.54 6.09
N GLU Q 270 -4.98 81.22 5.36
CA GLU Q 270 -6.40 81.24 5.69
C GLU Q 270 -6.99 79.84 5.53
N ALA Q 271 -6.46 79.08 4.57
CA ALA Q 271 -6.94 77.72 4.33
C ALA Q 271 -6.54 76.82 5.50
N LEU Q 272 -5.35 77.05 6.06
CA LEU Q 272 -4.89 76.26 7.19
C LEU Q 272 -5.76 76.51 8.41
N ARG Q 273 -6.12 77.77 8.63
CA ARG Q 273 -6.97 78.11 9.76
C ARG Q 273 -8.29 77.34 9.65
N THR Q 274 -8.81 77.24 8.43
CA THR Q 274 -10.05 76.52 8.19
C THR Q 274 -9.89 75.03 8.49
N LEU Q 275 -8.83 74.44 7.96
CA LEU Q 275 -8.56 73.03 8.17
C LEU Q 275 -8.34 72.73 9.65
N ILE Q 276 -7.66 73.63 10.34
CA ILE Q 276 -7.40 73.44 11.77
C ILE Q 276 -8.72 73.47 12.55
N GLU Q 277 -9.59 74.42 12.21
CA GLU Q 277 -10.89 74.55 12.87
C GLU Q 277 -11.70 73.28 12.65
N ASN Q 278 -11.83 72.88 11.39
CA ASN Q 278 -12.60 71.69 11.03
C ASN Q 278 -12.07 70.41 11.65
N ASP Q 279 -10.76 70.32 11.83
CA ASP Q 279 -10.18 69.13 12.45
C ASP Q 279 -10.51 69.11 13.93
N VAL R 31 21.91 87.86 -23.78
CA VAL R 31 21.86 87.07 -22.51
C VAL R 31 22.18 87.95 -21.30
N GLY R 32 21.26 87.96 -20.34
CA GLY R 32 21.44 88.77 -19.15
C GLY R 32 21.39 87.95 -17.88
N LEU R 33 20.84 88.53 -16.83
CA LEU R 33 20.73 87.87 -15.53
C LEU R 33 19.85 86.62 -15.62
N GLN R 34 20.38 85.49 -15.17
CA GLN R 34 19.62 84.24 -15.19
C GLN R 34 18.66 84.19 -14.01
N TYR R 35 17.40 83.91 -14.29
CA TYR R 35 16.36 83.88 -13.28
C TYR R 35 16.58 83.01 -12.02
N HIS R 36 16.99 81.77 -12.20
CA HIS R 36 17.19 80.88 -11.07
C HIS R 36 18.53 80.99 -10.33
N LEU R 37 19.63 81.04 -11.07
CA LEU R 37 20.94 81.13 -10.46
C LEU R 37 21.42 82.55 -10.17
N GLN R 38 20.77 83.53 -10.80
CA GLN R 38 21.12 84.93 -10.65
C GLN R 38 22.56 85.26 -11.04
N ILE R 39 23.02 84.60 -12.09
CA ILE R 39 24.36 84.82 -12.61
C ILE R 39 24.17 85.42 -14.00
N ARG R 40 25.23 86.00 -14.56
CA ARG R 40 25.16 86.58 -15.88
C ARG R 40 26.50 86.39 -16.56
N PRO R 41 26.58 86.61 -17.89
CA PRO R 41 27.84 86.44 -18.60
C PRO R 41 28.98 87.17 -17.89
N GLY R 42 30.08 86.45 -17.66
CA GLY R 42 31.23 87.02 -16.99
C GLY R 42 31.36 86.61 -15.54
N ASP R 43 30.27 86.12 -14.94
CA ASP R 43 30.28 85.70 -13.54
C ASP R 43 30.92 84.35 -13.29
N VAL R 44 30.86 83.47 -14.29
CA VAL R 44 31.43 82.13 -14.12
C VAL R 44 32.48 81.76 -15.17
N GLY R 45 33.30 80.77 -14.83
CA GLY R 45 34.33 80.33 -15.75
C GLY R 45 33.81 79.24 -16.68
N ARG R 46 34.63 78.84 -17.64
CA ARG R 46 34.25 77.80 -18.58
C ARG R 46 34.16 76.45 -17.88
N TYR R 47 34.89 76.32 -16.78
CA TYR R 47 34.94 75.09 -16.00
C TYR R 47 34.13 75.22 -14.71
N VAL R 48 33.22 74.26 -14.48
CA VAL R 48 32.38 74.30 -13.29
C VAL R 48 32.22 72.96 -12.58
N ILE R 49 32.41 72.98 -11.26
CA ILE R 49 32.23 71.78 -10.45
C ILE R 49 30.84 71.95 -9.85
N MET R 50 30.03 70.89 -9.89
CA MET R 50 28.66 70.95 -9.40
C MET R 50 28.26 69.99 -8.29
N PRO R 51 28.29 70.46 -7.03
CA PRO R 51 27.91 69.63 -5.89
C PRO R 51 26.38 69.75 -5.76
N GLY R 52 25.77 68.91 -4.94
CA GLY R 52 24.33 68.97 -4.79
C GLY R 52 23.88 69.94 -3.70
N ASP R 53 24.59 69.94 -2.59
CA ASP R 53 24.27 70.80 -1.45
C ASP R 53 24.95 72.17 -1.53
N PRO R 54 24.15 73.26 -1.52
CA PRO R 54 24.69 74.61 -1.60
C PRO R 54 25.65 74.92 -0.45
N LYS R 55 25.51 74.17 0.64
CA LYS R 55 26.37 74.38 1.80
C LYS R 55 27.79 73.84 1.58
N ARG R 56 27.97 73.02 0.55
CA ARG R 56 29.29 72.45 0.27
C ARG R 56 30.12 73.28 -0.69
N CYS R 57 29.52 74.29 -1.31
CA CYS R 57 30.23 75.13 -2.28
C CYS R 57 31.40 75.90 -1.67
N ALA R 58 31.18 76.50 -0.51
CA ALA R 58 32.23 77.26 0.15
C ALA R 58 33.46 76.38 0.38
N LYS R 59 33.22 75.17 0.84
CA LYS R 59 34.29 74.22 1.11
C LYS R 59 35.06 73.90 -0.17
N ILE R 60 34.32 73.57 -1.22
CA ILE R 60 34.93 73.25 -2.51
C ILE R 60 35.68 74.46 -3.07
N ALA R 61 35.13 75.65 -2.84
CA ALA R 61 35.74 76.88 -3.33
C ALA R 61 37.14 77.09 -2.76
N GLU R 62 37.42 76.45 -1.63
CA GLU R 62 38.74 76.58 -1.01
C GLU R 62 39.83 75.95 -1.86
N HIS R 63 39.44 75.07 -2.79
CA HIS R 63 40.40 74.41 -3.65
C HIS R 63 40.81 75.33 -4.81
N PHE R 64 40.08 76.43 -4.98
CA PHE R 64 40.40 77.38 -6.04
C PHE R 64 41.21 78.53 -5.44
N ASP R 65 41.67 79.42 -6.29
CA ASP R 65 42.44 80.58 -5.85
C ASP R 65 41.55 81.82 -5.83
N ASN R 66 41.61 82.57 -4.74
CA ASN R 66 40.83 83.79 -4.58
C ASN R 66 39.36 83.67 -4.96
N ALA R 67 38.71 82.64 -4.46
CA ALA R 67 37.30 82.42 -4.76
C ALA R 67 36.39 83.41 -4.03
N VAL R 68 35.36 83.88 -4.71
CA VAL R 68 34.42 84.82 -4.11
C VAL R 68 32.98 84.40 -4.42
N LEU R 69 32.08 84.69 -3.50
CA LEU R 69 30.67 84.37 -3.68
C LEU R 69 30.10 85.32 -4.72
N VAL R 70 29.54 84.76 -5.79
CA VAL R 70 28.98 85.58 -6.84
C VAL R 70 27.46 85.59 -6.86
N ALA R 71 26.85 84.54 -6.32
CA ALA R 71 25.38 84.44 -6.30
C ALA R 71 24.85 83.45 -5.27
N ASP R 72 23.66 83.73 -4.76
CA ASP R 72 22.98 82.89 -3.78
C ASP R 72 21.49 83.10 -4.02
N SER R 73 20.91 82.21 -4.82
CA SER R 73 19.50 82.29 -5.19
C SER R 73 18.89 80.89 -5.09
N ARG R 74 17.73 80.79 -4.43
CA ARG R 74 17.07 79.50 -4.27
C ARG R 74 18.09 78.51 -3.71
N GLU R 75 18.19 77.31 -4.26
CA GLU R 75 19.17 76.35 -3.75
C GLU R 75 20.48 76.44 -4.52
N TYR R 76 20.67 77.53 -5.26
CA TYR R 76 21.87 77.71 -6.07
C TYR R 76 22.89 78.72 -5.52
N VAL R 77 24.02 78.20 -5.06
CA VAL R 77 25.09 79.04 -4.54
C VAL R 77 26.26 78.90 -5.49
N THR R 78 26.79 80.03 -5.97
CA THR R 78 27.90 80.00 -6.91
C THR R 78 29.10 80.81 -6.43
N TYR R 79 30.27 80.19 -6.52
CA TYR R 79 31.53 80.81 -6.16
C TYR R 79 32.40 80.78 -7.41
N THR R 80 33.21 81.81 -7.60
CA THR R 80 34.09 81.85 -8.75
C THR R 80 35.48 82.30 -8.34
N GLY R 81 36.48 81.59 -8.83
CA GLY R 81 37.85 81.91 -8.52
C GLY R 81 38.69 81.51 -9.70
N THR R 82 39.92 81.09 -9.44
CA THR R 82 40.80 80.66 -10.52
C THR R 82 41.56 79.41 -10.13
N LEU R 83 41.97 78.66 -11.14
CA LEU R 83 42.75 77.45 -10.93
C LEU R 83 43.82 77.52 -12.01
N ASN R 84 45.07 77.58 -11.56
CA ASN R 84 46.22 77.69 -12.46
C ASN R 84 46.02 78.83 -13.47
N GLY R 85 45.42 79.92 -13.03
CA GLY R 85 45.21 81.07 -13.90
C GLY R 85 43.91 81.17 -14.66
N GLU R 86 43.19 80.07 -14.79
CA GLU R 86 41.92 80.07 -15.53
C GLU R 86 40.73 80.24 -14.60
N LYS R 87 39.71 80.94 -15.07
CA LYS R 87 38.51 81.18 -14.25
C LYS R 87 37.73 79.87 -14.08
N VAL R 88 37.37 79.57 -12.84
CA VAL R 88 36.61 78.35 -12.54
C VAL R 88 35.52 78.65 -11.52
N SER R 89 34.46 77.84 -11.54
CA SER R 89 33.36 78.05 -10.62
C SER R 89 32.84 76.77 -10.01
N VAL R 90 32.08 76.92 -8.93
CA VAL R 90 31.44 75.81 -8.25
C VAL R 90 30.02 76.29 -8.00
N THR R 91 29.06 75.50 -8.45
CA THR R 91 27.65 75.85 -8.29
C THR R 91 26.88 74.64 -7.81
N SER R 92 26.04 74.82 -6.80
CA SER R 92 25.22 73.73 -6.26
C SER R 92 24.00 73.54 -7.16
N THR R 93 23.45 72.34 -7.16
CA THR R 93 22.30 72.04 -8.02
C THR R 93 21.05 71.59 -7.28
N GLY R 94 21.17 71.34 -5.98
CA GLY R 94 20.02 70.87 -5.25
C GLY R 94 19.92 69.38 -5.56
N ILE R 95 18.82 68.74 -5.15
CA ILE R 95 18.65 67.32 -5.42
C ILE R 95 17.71 67.07 -6.59
N GLY R 96 18.14 66.24 -7.53
CA GLY R 96 17.30 65.90 -8.66
C GLY R 96 17.66 66.51 -10.00
N GLY R 97 17.30 65.81 -11.06
CA GLY R 97 17.58 66.29 -12.41
C GLY R 97 16.90 67.62 -12.74
N PRO R 98 15.68 67.87 -12.25
CA PRO R 98 15.02 69.14 -12.57
C PRO R 98 15.84 70.37 -12.18
N SER R 99 16.29 70.40 -10.93
CA SER R 99 17.08 71.52 -10.46
C SER R 99 18.49 71.52 -11.07
N ALA R 100 19.04 70.33 -11.31
CA ALA R 100 20.37 70.23 -11.89
C ALA R 100 20.40 70.69 -13.36
N SER R 101 19.35 70.37 -14.12
CA SER R 101 19.29 70.77 -15.52
C SER R 101 19.18 72.29 -15.62
N ILE R 102 18.46 72.90 -14.70
CA ILE R 102 18.31 74.36 -14.69
C ILE R 102 19.69 74.99 -14.50
N ALA R 103 20.47 74.43 -13.59
CA ALA R 103 21.81 74.95 -13.33
C ALA R 103 22.68 74.85 -14.58
N MET R 104 22.70 73.69 -15.22
CA MET R 104 23.51 73.52 -16.42
C MET R 104 23.07 74.46 -17.54
N GLU R 105 21.75 74.64 -17.71
CA GLU R 105 21.23 75.52 -18.74
C GLU R 105 21.66 76.97 -18.54
N GLU R 106 21.56 77.46 -17.32
CA GLU R 106 21.90 78.85 -17.03
C GLU R 106 23.41 79.07 -17.01
N LEU R 107 24.16 78.09 -16.54
CA LEU R 107 25.62 78.21 -16.53
C LEU R 107 26.13 78.23 -17.97
N LYS R 108 25.53 77.38 -18.81
CA LYS R 108 25.92 77.30 -20.22
C LYS R 108 25.64 78.62 -20.94
N LEU R 109 24.48 79.22 -20.67
CA LEU R 109 24.13 80.48 -21.29
C LEU R 109 25.13 81.56 -20.89
N CYS R 110 25.72 81.42 -19.71
CA CYS R 110 26.70 82.39 -19.24
C CYS R 110 28.14 82.03 -19.64
N GLY R 111 28.29 81.03 -20.49
CA GLY R 111 29.62 80.67 -20.95
C GLY R 111 30.35 79.45 -20.40
N ALA R 112 29.70 78.65 -19.57
CA ALA R 112 30.36 77.46 -19.05
C ALA R 112 30.26 76.36 -20.10
N ASP R 113 31.30 75.55 -20.27
CA ASP R 113 31.26 74.50 -21.27
C ASP R 113 31.88 73.17 -20.84
N THR R 114 32.39 73.12 -19.62
CA THR R 114 32.99 71.90 -19.08
C THR R 114 32.48 71.73 -17.65
N PHE R 115 31.70 70.68 -17.43
CA PHE R 115 31.09 70.42 -16.13
C PHE R 115 31.48 69.10 -15.49
N ILE R 116 31.64 69.12 -14.17
CA ILE R 116 31.96 67.92 -13.41
C ILE R 116 31.07 67.88 -12.17
N ARG R 117 30.13 66.93 -12.13
CA ARG R 117 29.26 66.80 -10.99
C ARG R 117 30.01 65.98 -9.95
N VAL R 118 29.90 66.37 -8.69
CA VAL R 118 30.57 65.68 -7.61
C VAL R 118 29.58 65.47 -6.47
N GLY R 119 29.42 64.23 -6.05
CA GLY R 119 28.49 63.94 -4.97
C GLY R 119 28.77 62.63 -4.28
N THR R 120 27.72 62.01 -3.76
CA THR R 120 27.85 60.73 -3.09
C THR R 120 26.97 59.72 -3.81
N CYS R 121 27.20 58.44 -3.54
CA CYS R 121 26.40 57.40 -4.18
C CYS R 121 26.36 56.16 -3.30
N GLY R 122 25.40 55.29 -3.57
CA GLY R 122 25.26 54.05 -2.83
C GLY R 122 25.69 52.94 -3.76
N GLY R 123 26.62 52.12 -3.31
CA GLY R 123 27.12 51.05 -4.15
C GLY R 123 26.11 49.95 -4.44
N ILE R 124 26.28 49.34 -5.61
CA ILE R 124 25.43 48.24 -6.06
C ILE R 124 26.38 47.07 -6.28
N GLU R 125 27.34 47.27 -7.19
CA GLU R 125 28.36 46.25 -7.45
C GLU R 125 29.00 45.89 -6.11
N LEU R 126 29.10 44.61 -5.80
CA LEU R 126 29.67 44.19 -4.53
C LEU R 126 31.07 44.72 -4.26
N ASP R 127 31.85 44.95 -5.32
CA ASP R 127 33.21 45.46 -5.14
C ASP R 127 33.25 46.96 -4.86
N VAL R 128 32.11 47.62 -4.98
CA VAL R 128 32.02 49.06 -4.72
C VAL R 128 31.69 49.28 -3.26
N LYS R 129 32.71 49.63 -2.46
CA LYS R 129 32.52 49.84 -1.04
C LYS R 129 32.78 51.28 -0.58
N GLY R 130 32.22 51.64 0.58
CA GLY R 130 32.39 52.97 1.12
C GLY R 130 33.82 53.44 1.12
N GLY R 131 34.01 54.73 0.85
CA GLY R 131 35.35 55.28 0.80
C GLY R 131 35.88 55.28 -0.62
N ASP R 132 35.38 54.33 -1.42
CA ASP R 132 35.78 54.21 -2.81
C ASP R 132 35.21 55.37 -3.62
N ILE R 133 35.71 55.54 -4.83
CA ILE R 133 35.24 56.59 -5.73
C ILE R 133 34.66 55.96 -6.97
N VAL R 134 33.51 56.47 -7.41
CA VAL R 134 32.88 55.97 -8.62
C VAL R 134 32.90 57.07 -9.68
N ILE R 135 33.32 56.71 -10.88
CA ILE R 135 33.36 57.64 -12.00
C ILE R 135 32.34 57.14 -13.01
N ALA R 136 31.30 57.93 -13.25
CA ALA R 136 30.24 57.53 -14.18
C ALA R 136 30.61 57.63 -15.66
N THR R 137 30.62 56.48 -16.34
CA THR R 137 30.92 56.45 -17.78
C THR R 137 29.60 56.69 -18.51
N GLY R 138 28.51 56.39 -17.81
CA GLY R 138 27.18 56.54 -18.37
C GLY R 138 26.18 56.43 -17.23
N ALA R 139 24.90 56.66 -17.50
CA ALA R 139 23.90 56.57 -16.45
C ALA R 139 22.59 55.98 -16.92
N ILE R 140 21.91 55.29 -16.01
CA ILE R 140 20.62 54.69 -16.31
C ILE R 140 19.57 55.81 -16.20
N ARG R 141 18.86 56.04 -17.30
CA ARG R 141 17.87 57.10 -17.37
C ARG R 141 16.51 56.79 -16.75
N MET R 142 16.49 56.34 -15.50
CA MET R 142 15.22 56.03 -14.85
C MET R 142 14.76 57.30 -14.13
N GLU R 143 14.61 58.37 -14.90
CA GLU R 143 14.16 59.64 -14.36
C GLU R 143 13.48 60.42 -15.48
N GLY R 144 12.72 61.44 -15.12
CA GLY R 144 11.98 62.18 -16.13
C GLY R 144 12.61 63.37 -16.83
N THR R 145 13.57 64.03 -16.20
CA THR R 145 14.19 65.19 -16.82
C THR R 145 14.80 64.91 -18.20
N SER R 146 15.63 63.88 -18.28
CA SER R 146 16.27 63.53 -19.55
C SER R 146 15.27 63.24 -20.67
N LYS R 147 14.11 62.72 -20.29
CA LYS R 147 13.08 62.38 -21.27
C LYS R 147 12.43 63.60 -21.90
N GLU R 148 12.69 64.78 -21.32
CA GLU R 148 12.15 66.01 -21.86
C GLU R 148 13.22 66.72 -22.69
N TYR R 149 14.35 66.05 -22.85
CA TYR R 149 15.46 66.55 -23.66
C TYR R 149 15.64 65.62 -24.86
N ALA R 150 15.70 64.32 -24.59
CA ALA R 150 15.91 63.34 -25.66
C ALA R 150 15.05 62.08 -25.56
N PRO R 151 14.84 61.41 -26.70
CA PRO R 151 14.03 60.17 -26.68
C PRO R 151 14.78 59.21 -25.76
N ILE R 152 14.06 58.37 -25.04
CA ILE R 152 14.67 57.45 -24.09
C ILE R 152 15.75 56.53 -24.68
N GLU R 153 15.70 56.28 -25.98
CA GLU R 153 16.68 55.40 -26.63
C GLU R 153 18.10 55.96 -26.61
N PHE R 154 18.22 57.28 -26.52
CA PHE R 154 19.53 57.93 -26.48
C PHE R 154 20.29 57.62 -25.19
N PRO R 155 21.57 57.23 -25.30
CA PRO R 155 22.36 56.92 -24.12
C PRO R 155 22.85 58.11 -23.31
N ALA R 156 22.74 58.00 -21.99
CA ALA R 156 23.24 59.04 -21.10
C ALA R 156 24.70 58.65 -20.94
N VAL R 157 25.58 59.32 -21.67
CA VAL R 157 26.99 58.99 -21.62
C VAL R 157 27.86 60.21 -21.32
N ALA R 158 28.89 60.00 -20.50
CA ALA R 158 29.80 61.06 -20.10
C ALA R 158 30.83 61.40 -21.18
N ASP R 159 31.33 62.63 -21.15
CA ASP R 159 32.34 63.06 -22.11
C ASP R 159 33.59 62.22 -21.90
N LEU R 160 34.19 61.76 -22.99
CA LEU R 160 35.40 60.94 -22.90
C LEU R 160 36.58 61.67 -22.26
N GLU R 161 36.82 62.91 -22.67
CA GLU R 161 37.94 63.66 -22.11
C GLU R 161 37.79 63.86 -20.60
N VAL R 162 36.59 64.21 -20.17
CA VAL R 162 36.33 64.43 -18.75
C VAL R 162 36.46 63.13 -17.96
N THR R 163 35.88 62.07 -18.48
CA THR R 163 35.95 60.77 -17.82
C THR R 163 37.40 60.32 -17.65
N ASN R 164 38.20 60.44 -18.72
CA ASN R 164 39.60 60.05 -18.66
C ASN R 164 40.35 60.90 -17.63
N ALA R 165 40.06 62.20 -17.60
CA ALA R 165 40.71 63.08 -16.66
C ALA R 165 40.43 62.63 -15.22
N LEU R 166 39.19 62.22 -14.97
CA LEU R 166 38.80 61.76 -13.65
C LEU R 166 39.50 60.45 -13.28
N VAL R 167 39.58 59.53 -14.23
CA VAL R 167 40.22 58.25 -13.99
C VAL R 167 41.71 58.46 -13.68
N ASN R 168 42.36 59.31 -14.48
CA ASN R 168 43.78 59.60 -14.29
C ASN R 168 43.97 60.30 -12.94
N ALA R 169 43.03 61.17 -12.60
CA ALA R 169 43.11 61.92 -11.34
C ALA R 169 43.04 61.00 -10.14
N ALA R 170 42.11 60.05 -10.17
CA ALA R 170 41.93 59.11 -9.07
C ALA R 170 43.18 58.26 -8.87
N LYS R 171 43.76 57.77 -9.96
CA LYS R 171 44.96 56.94 -9.89
C LYS R 171 46.15 57.73 -9.37
N LYS R 172 46.27 58.98 -9.82
CA LYS R 172 47.37 59.84 -9.40
C LYS R 172 47.29 60.17 -7.91
N LEU R 173 46.07 60.37 -7.42
CA LEU R 173 45.86 60.71 -6.01
C LEU R 173 45.82 59.47 -5.10
N GLY R 174 45.91 58.29 -5.70
CA GLY R 174 45.91 57.06 -4.92
C GLY R 174 44.59 56.58 -4.34
N TYR R 175 43.48 57.01 -4.93
CA TYR R 175 42.17 56.59 -4.45
C TYR R 175 41.67 55.40 -5.25
N THR R 176 40.99 54.47 -4.59
CA THR R 176 40.44 53.31 -5.27
C THR R 176 39.20 53.80 -6.02
N SER R 177 39.13 53.51 -7.32
CA SER R 177 37.99 53.96 -8.12
C SER R 177 37.36 52.87 -8.98
N HIS R 178 36.12 53.11 -9.36
CA HIS R 178 35.35 52.20 -10.20
C HIS R 178 34.73 53.02 -11.32
N ALA R 179 35.12 52.76 -12.56
CA ALA R 179 34.58 53.50 -13.70
C ALA R 179 33.50 52.67 -14.38
N GLY R 180 32.27 53.15 -14.31
CA GLY R 180 31.17 52.42 -14.92
C GLY R 180 29.85 53.16 -14.93
N VAL R 181 28.78 52.42 -15.18
CA VAL R 181 27.44 52.98 -15.24
C VAL R 181 26.82 53.15 -13.86
N VAL R 182 26.14 54.27 -13.64
CA VAL R 182 25.48 54.51 -12.37
C VAL R 182 24.00 54.61 -12.63
N GLN R 183 23.20 54.19 -11.65
CA GLN R 183 21.76 54.27 -11.80
C GLN R 183 21.27 55.62 -11.28
N CYS R 184 20.42 56.26 -12.05
CA CYS R 184 19.83 57.52 -11.63
C CYS R 184 18.36 57.25 -11.40
N LYS R 185 17.73 58.10 -10.61
CA LYS R 185 16.33 57.91 -10.26
C LYS R 185 15.77 59.25 -9.80
N ASP R 186 14.44 59.33 -9.71
CA ASP R 186 13.81 60.56 -9.25
C ASP R 186 13.32 60.42 -7.81
N ALA R 187 13.11 59.19 -7.36
CA ALA R 187 12.61 58.97 -6.00
C ALA R 187 13.66 58.33 -5.08
N PHE R 188 14.24 59.16 -4.21
CA PHE R 188 15.24 58.68 -3.28
C PHE R 188 14.70 57.53 -2.43
N TYR R 189 13.48 57.68 -1.94
CA TYR R 189 12.91 56.63 -1.11
C TYR R 189 12.46 55.40 -1.89
N GLY R 190 12.65 55.44 -3.20
CA GLY R 190 12.30 54.30 -4.02
C GLY R 190 13.49 53.36 -4.04
N GLN R 191 14.68 53.91 -3.74
CA GLN R 191 15.92 53.14 -3.74
C GLN R 191 16.10 52.30 -2.48
N HIS R 192 15.78 52.90 -1.33
CA HIS R 192 15.95 52.21 -0.05
C HIS R 192 14.75 51.42 0.43
N GLU R 193 13.54 51.95 0.19
CA GLU R 193 12.33 51.25 0.62
C GLU R 193 11.41 50.98 -0.57
N PRO R 194 11.89 50.24 -1.57
CA PRO R 194 11.07 49.94 -2.74
C PRO R 194 9.90 49.01 -2.43
N GLU R 195 10.06 48.15 -1.43
CA GLU R 195 9.02 47.22 -1.04
C GLU R 195 7.72 47.91 -0.62
N ARG R 196 7.86 49.11 -0.06
CA ARG R 196 6.70 49.88 0.42
C ARG R 196 5.89 50.57 -0.67
N MET R 197 6.54 50.87 -1.78
CA MET R 197 5.90 51.58 -2.88
C MET R 197 4.75 50.88 -3.62
N PRO R 198 3.79 51.66 -4.13
CA PRO R 198 2.68 51.05 -4.86
C PRO R 198 3.24 50.31 -6.08
N VAL R 199 4.32 50.85 -6.66
CA VAL R 199 4.97 50.24 -7.82
C VAL R 199 6.22 49.48 -7.40
N SER R 200 6.15 48.85 -6.24
CA SER R 200 7.28 48.07 -5.72
C SER R 200 7.75 47.02 -6.73
N TYR R 201 6.81 46.33 -7.35
CA TYR R 201 7.14 45.30 -8.34
C TYR R 201 8.05 45.84 -9.45
N GLU R 202 7.77 47.05 -9.90
CA GLU R 202 8.55 47.68 -10.96
C GLU R 202 9.94 48.07 -10.47
N LEU R 203 10.00 48.70 -9.31
CA LEU R 203 11.28 49.13 -8.74
C LEU R 203 12.18 47.93 -8.44
N LEU R 204 11.60 46.90 -7.82
CA LEU R 204 12.37 45.70 -7.48
C LEU R 204 12.87 44.95 -8.71
N ASN R 205 12.02 44.80 -9.72
CA ASN R 205 12.41 44.10 -10.94
C ASN R 205 13.55 44.85 -11.64
N LYS R 206 13.38 46.16 -11.80
CA LYS R 206 14.41 46.94 -12.45
C LYS R 206 15.72 46.93 -11.66
N TRP R 207 15.63 46.96 -10.34
CA TRP R 207 16.81 46.94 -9.50
C TRP R 207 17.63 45.69 -9.75
N GLU R 208 16.96 44.55 -9.91
CA GLU R 208 17.67 43.31 -10.18
C GLU R 208 18.30 43.40 -11.57
N ALA R 209 17.66 44.13 -12.48
CA ALA R 209 18.20 44.28 -13.83
C ALA R 209 19.50 45.09 -13.75
N TRP R 210 19.49 46.18 -13.00
CA TRP R 210 20.68 47.02 -12.86
C TRP R 210 21.83 46.16 -12.31
N LYS R 211 21.53 45.33 -11.32
CA LYS R 211 22.53 44.47 -10.72
C LYS R 211 23.14 43.49 -11.73
N ARG R 212 22.30 42.96 -12.61
CA ARG R 212 22.73 42.01 -13.63
C ARG R 212 23.38 42.68 -14.84
N LEU R 213 23.48 44.00 -14.81
CA LEU R 213 24.08 44.74 -15.91
C LEU R 213 25.40 45.38 -15.51
N GLY R 214 25.92 44.98 -14.35
CA GLY R 214 27.19 45.50 -13.88
C GLY R 214 27.18 46.93 -13.36
N THR R 215 25.99 47.45 -13.08
CA THR R 215 25.87 48.82 -12.57
C THR R 215 26.72 49.00 -11.31
N LYS R 216 27.49 50.09 -11.27
CA LYS R 216 28.37 50.36 -10.13
C LYS R 216 27.70 50.92 -8.88
N ALA R 217 26.86 51.93 -9.05
CA ALA R 217 26.21 52.55 -7.91
C ALA R 217 24.95 53.30 -8.28
N SER R 218 24.30 53.87 -7.26
CA SER R 218 23.06 54.62 -7.45
C SER R 218 23.19 56.07 -6.97
N GLU R 219 22.69 57.00 -7.78
CA GLU R 219 22.69 58.42 -7.45
C GLU R 219 21.49 59.08 -8.11
N MET R 220 21.53 60.38 -8.39
CA MET R 220 20.34 61.00 -8.96
C MET R 220 20.44 62.07 -10.05
N GLU R 221 21.63 62.61 -10.31
CA GLU R 221 21.71 63.69 -11.30
C GLU R 221 22.44 63.49 -12.62
N SER R 222 23.34 62.52 -12.71
CA SER R 222 24.10 62.33 -13.95
C SER R 222 23.31 62.09 -15.23
N ALA R 223 22.21 61.36 -15.16
CA ALA R 223 21.42 61.09 -16.36
C ALA R 223 20.92 62.40 -16.99
N ALA R 224 20.37 63.27 -16.16
CA ALA R 224 19.87 64.55 -16.64
C ALA R 224 21.00 65.39 -17.21
N LEU R 225 22.11 65.47 -16.47
CA LEU R 225 23.25 66.26 -16.91
C LEU R 225 23.94 65.74 -18.17
N PHE R 226 24.12 64.43 -18.28
CA PHE R 226 24.77 63.86 -19.47
C PHE R 226 23.94 64.12 -20.73
N VAL R 227 22.64 63.91 -20.63
CA VAL R 227 21.75 64.10 -21.78
C VAL R 227 21.64 65.59 -22.15
N ALA R 228 21.52 66.44 -21.14
CA ALA R 228 21.43 67.87 -21.39
C ALA R 228 22.73 68.32 -22.08
N ALA R 229 23.85 67.80 -21.58
CA ALA R 229 25.16 68.14 -22.13
C ALA R 229 25.26 67.76 -23.61
N SER R 230 24.73 66.59 -23.95
CA SER R 230 24.75 66.12 -25.33
C SER R 230 24.01 67.08 -26.25
N HIS R 231 22.87 67.59 -25.79
CA HIS R 231 22.08 68.53 -26.57
C HIS R 231 22.73 69.91 -26.61
N LEU R 232 23.24 70.37 -25.46
CA LEU R 232 23.85 71.69 -25.37
C LEU R 232 25.24 71.79 -25.98
N GLY R 233 25.82 70.64 -26.30
CA GLY R 233 27.15 70.62 -26.89
C GLY R 233 28.28 70.94 -25.93
N VAL R 234 28.12 70.54 -24.67
CA VAL R 234 29.14 70.80 -23.66
C VAL R 234 29.70 69.48 -23.10
N ARG R 235 30.84 69.57 -22.42
CA ARG R 235 31.48 68.39 -21.85
C ARG R 235 31.06 68.20 -20.40
N CYS R 236 30.62 66.99 -20.06
CA CYS R 236 30.19 66.69 -18.70
C CYS R 236 30.64 65.32 -18.25
N GLY R 237 31.03 65.24 -16.97
CA GLY R 237 31.46 63.99 -16.39
C GLY R 237 31.09 64.05 -14.91
N SER R 238 31.29 62.98 -14.17
CA SER R 238 30.97 63.00 -12.76
C SER R 238 31.67 61.92 -11.95
N ASP R 239 31.93 62.23 -10.68
CA ASP R 239 32.58 61.28 -9.78
C ASP R 239 31.88 61.40 -8.43
N PHE R 240 31.74 60.28 -7.73
CA PHE R 240 31.05 60.27 -6.45
C PHE R 240 31.80 59.50 -5.39
N LEU R 241 31.54 59.84 -4.14
CA LEU R 241 32.15 59.16 -3.00
C LEU R 241 31.15 58.09 -2.59
N VAL R 242 31.59 56.84 -2.54
CA VAL R 242 30.70 55.76 -2.14
C VAL R 242 30.54 55.85 -0.63
N VAL R 243 29.32 56.06 -0.16
CA VAL R 243 29.06 56.17 1.26
C VAL R 243 28.58 54.87 1.88
N GLY R 244 28.28 53.89 1.04
CA GLY R 244 27.82 52.61 1.53
C GLY R 244 27.40 51.72 0.37
N ASN R 245 27.00 50.49 0.68
CA ASN R 245 26.57 49.53 -0.33
C ASN R 245 25.50 48.63 0.28
N GLN R 246 24.25 48.88 -0.07
CA GLN R 246 23.12 48.14 0.48
C GLN R 246 23.18 46.65 0.12
N GLU R 247 23.77 46.34 -1.03
CA GLU R 247 23.83 44.94 -1.47
C GLU R 247 24.80 44.14 -0.60
N ARG R 248 25.90 44.76 -0.21
CA ARG R 248 26.87 44.09 0.66
C ARG R 248 26.21 43.90 2.02
N ASN R 249 25.46 44.91 2.44
CA ASN R 249 24.75 44.88 3.71
C ASN R 249 23.71 43.78 3.73
N ALA R 250 23.02 43.59 2.61
CA ALA R 250 21.99 42.57 2.50
C ALA R 250 22.59 41.17 2.62
N LEU R 251 23.84 41.02 2.19
CA LEU R 251 24.51 39.72 2.24
C LEU R 251 25.38 39.56 3.48
N GLY R 252 25.24 40.46 4.44
CA GLY R 252 26.01 40.38 5.66
C GLY R 252 27.51 40.53 5.47
N MET R 253 27.91 41.45 4.60
CA MET R 253 29.32 41.71 4.34
C MET R 253 29.69 43.03 5.00
N ASP R 254 30.95 43.17 5.42
CA ASP R 254 31.38 44.42 6.06
C ASP R 254 30.96 45.58 5.18
N ASN R 255 30.28 46.56 5.77
CA ASN R 255 29.79 47.70 5.02
C ASN R 255 30.24 49.04 5.62
N PRO R 256 31.54 49.37 5.47
CA PRO R 256 32.09 50.63 5.99
C PRO R 256 31.32 51.84 5.48
N MET R 257 31.00 52.77 6.36
CA MET R 257 30.26 53.97 5.97
C MET R 257 31.19 55.18 5.87
N GLU R 262 35.66 64.94 0.70
CA GLU R 262 36.96 65.47 0.32
C GLU R 262 37.56 64.68 -0.85
N ALA R 263 37.55 63.36 -0.74
CA ALA R 263 38.11 62.50 -1.78
C ALA R 263 37.57 62.76 -3.18
N ALA R 264 36.25 62.73 -3.33
CA ALA R 264 35.63 62.96 -4.63
C ALA R 264 35.91 64.38 -5.11
N ILE R 265 35.97 65.32 -4.18
CA ILE R 265 36.25 66.71 -4.51
C ILE R 265 37.69 66.82 -5.01
N GLN R 266 38.61 66.18 -4.30
CA GLN R 266 40.01 66.22 -4.71
C GLN R 266 40.20 65.67 -6.11
N VAL R 267 39.50 64.58 -6.42
CA VAL R 267 39.59 63.99 -7.75
C VAL R 267 39.03 64.95 -8.80
N ALA R 268 37.89 65.56 -8.50
CA ALA R 268 37.28 66.50 -9.45
C ALA R 268 38.20 67.69 -9.74
N VAL R 269 38.81 68.22 -8.69
CA VAL R 269 39.70 69.37 -8.85
C VAL R 269 40.94 69.04 -9.67
N GLU R 270 41.53 67.87 -9.42
CA GLU R 270 42.71 67.44 -10.16
C GLU R 270 42.32 67.27 -11.63
N ALA R 271 41.13 66.72 -11.87
CA ALA R 271 40.63 66.51 -13.22
C ALA R 271 40.48 67.86 -13.92
N LEU R 272 39.96 68.85 -13.21
CA LEU R 272 39.81 70.17 -13.80
C LEU R 272 41.18 70.72 -14.14
N ARG R 273 42.13 70.55 -13.23
CA ARG R 273 43.49 71.04 -13.44
C ARG R 273 44.10 70.53 -14.75
N THR R 274 44.02 69.23 -14.99
CA THR R 274 44.59 68.68 -16.22
C THR R 274 43.79 69.07 -17.45
N LEU R 275 42.46 69.15 -17.30
CA LEU R 275 41.60 69.54 -18.42
C LEU R 275 41.96 70.97 -18.83
N ILE R 276 42.15 71.84 -17.83
CA ILE R 276 42.52 73.22 -18.09
C ILE R 276 43.86 73.28 -18.81
N GLU R 277 44.84 72.55 -18.28
CA GLU R 277 46.17 72.50 -18.89
C GLU R 277 46.09 72.02 -20.33
N ASN R 278 45.30 70.99 -20.56
CA ASN R 278 45.16 70.42 -21.90
C ASN R 278 44.55 71.39 -22.90
N ASP R 279 43.61 72.21 -22.44
CA ASP R 279 42.95 73.17 -23.32
C ASP R 279 43.86 74.31 -23.74
N LYS R 280 44.92 74.55 -22.96
CA LYS R 280 45.86 75.62 -23.28
C LYS R 280 46.66 75.28 -24.53
C5 R1P S . 25.51 -59.76 17.34
O5 R1P S . 26.54 -60.56 17.96
C4 R1P S . 26.16 -58.65 16.53
O4 R1P S . 26.96 -59.19 15.46
C1 R1P S . 26.19 -59.17 14.25
C2 R1P S . 24.79 -58.69 14.67
O2 R1P S . 24.09 -58.03 13.60
C3 R1P S . 25.12 -57.77 15.83
O3 R1P S . 25.74 -56.57 15.36
O1 R1P S . 26.75 -58.21 13.34
P R1P S . 28.26 -57.66 13.54
O1P R1P S . 28.78 -56.94 12.36
O2P R1P S . 28.19 -56.71 14.84
O3P R1P S . 29.17 -58.91 13.96
N1 URA T . 24.56 -62.31 15.10
C2 URA T . 23.24 -62.46 15.50
O2 URA T . 22.52 -61.47 15.64
N3 URA T . 22.72 -63.74 15.72
C4 URA T . 23.54 -64.86 15.56
O4 URA T . 23.08 -65.98 15.76
C5 URA T . 24.86 -64.71 15.16
C6 URA T . 25.37 -63.43 14.94
C5 R1P U . 23.36 -40.05 22.48
O5 R1P U . 24.34 -39.08 22.09
C4 R1P U . 24.01 -41.07 23.41
O4 R1P U . 24.52 -40.43 24.59
C1 R1P U . 23.53 -40.53 25.64
C2 R1P U . 22.33 -41.20 24.98
O2 R1P U . 21.53 -41.94 25.91
C3 R1P U . 22.99 -42.10 23.93
O3 R1P U . 23.68 -43.17 24.58
O1 R1P U . 24.05 -41.38 26.68
P R1P U . 25.64 -41.68 26.78
O1P R1P U . 26.03 -42.36 28.03
O2P R1P U . 25.98 -42.56 25.47
O3P R1P U . 26.40 -40.28 26.57
N1 URA V . 21.64 -37.74 24.61
C2 URA V . 20.39 -37.83 23.97
O2 URA V . 19.88 -38.93 23.74
N3 URA V . 19.72 -36.66 23.59
C4 URA V . 20.29 -35.41 23.85
O4 URA V . 19.70 -34.38 23.53
C5 URA V . 21.53 -35.33 24.48
C6 URA V . 22.20 -36.49 24.86
C5 R1P W . -7.45 -49.99 -9.17
O5 R1P W . -8.13 -49.25 -10.19
C4 R1P W . -7.08 -51.37 -9.71
O4 R1P W . -6.23 -51.27 -10.86
C1 R1P W . -4.86 -51.46 -10.43
C2 R1P W . -4.94 -51.50 -8.90
O2 R1P W . -3.85 -52.24 -8.33
C3 R1P W . -6.29 -52.18 -8.69
O3 R1P W . -6.21 -53.54 -9.10
O1 R1P W . -4.40 -52.72 -10.91
P R1P W . -5.12 -53.46 -12.15
O1P R1P W . -4.33 -54.59 -12.69
O2P R1P W . -6.54 -53.94 -11.59
O3P R1P W . -5.43 -52.35 -13.26
N1 URA X . -4.37 -48.03 -9.55
C2 URA X . -4.43 -47.53 -8.24
O2 URA X . -4.56 -48.27 -7.28
N3 URA X . -4.34 -46.14 -8.05
C4 URA X . -4.19 -45.27 -9.14
O4 URA X . -4.10 -44.07 -8.96
C5 URA X . -4.13 -45.79 -10.43
C6 URA X . -4.22 -47.17 -10.64
C5 R1P Y . -15.35 -66.85 -0.61
O5 R1P Y . -15.45 -68.08 -1.33
C4 R1P Y . -16.20 -65.78 -1.33
O4 R1P Y . -17.58 -66.17 -1.36
C1 R1P Y . -18.25 -65.58 -0.24
C2 R1P Y . -17.17 -64.80 0.52
O2 R1P Y . -17.70 -63.64 1.18
C3 R1P Y . -16.19 -64.45 -0.58
O3 R1P Y . -16.72 -63.42 -1.43
O1 R1P Y . -19.26 -64.66 -0.71
P R1P Y . -19.73 -64.66 -2.26
O1P R1P Y . -20.88 -63.76 -2.51
O2P R1P Y . -18.43 -64.23 -3.10
O3P R1P Y . -20.05 -66.19 -2.66
N1 URA Z . -17.25 -68.17 2.01
C2 URA Z . -16.21 -67.99 2.93
O2 URA Z . -15.63 -66.91 3.01
N3 URA Z . -15.82 -69.05 3.75
C4 URA Z . -16.48 -70.29 3.65
O4 URA Z . -16.12 -71.23 4.36
C5 URA Z . -17.50 -70.46 2.74
C6 URA Z . -17.89 -69.40 1.92
C5 R1P AA . -20.83 -40.02 32.91
O5 R1P AA . -21.24 -38.88 33.67
C4 R1P AA . -21.58 -41.25 33.43
O4 R1P AA . -23.01 -41.13 33.23
C1 R1P AA . -23.36 -41.84 32.03
C2 R1P AA . -22.04 -42.29 31.43
O2 R1P AA . -22.19 -43.47 30.63
C3 R1P AA . -21.19 -42.53 32.67
O3 R1P AA . -21.67 -43.67 33.38
O1 R1P AA . -24.14 -42.99 32.38
P R1P AA . -24.92 -43.07 33.79
O1P R1P AA . -25.91 -44.17 33.86
O2P R1P AA . -23.77 -43.23 34.90
O3P R1P AA . -25.59 -41.63 34.05
N1 URA BA . -22.47 -39.12 29.89
C2 URA BA . -21.26 -39.06 29.19
O2 URA BA . -20.48 -40.01 29.23
N3 URA BA . -20.95 -37.92 28.44
C4 URA BA . -21.85 -36.85 28.39
O4 URA BA . -21.59 -35.86 27.71
C5 URA BA . -23.05 -36.91 29.09
C6 URA BA . -23.36 -38.04 29.85
C5 R1P CA . -11.60 -55.51 42.97
O5 R1P CA . -12.29 -56.39 43.86
C4 R1P CA . -11.62 -54.08 43.53
O4 R1P CA . -10.96 -54.03 44.82
C1 R1P CA . -9.60 -53.59 44.62
C2 R1P CA . -9.44 -53.45 43.10
O2 R1P CA . -8.48 -52.44 42.75
C3 R1P CA . -10.85 -53.10 42.65
O3 R1P CA . -11.18 -51.76 43.03
O1 R1P CA . -9.44 -52.30 45.23
P R1P CA . -10.54 -51.73 46.27
O1P R1P CA . -10.08 -50.53 46.99
O2P R1P CA . -11.85 -51.44 45.39
O3P R1P CA . -10.94 -52.93 47.27
N1 URA DA . -8.50 -56.98 43.95
C2 URA DA . -8.20 -57.40 42.64
O2 URA DA . -8.24 -56.61 41.71
N3 URA DA . -7.85 -58.73 42.42
C4 URA DA . -7.82 -59.63 43.49
O4 URA DA . -7.50 -60.81 43.28
C5 URA DA . -8.12 -59.21 44.78
C6 URA DA . -8.46 -57.88 45.01
C5 R1P EA . -7.31 -3.66 32.97
O5 R1P EA . -7.85 -4.43 34.04
C4 R1P EA . -7.01 -2.25 33.47
O4 R1P EA . -6.06 -2.28 34.55
C1 R1P EA . -4.75 -2.02 34.02
C2 R1P EA . -4.95 -1.97 32.50
O2 R1P EA . -3.96 -1.14 31.87
C3 R1P EA . -6.35 -1.39 32.40
O3 R1P EA . -6.34 -0.01 32.81
O1 R1P EA . -4.32 -0.74 34.49
P R1P EA . -4.95 -0.08 35.81
O1P R1P EA . -4.16 1.07 36.32
O2P R1P EA . -6.45 0.36 35.42
O3P R1P EA . -5.09 -1.24 36.91
N1 URA FA . -4.15 -5.38 32.95
C2 URA FA . -4.23 -5.82 31.61
O2 URA FA . -4.49 -5.02 30.71
N3 URA FA . -4.02 -7.17 31.32
C4 URA FA . -3.73 -8.08 32.35
O4 URA FA . -3.54 -9.27 32.09
C5 URA FA . -3.65 -7.64 33.66
C6 URA FA . -3.85 -6.30 33.96
C5 R1P GA . -17.41 12.99 26.21
O5 R1P GA . -17.49 14.13 27.07
C4 R1P GA . -18.11 11.80 26.87
O4 R1P GA . -19.51 12.06 27.06
C1 R1P GA . -20.24 11.43 26.00
C2 R1P GA . -19.19 10.90 25.04
O2 R1P GA . -19.65 9.76 24.30
C3 R1P GA . -18.05 10.55 25.99
O3 R1P GA . -18.40 9.40 26.77
O1 R1P GA . -20.98 10.33 26.55
P R1P GA . -21.34 10.26 28.12
O1P R1P GA . -22.37 9.25 28.44
O2P R1P GA . -19.95 9.93 28.86
O3P R1P GA . -21.76 11.74 28.57
N1 URA HA . -19.60 14.12 23.70
C2 URA HA . -18.66 14.10 22.67
O2 URA HA . -18.00 13.09 22.45
N3 URA HA . -18.47 15.25 21.88
C4 URA HA . -19.22 16.40 22.13
O4 URA HA . -19.05 17.40 21.46
C5 URA HA . -20.15 16.41 23.18
C6 URA HA . -20.35 15.28 23.96
C5 R1P IA . 21.67 9.38 3.42
O5 R1P IA . 22.54 10.33 2.79
C4 R1P IA . 22.51 8.31 4.12
O4 R1P IA . 23.36 8.91 5.11
C1 R1P IA . 22.73 8.78 6.40
C2 R1P IA . 21.35 8.17 6.11
O2 R1P IA . 20.83 7.42 7.20
C3 R1P IA . 21.63 7.32 4.88
O3 R1P IA . 22.40 6.16 5.25
O1 R1P IA . 23.48 7.85 7.20
P R1P IA . 24.98 7.42 6.81
O1P R1P IA . 25.68 6.68 7.88
O2P R1P IA . 24.85 6.54 5.46
O3P R1P IA . 25.80 8.75 6.38
N1 URA JA . 20.84 11.77 6.02
C2 URA JA . 19.48 11.78 5.69
O2 URA JA . 18.85 10.72 5.63
N3 URA JA . 18.84 12.98 5.41
C4 URA JA . 19.56 14.19 5.46
O4 URA JA . 19.00 15.25 5.21
C5 URA JA . 20.91 14.18 5.79
C6 URA JA . 21.55 12.98 6.07
C5 R1P KA . 20.34 -10.33 -2.35
O5 R1P KA . 21.44 -11.22 -2.10
C4 R1P KA . 20.85 -9.17 -3.21
O4 R1P KA . 21.34 -9.64 -4.48
C1 R1P KA . 20.25 -9.60 -5.43
C2 R1P KA . 19.05 -9.05 -4.65
O2 R1P KA . 18.16 -8.30 -5.48
C3 R1P KA . 19.72 -8.20 -3.57
O3 R1P KA . 20.27 -7.01 -4.17
O1 R1P KA . 20.59 -8.69 -6.48
P R1P KA . 22.12 -8.26 -6.74
O1P R1P KA . 22.29 -7.47 -7.98
O2P R1P KA . 22.55 -7.41 -5.43
O3P R1P KA . 23.03 -9.58 -6.73
N1 URA LA . 18.64 -12.61 -4.32
C2 URA LA . 17.48 -12.64 -3.55
O2 URA LA . 16.93 -11.59 -3.21
N3 URA LA . 16.93 -13.87 -3.16
C4 URA LA . 17.55 -15.07 -3.54
O4 URA LA . 17.06 -16.14 -3.22
C5 URA LA . 18.71 -15.03 -4.31
C6 URA LA . 19.25 -13.81 -4.70
C5 R1P MA . -17.72 3.27 -18.01
O5 R1P MA . -18.65 4.07 -18.74
C4 R1P MA . -17.64 1.88 -18.65
O4 R1P MA . -17.16 1.95 -20.00
C1 R1P MA . -15.76 1.62 -20.02
C2 R1P MA . -15.37 1.50 -18.54
O2 R1P MA . -14.26 0.62 -18.36
C3 R1P MA . -16.66 0.97 -17.92
O3 R1P MA . -16.87 -0.39 -18.31
O1 R1P MA . -15.59 0.35 -20.66
P R1P MA . -16.73 -0.29 -21.60
O1P R1P MA . -16.27 -1.45 -22.39
O2P R1P MA . -17.93 -0.68 -20.61
O3P R1P MA . -17.29 0.89 -22.55
N1 URA NA . -14.83 5.01 -19.26
C2 URA NA . -14.39 5.46 -18.01
O2 URA NA . -14.29 4.68 -17.07
N3 URA NA . -14.08 6.81 -17.83
C4 URA NA . -14.19 7.71 -18.91
O4 URA NA . -13.91 8.89 -18.75
C5 URA NA . -14.63 7.25 -20.14
C6 URA NA . -14.94 5.91 -20.33
C5 R1P OA . -24.53 -13.18 -7.75
O5 R1P OA . -24.96 -14.35 -8.44
C4 R1P OA . -25.44 -12.01 -8.12
O4 R1P OA . -26.80 -12.27 -7.72
C1 R1P OA . -27.04 -11.62 -6.46
C2 R1P OA . -25.69 -11.05 -6.04
O2 R1P OA . -25.80 -9.91 -5.19
C3 R1P OA . -25.05 -10.72 -7.38
O3 R1P OA . -25.71 -9.60 -7.98
O1 R1P OA . -27.97 -10.54 -6.64
P R1P OA . -28.88 -10.45 -7.97
O1P R1P OA . -29.96 -9.45 -7.88
O2P R1P OA . -27.86 -10.13 -9.18
O3P R1P OA . -29.45 -11.94 -8.27
N1 URA PA . -25.63 -14.32 -4.57
C2 URA PA . -24.35 -14.32 -3.98
O2 URA PA . -23.65 -13.31 -4.03
N3 URA PA . -23.90 -15.46 -3.32
C4 URA PA . -24.71 -16.60 -3.25
O4 URA PA . -24.30 -17.61 -2.67
C5 URA PA . -25.97 -16.60 -3.84
C6 URA PA . -26.42 -15.46 -4.49
C5 R1P QA . 17.14 30.55 -34.93
O5 R1P QA . 18.01 29.43 -34.79
C4 R1P QA . 16.96 30.88 -36.42
O4 R1P QA . 16.38 29.75 -37.11
C1 R1P QA . 14.97 29.96 -37.22
C2 R1P QA . 14.68 31.22 -36.39
O2 R1P QA . 13.51 31.91 -36.83
C3 R1P QA . 15.96 32.01 -36.63
O3 R1P QA . 16.01 32.45 -37.99
O1 R1P QA . 14.67 30.25 -38.59
P R1P QA . 15.64 29.74 -39.77
O1P R1P QA . 15.02 29.76 -41.11
O2P R1P QA . 16.93 30.71 -39.71
O3P R1P QA . 16.18 28.28 -39.36
N1 URA RA . 14.18 28.85 -33.96
C2 URA RA . 13.88 29.64 -32.84
O2 URA RA . 13.83 30.87 -32.95
N3 URA RA . 13.63 29.03 -31.61
C4 URA RA . 13.70 27.64 -31.50
O4 URA RA . 13.49 27.10 -30.41
C5 URA RA . 14.00 26.85 -32.60
C6 URA RA . 14.24 27.46 -33.83
C5 R1P SA . 23.94 47.92 -43.43
O5 R1P SA . 24.24 47.93 -44.83
C4 R1P SA . 24.92 47.00 -42.71
O4 R1P SA . 26.27 47.48 -42.86
C1 R1P SA . 26.67 48.11 -41.63
C2 R1P SA . 25.36 48.28 -40.84
O2 R1P SA . 25.60 48.40 -39.44
C3 R1P SA . 24.66 46.98 -41.21
O3 R1P SA . 25.34 45.87 -40.61
O1 R1P SA . 27.50 47.19 -40.89
P R1P SA . 28.44 46.13 -41.66
O1P R1P SA . 29.60 45.69 -40.86
O2P R1P SA . 27.47 44.91 -42.06
O3P R1P SA . 28.88 46.82 -43.05
N1 URA TA . 25.27 51.21 -42.69
C2 URA TA . 24.03 51.73 -42.29
O2 URA TA . 23.33 51.11 -41.48
N3 URA TA . 23.58 52.95 -42.81
C4 URA TA . 24.38 53.65 -43.73
O4 URA TA . 23.98 54.72 -44.19
C5 URA TA . 25.61 53.13 -44.13
C6 URA TA . 26.05 51.91 -43.61
C5 R1P UA . -20.19 52.83 -34.28
O5 R1P UA . -21.31 53.57 -34.78
C4 R1P UA . -20.67 51.46 -33.82
O4 R1P UA . -21.26 50.74 -34.92
C1 R1P UA . -20.26 49.88 -35.50
C2 R1P UA . -18.97 50.19 -34.72
O2 R1P UA . -18.08 49.08 -34.67
C3 R1P UA . -19.52 50.56 -33.34
O3 R1P UA . -20.03 49.41 -32.69
O1 R1P UA . -20.63 48.51 -35.25
P R1P UA . -22.17 48.13 -34.95
O1P R1P UA . -22.42 46.67 -34.99
O2P R1P UA . -22.49 48.74 -33.50
O3P R1P UA . -23.08 48.93 -36.00
N1 URA VA . -18.72 52.44 -37.43
C2 URA VA . -17.53 53.08 -37.08
O2 URA VA . -16.92 52.74 -36.07
N3 URA VA . -17.04 54.13 -37.88
C4 URA VA . -17.75 54.52 -39.02
O4 URA VA . -17.32 55.44 -39.72
C5 URA VA . -18.93 53.88 -39.37
C6 URA VA . -19.42 52.84 -38.58
C5 R1P WA . -20.24 46.43 -14.58
O5 R1P WA . -21.24 45.46 -14.29
C4 R1P WA . -20.91 47.69 -15.14
O4 R1P WA . -21.83 48.23 -14.17
C1 R1P WA . -21.19 49.32 -13.49
C2 R1P WA . -19.73 49.26 -13.95
O2 R1P WA . -19.09 50.54 -13.85
C3 R1P WA . -19.91 48.81 -15.40
O3 R1P WA . -20.54 49.85 -16.16
O1 R1P WA . -21.76 50.55 -13.97
P R1P WA . -23.36 50.66 -14.19
O1P R1P WA . -23.87 52.04 -14.05
O2P R1P WA . -23.64 50.07 -15.66
O3P R1P WA . -24.05 49.65 -13.15
N1 URA XA . -19.05 47.32 -11.40
C2 URA XA . -17.71 46.96 -11.61
O2 URA XA . -17.11 47.38 -12.60
N3 URA XA . -17.06 46.11 -10.71
C4 URA XA . -17.76 45.62 -9.59
O4 URA XA . -17.19 44.87 -8.79
C5 URA XA . -19.08 45.98 -9.38
C6 URA XA . -19.73 46.82 -10.28
C5 R1P YA . 10.37 77.25 -11.44
O5 R1P YA . 10.89 78.57 -11.60
C4 R1P YA . 10.14 76.96 -9.96
O4 R1P YA . 9.19 77.89 -9.40
C1 R1P YA . 7.90 77.25 -9.34
C2 R1P YA . 8.08 75.91 -10.06
O2 R1P YA . 7.16 74.92 -9.61
C3 R1P YA . 9.54 75.58 -9.73
O3 R1P YA . 9.65 75.22 -8.35
O1 R1P YA . 7.56 77.00 -7.97
P R1P YA . 8.32 77.72 -6.74
O1P R1P YA . 7.62 77.54 -5.45
O2P R1P YA . 9.79 77.07 -6.73
O3P R1P YA . 8.52 79.27 -7.12
N1 URA ZA . 7.21 78.46 -12.76
C2 URA ZA . 7.17 77.56 -13.83
O2 URA ZA . 7.36 76.35 -13.63
N3 URA ZA . 6.90 78.02 -15.12
C4 URA ZA . 6.69 79.38 -15.35
O4 URA ZA . 6.45 79.79 -16.49
C5 URA ZA . 6.75 80.28 -14.29
C6 URA ZA . 7.00 79.82 -13.00
C5 R1P AB . 20.73 61.83 -2.21
O5 R1P AB . 20.77 62.10 -0.81
C4 R1P AB . 21.28 63.03 -2.98
O4 R1P AB . 22.65 63.28 -2.61
C1 R1P AB . 23.49 62.74 -3.64
C2 R1P AB . 22.56 61.90 -4.51
O2 R1P AB . 23.09 61.70 -5.82
C3 R1P AB . 21.31 62.76 -4.48
O3 R1P AB . 21.56 63.99 -5.18
O1 R1P AB . 23.98 63.82 -4.45
P R1P AB . 24.73 65.07 -3.76
O1P R1P AB . 25.74 65.71 -4.63
O2P R1P AB . 23.57 66.10 -3.32
O3P R1P AB . 25.38 64.52 -2.39
N1 URA BB . 22.85 59.22 -3.09
C2 URA BB . 21.81 58.37 -3.48
O2 URA BB . 20.96 58.75 -4.29
N3 URA BB . 21.72 57.07 -2.94
C4 URA BB . 22.69 56.64 -2.03
O4 URA BB . 22.63 55.51 -1.55
C5 URA BB . 23.73 57.48 -1.64
C6 URA BB . 23.81 58.77 -2.18
#